data_1DXW
#
_entry.id   1DXW
#
_cell.length_a   1.000
_cell.length_b   1.000
_cell.length_c   1.000
_cell.angle_alpha   90.00
_cell.angle_beta   90.00
_cell.angle_gamma   90.00
#
_symmetry.space_group_name_H-M   'P 1'
#
loop_
_entity.id
_entity.type
_entity.pdbx_description
1 polymer 'SERINE PROTEASE'
2 non-polymer N-(tert-butoxycarbonyl)-L-alpha-glutamyl-N-[(1R)-1-(carboxycarbonyl)-3,3-difluoropropyl]-L-leucinamide
3 non-polymer 'ZINC ION'
#
_entity_poly.entity_id   1
_entity_poly.type   'polypeptide(L)'
_entity_poly.pdbx_seq_one_letter_code
;APITAYSQQTRGLLGCIITSLTGRDKNQVEGEVQVVSTATQSFLATCVNGVCWTVYHGAGSKTLAGPKGPITQMYTNVDQ
DLVGWQAPPGARSLTPCTCGSSDLYLVTRHADVIPVRRRGDSRGSLLSPRPVSYLKGSSGGPLLCPSGHAVGIFRAAVCT
RGVAKAVDFVPVESMETTMRASKKKK
;
_entity_poly.pdbx_strand_id   A
#
# COMPACT_ATOMS: atom_id res chain seq x y z
N THR A 22 4.00 -15.41 -15.65
CA THR A 22 4.06 -14.80 -14.29
C THR A 22 2.98 -13.72 -14.16
N GLY A 23 1.74 -14.08 -14.34
CA GLY A 23 0.63 -13.08 -14.23
C GLY A 23 0.39 -12.42 -15.59
N ARG A 24 -0.70 -11.72 -15.73
CA ARG A 24 -0.99 -11.05 -17.05
C ARG A 24 0.00 -9.90 -17.27
N ASP A 25 -0.02 -8.92 -16.40
CA ASP A 25 0.93 -7.77 -16.50
C ASP A 25 0.98 -7.18 -17.92
N LYS A 26 -0.16 -6.88 -18.50
CA LYS A 26 -0.15 -6.28 -19.87
C LYS A 26 -0.72 -4.85 -19.84
N ASN A 27 -0.64 -4.13 -20.93
CA ASN A 27 -1.17 -2.72 -20.97
C ASN A 27 -0.35 -1.86 -19.99
N GLN A 28 0.24 -0.79 -20.48
CA GLN A 28 1.07 0.08 -19.60
C GLN A 28 0.24 0.60 -18.42
N VAL A 29 0.74 0.41 -17.23
CA VAL A 29 0.01 0.88 -16.03
C VAL A 29 0.37 2.34 -15.74
N GLU A 30 1.64 2.63 -15.63
CA GLU A 30 2.10 4.02 -15.36
C GLU A 30 1.33 4.64 -14.18
N GLY A 31 1.01 3.86 -13.20
CA GLY A 31 0.25 4.38 -12.02
C GLY A 31 1.02 4.06 -10.73
N GLU A 32 1.14 5.04 -9.86
CA GLU A 32 1.85 4.81 -8.56
C GLU A 32 1.03 3.88 -7.66
N VAL A 33 -0.27 4.07 -7.64
CA VAL A 33 -1.15 3.21 -6.79
C VAL A 33 -2.21 2.55 -7.66
N GLN A 34 -2.37 1.25 -7.55
CA GLN A 34 -3.39 0.57 -8.37
C GLN A 34 -4.48 -0.06 -7.49
N VAL A 35 -5.71 0.24 -7.80
CA VAL A 35 -6.84 -0.32 -7.01
C VAL A 35 -7.17 -1.69 -7.56
N VAL A 36 -7.39 -2.66 -6.71
CA VAL A 36 -7.70 -4.03 -7.21
C VAL A 36 -8.74 -4.71 -6.33
N SER A 37 -9.16 -5.87 -6.73
CA SER A 37 -10.17 -6.62 -5.94
C SER A 37 -9.78 -8.08 -5.91
N THR A 38 -9.88 -8.67 -4.77
CA THR A 38 -9.52 -10.07 -4.59
C THR A 38 -10.77 -10.87 -4.27
N ALA A 39 -10.63 -12.14 -4.08
CA ALA A 39 -11.82 -12.98 -3.77
C ALA A 39 -12.49 -12.52 -2.47
N THR A 40 -11.81 -11.74 -1.67
CA THR A 40 -12.43 -11.29 -0.38
C THR A 40 -12.89 -9.83 -0.43
N GLN A 41 -12.17 -8.95 -1.10
CA GLN A 41 -12.61 -7.50 -1.13
C GLN A 41 -11.75 -6.67 -2.08
N SER A 42 -11.91 -5.36 -2.01
CA SER A 42 -11.11 -4.44 -2.87
C SER A 42 -10.36 -3.44 -1.99
N PHE A 43 -9.16 -3.08 -2.38
CA PHE A 43 -8.35 -2.12 -1.55
C PHE A 43 -7.25 -1.50 -2.43
N LEU A 44 -6.04 -1.33 -1.94
CA LEU A 44 -4.99 -0.66 -2.79
C LEU A 44 -3.63 -1.37 -2.75
N ALA A 45 -2.77 -0.99 -3.68
CA ALA A 45 -1.41 -1.57 -3.79
C ALA A 45 -0.45 -0.52 -4.35
N THR A 46 0.60 -0.21 -3.63
CA THR A 46 1.56 0.82 -4.12
C THR A 46 2.81 0.20 -4.74
N CYS A 47 3.14 0.58 -5.93
CA CYS A 47 4.37 0.04 -6.60
C CYS A 47 5.62 0.67 -5.97
N VAL A 48 6.51 -0.15 -5.47
CA VAL A 48 7.76 0.40 -4.86
C VAL A 48 8.96 -0.46 -5.26
N ASN A 49 10.01 0.17 -5.73
CA ASN A 49 11.24 -0.58 -6.15
C ASN A 49 10.88 -1.70 -7.13
N GLY A 50 9.99 -1.45 -8.05
CA GLY A 50 9.59 -2.49 -9.03
C GLY A 50 8.83 -3.62 -8.32
N VAL A 51 8.18 -3.31 -7.23
CA VAL A 51 7.42 -4.34 -6.48
C VAL A 51 6.10 -3.76 -6.00
N CYS A 52 5.00 -4.30 -6.46
CA CYS A 52 3.67 -3.77 -6.03
C CYS A 52 3.38 -4.26 -4.62
N TRP A 53 3.15 -3.37 -3.70
CA TRP A 53 2.86 -3.79 -2.31
C TRP A 53 1.42 -3.44 -1.94
N THR A 54 0.72 -4.41 -1.42
CA THR A 54 -0.69 -4.18 -1.01
C THR A 54 -0.89 -4.76 0.39
N VAL A 55 -2.07 -4.66 0.94
CA VAL A 55 -2.26 -5.22 2.33
C VAL A 55 -2.70 -6.68 2.31
N TYR A 56 -2.01 -7.49 3.09
CA TYR A 56 -2.36 -8.94 3.18
C TYR A 56 -3.79 -9.12 3.65
N HIS A 57 -4.23 -8.32 4.60
CA HIS A 57 -5.64 -8.46 5.09
C HIS A 57 -6.58 -7.87 4.04
N GLY A 58 -6.66 -8.54 2.92
CA GLY A 58 -7.52 -8.08 1.80
C GLY A 58 -7.23 -8.98 0.60
N ALA A 59 -5.97 -9.33 0.43
CA ALA A 59 -5.58 -10.23 -0.70
C ALA A 59 -5.88 -11.67 -0.32
N GLY A 60 -5.17 -12.20 0.65
CA GLY A 60 -5.41 -13.60 1.10
C GLY A 60 -4.86 -14.60 0.08
N SER A 61 -5.70 -15.12 -0.77
CA SER A 61 -5.25 -16.11 -1.79
C SER A 61 -4.85 -15.40 -3.08
N LYS A 62 -4.08 -14.34 -2.98
CA LYS A 62 -3.61 -13.57 -4.17
C LYS A 62 -4.69 -13.47 -5.25
N THR A 63 -4.37 -13.76 -6.48
CA THR A 63 -5.37 -13.74 -7.58
C THR A 63 -6.20 -12.44 -7.57
N LEU A 64 -5.54 -11.31 -7.58
CA LEU A 64 -6.28 -10.01 -7.56
C LEU A 64 -6.61 -9.62 -9.01
N ALA A 65 -6.37 -8.38 -9.40
CA ALA A 65 -6.67 -7.96 -10.79
C ALA A 65 -5.58 -7.03 -11.29
N GLY A 66 -4.76 -7.49 -12.21
CA GLY A 66 -3.67 -6.66 -12.75
C GLY A 66 -4.24 -5.59 -13.65
N PRO A 67 -3.45 -5.21 -14.62
CA PRO A 67 -3.93 -4.18 -15.59
C PRO A 67 -5.20 -4.71 -16.30
N LYS A 68 -5.26 -6.01 -16.50
CA LYS A 68 -6.47 -6.58 -17.17
C LYS A 68 -6.77 -8.05 -16.78
N GLY A 69 -5.94 -8.65 -15.97
CA GLY A 69 -6.18 -10.08 -15.60
C GLY A 69 -5.65 -10.37 -14.20
N PRO A 70 -6.12 -11.46 -13.63
CA PRO A 70 -5.67 -11.81 -12.25
C PRO A 70 -4.16 -12.08 -12.22
N ILE A 71 -3.46 -11.39 -11.35
CA ILE A 71 -1.99 -11.60 -11.24
C ILE A 71 -1.68 -12.40 -9.97
N THR A 72 -0.58 -13.12 -9.99
CA THR A 72 -0.19 -13.95 -8.79
C THR A 72 0.82 -13.19 -7.92
N GLN A 73 0.73 -13.36 -6.62
CA GLN A 73 1.68 -12.65 -5.70
C GLN A 73 3.07 -13.31 -5.72
N MET A 74 4.11 -12.55 -5.47
CA MET A 74 5.47 -13.12 -5.47
C MET A 74 5.93 -13.42 -4.04
N TYR A 75 5.62 -12.56 -3.10
CA TYR A 75 6.05 -12.79 -1.70
C TYR A 75 4.91 -12.39 -0.74
N THR A 76 5.02 -12.78 0.51
CA THR A 76 3.96 -12.43 1.50
C THR A 76 4.54 -12.40 2.92
N ASN A 77 4.63 -11.25 3.51
CA ASN A 77 5.14 -11.16 4.91
C ASN A 77 3.94 -11.24 5.86
N VAL A 78 3.42 -12.42 6.09
CA VAL A 78 2.23 -12.55 6.99
C VAL A 78 2.59 -12.03 8.38
N ASP A 79 3.78 -12.31 8.85
CA ASP A 79 4.18 -11.77 10.20
C ASP A 79 4.04 -10.25 10.19
N GLN A 80 4.13 -9.65 9.03
CA GLN A 80 3.97 -8.15 8.93
C GLN A 80 2.67 -7.80 8.20
N ASP A 81 1.91 -8.77 7.75
CA ASP A 81 0.65 -8.51 7.00
C ASP A 81 0.96 -7.71 5.74
N LEU A 82 1.80 -8.24 4.89
CA LEU A 82 2.16 -7.52 3.64
C LEU A 82 2.40 -8.52 2.51
N VAL A 83 2.18 -8.11 1.29
CA VAL A 83 2.41 -9.02 0.13
C VAL A 83 2.97 -8.20 -1.03
N GLY A 84 4.08 -8.63 -1.60
CA GLY A 84 4.67 -7.84 -2.72
C GLY A 84 4.77 -8.66 -4.01
N TRP A 85 4.18 -8.14 -5.05
CA TRP A 85 4.22 -8.83 -6.39
C TRP A 85 5.52 -8.45 -7.12
N GLN A 86 5.67 -8.87 -8.36
CA GLN A 86 6.89 -8.51 -9.13
C GLN A 86 6.53 -7.53 -10.24
N ALA A 87 6.25 -6.30 -9.88
CA ALA A 87 5.87 -5.26 -10.90
C ALA A 87 7.07 -4.87 -11.78
N PRO A 88 6.87 -4.87 -13.09
CA PRO A 88 7.99 -4.45 -13.96
C PRO A 88 7.49 -3.46 -15.05
N PRO A 89 7.09 -3.92 -16.25
CA PRO A 89 6.62 -2.86 -17.20
C PRO A 89 5.17 -2.45 -16.93
N GLY A 90 4.59 -2.92 -15.84
CA GLY A 90 3.17 -2.56 -15.54
C GLY A 90 3.11 -1.80 -14.21
N ALA A 91 4.00 -0.86 -14.00
CA ALA A 91 3.98 -0.08 -12.73
C ALA A 91 5.05 1.02 -12.76
N ARG A 92 4.69 2.21 -12.36
CA ARG A 92 5.67 3.35 -12.34
C ARG A 92 6.66 3.18 -11.19
N SER A 93 6.24 2.53 -10.15
CA SER A 93 7.12 2.29 -8.96
C SER A 93 7.59 3.62 -8.35
N LEU A 94 7.18 3.90 -7.13
CA LEU A 94 7.59 5.16 -6.45
C LEU A 94 8.95 4.97 -5.77
N THR A 95 9.57 6.04 -5.34
CA THR A 95 10.89 5.90 -4.67
C THR A 95 10.72 5.73 -3.16
N PRO A 96 11.45 4.78 -2.60
CA PRO A 96 11.33 4.56 -1.14
C PRO A 96 11.85 5.78 -0.37
N CYS A 97 13.14 5.87 -0.11
CA CYS A 97 13.71 7.06 0.61
C CYS A 97 13.05 7.20 2.01
N THR A 98 13.84 7.05 3.05
CA THR A 98 13.31 7.14 4.45
C THR A 98 12.72 8.54 4.74
N CYS A 99 13.36 9.59 4.26
CA CYS A 99 12.87 10.99 4.51
C CYS A 99 12.87 11.33 6.01
N GLY A 100 13.64 12.30 6.40
CA GLY A 100 13.64 12.73 7.83
C GLY A 100 12.28 13.35 8.12
N SER A 101 11.76 14.09 7.17
CA SER A 101 10.42 14.72 7.35
C SER A 101 9.34 13.63 7.32
N SER A 102 8.26 13.83 8.02
CA SER A 102 7.18 12.79 8.03
C SER A 102 5.87 13.35 7.46
N ASP A 103 5.92 14.47 6.79
CA ASP A 103 4.66 15.04 6.20
C ASP A 103 4.26 14.18 5.00
N LEU A 104 3.72 13.03 5.26
CA LEU A 104 3.31 12.10 4.16
C LEU A 104 1.92 12.46 3.64
N TYR A 105 1.48 11.77 2.62
CA TYR A 105 0.13 12.03 2.04
C TYR A 105 -0.51 10.70 1.66
N LEU A 106 -1.74 10.49 2.04
CA LEU A 106 -2.41 9.18 1.73
C LEU A 106 -3.55 9.37 0.74
N VAL A 107 -3.77 8.38 -0.08
CA VAL A 107 -4.86 8.43 -1.09
C VAL A 107 -5.84 7.28 -0.84
N THR A 108 -7.13 7.55 -0.90
CA THR A 108 -8.13 6.45 -0.66
C THR A 108 -8.30 5.63 -1.94
N ARG A 109 -9.14 4.62 -1.90
CA ARG A 109 -9.36 3.73 -3.10
C ARG A 109 -9.44 4.54 -4.40
N HIS A 110 -9.92 5.76 -4.36
CA HIS A 110 -9.99 6.57 -5.61
C HIS A 110 -9.08 7.80 -5.52
N ALA A 111 -9.16 8.59 -4.47
CA ALA A 111 -8.28 9.79 -4.36
C ALA A 111 -8.10 10.24 -2.90
N ASP A 112 -8.91 11.16 -2.41
CA ASP A 112 -8.77 11.65 -1.00
C ASP A 112 -7.31 11.99 -0.67
N VAL A 113 -6.81 13.07 -1.19
CA VAL A 113 -5.39 13.45 -0.91
C VAL A 113 -5.33 14.18 0.44
N ILE A 114 -4.95 13.47 1.47
CA ILE A 114 -4.86 14.11 2.82
C ILE A 114 -3.42 13.99 3.35
N PRO A 115 -3.02 14.94 4.15
CA PRO A 115 -1.63 14.89 4.69
C PRO A 115 -1.61 14.13 6.01
N VAL A 116 -0.69 13.22 6.16
CA VAL A 116 -0.59 12.44 7.44
C VAL A 116 0.85 12.53 7.96
N ARG A 117 1.01 12.87 9.20
CA ARG A 117 2.39 12.96 9.78
C ARG A 117 2.74 11.59 10.36
N ARG A 118 3.75 10.94 9.85
CA ARG A 118 4.09 9.59 10.35
C ARG A 118 4.46 9.64 11.83
N ARG A 119 3.81 8.85 12.64
CA ARG A 119 4.14 8.81 14.09
C ARG A 119 5.06 7.60 14.37
N GLY A 120 5.45 6.89 13.34
CA GLY A 120 6.34 5.71 13.53
C GLY A 120 6.35 4.94 12.23
N ASP A 121 7.21 3.96 12.09
CA ASP A 121 7.25 3.18 10.83
C ASP A 121 5.90 2.49 10.58
N SER A 122 5.10 2.34 11.61
CA SER A 122 3.78 1.67 11.45
C SER A 122 2.62 2.59 11.87
N ARG A 123 2.85 3.87 12.01
CA ARG A 123 1.73 4.76 12.43
C ARG A 123 1.82 6.14 11.79
N GLY A 124 0.70 6.71 11.44
CA GLY A 124 0.70 8.06 10.82
C GLY A 124 -0.48 8.84 11.39
N SER A 125 -0.29 10.11 11.62
CA SER A 125 -1.38 10.95 12.19
C SER A 125 -2.21 11.56 11.08
N LEU A 126 -3.45 11.14 10.94
CA LEU A 126 -4.31 11.71 9.87
C LEU A 126 -4.72 13.14 10.26
N LEU A 127 -4.19 14.12 9.56
CA LEU A 127 -4.54 15.54 9.87
C LEU A 127 -6.03 15.76 9.71
N SER A 128 -6.65 15.03 8.83
CA SER A 128 -8.10 15.19 8.59
C SER A 128 -8.86 13.94 9.02
N PRO A 129 -9.41 13.98 10.22
CA PRO A 129 -10.17 12.79 10.70
C PRO A 129 -11.41 12.58 9.83
N ARG A 130 -11.75 11.35 9.56
CA ARG A 130 -12.94 11.06 8.71
C ARG A 130 -13.54 9.72 9.14
N PRO A 131 -14.78 9.51 8.78
CA PRO A 131 -15.43 8.21 9.17
C PRO A 131 -14.62 7.02 8.63
N VAL A 132 -14.20 6.16 9.52
CA VAL A 132 -13.40 4.96 9.10
C VAL A 132 -14.08 4.22 7.94
N SER A 133 -15.39 4.30 7.88
CA SER A 133 -16.14 3.62 6.77
C SER A 133 -15.66 4.17 5.42
N TYR A 134 -15.32 5.42 5.40
CA TYR A 134 -14.81 6.06 4.15
C TYR A 134 -13.41 5.50 3.84
N LEU A 135 -12.69 5.09 4.86
CA LEU A 135 -11.32 4.52 4.63
C LEU A 135 -11.39 3.02 4.31
N LYS A 136 -12.59 2.49 4.16
CA LYS A 136 -12.73 1.04 3.83
C LYS A 136 -12.20 0.81 2.42
N GLY A 137 -11.09 0.14 2.35
CA GLY A 137 -10.46 -0.10 1.02
C GLY A 137 -9.29 0.88 0.84
N SER A 138 -9.14 1.82 1.73
CA SER A 138 -7.99 2.78 1.63
C SER A 138 -6.71 2.05 2.05
N SER A 139 -6.82 0.93 2.74
CA SER A 139 -5.61 0.18 3.16
C SER A 139 -4.91 -0.36 1.92
N GLY A 140 -3.62 -0.51 1.97
CA GLY A 140 -2.87 -0.99 0.77
C GLY A 140 -2.44 0.22 -0.08
N GLY A 141 -2.91 1.40 0.25
CA GLY A 141 -2.50 2.63 -0.52
C GLY A 141 -1.09 3.03 -0.08
N PRO A 142 -0.77 4.31 -0.17
CA PRO A 142 0.60 4.68 0.26
C PRO A 142 0.67 6.08 0.87
N LEU A 143 1.57 6.25 1.81
CA LEU A 143 1.80 7.57 2.44
C LEU A 143 3.03 8.16 1.76
N LEU A 144 2.83 9.02 0.80
CA LEU A 144 3.97 9.58 0.02
C LEU A 144 4.63 10.77 0.73
N CYS A 145 5.95 10.79 0.75
CA CYS A 145 6.69 11.95 1.35
C CYS A 145 6.26 13.20 0.57
N PRO A 146 6.72 14.35 1.01
CA PRO A 146 6.34 15.57 0.25
C PRO A 146 7.07 15.62 -1.12
N SER A 147 7.97 14.70 -1.39
CA SER A 147 8.71 14.72 -2.70
C SER A 147 8.22 13.62 -3.66
N GLY A 148 7.26 12.81 -3.26
CA GLY A 148 6.77 11.72 -4.18
C GLY A 148 7.51 10.41 -3.89
N HIS A 149 7.84 10.18 -2.65
CA HIS A 149 8.55 8.92 -2.29
C HIS A 149 7.64 8.07 -1.40
N ALA A 150 7.31 6.88 -1.85
CA ALA A 150 6.40 5.99 -1.03
C ALA A 150 7.18 5.33 0.10
N VAL A 151 6.76 5.56 1.32
CA VAL A 151 7.46 4.96 2.49
C VAL A 151 6.49 4.24 3.44
N GLY A 152 5.20 4.29 3.18
CA GLY A 152 4.24 3.62 4.11
C GLY A 152 2.95 3.21 3.38
N ILE A 153 2.51 1.98 3.55
CA ILE A 153 1.23 1.53 2.90
C ILE A 153 0.19 1.33 4.00
N PHE A 154 -0.89 2.06 3.95
CA PHE A 154 -1.94 1.97 5.03
C PHE A 154 -2.34 0.51 5.32
N ARG A 155 -2.32 0.14 6.58
CA ARG A 155 -2.68 -1.24 6.98
C ARG A 155 -3.92 -1.27 7.88
N ALA A 156 -4.14 -0.23 8.66
CA ALA A 156 -5.33 -0.24 9.58
C ALA A 156 -5.68 1.17 10.05
N ALA A 157 -6.95 1.41 10.24
CA ALA A 157 -7.42 2.74 10.69
C ALA A 157 -7.71 2.77 12.20
N VAL A 158 -7.33 3.83 12.86
CA VAL A 158 -7.60 3.95 14.33
C VAL A 158 -8.87 4.74 14.50
N CYS A 159 -10.00 4.09 14.55
CA CYS A 159 -11.28 4.82 14.67
C CYS A 159 -11.73 4.96 16.11
N THR A 160 -11.90 6.18 16.54
CA THR A 160 -12.35 6.44 17.94
C THR A 160 -13.89 6.41 18.02
N ARG A 161 -14.56 7.55 18.08
CA ARG A 161 -16.07 7.54 18.14
C ARG A 161 -16.62 6.84 16.90
N GLY A 162 -16.15 7.26 15.76
CA GLY A 162 -16.61 6.64 14.47
C GLY A 162 -15.83 7.27 13.32
N VAL A 163 -14.61 7.66 13.57
CA VAL A 163 -13.75 8.26 12.53
C VAL A 163 -12.30 7.91 12.88
N ALA A 164 -11.47 7.71 11.90
CA ALA A 164 -10.05 7.33 12.19
C ALA A 164 -9.24 8.53 12.67
N LYS A 165 -8.63 8.41 13.81
CA LYS A 165 -7.80 9.52 14.36
C LYS A 165 -6.31 9.22 14.17
N ALA A 166 -5.99 8.17 13.46
CA ALA A 166 -4.55 7.81 13.24
C ALA A 166 -4.47 6.62 12.30
N VAL A 167 -3.56 6.66 11.37
CA VAL A 167 -3.46 5.52 10.40
C VAL A 167 -2.25 4.62 10.67
N ASP A 168 -2.47 3.34 10.64
CA ASP A 168 -1.34 2.38 10.84
C ASP A 168 -0.93 1.90 9.45
N PHE A 169 0.32 1.62 9.20
CA PHE A 169 0.70 1.19 7.82
C PHE A 169 1.95 0.29 7.81
N VAL A 170 2.15 -0.41 6.72
CA VAL A 170 3.32 -1.33 6.59
C VAL A 170 4.59 -0.53 6.24
N PRO A 171 5.71 -0.97 6.79
CA PRO A 171 6.98 -0.25 6.51
C PRO A 171 7.60 -0.69 5.18
N VAL A 172 8.15 0.24 4.45
CA VAL A 172 8.82 -0.09 3.15
C VAL A 172 10.09 -0.89 3.42
N GLU A 173 10.69 -0.69 4.56
CA GLU A 173 11.93 -1.46 4.89
C GLU A 173 11.60 -2.96 4.88
N SER A 174 10.37 -3.29 5.17
CA SER A 174 9.96 -4.72 5.13
C SER A 174 9.92 -5.21 3.67
N MET A 175 9.70 -4.30 2.75
CA MET A 175 9.67 -4.70 1.30
C MET A 175 11.09 -5.09 0.88
N GLU A 176 12.06 -4.38 1.41
CA GLU A 176 13.48 -4.65 1.04
C GLU A 176 13.86 -6.09 1.40
N THR A 177 13.35 -6.62 2.48
CA THR A 177 13.71 -8.03 2.85
C THR A 177 13.27 -8.98 1.73
N THR A 178 12.11 -8.75 1.17
CA THR A 178 11.64 -9.61 0.04
C THR A 178 12.60 -9.43 -1.14
N MET A 179 13.03 -8.22 -1.36
CA MET A 179 13.99 -7.96 -2.47
C MET A 179 15.26 -8.75 -2.22
N ARG A 180 15.71 -8.82 -0.98
CA ARG A 180 16.94 -9.61 -0.67
C ARG A 180 16.71 -11.07 -1.03
N ALA A 181 15.54 -11.57 -0.74
CA ALA A 181 15.22 -13.00 -1.04
C ALA A 181 13.71 -13.24 -1.01
N SER A 182 13.15 -13.68 -2.10
CA SER A 182 11.69 -13.96 -2.14
C SER A 182 11.38 -15.22 -1.33
N LYS A 183 11.15 -15.08 -0.04
CA LYS A 183 10.83 -16.25 0.86
C LYS A 183 12.01 -17.23 0.94
N LYS A 184 12.39 -17.83 -0.16
CA LYS A 184 13.54 -18.81 -0.16
C LYS A 184 13.30 -19.90 0.88
N LYS A 185 12.21 -20.61 0.76
CA LYS A 185 11.90 -21.70 1.74
C LYS A 185 12.85 -22.87 1.56
N LYS A 186 13.16 -23.17 0.33
CA LYS A 186 14.09 -24.31 0.04
C LYS A 186 15.54 -23.84 0.11
N THR A 22 -13.70 -5.91 -8.78
CA THR A 22 -13.47 -6.75 -9.99
C THR A 22 -13.26 -5.87 -11.22
N GLY A 23 -12.13 -5.22 -11.31
CA GLY A 23 -11.85 -4.34 -12.48
C GLY A 23 -10.48 -4.67 -13.05
N ARG A 24 -10.34 -4.62 -14.36
CA ARG A 24 -9.03 -4.93 -14.99
C ARG A 24 -8.51 -3.73 -15.78
N ASP A 25 -7.24 -3.47 -15.71
CA ASP A 25 -6.66 -2.32 -16.47
C ASP A 25 -6.42 -2.73 -17.93
N LYS A 26 -6.26 -1.77 -18.81
CA LYS A 26 -6.07 -2.10 -20.25
C LYS A 26 -4.62 -2.51 -20.54
N ASN A 27 -4.22 -3.66 -20.07
CA ASN A 27 -2.82 -4.16 -20.33
C ASN A 27 -1.76 -3.08 -20.07
N GLN A 28 -2.04 -2.11 -19.24
CA GLN A 28 -1.05 -1.04 -18.94
C GLN A 28 -1.19 -0.57 -17.50
N VAL A 29 -0.09 -0.48 -16.78
CA VAL A 29 -0.18 -0.02 -15.38
C VAL A 29 -0.13 1.52 -15.35
N GLU A 30 1.00 2.09 -15.67
CA GLU A 30 1.16 3.58 -15.70
C GLU A 30 0.52 4.27 -14.49
N GLY A 31 0.66 3.69 -13.31
CA GLY A 31 0.05 4.32 -12.10
C GLY A 31 0.93 4.07 -10.87
N GLU A 32 1.01 5.04 -10.00
CA GLU A 32 1.83 4.87 -8.75
C GLU A 32 1.15 3.87 -7.80
N VAL A 33 -0.15 3.94 -7.70
CA VAL A 33 -0.91 3.02 -6.80
C VAL A 33 -1.89 2.21 -7.65
N GLN A 34 -1.81 0.91 -7.60
CA GLN A 34 -2.73 0.06 -8.40
C GLN A 34 -3.95 -0.36 -7.59
N VAL A 35 -5.12 -0.04 -8.08
CA VAL A 35 -6.37 -0.44 -7.37
C VAL A 35 -6.70 -1.87 -7.76
N VAL A 36 -7.01 -2.71 -6.81
CA VAL A 36 -7.31 -4.13 -7.15
C VAL A 36 -8.45 -4.65 -6.28
N SER A 37 -8.86 -5.85 -6.55
CA SER A 37 -9.95 -6.47 -5.77
C SER A 37 -9.60 -7.92 -5.56
N THR A 38 -10.04 -8.49 -4.47
CA THR A 38 -9.71 -9.91 -4.19
C THR A 38 -10.99 -10.72 -4.16
N ALA A 39 -11.48 -11.03 -5.31
CA ALA A 39 -12.72 -11.86 -5.46
C ALA A 39 -13.98 -11.19 -4.87
N THR A 40 -13.97 -10.74 -3.63
CA THR A 40 -15.21 -10.14 -3.06
C THR A 40 -15.05 -8.67 -2.60
N GLN A 41 -13.95 -8.02 -2.89
CA GLN A 41 -13.83 -6.60 -2.42
C GLN A 41 -12.74 -5.83 -3.18
N SER A 42 -12.59 -4.57 -2.87
CA SER A 42 -11.57 -3.72 -3.55
C SER A 42 -10.71 -2.99 -2.50
N PHE A 43 -9.49 -2.71 -2.84
CA PHE A 43 -8.57 -2.01 -1.87
C PHE A 43 -7.40 -1.38 -2.65
N LEU A 44 -6.23 -1.27 -2.08
CA LEU A 44 -5.11 -0.59 -2.83
C LEU A 44 -3.77 -1.33 -2.73
N ALA A 45 -2.86 -0.95 -3.60
CA ALA A 45 -1.51 -1.56 -3.64
C ALA A 45 -0.50 -0.54 -4.20
N THR A 46 0.61 -0.35 -3.53
CA THR A 46 1.62 0.64 -4.01
C THR A 46 2.76 -0.06 -4.75
N CYS A 47 2.97 0.28 -6.00
CA CYS A 47 4.09 -0.34 -6.77
C CYS A 47 5.41 0.22 -6.26
N VAL A 48 6.32 -0.64 -5.86
CA VAL A 48 7.63 -0.15 -5.35
C VAL A 48 8.78 -1.01 -5.88
N ASN A 49 9.77 -0.39 -6.47
CA ASN A 49 10.94 -1.16 -7.01
C ASN A 49 10.49 -2.34 -7.90
N GLY A 50 9.47 -2.13 -8.70
CA GLY A 50 8.99 -3.22 -9.59
C GLY A 50 8.24 -4.28 -8.77
N VAL A 51 7.69 -3.92 -7.64
CA VAL A 51 6.94 -4.91 -6.81
C VAL A 51 5.67 -4.26 -6.29
N CYS A 52 4.53 -4.75 -6.70
CA CYS A 52 3.26 -4.16 -6.23
C CYS A 52 3.00 -4.62 -4.79
N TRP A 53 2.90 -3.69 -3.88
CA TRP A 53 2.66 -4.09 -2.47
C TRP A 53 1.23 -3.71 -2.06
N THR A 54 0.51 -4.65 -1.56
CA THR A 54 -0.89 -4.39 -1.13
C THR A 54 -1.10 -4.99 0.25
N VAL A 55 -2.28 -4.90 0.79
CA VAL A 55 -2.48 -5.48 2.15
C VAL A 55 -3.00 -6.91 2.12
N TYR A 56 -2.37 -7.78 2.87
CA TYR A 56 -2.81 -9.21 2.92
C TYR A 56 -4.26 -9.28 3.40
N HIS A 57 -4.61 -8.50 4.40
CA HIS A 57 -6.02 -8.53 4.89
C HIS A 57 -6.95 -7.91 3.84
N GLY A 58 -6.39 -7.21 2.88
CA GLY A 58 -7.23 -6.63 1.79
C GLY A 58 -7.24 -7.64 0.64
N ALA A 59 -6.08 -8.13 0.27
CA ALA A 59 -5.99 -9.14 -0.82
C ALA A 59 -6.09 -10.55 -0.21
N GLY A 60 -5.01 -11.05 0.34
CA GLY A 60 -5.04 -12.40 0.99
C GLY A 60 -5.60 -13.46 0.03
N SER A 61 -5.55 -13.22 -1.26
CA SER A 61 -6.09 -14.22 -2.22
C SER A 61 -5.16 -14.44 -3.41
N LYS A 62 -3.93 -13.96 -3.34
CA LYS A 62 -2.94 -14.13 -4.47
C LYS A 62 -3.44 -13.48 -5.77
N THR A 63 -4.42 -14.07 -6.38
CA THR A 63 -4.97 -13.53 -7.66
C THR A 63 -5.88 -12.32 -7.41
N LEU A 64 -5.86 -11.40 -8.34
CA LEU A 64 -6.70 -10.17 -8.23
C LEU A 64 -7.12 -9.74 -9.64
N ALA A 65 -6.76 -8.55 -10.09
CA ALA A 65 -7.13 -8.11 -11.46
C ALA A 65 -6.11 -7.07 -11.96
N GLY A 66 -5.12 -7.49 -12.70
CA GLY A 66 -4.09 -6.53 -13.18
C GLY A 66 -4.38 -6.14 -14.64
N PRO A 67 -3.43 -5.43 -15.23
CA PRO A 67 -3.61 -5.00 -16.64
C PRO A 67 -3.70 -6.22 -17.56
N LYS A 68 -3.18 -7.35 -17.13
CA LYS A 68 -3.26 -8.57 -17.98
C LYS A 68 -4.36 -9.52 -17.50
N GLY A 69 -4.98 -9.19 -16.40
CA GLY A 69 -6.05 -10.06 -15.85
C GLY A 69 -5.62 -10.53 -14.45
N PRO A 70 -6.08 -11.69 -14.09
CA PRO A 70 -5.70 -12.21 -12.74
C PRO A 70 -4.19 -12.46 -12.69
N ILE A 71 -3.49 -11.69 -11.90
CA ILE A 71 -2.02 -11.85 -11.77
C ILE A 71 -1.68 -12.59 -10.46
N THR A 72 -0.60 -13.33 -10.47
CA THR A 72 -0.21 -14.10 -9.25
C THR A 72 0.81 -13.32 -8.41
N GLN A 73 0.84 -13.55 -7.13
CA GLN A 73 1.81 -12.83 -6.25
C GLN A 73 3.20 -13.47 -6.34
N MET A 74 4.22 -12.73 -5.97
CA MET A 74 5.60 -13.28 -6.03
C MET A 74 6.03 -13.69 -4.62
N TYR A 75 5.57 -13.00 -3.62
CA TYR A 75 5.96 -13.35 -2.22
C TYR A 75 4.81 -12.97 -1.28
N THR A 76 4.87 -13.40 -0.03
CA THR A 76 3.78 -13.07 0.94
C THR A 76 4.33 -13.09 2.37
N ASN A 77 4.28 -11.96 3.05
CA ASN A 77 4.76 -11.93 4.46
C ASN A 77 3.55 -11.98 5.38
N VAL A 78 2.94 -13.13 5.51
CA VAL A 78 1.74 -13.25 6.39
C VAL A 78 2.10 -12.88 7.82
N ASP A 79 3.27 -13.27 8.26
CA ASP A 79 3.72 -12.89 9.65
C ASP A 79 3.61 -11.37 9.81
N GLN A 80 3.73 -10.64 8.73
CA GLN A 80 3.60 -9.15 8.79
C GLN A 80 2.36 -8.66 8.04
N ASP A 81 1.58 -9.56 7.46
CA ASP A 81 0.36 -9.15 6.70
C ASP A 81 0.76 -8.25 5.55
N LEU A 82 1.64 -8.73 4.69
CA LEU A 82 2.07 -7.93 3.52
C LEU A 82 2.32 -8.88 2.37
N VAL A 83 2.08 -8.47 1.16
CA VAL A 83 2.29 -9.38 0.00
C VAL A 83 2.76 -8.59 -1.21
N GLY A 84 3.74 -9.09 -1.92
CA GLY A 84 4.23 -8.32 -3.10
C GLY A 84 4.13 -9.13 -4.39
N TRP A 85 3.44 -8.59 -5.36
CA TRP A 85 3.30 -9.26 -6.70
C TRP A 85 4.48 -8.84 -7.57
N GLN A 86 4.47 -9.22 -8.82
CA GLN A 86 5.57 -8.80 -9.73
C GLN A 86 5.06 -7.69 -10.65
N ALA A 87 5.53 -6.48 -10.45
CA ALA A 87 5.05 -5.35 -11.30
C ALA A 87 5.47 -5.54 -12.76
N PRO A 88 4.51 -5.50 -13.65
CA PRO A 88 4.85 -5.67 -15.10
C PRO A 88 5.38 -4.34 -15.65
N PRO A 89 5.95 -4.39 -16.83
CA PRO A 89 6.48 -3.12 -17.42
C PRO A 89 5.36 -2.08 -17.56
N GLY A 90 5.72 -0.81 -17.52
CA GLY A 90 4.68 0.26 -17.63
C GLY A 90 4.21 0.70 -16.24
N ALA A 91 4.58 -0.01 -15.21
CA ALA A 91 4.18 0.35 -13.83
C ALA A 91 5.12 1.42 -13.29
N ARG A 92 4.56 2.55 -12.99
CA ARG A 92 5.35 3.67 -12.44
C ARG A 92 5.45 3.51 -10.92
N SER A 93 6.44 2.79 -10.49
CA SER A 93 6.62 2.55 -9.03
C SER A 93 7.26 3.77 -8.35
N LEU A 94 7.12 3.87 -7.06
CA LEU A 94 7.68 5.03 -6.31
C LEU A 94 9.02 4.66 -5.68
N THR A 95 9.82 5.63 -5.31
CA THR A 95 11.14 5.32 -4.72
C THR A 95 11.11 5.55 -3.19
N PRO A 96 11.92 4.79 -2.48
CA PRO A 96 11.95 4.96 -1.00
C PRO A 96 12.91 6.08 -0.62
N CYS A 97 12.59 6.82 0.41
CA CYS A 97 13.48 7.95 0.83
C CYS A 97 13.14 8.37 2.27
N THR A 98 14.06 9.06 2.90
CA THR A 98 13.82 9.56 4.29
C THR A 98 13.92 11.08 4.28
N CYS A 99 12.91 11.76 4.74
CA CYS A 99 12.95 13.26 4.73
C CYS A 99 12.78 13.82 6.14
N GLY A 100 13.35 14.97 6.39
CA GLY A 100 13.23 15.60 7.73
C GLY A 100 11.75 15.92 8.01
N SER A 101 10.97 16.11 6.97
CA SER A 101 9.52 16.43 7.16
C SER A 101 8.68 15.17 6.95
N SER A 102 7.81 14.86 7.89
CA SER A 102 6.96 13.65 7.76
C SER A 102 5.58 14.03 7.24
N ASP A 103 5.44 15.18 6.62
CA ASP A 103 4.11 15.58 6.07
C ASP A 103 3.79 14.69 4.87
N LEU A 104 3.41 13.46 5.14
CA LEU A 104 3.09 12.51 4.04
C LEU A 104 1.61 12.60 3.69
N TYR A 105 1.20 11.90 2.67
CA TYR A 105 -0.22 11.91 2.27
C TYR A 105 -0.56 10.58 1.61
N LEU A 106 -1.71 10.04 1.92
CA LEU A 106 -2.09 8.71 1.37
C LEU A 106 -3.22 8.83 0.33
N VAL A 107 -3.39 7.79 -0.45
CA VAL A 107 -4.45 7.78 -1.52
C VAL A 107 -5.58 6.81 -1.13
N THR A 108 -6.79 7.28 -1.07
CA THR A 108 -7.95 6.38 -0.73
C THR A 108 -8.39 5.64 -2.00
N ARG A 109 -9.39 4.81 -1.89
CA ARG A 109 -9.90 4.06 -3.08
C ARG A 109 -10.13 5.04 -4.26
N HIS A 110 -10.34 6.30 -3.96
CA HIS A 110 -10.55 7.29 -5.03
C HIS A 110 -9.23 7.98 -5.40
N ALA A 111 -8.69 8.83 -4.53
CA ALA A 111 -7.41 9.52 -4.89
C ALA A 111 -6.58 9.95 -3.67
N ASP A 112 -7.16 10.64 -2.72
CA ASP A 112 -6.34 11.12 -1.56
C ASP A 112 -7.01 10.87 -0.21
N VAL A 113 -6.22 10.71 0.82
CA VAL A 113 -6.76 10.49 2.19
C VAL A 113 -6.28 11.64 3.07
N ILE A 114 -6.33 12.85 2.55
CA ILE A 114 -5.83 14.03 3.32
C ILE A 114 -4.34 13.82 3.62
N PRO A 115 -3.73 14.79 4.27
CA PRO A 115 -2.28 14.63 4.57
C PRO A 115 -2.08 13.98 5.94
N VAL A 116 -1.14 13.07 6.04
CA VAL A 116 -0.89 12.39 7.35
C VAL A 116 0.58 12.57 7.75
N ARG A 117 0.83 12.94 8.99
CA ARG A 117 2.23 13.11 9.45
C ARG A 117 2.72 11.78 10.02
N ARG A 118 3.76 11.21 9.47
CA ARG A 118 4.24 9.91 9.99
C ARG A 118 4.73 10.06 11.43
N ARG A 119 4.18 9.31 12.33
CA ARG A 119 4.64 9.38 13.76
C ARG A 119 5.59 8.21 14.05
N GLY A 120 5.91 7.42 13.05
CA GLY A 120 6.83 6.27 13.26
C GLY A 120 6.86 5.47 11.97
N ASP A 121 7.72 4.50 11.87
CA ASP A 121 7.80 3.67 10.63
C ASP A 121 6.46 2.96 10.39
N SER A 122 5.68 2.77 11.43
CA SER A 122 4.38 2.07 11.27
C SER A 122 3.20 2.91 11.76
N ARG A 123 3.37 4.21 11.93
CA ARG A 123 2.23 5.03 12.43
C ARG A 123 2.21 6.41 11.77
N GLY A 124 1.05 6.88 11.43
CA GLY A 124 0.94 8.23 10.80
C GLY A 124 -0.22 8.95 11.46
N SER A 125 -0.08 10.23 11.67
CA SER A 125 -1.16 11.00 12.33
C SER A 125 -2.12 11.58 11.30
N LEU A 126 -3.32 11.09 11.23
CA LEU A 126 -4.29 11.64 10.24
C LEU A 126 -4.72 13.02 10.74
N LEU A 127 -4.22 14.05 10.11
CA LEU A 127 -4.56 15.45 10.53
C LEU A 127 -6.07 15.67 10.44
N SER A 128 -6.70 15.01 9.51
CA SER A 128 -8.17 15.17 9.36
C SER A 128 -8.89 13.84 9.66
N PRO A 129 -9.33 13.70 10.90
CA PRO A 129 -10.06 12.44 11.25
C PRO A 129 -11.37 12.38 10.48
N ARG A 130 -11.81 11.19 10.16
CA ARG A 130 -13.08 11.04 9.40
C ARG A 130 -13.65 9.65 9.66
N PRO A 131 -14.89 9.44 9.25
CA PRO A 131 -15.48 8.10 9.47
C PRO A 131 -14.65 7.02 8.78
N VAL A 132 -14.24 6.03 9.51
CA VAL A 132 -13.40 4.93 8.93
C VAL A 132 -14.03 4.38 7.65
N SER A 133 -15.33 4.51 7.49
CA SER A 133 -16.00 4.00 6.25
C SER A 133 -15.30 4.56 5.01
N TYR A 134 -14.80 5.76 5.12
CA TYR A 134 -14.07 6.40 3.99
C TYR A 134 -12.71 5.71 3.81
N LEU A 135 -12.15 5.18 4.87
CA LEU A 135 -10.83 4.50 4.77
C LEU A 135 -10.97 3.02 4.37
N LYS A 136 -12.19 2.55 4.19
CA LYS A 136 -12.38 1.13 3.80
C LYS A 136 -11.90 0.96 2.36
N GLY A 137 -10.79 0.29 2.21
CA GLY A 137 -10.21 0.09 0.86
C GLY A 137 -9.04 1.06 0.64
N SER A 138 -8.86 2.00 1.54
CA SER A 138 -7.71 2.93 1.42
C SER A 138 -6.42 2.22 1.84
N SER A 139 -6.54 1.09 2.51
CA SER A 139 -5.34 0.33 2.95
C SER A 139 -4.59 -0.20 1.73
N GLY A 140 -3.28 -0.28 1.83
CA GLY A 140 -2.48 -0.77 0.68
C GLY A 140 -1.99 0.43 -0.15
N GLY A 141 -2.50 1.62 0.12
CA GLY A 141 -2.06 2.82 -0.64
C GLY A 141 -0.65 3.20 -0.17
N PRO A 142 -0.26 4.45 -0.39
CA PRO A 142 1.11 4.81 0.09
C PRO A 142 1.18 6.25 0.61
N LEU A 143 1.98 6.46 1.62
CA LEU A 143 2.19 7.82 2.19
C LEU A 143 3.48 8.37 1.59
N LEU A 144 3.36 9.17 0.55
CA LEU A 144 4.58 9.69 -0.13
C LEU A 144 5.10 11.01 0.44
N CYS A 145 6.41 11.16 0.46
CA CYS A 145 7.03 12.44 0.93
C CYS A 145 6.59 13.56 -0.02
N PRO A 146 7.14 14.73 0.16
CA PRO A 146 6.76 15.82 -0.79
C PRO A 146 7.66 15.79 -2.04
N SER A 147 8.45 14.74 -2.21
CA SER A 147 9.33 14.65 -3.41
C SER A 147 8.81 13.58 -4.39
N GLY A 148 8.05 12.63 -3.91
CA GLY A 148 7.52 11.56 -4.81
C GLY A 148 8.11 10.20 -4.40
N HIS A 149 8.29 9.99 -3.13
CA HIS A 149 8.86 8.68 -2.66
C HIS A 149 7.88 7.97 -1.73
N ALA A 150 7.57 6.72 -2.01
CA ALA A 150 6.63 5.95 -1.13
C ALA A 150 7.39 5.49 0.11
N VAL A 151 6.94 5.88 1.27
CA VAL A 151 7.64 5.48 2.53
C VAL A 151 6.71 4.74 3.49
N GLY A 152 5.43 4.63 3.17
CA GLY A 152 4.51 3.92 4.11
C GLY A 152 3.23 3.46 3.39
N ILE A 153 2.87 2.21 3.52
CA ILE A 153 1.60 1.72 2.89
C ILE A 153 0.57 1.47 4.00
N PHE A 154 -0.52 2.19 3.97
CA PHE A 154 -1.56 2.06 5.04
C PHE A 154 -1.99 0.61 5.27
N ARG A 155 -1.96 0.17 6.52
CA ARG A 155 -2.35 -1.22 6.86
C ARG A 155 -3.56 -1.26 7.79
N ALA A 156 -3.77 -0.26 8.60
CA ALA A 156 -4.93 -0.28 9.54
C ALA A 156 -5.25 1.12 10.06
N ALA A 157 -6.52 1.38 10.27
CA ALA A 157 -6.96 2.72 10.75
C ALA A 157 -7.23 2.73 12.25
N VAL A 158 -6.82 3.77 12.93
CA VAL A 158 -7.09 3.86 14.40
C VAL A 158 -8.45 4.50 14.57
N CYS A 159 -9.46 3.70 14.67
CA CYS A 159 -10.84 4.23 14.75
C CYS A 159 -11.30 4.47 16.19
N THR A 160 -11.66 5.68 16.47
CA THR A 160 -12.17 6.06 17.82
C THR A 160 -13.59 6.60 17.68
N ARG A 161 -14.51 6.11 18.46
CA ARG A 161 -15.93 6.58 18.37
C ARG A 161 -16.48 6.42 16.95
N GLY A 162 -15.90 5.52 16.18
CA GLY A 162 -16.39 5.28 14.79
C GLY A 162 -15.68 6.18 13.77
N VAL A 163 -14.52 6.70 14.10
CA VAL A 163 -13.78 7.55 13.13
C VAL A 163 -12.28 7.35 13.32
N ALA A 164 -11.54 7.35 12.25
CA ALA A 164 -10.06 7.13 12.35
C ALA A 164 -9.33 8.40 12.77
N LYS A 165 -8.51 8.30 13.78
CA LYS A 165 -7.74 9.49 14.24
C LYS A 165 -6.22 9.22 14.12
N ALA A 166 -5.85 8.15 13.46
CA ALA A 166 -4.41 7.82 13.30
C ALA A 166 -4.29 6.62 12.38
N VAL A 167 -3.29 6.62 11.55
CA VAL A 167 -3.14 5.47 10.58
C VAL A 167 -1.88 4.64 10.87
N ASP A 168 -2.03 3.34 10.84
CA ASP A 168 -0.87 2.42 11.02
C ASP A 168 -0.50 1.94 9.63
N PHE A 169 0.76 1.73 9.33
CA PHE A 169 1.09 1.31 7.94
C PHE A 169 2.41 0.51 7.85
N VAL A 170 2.60 -0.16 6.76
CA VAL A 170 3.84 -0.94 6.54
C VAL A 170 4.92 -0.02 5.95
N PRO A 171 6.10 -0.03 6.53
CA PRO A 171 7.17 0.85 6.00
C PRO A 171 7.82 0.23 4.75
N VAL A 172 8.24 1.06 3.83
CA VAL A 172 8.88 0.55 2.58
C VAL A 172 10.25 -0.04 2.93
N GLU A 173 10.89 0.49 3.94
CA GLU A 173 12.23 -0.05 4.35
C GLU A 173 12.09 -1.52 4.72
N SER A 174 10.96 -1.88 5.26
CA SER A 174 10.73 -3.32 5.62
C SER A 174 10.46 -4.12 4.36
N MET A 175 9.83 -3.51 3.38
CA MET A 175 9.52 -4.23 2.11
C MET A 175 10.82 -4.61 1.40
N GLU A 176 11.82 -3.76 1.48
CA GLU A 176 13.12 -4.10 0.83
C GLU A 176 13.65 -5.40 1.44
N THR A 177 13.60 -5.49 2.75
CA THR A 177 14.05 -6.75 3.42
C THR A 177 13.00 -7.85 3.20
N THR A 178 11.75 -7.46 3.06
CA THR A 178 10.67 -8.46 2.82
C THR A 178 10.96 -9.22 1.53
N MET A 179 11.44 -8.52 0.53
CA MET A 179 11.76 -9.19 -0.76
C MET A 179 12.83 -10.26 -0.55
N ARG A 180 13.87 -9.95 0.20
CA ARG A 180 14.93 -10.99 0.44
C ARG A 180 14.41 -12.09 1.35
N ALA A 181 13.69 -11.71 2.39
CA ALA A 181 13.09 -12.65 3.41
C ALA A 181 13.58 -14.10 3.31
N SER A 182 14.32 -14.53 4.28
CA SER A 182 14.83 -15.93 4.28
C SER A 182 15.50 -16.22 5.62
N LYS A 183 14.96 -15.68 6.69
CA LYS A 183 15.57 -15.91 8.03
C LYS A 183 14.48 -16.02 9.10
N LYS A 184 14.65 -16.93 10.03
CA LYS A 184 13.63 -17.11 11.11
C LYS A 184 13.69 -15.93 12.09
N LYS A 185 14.88 -15.47 12.40
CA LYS A 185 15.04 -14.32 13.35
C LYS A 185 14.32 -14.60 14.67
N LYS A 186 14.98 -15.27 15.58
CA LYS A 186 14.37 -15.60 16.90
C LYS A 186 12.98 -16.25 16.73
N THR A 22 -0.41 -12.44 -23.39
CA THR A 22 -1.33 -11.26 -23.28
C THR A 22 -0.95 -10.40 -22.08
N GLY A 23 -0.87 -9.10 -22.27
CA GLY A 23 -0.50 -8.19 -21.14
C GLY A 23 -1.72 -7.95 -20.27
N ARG A 24 -1.50 -7.49 -19.08
CA ARG A 24 -2.62 -7.20 -18.15
C ARG A 24 -2.26 -6.01 -17.25
N ASP A 25 -2.57 -6.05 -15.98
CA ASP A 25 -2.25 -4.90 -15.06
C ASP A 25 -3.02 -3.66 -15.49
N LYS A 26 -3.69 -3.02 -14.57
CA LYS A 26 -4.49 -1.82 -14.92
C LYS A 26 -3.60 -0.68 -15.40
N ASN A 27 -4.07 0.12 -16.33
CA ASN A 27 -3.28 1.25 -16.87
C ASN A 27 -1.97 0.73 -17.48
N GLN A 28 -1.33 1.55 -18.27
CA GLN A 28 -0.06 1.13 -18.92
C GLN A 28 0.93 0.61 -17.87
N VAL A 29 1.33 -0.62 -18.02
CA VAL A 29 2.28 -1.27 -17.08
C VAL A 29 1.69 -1.28 -15.65
N GLU A 30 1.65 -0.16 -14.99
CA GLU A 30 1.08 -0.11 -13.61
C GLU A 30 0.83 1.35 -13.18
N GLY A 31 1.82 2.01 -12.62
CA GLY A 31 1.64 3.42 -12.19
C GLY A 31 2.16 3.57 -10.76
N GLU A 32 1.81 4.64 -10.09
CA GLU A 32 2.28 4.84 -8.68
C GLU A 32 1.55 3.86 -7.74
N VAL A 33 0.24 3.88 -7.77
CA VAL A 33 -0.55 2.95 -6.89
C VAL A 33 -1.58 2.21 -7.73
N GLN A 34 -1.66 0.91 -7.60
CA GLN A 34 -2.65 0.13 -8.41
C GLN A 34 -3.89 -0.20 -7.59
N VAL A 35 -5.04 0.21 -8.06
CA VAL A 35 -6.30 -0.10 -7.34
C VAL A 35 -6.76 -1.48 -7.79
N VAL A 36 -7.05 -2.37 -6.87
CA VAL A 36 -7.47 -3.74 -7.26
C VAL A 36 -8.45 -4.32 -6.25
N SER A 37 -8.95 -5.48 -6.53
CA SER A 37 -9.90 -6.15 -5.63
C SER A 37 -9.73 -7.64 -5.74
N THR A 38 -9.88 -8.31 -4.65
CA THR A 38 -9.75 -9.78 -4.64
C THR A 38 -11.07 -10.38 -4.20
N ALA A 39 -11.12 -11.67 -4.10
CA ALA A 39 -12.41 -12.34 -3.71
C ALA A 39 -12.99 -11.76 -2.41
N THR A 40 -12.21 -11.05 -1.63
CA THR A 40 -12.75 -10.50 -0.36
C THR A 40 -13.20 -9.03 -0.50
N GLN A 41 -12.47 -8.21 -1.21
CA GLN A 41 -12.90 -6.77 -1.35
C GLN A 41 -12.04 -5.98 -2.35
N SER A 42 -12.22 -4.69 -2.37
CA SER A 42 -11.41 -3.79 -3.24
C SER A 42 -10.50 -2.96 -2.33
N PHE A 43 -9.29 -2.70 -2.75
CA PHE A 43 -8.35 -1.93 -1.86
C PHE A 43 -7.20 -1.33 -2.68
N LEU A 44 -6.00 -1.22 -2.12
CA LEU A 44 -4.90 -0.57 -2.89
C LEU A 44 -3.57 -1.34 -2.84
N ALA A 45 -2.68 -0.95 -3.72
CA ALA A 45 -1.33 -1.56 -3.80
C ALA A 45 -0.35 -0.52 -4.35
N THR A 46 0.66 -0.17 -3.59
CA THR A 46 1.63 0.85 -4.06
C THR A 46 2.81 0.21 -4.79
N CYS A 47 3.03 0.59 -6.02
CA CYS A 47 4.18 0.05 -6.78
C CYS A 47 5.47 0.66 -6.27
N VAL A 48 6.29 -0.11 -5.61
CA VAL A 48 7.58 0.45 -5.07
C VAL A 48 8.75 -0.38 -5.59
N ASN A 49 9.75 0.27 -6.14
CA ASN A 49 10.94 -0.46 -6.68
C ASN A 49 10.51 -1.57 -7.64
N GLY A 50 9.52 -1.31 -8.46
CA GLY A 50 9.04 -2.35 -9.42
C GLY A 50 8.31 -3.47 -8.69
N VAL A 51 7.72 -3.16 -7.56
CA VAL A 51 6.99 -4.21 -6.79
C VAL A 51 5.70 -3.61 -6.21
N CYS A 52 4.57 -4.13 -6.62
CA CYS A 52 3.28 -3.61 -6.09
C CYS A 52 3.04 -4.16 -4.70
N TRP A 53 2.98 -3.30 -3.72
CA TRP A 53 2.75 -3.76 -2.33
C TRP A 53 1.35 -3.41 -1.88
N THR A 54 0.62 -4.40 -1.47
CA THR A 54 -0.78 -4.16 -1.01
C THR A 54 -0.97 -4.79 0.36
N VAL A 55 -2.16 -4.76 0.87
CA VAL A 55 -2.37 -5.35 2.24
C VAL A 55 -2.80 -6.81 2.20
N TYR A 56 -2.12 -7.64 2.97
CA TYR A 56 -2.48 -9.09 3.02
C TYR A 56 -3.92 -9.24 3.52
N HIS A 57 -4.29 -8.50 4.54
CA HIS A 57 -5.69 -8.62 5.05
C HIS A 57 -6.66 -8.08 3.99
N GLY A 58 -6.18 -7.32 3.04
CA GLY A 58 -7.07 -6.81 1.97
C GLY A 58 -6.99 -7.77 0.78
N ALA A 59 -5.82 -8.32 0.53
CA ALA A 59 -5.64 -9.28 -0.61
C ALA A 59 -6.16 -10.67 -0.21
N GLY A 60 -5.46 -11.34 0.67
CA GLY A 60 -5.88 -12.70 1.10
C GLY A 60 -5.78 -13.68 -0.07
N SER A 61 -4.96 -14.70 0.08
CA SER A 61 -4.79 -15.71 -1.02
C SER A 61 -4.51 -15.04 -2.37
N LYS A 62 -3.70 -13.99 -2.37
CA LYS A 62 -3.34 -13.25 -3.63
C LYS A 62 -4.53 -13.17 -4.62
N THR A 63 -4.31 -13.53 -5.85
CA THR A 63 -5.39 -13.50 -6.87
C THR A 63 -6.14 -12.17 -6.89
N LEU A 64 -5.52 -11.15 -7.38
CA LEU A 64 -6.19 -9.81 -7.47
C LEU A 64 -7.02 -9.78 -8.74
N ALA A 65 -7.40 -8.63 -9.22
CA ALA A 65 -8.22 -8.57 -10.47
C ALA A 65 -7.61 -7.54 -11.41
N GLY A 66 -6.87 -7.98 -12.40
CA GLY A 66 -6.27 -7.03 -13.36
C GLY A 66 -7.33 -6.62 -14.37
N PRO A 67 -6.96 -5.77 -15.30
CA PRO A 67 -7.97 -5.33 -16.29
C PRO A 67 -8.42 -6.50 -17.17
N LYS A 68 -7.73 -7.62 -17.12
CA LYS A 68 -8.16 -8.77 -17.99
C LYS A 68 -8.12 -10.12 -17.26
N GLY A 69 -7.71 -10.16 -16.01
CA GLY A 69 -7.69 -11.47 -15.30
C GLY A 69 -7.02 -11.34 -13.93
N PRO A 70 -6.98 -12.45 -13.21
CA PRO A 70 -6.34 -12.41 -11.87
C PRO A 70 -4.82 -12.26 -12.00
N ILE A 71 -4.26 -11.35 -11.26
CA ILE A 71 -2.78 -11.15 -11.31
C ILE A 71 -2.11 -12.04 -10.26
N THR A 72 -0.84 -12.31 -10.41
CA THR A 72 -0.12 -13.22 -9.45
C THR A 72 0.92 -12.47 -8.59
N GLN A 73 0.99 -12.81 -7.33
CA GLN A 73 1.97 -12.15 -6.40
C GLN A 73 3.36 -12.80 -6.48
N MET A 74 4.36 -12.13 -5.95
CA MET A 74 5.75 -12.71 -5.95
C MET A 74 6.05 -13.32 -4.58
N TYR A 75 5.74 -12.60 -3.53
CA TYR A 75 6.01 -13.10 -2.15
C TYR A 75 5.12 -12.35 -1.17
N THR A 76 5.24 -12.63 0.09
CA THR A 76 4.40 -11.94 1.09
C THR A 76 5.03 -12.03 2.47
N ASN A 77 4.90 -10.98 3.21
CA ASN A 77 5.46 -10.98 4.59
C ASN A 77 4.32 -11.12 5.60
N VAL A 78 3.89 -12.32 5.85
CA VAL A 78 2.76 -12.54 6.82
C VAL A 78 3.16 -12.00 8.19
N ASP A 79 4.38 -12.20 8.60
CA ASP A 79 4.83 -11.65 9.93
C ASP A 79 4.57 -10.14 9.95
N GLN A 80 4.55 -9.53 8.79
CA GLN A 80 4.28 -8.05 8.71
C GLN A 80 2.92 -7.78 8.04
N ASP A 81 2.20 -8.81 7.65
CA ASP A 81 0.87 -8.62 6.97
C ASP A 81 1.06 -7.82 5.70
N LEU A 82 1.85 -8.33 4.79
CA LEU A 82 2.11 -7.60 3.51
C LEU A 82 2.29 -8.59 2.35
N VAL A 83 1.97 -8.17 1.16
CA VAL A 83 2.10 -9.06 -0.03
C VAL A 83 2.65 -8.24 -1.21
N GLY A 84 3.65 -8.73 -1.92
CA GLY A 84 4.24 -7.92 -3.04
C GLY A 84 4.17 -8.64 -4.40
N TRP A 85 3.61 -7.97 -5.38
CA TRP A 85 3.50 -8.54 -6.76
C TRP A 85 4.72 -8.17 -7.62
N GLN A 86 4.64 -8.43 -8.91
CA GLN A 86 5.79 -8.09 -9.82
C GLN A 86 5.37 -6.97 -10.79
N ALA A 87 5.67 -5.74 -10.47
CA ALA A 87 5.31 -4.61 -11.38
C ALA A 87 6.18 -4.66 -12.65
N PRO A 88 5.54 -4.60 -13.80
CA PRO A 88 6.34 -4.64 -15.05
C PRO A 88 7.02 -3.28 -15.32
N PRO A 89 8.07 -3.32 -16.11
CA PRO A 89 8.79 -2.05 -16.41
C PRO A 89 7.94 -1.15 -17.31
N GLY A 90 8.13 0.14 -17.22
CA GLY A 90 7.33 1.08 -18.07
C GLY A 90 6.25 1.78 -17.24
N ALA A 91 6.05 1.37 -16.02
CA ALA A 91 5.02 2.02 -15.15
C ALA A 91 5.63 3.23 -14.45
N ARG A 92 5.23 3.49 -13.23
CA ARG A 92 5.80 4.65 -12.48
C ARG A 92 5.85 4.32 -10.99
N SER A 93 7.00 3.94 -10.51
CA SER A 93 7.13 3.56 -9.07
C SER A 93 7.56 4.76 -8.23
N LEU A 94 7.46 4.63 -6.94
CA LEU A 94 7.85 5.74 -6.03
C LEU A 94 9.13 5.33 -5.28
N THR A 95 9.97 6.27 -4.94
CA THR A 95 11.23 5.91 -4.23
C THR A 95 11.16 6.28 -2.74
N PRO A 96 12.28 6.11 -2.06
CA PRO A 96 12.29 6.45 -0.61
C PRO A 96 13.28 7.60 -0.33
N CYS A 97 13.07 8.37 0.72
CA CYS A 97 14.03 9.49 1.02
C CYS A 97 14.24 9.63 2.53
N THR A 98 15.19 10.45 2.93
CA THR A 98 15.49 10.64 4.39
C THR A 98 14.22 10.95 5.20
N CYS A 99 13.21 11.51 4.57
CA CYS A 99 11.93 11.82 5.30
C CYS A 99 12.16 12.79 6.48
N GLY A 100 12.82 13.89 6.25
CA GLY A 100 13.05 14.87 7.36
C GLY A 100 11.69 15.34 7.89
N SER A 101 10.75 15.55 7.00
CA SER A 101 9.39 15.97 7.43
C SER A 101 8.44 14.76 7.34
N SER A 102 7.56 14.62 8.29
CA SER A 102 6.62 13.46 8.26
C SER A 102 5.28 13.83 7.64
N ASP A 103 5.22 14.93 6.92
CA ASP A 103 3.94 15.33 6.26
C ASP A 103 3.69 14.40 5.08
N LEU A 104 3.40 13.16 5.35
CA LEU A 104 3.17 12.18 4.25
C LEU A 104 1.80 12.40 3.60
N TYR A 105 1.51 11.67 2.56
CA TYR A 105 0.19 11.82 1.87
C TYR A 105 -0.33 10.45 1.44
N LEU A 106 -1.56 10.13 1.77
CA LEU A 106 -2.11 8.79 1.40
C LEU A 106 -3.19 8.92 0.33
N VAL A 107 -3.35 7.90 -0.46
CA VAL A 107 -4.38 7.90 -1.55
C VAL A 107 -5.51 6.94 -1.17
N THR A 108 -6.74 7.37 -1.30
CA THR A 108 -7.89 6.48 -0.96
C THR A 108 -8.16 5.52 -2.11
N ARG A 109 -9.01 4.53 -1.86
CA ARG A 109 -9.36 3.49 -2.91
C ARG A 109 -9.39 4.07 -4.32
N HIS A 110 -9.78 5.30 -4.47
CA HIS A 110 -9.80 5.94 -5.80
C HIS A 110 -8.51 6.76 -5.99
N ALA A 111 -8.50 7.99 -5.54
CA ALA A 111 -7.26 8.84 -5.68
C ALA A 111 -7.27 10.04 -4.73
N ASP A 112 -8.11 10.06 -3.72
CA ASP A 112 -8.14 11.24 -2.80
C ASP A 112 -6.85 11.31 -1.99
N VAL A 113 -6.21 12.45 -1.97
CA VAL A 113 -4.94 12.59 -1.21
C VAL A 113 -5.20 13.20 0.18
N ILE A 114 -4.91 12.47 1.22
CA ILE A 114 -5.12 12.98 2.60
C ILE A 114 -3.76 13.08 3.33
N PRO A 115 -3.41 14.29 3.74
CA PRO A 115 -2.10 14.46 4.42
C PRO A 115 -2.10 13.81 5.81
N VAL A 116 -1.09 13.03 6.09
CA VAL A 116 -0.98 12.37 7.43
C VAL A 116 0.42 12.61 8.02
N ARG A 117 0.50 13.02 9.27
CA ARG A 117 1.84 13.26 9.89
C ARG A 117 2.35 11.95 10.49
N ARG A 118 3.39 11.38 9.94
CA ARG A 118 3.93 10.09 10.46
C ARG A 118 4.24 10.19 11.96
N ARG A 119 3.65 9.33 12.75
CA ARG A 119 3.94 9.34 14.22
C ARG A 119 4.95 8.25 14.55
N GLY A 120 5.41 7.52 13.55
CA GLY A 120 6.41 6.44 13.80
C GLY A 120 6.66 5.72 12.47
N ASP A 121 7.43 4.66 12.49
CA ASP A 121 7.69 3.92 11.23
C ASP A 121 6.42 3.20 10.77
N SER A 122 5.52 2.93 11.68
CA SER A 122 4.26 2.22 11.31
C SER A 122 3.02 3.03 11.72
N ARG A 123 3.16 4.31 12.01
CA ARG A 123 1.96 5.09 12.44
C ARG A 123 1.96 6.48 11.82
N GLY A 124 0.79 6.97 11.50
CA GLY A 124 0.67 8.33 10.91
C GLY A 124 -0.55 9.01 11.50
N SER A 125 -0.45 10.29 11.75
CA SER A 125 -1.58 11.04 12.33
C SER A 125 -2.48 11.57 11.22
N LEU A 126 -3.67 11.05 11.12
CA LEU A 126 -4.59 11.52 10.06
C LEU A 126 -5.05 12.95 10.39
N LEU A 127 -4.63 13.90 9.60
CA LEU A 127 -5.02 15.33 9.86
C LEU A 127 -6.50 15.54 9.57
N SER A 128 -7.09 14.66 8.80
CA SER A 128 -8.54 14.79 8.47
C SER A 128 -9.30 13.56 8.95
N PRO A 129 -9.60 13.54 10.24
CA PRO A 129 -10.34 12.37 10.80
C PRO A 129 -11.67 12.18 10.07
N ARG A 130 -12.06 10.95 9.85
CA ARG A 130 -13.33 10.68 9.14
C ARG A 130 -13.83 9.29 9.55
N PRO A 131 -15.07 8.99 9.23
CA PRO A 131 -15.58 7.64 9.59
C PRO A 131 -14.71 6.56 8.95
N VAL A 132 -14.24 5.63 9.73
CA VAL A 132 -13.35 4.55 9.20
C VAL A 132 -13.97 3.89 7.96
N SER A 133 -15.27 3.93 7.85
CA SER A 133 -15.96 3.34 6.66
C SER A 133 -15.43 4.00 5.37
N TYR A 134 -15.04 5.25 5.48
CA TYR A 134 -14.49 5.98 4.30
C TYR A 134 -13.11 5.39 3.94
N LEU A 135 -12.40 4.90 4.92
CA LEU A 135 -11.06 4.31 4.66
C LEU A 135 -11.18 2.86 4.16
N LYS A 136 -12.39 2.38 3.96
CA LYS A 136 -12.57 0.99 3.46
C LYS A 136 -12.04 0.92 2.03
N GLY A 137 -10.98 0.21 1.87
CA GLY A 137 -10.33 0.09 0.54
C GLY A 137 -9.11 1.02 0.49
N SER A 138 -8.92 1.83 1.50
CA SER A 138 -7.74 2.73 1.55
C SER A 138 -6.49 1.93 1.95
N SER A 139 -6.66 0.72 2.47
CA SER A 139 -5.45 -0.08 2.88
C SER A 139 -4.63 -0.47 1.65
N GLY A 140 -3.34 -0.56 1.81
CA GLY A 140 -2.46 -0.90 0.66
C GLY A 140 -2.04 0.39 -0.04
N GLY A 141 -2.63 1.52 0.30
CA GLY A 141 -2.25 2.79 -0.34
C GLY A 141 -0.82 3.13 0.08
N PRO A 142 -0.42 4.38 -0.11
CA PRO A 142 0.96 4.72 0.30
C PRO A 142 1.05 6.13 0.88
N LEU A 143 1.76 6.27 1.96
CA LEU A 143 1.96 7.60 2.56
C LEU A 143 3.24 8.17 1.95
N LEU A 144 3.10 8.99 0.94
CA LEU A 144 4.31 9.52 0.24
C LEU A 144 4.92 10.73 0.92
N CYS A 145 6.22 10.80 0.88
CA CYS A 145 6.95 11.96 1.49
C CYS A 145 6.66 13.20 0.64
N PRO A 146 6.93 14.36 1.17
CA PRO A 146 6.67 15.59 0.37
C PRO A 146 7.53 15.64 -0.90
N SER A 147 8.52 14.78 -1.03
CA SER A 147 9.40 14.79 -2.23
C SER A 147 8.93 13.78 -3.29
N GLY A 148 7.87 13.03 -3.03
CA GLY A 148 7.38 12.04 -4.03
C GLY A 148 7.96 10.65 -3.74
N HIS A 149 8.15 10.35 -2.48
CA HIS A 149 8.71 9.01 -2.11
C HIS A 149 7.70 8.24 -1.25
N ALA A 150 7.38 7.02 -1.60
CA ALA A 150 6.41 6.24 -0.78
C ALA A 150 7.17 5.43 0.26
N VAL A 151 6.95 5.70 1.51
CA VAL A 151 7.68 4.97 2.58
C VAL A 151 6.73 4.27 3.55
N GLY A 152 5.43 4.37 3.34
CA GLY A 152 4.46 3.71 4.28
C GLY A 152 3.20 3.25 3.54
N ILE A 153 2.82 2.00 3.69
CA ILE A 153 1.56 1.51 3.04
C ILE A 153 0.51 1.26 4.13
N PHE A 154 -0.60 1.94 4.04
CA PHE A 154 -1.66 1.81 5.10
C PHE A 154 -2.01 0.36 5.43
N ARG A 155 -1.99 0.03 6.70
CA ARG A 155 -2.31 -1.35 7.14
C ARG A 155 -3.56 -1.37 8.03
N ALA A 156 -3.84 -0.29 8.74
CA ALA A 156 -5.04 -0.29 9.62
C ALA A 156 -5.41 1.13 10.07
N ALA A 157 -6.68 1.36 10.28
CA ALA A 157 -7.15 2.71 10.72
C ALA A 157 -7.47 2.73 12.22
N VAL A 158 -7.05 3.74 12.92
CA VAL A 158 -7.38 3.84 14.38
C VAL A 158 -8.75 4.47 14.48
N CYS A 159 -9.78 3.67 14.41
CA CYS A 159 -11.14 4.24 14.44
C CYS A 159 -11.68 4.38 15.87
N THR A 160 -11.68 5.61 16.33
CA THR A 160 -12.19 5.90 17.69
C THR A 160 -13.61 6.44 17.59
N ARG A 161 -14.52 5.96 18.40
CA ARG A 161 -15.94 6.45 18.35
C ARG A 161 -16.51 6.31 16.94
N GLY A 162 -15.96 5.43 16.13
CA GLY A 162 -16.48 5.22 14.75
C GLY A 162 -15.77 6.12 13.73
N VAL A 163 -14.63 6.66 14.06
CA VAL A 163 -13.90 7.52 13.08
C VAL A 163 -12.39 7.35 13.26
N ALA A 164 -11.66 7.31 12.17
CA ALA A 164 -10.19 7.11 12.26
C ALA A 164 -9.45 8.37 12.72
N LYS A 165 -8.78 8.28 13.83
CA LYS A 165 -8.00 9.45 14.33
C LYS A 165 -6.49 9.18 14.24
N ALA A 166 -6.12 8.12 13.56
CA ALA A 166 -4.67 7.80 13.42
C ALA A 166 -4.53 6.60 12.50
N VAL A 167 -3.55 6.61 11.64
CA VAL A 167 -3.37 5.47 10.68
C VAL A 167 -2.11 4.67 10.96
N ASP A 168 -2.22 3.37 10.93
CA ASP A 168 -1.04 2.48 11.13
C ASP A 168 -0.65 1.95 9.76
N PHE A 169 0.61 1.73 9.49
CA PHE A 169 0.97 1.25 8.12
C PHE A 169 2.28 0.44 8.12
N VAL A 170 2.51 -0.27 7.05
CA VAL A 170 3.76 -1.09 6.92
C VAL A 170 4.92 -0.22 6.45
N PRO A 171 6.09 -0.43 7.03
CA PRO A 171 7.25 0.40 6.61
C PRO A 171 7.83 -0.12 5.28
N VAL A 172 8.39 0.77 4.49
CA VAL A 172 8.97 0.36 3.18
C VAL A 172 10.27 -0.42 3.39
N GLU A 173 10.98 -0.14 4.45
CA GLU A 173 12.24 -0.90 4.71
C GLU A 173 11.92 -2.38 4.85
N SER A 174 10.72 -2.69 5.31
CA SER A 174 10.32 -4.12 5.47
C SER A 174 10.12 -4.74 4.08
N MET A 175 9.68 -3.96 3.12
CA MET A 175 9.47 -4.50 1.75
C MET A 175 10.81 -4.89 1.14
N GLU A 176 11.82 -4.08 1.37
CA GLU A 176 13.17 -4.40 0.82
C GLU A 176 13.65 -5.74 1.38
N THR A 177 13.45 -5.97 2.65
CA THR A 177 13.89 -7.26 3.26
C THR A 177 13.01 -8.41 2.77
N THR A 178 11.76 -8.13 2.49
CA THR A 178 10.84 -9.21 1.99
C THR A 178 11.41 -9.79 0.69
N MET A 179 11.93 -8.94 -0.15
CA MET A 179 12.52 -9.42 -1.44
C MET A 179 13.71 -10.34 -1.16
N ARG A 180 14.48 -10.03 -0.14
CA ARG A 180 15.67 -10.87 0.18
C ARG A 180 15.24 -12.31 0.49
N ALA A 181 14.08 -12.47 1.07
CA ALA A 181 13.58 -13.83 1.42
C ALA A 181 13.22 -14.61 0.14
N SER A 182 12.26 -15.51 0.22
CA SER A 182 11.86 -16.30 -0.99
C SER A 182 13.10 -16.96 -1.63
N LYS A 183 13.96 -17.50 -0.80
CA LYS A 183 15.20 -18.16 -1.32
C LYS A 183 14.90 -19.59 -1.76
N LYS A 184 15.54 -20.05 -2.81
CA LYS A 184 15.30 -21.44 -3.31
C LYS A 184 15.91 -22.47 -2.36
N LYS A 185 17.06 -22.19 -1.82
CA LYS A 185 17.72 -23.16 -0.88
C LYS A 185 17.13 -23.00 0.53
N LYS A 186 16.67 -24.08 1.11
CA LYS A 186 16.10 -24.01 2.49
C LYS A 186 17.20 -24.22 3.53
N THR A 22 -13.12 -10.52 -12.92
CA THR A 22 -13.60 -10.87 -14.28
C THR A 22 -13.29 -9.74 -15.26
N GLY A 23 -12.22 -9.86 -16.00
CA GLY A 23 -11.85 -8.79 -16.97
C GLY A 23 -10.37 -8.44 -16.81
N ARG A 24 -9.75 -7.95 -17.85
CA ARG A 24 -8.30 -7.59 -17.77
C ARG A 24 -8.15 -6.07 -17.79
N ASP A 25 -7.28 -5.56 -16.98
CA ASP A 25 -7.04 -4.09 -16.92
C ASP A 25 -6.12 -3.65 -18.05
N LYS A 26 -6.00 -2.36 -18.26
CA LYS A 26 -5.11 -1.85 -19.34
C LYS A 26 -3.66 -2.28 -19.09
N ASN A 27 -2.88 -2.39 -20.14
CA ASN A 27 -1.45 -2.82 -19.98
C ASN A 27 -0.61 -1.74 -19.28
N GLN A 28 -0.84 -0.49 -19.62
CA GLN A 28 -0.05 0.61 -18.99
C GLN A 28 -0.72 1.10 -17.71
N VAL A 29 -0.02 1.06 -16.61
CA VAL A 29 -0.60 1.52 -15.33
C VAL A 29 -0.44 3.04 -15.20
N GLU A 30 0.72 3.54 -15.49
CA GLU A 30 0.98 5.02 -15.41
C GLU A 30 0.53 5.60 -14.06
N GLY A 31 0.77 4.89 -12.99
CA GLY A 31 0.36 5.40 -11.64
C GLY A 31 1.10 4.61 -10.55
N GLU A 32 1.16 5.16 -9.36
CA GLU A 32 1.88 4.45 -8.25
C GLU A 32 0.90 3.64 -7.39
N VAL A 33 -0.36 4.01 -7.39
CA VAL A 33 -1.36 3.25 -6.59
C VAL A 33 -2.29 2.48 -7.52
N GLN A 34 -2.31 1.18 -7.42
CA GLN A 34 -3.19 0.37 -8.32
C GLN A 34 -4.45 -0.09 -7.56
N VAL A 35 -5.60 0.21 -8.10
CA VAL A 35 -6.86 -0.24 -7.45
C VAL A 35 -7.13 -1.67 -7.90
N VAL A 36 -7.37 -2.57 -6.98
CA VAL A 36 -7.61 -3.98 -7.39
C VAL A 36 -8.60 -4.65 -6.45
N SER A 37 -8.96 -5.85 -6.78
CA SER A 37 -9.92 -6.61 -5.95
C SER A 37 -9.58 -8.08 -6.00
N THR A 38 -9.55 -8.71 -4.87
CA THR A 38 -9.24 -10.13 -4.81
C THR A 38 -10.50 -10.91 -4.50
N ALA A 39 -10.39 -12.19 -4.40
CA ALA A 39 -11.59 -13.03 -4.13
C ALA A 39 -12.31 -12.58 -2.86
N THR A 40 -11.65 -11.84 -2.00
CA THR A 40 -12.31 -11.40 -0.74
C THR A 40 -12.86 -9.96 -0.82
N GLN A 41 -12.17 -9.05 -1.48
CA GLN A 41 -12.71 -7.63 -1.54
C GLN A 41 -11.93 -6.73 -2.50
N SER A 42 -12.22 -5.45 -2.44
CA SER A 42 -11.52 -4.45 -3.30
C SER A 42 -10.75 -3.49 -2.38
N PHE A 43 -9.56 -3.08 -2.77
CA PHE A 43 -8.76 -2.18 -1.90
C PHE A 43 -7.62 -1.52 -2.69
N LEU A 44 -6.47 -1.27 -2.09
CA LEU A 44 -5.39 -0.56 -2.85
C LEU A 44 -4.02 -1.24 -2.72
N ALA A 45 -3.15 -0.93 -3.65
CA ALA A 45 -1.78 -1.51 -3.67
C ALA A 45 -0.85 -0.52 -4.38
N THR A 46 0.26 -0.17 -3.77
CA THR A 46 1.20 0.79 -4.42
C THR A 46 2.06 0.07 -5.48
N CYS A 47 3.25 0.57 -5.72
CA CYS A 47 4.16 -0.08 -6.71
C CYS A 47 5.58 0.40 -6.41
N VAL A 48 6.39 -0.45 -5.86
CA VAL A 48 7.79 -0.02 -5.51
C VAL A 48 8.83 -1.02 -6.04
N ASN A 49 9.83 -0.52 -6.72
CA ASN A 49 10.91 -1.40 -7.28
C ASN A 49 10.31 -2.53 -8.12
N GLY A 50 9.29 -2.23 -8.89
CA GLY A 50 8.65 -3.29 -9.73
C GLY A 50 7.91 -4.28 -8.84
N VAL A 51 7.49 -3.85 -7.67
CA VAL A 51 6.76 -4.78 -6.76
C VAL A 51 5.53 -4.07 -6.21
N CYS A 52 4.38 -4.54 -6.57
CA CYS A 52 3.12 -3.91 -6.07
C CYS A 52 2.90 -4.36 -4.64
N TRP A 53 2.82 -3.44 -3.72
CA TRP A 53 2.61 -3.83 -2.31
C TRP A 53 1.19 -3.47 -1.89
N THR A 54 0.48 -4.42 -1.35
CA THR A 54 -0.93 -4.17 -0.93
C THR A 54 -1.16 -4.78 0.45
N VAL A 55 -2.35 -4.67 0.97
CA VAL A 55 -2.60 -5.25 2.33
C VAL A 55 -3.05 -6.71 2.25
N TYR A 56 -2.36 -7.56 2.98
CA TYR A 56 -2.71 -9.01 3.01
C TYR A 56 -4.13 -9.18 3.55
N HIS A 57 -4.47 -8.44 4.57
CA HIS A 57 -5.86 -8.56 5.14
C HIS A 57 -6.86 -7.93 4.16
N GLY A 58 -7.11 -8.61 3.08
CA GLY A 58 -8.07 -8.09 2.06
C GLY A 58 -7.74 -8.75 0.71
N ALA A 59 -6.49 -9.04 0.47
CA ALA A 59 -6.09 -9.69 -0.82
C ALA A 59 -6.31 -11.20 -0.76
N GLY A 60 -5.52 -11.88 0.02
CA GLY A 60 -5.65 -13.37 0.12
C GLY A 60 -4.35 -14.05 -0.35
N SER A 61 -3.35 -13.28 -0.75
CA SER A 61 -2.06 -13.88 -1.21
C SER A 61 -2.29 -14.93 -2.30
N LYS A 62 -2.74 -14.52 -3.47
CA LYS A 62 -2.97 -15.51 -4.57
C LYS A 62 -3.15 -14.84 -5.93
N THR A 63 -4.18 -14.04 -6.08
CA THR A 63 -4.43 -13.38 -7.40
C THR A 63 -5.29 -12.11 -7.25
N LEU A 64 -5.21 -11.26 -8.23
CA LEU A 64 -6.01 -10.00 -8.21
C LEU A 64 -6.33 -9.62 -9.67
N ALA A 65 -6.09 -8.39 -10.06
CA ALA A 65 -6.38 -7.98 -11.46
C ALA A 65 -5.35 -6.95 -11.89
N GLY A 66 -4.25 -7.38 -12.43
CA GLY A 66 -3.19 -6.42 -12.85
C GLY A 66 -3.43 -5.98 -14.30
N PRO A 67 -2.51 -5.18 -14.80
CA PRO A 67 -2.67 -4.71 -16.20
C PRO A 67 -2.73 -5.90 -17.17
N LYS A 68 -2.25 -7.06 -16.75
CA LYS A 68 -2.29 -8.26 -17.65
C LYS A 68 -3.32 -9.28 -17.16
N GLY A 69 -4.01 -9.00 -16.08
CA GLY A 69 -5.01 -9.96 -15.56
C GLY A 69 -4.61 -10.40 -14.15
N PRO A 70 -5.10 -11.55 -13.75
CA PRO A 70 -4.75 -12.03 -12.39
C PRO A 70 -3.24 -12.21 -12.22
N ILE A 71 -2.67 -11.50 -11.29
CA ILE A 71 -1.21 -11.62 -11.03
C ILE A 71 -0.99 -12.38 -9.72
N THR A 72 0.01 -13.20 -9.69
CA THR A 72 0.29 -14.01 -8.45
C THR A 72 1.26 -13.27 -7.53
N GLN A 73 1.02 -13.35 -6.24
CA GLN A 73 1.92 -12.66 -5.27
C GLN A 73 3.34 -13.23 -5.35
N MET A 74 4.32 -12.40 -5.12
CA MET A 74 5.73 -12.87 -5.17
C MET A 74 6.25 -13.10 -3.76
N TYR A 75 5.74 -12.37 -2.80
CA TYR A 75 6.20 -12.52 -1.39
C TYR A 75 5.05 -12.17 -0.44
N THR A 76 5.23 -12.45 0.83
CA THR A 76 4.16 -12.12 1.83
C THR A 76 4.77 -11.93 3.22
N ASN A 77 4.72 -10.73 3.73
CA ASN A 77 5.26 -10.49 5.10
C ASN A 77 4.11 -10.68 6.09
N VAL A 78 3.76 -11.91 6.40
CA VAL A 78 2.62 -12.14 7.34
C VAL A 78 2.95 -11.51 8.70
N ASP A 79 4.19 -11.62 9.13
CA ASP A 79 4.57 -10.97 10.42
C ASP A 79 4.24 -9.47 10.36
N GLN A 80 4.21 -8.92 9.15
CA GLN A 80 3.88 -7.48 8.99
C GLN A 80 2.52 -7.31 8.29
N ASP A 81 1.86 -8.40 7.92
CA ASP A 81 0.54 -8.30 7.21
C ASP A 81 0.72 -7.55 5.90
N LEU A 82 1.60 -8.04 5.05
CA LEU A 82 1.85 -7.35 3.75
C LEU A 82 2.14 -8.40 2.67
N VAL A 83 1.89 -8.07 1.44
CA VAL A 83 2.16 -9.02 0.32
C VAL A 83 2.60 -8.24 -0.91
N GLY A 84 3.71 -8.60 -1.51
CA GLY A 84 4.21 -7.84 -2.69
C GLY A 84 4.18 -8.69 -3.97
N TRP A 85 3.43 -8.25 -4.94
CA TRP A 85 3.38 -8.97 -6.27
C TRP A 85 4.52 -8.45 -7.15
N GLN A 86 4.71 -9.02 -8.30
CA GLN A 86 5.79 -8.54 -9.21
C GLN A 86 5.18 -7.56 -10.22
N ALA A 87 5.17 -6.29 -9.91
CA ALA A 87 4.57 -5.27 -10.83
C ALA A 87 5.43 -5.11 -12.09
N PRO A 88 4.79 -4.69 -13.17
CA PRO A 88 5.56 -4.48 -14.42
C PRO A 88 5.97 -3.00 -14.54
N PRO A 89 6.77 -2.70 -15.53
CA PRO A 89 7.18 -1.29 -15.69
C PRO A 89 6.00 -0.43 -16.16
N GLY A 90 5.82 0.73 -15.58
CA GLY A 90 4.69 1.62 -15.99
C GLY A 90 3.87 2.01 -14.76
N ALA A 91 3.79 1.15 -13.79
CA ALA A 91 3.01 1.46 -12.55
C ALA A 91 3.85 2.31 -11.59
N ARG A 92 4.28 3.45 -12.06
CA ARG A 92 5.10 4.44 -11.26
C ARG A 92 5.88 3.79 -10.12
N SER A 93 7.12 3.45 -10.37
CA SER A 93 7.94 2.79 -9.30
C SER A 93 8.58 3.86 -8.40
N LEU A 94 8.08 3.98 -7.19
CA LEU A 94 8.64 4.99 -6.24
C LEU A 94 9.86 4.39 -5.53
N THR A 95 10.70 5.21 -4.97
CA THR A 95 11.91 4.68 -4.28
C THR A 95 11.83 4.92 -2.77
N PRO A 96 12.66 4.21 -2.03
CA PRO A 96 12.65 4.39 -0.55
C PRO A 96 13.24 5.76 -0.20
N CYS A 97 12.96 6.25 0.98
CA CYS A 97 13.50 7.58 1.37
C CYS A 97 13.36 7.83 2.88
N THR A 98 14.15 8.72 3.42
CA THR A 98 14.07 9.03 4.88
C THR A 98 14.51 10.49 5.12
N CYS A 99 13.75 11.43 4.64
CA CYS A 99 14.12 12.87 4.82
C CYS A 99 13.97 13.28 6.29
N GLY A 100 12.94 12.80 6.92
CA GLY A 100 12.70 13.16 8.35
C GLY A 100 11.47 14.09 8.44
N SER A 101 11.04 14.65 7.32
CA SER A 101 9.84 15.55 7.36
C SER A 101 8.62 14.76 7.81
N SER A 102 8.53 13.53 7.36
CA SER A 102 7.37 12.65 7.71
C SER A 102 6.04 13.24 7.23
N ASP A 103 6.08 14.20 6.34
CA ASP A 103 4.81 14.78 5.80
C ASP A 103 4.35 13.89 4.66
N LEU A 104 3.74 12.78 4.97
CA LEU A 104 3.30 11.82 3.93
C LEU A 104 1.91 12.13 3.40
N TYR A 105 1.49 11.40 2.40
CA TYR A 105 0.15 11.58 1.80
C TYR A 105 -0.36 10.21 1.37
N LEU A 106 -1.55 9.84 1.74
CA LEU A 106 -2.05 8.48 1.36
C LEU A 106 -3.13 8.56 0.28
N VAL A 107 -3.12 7.60 -0.60
CA VAL A 107 -4.13 7.56 -1.71
C VAL A 107 -5.36 6.77 -1.25
N THR A 108 -6.50 7.40 -1.24
CA THR A 108 -7.75 6.70 -0.82
C THR A 108 -8.44 6.08 -2.03
N ARG A 109 -9.53 5.39 -1.81
CA ARG A 109 -10.27 4.74 -2.95
C ARG A 109 -10.46 5.72 -4.11
N HIS A 110 -10.47 6.99 -3.83
CA HIS A 110 -10.61 8.00 -4.91
C HIS A 110 -9.23 8.52 -5.32
N ALA A 111 -8.60 9.29 -4.46
CA ALA A 111 -7.26 9.82 -4.77
C ALA A 111 -6.49 10.11 -3.48
N ASP A 112 -5.42 10.85 -3.59
CA ASP A 112 -4.59 11.22 -2.40
C ASP A 112 -5.46 11.84 -1.29
N VAL A 113 -5.59 13.15 -1.23
CA VAL A 113 -6.44 13.81 -0.18
C VAL A 113 -5.98 13.40 1.23
N ILE A 114 -6.29 14.20 2.22
CA ILE A 114 -5.90 13.89 3.63
C ILE A 114 -4.39 13.61 3.76
N PRO A 115 -3.68 14.58 4.32
CA PRO A 115 -2.23 14.37 4.52
C PRO A 115 -1.98 13.74 5.90
N VAL A 116 -0.94 12.97 6.05
CA VAL A 116 -0.67 12.32 7.37
C VAL A 116 0.78 12.52 7.78
N ARG A 117 1.02 12.79 9.05
CA ARG A 117 2.42 12.95 9.54
C ARG A 117 2.84 11.62 10.18
N ARG A 118 3.84 10.97 9.64
CA ARG A 118 4.26 9.67 10.21
C ARG A 118 4.75 9.83 11.65
N ARG A 119 4.23 9.03 12.54
CA ARG A 119 4.70 9.08 13.94
C ARG A 119 5.63 7.88 14.21
N GLY A 120 5.94 7.10 13.19
CA GLY A 120 6.84 5.93 13.37
C GLY A 120 6.79 5.08 12.11
N ASP A 121 7.54 4.01 12.06
CA ASP A 121 7.52 3.14 10.84
C ASP A 121 6.13 2.52 10.67
N SER A 122 5.41 2.37 11.75
CA SER A 122 4.05 1.75 11.67
C SER A 122 2.97 2.70 12.17
N ARG A 123 3.24 3.98 12.29
CA ARG A 123 2.19 4.90 12.80
C ARG A 123 2.21 6.22 12.03
N GLY A 124 1.05 6.73 11.72
CA GLY A 124 0.96 8.02 11.00
C GLY A 124 -0.20 8.80 11.58
N SER A 125 0.00 10.07 11.76
CA SER A 125 -1.08 10.92 12.36
C SER A 125 -1.98 11.47 11.25
N LEU A 126 -3.20 10.99 11.20
CA LEU A 126 -4.13 11.50 10.15
C LEU A 126 -4.52 12.94 10.48
N LEU A 127 -4.05 13.88 9.69
CA LEU A 127 -4.37 15.31 9.95
C LEU A 127 -5.84 15.60 9.67
N SER A 128 -6.47 14.77 8.87
CA SER A 128 -7.90 14.98 8.54
C SER A 128 -8.73 13.76 8.98
N PRO A 129 -9.09 13.74 10.24
CA PRO A 129 -9.90 12.59 10.74
C PRO A 129 -11.21 12.49 9.96
N ARG A 130 -11.62 11.30 9.63
CA ARG A 130 -12.88 11.12 8.86
C ARG A 130 -13.47 9.75 9.20
N PRO A 131 -14.73 9.56 8.86
CA PRO A 131 -15.35 8.25 9.17
C PRO A 131 -14.51 7.09 8.60
N VAL A 132 -14.15 6.16 9.44
CA VAL A 132 -13.32 5.00 8.99
C VAL A 132 -13.93 4.35 7.73
N SER A 133 -15.22 4.49 7.56
CA SER A 133 -15.90 3.90 6.36
C SER A 133 -15.26 4.48 5.09
N TYR A 134 -14.88 5.73 5.14
CA TYR A 134 -14.24 6.38 3.95
C TYR A 134 -12.87 5.74 3.71
N LEU A 135 -12.24 5.26 4.76
CA LEU A 135 -10.90 4.61 4.62
C LEU A 135 -11.06 3.16 4.17
N LYS A 136 -12.28 2.71 3.96
CA LYS A 136 -12.50 1.30 3.50
C LYS A 136 -12.04 1.19 2.06
N GLY A 137 -11.10 0.34 1.85
CA GLY A 137 -10.51 0.16 0.50
C GLY A 137 -9.24 1.00 0.40
N SER A 138 -8.99 1.86 1.36
CA SER A 138 -7.76 2.68 1.36
C SER A 138 -6.56 1.84 1.82
N SER A 139 -6.80 0.67 2.41
CA SER A 139 -5.65 -0.18 2.88
C SER A 139 -4.76 -0.58 1.71
N GLY A 140 -3.47 -0.62 1.95
CA GLY A 140 -2.53 -0.97 0.86
C GLY A 140 -2.12 0.31 0.12
N GLY A 141 -2.75 1.43 0.41
CA GLY A 141 -2.38 2.70 -0.26
C GLY A 141 -0.94 3.02 0.11
N PRO A 142 -0.42 4.13 -0.37
CA PRO A 142 0.99 4.44 -0.02
C PRO A 142 1.14 5.84 0.55
N LEU A 143 1.91 5.96 1.59
CA LEU A 143 2.17 7.28 2.22
C LEU A 143 3.46 7.83 1.63
N LEU A 144 3.34 8.67 0.64
CA LEU A 144 4.56 9.19 -0.06
C LEU A 144 5.11 10.47 0.58
N CYS A 145 6.42 10.58 0.64
CA CYS A 145 7.08 11.81 1.19
C CYS A 145 6.65 13.03 0.37
N PRO A 146 7.32 14.14 0.56
CA PRO A 146 6.95 15.34 -0.24
C PRO A 146 7.78 15.42 -1.54
N SER A 147 8.41 14.34 -1.93
CA SER A 147 9.24 14.37 -3.19
C SER A 147 8.74 13.32 -4.20
N GLY A 148 8.60 12.10 -3.77
CA GLY A 148 8.12 11.02 -4.70
C GLY A 148 8.62 9.66 -4.21
N HIS A 149 8.56 9.42 -2.93
CA HIS A 149 9.02 8.10 -2.38
C HIS A 149 7.93 7.45 -1.53
N ALA A 150 7.58 6.23 -1.83
CA ALA A 150 6.54 5.53 -1.02
C ALA A 150 7.22 4.83 0.15
N VAL A 151 7.12 5.41 1.33
CA VAL A 151 7.81 4.80 2.50
C VAL A 151 6.82 4.19 3.51
N GLY A 152 5.56 4.12 3.17
CA GLY A 152 4.57 3.54 4.14
C GLY A 152 3.31 3.07 3.41
N ILE A 153 2.82 1.89 3.72
CA ILE A 153 1.56 1.39 3.08
C ILE A 153 0.52 1.18 4.18
N PHE A 154 -0.59 1.86 4.08
CA PHE A 154 -1.65 1.77 5.14
C PHE A 154 -2.08 0.32 5.40
N ARG A 155 -2.08 -0.09 6.65
CA ARG A 155 -2.50 -1.48 6.99
C ARG A 155 -3.71 -1.47 7.95
N ALA A 156 -3.91 -0.40 8.69
CA ALA A 156 -5.06 -0.36 9.63
C ALA A 156 -5.39 1.07 10.08
N ALA A 157 -6.64 1.34 10.34
CA ALA A 157 -7.07 2.69 10.76
C ALA A 157 -7.38 2.73 12.26
N VAL A 158 -7.06 3.84 12.89
CA VAL A 158 -7.38 3.97 14.35
C VAL A 158 -8.71 4.69 14.45
N CYS A 159 -9.78 3.96 14.44
CA CYS A 159 -11.11 4.60 14.48
C CYS A 159 -11.62 4.81 15.90
N THR A 160 -11.68 6.05 16.30
CA THR A 160 -12.20 6.39 17.65
C THR A 160 -13.69 6.66 17.53
N ARG A 161 -14.51 6.00 18.30
CA ARG A 161 -16.01 6.18 18.22
C ARG A 161 -16.51 5.76 16.83
N GLY A 162 -16.21 6.54 15.80
CA GLY A 162 -16.66 6.16 14.43
C GLY A 162 -15.83 6.90 13.37
N VAL A 163 -14.62 7.31 13.70
CA VAL A 163 -13.77 8.02 12.71
C VAL A 163 -12.29 7.71 12.98
N ALA A 164 -11.50 7.61 11.96
CA ALA A 164 -10.04 7.30 12.14
C ALA A 164 -9.26 8.54 12.56
N LYS A 165 -8.58 8.46 13.68
CA LYS A 165 -7.76 9.62 14.16
C LYS A 165 -6.27 9.29 14.10
N ALA A 166 -5.93 8.21 13.45
CA ALA A 166 -4.48 7.83 13.35
C ALA A 166 -4.37 6.63 12.42
N VAL A 167 -3.32 6.57 11.65
CA VAL A 167 -3.17 5.42 10.70
C VAL A 167 -1.94 4.57 10.99
N ASP A 168 -2.12 3.27 10.91
CA ASP A 168 -0.97 2.34 11.10
C ASP A 168 -0.61 1.85 9.71
N PHE A 169 0.65 1.60 9.43
CA PHE A 169 0.99 1.18 8.04
C PHE A 169 2.27 0.35 7.98
N VAL A 170 2.45 -0.39 6.93
CA VAL A 170 3.68 -1.22 6.76
C VAL A 170 4.83 -0.33 6.25
N PRO A 171 5.96 -0.42 6.91
CA PRO A 171 7.10 0.42 6.46
C PRO A 171 7.70 -0.14 5.16
N VAL A 172 8.36 0.72 4.40
CA VAL A 172 8.99 0.25 3.12
C VAL A 172 10.21 -0.61 3.44
N GLU A 173 10.80 -0.42 4.61
CA GLU A 173 11.97 -1.25 4.99
C GLU A 173 11.54 -2.72 4.98
N SER A 174 10.29 -2.99 5.26
CA SER A 174 9.79 -4.40 5.24
C SER A 174 9.71 -4.89 3.79
N MET A 175 9.27 -4.03 2.89
CA MET A 175 9.17 -4.42 1.46
C MET A 175 10.58 -4.70 0.92
N GLU A 176 11.52 -3.89 1.32
CA GLU A 176 12.93 -4.07 0.85
C GLU A 176 13.45 -5.45 1.28
N THR A 177 13.01 -5.95 2.40
CA THR A 177 13.48 -7.29 2.87
C THR A 177 13.13 -8.36 1.83
N THR A 178 11.99 -8.27 1.20
CA THR A 178 11.61 -9.26 0.16
C THR A 178 12.65 -9.23 -0.96
N MET A 179 13.01 -8.05 -1.39
CA MET A 179 14.04 -7.94 -2.47
C MET A 179 15.36 -8.53 -1.96
N ARG A 180 15.70 -8.28 -0.71
CA ARG A 180 16.96 -8.85 -0.16
C ARG A 180 16.80 -10.35 0.06
N ALA A 181 15.60 -10.79 0.32
CA ALA A 181 15.34 -12.25 0.55
C ALA A 181 16.14 -12.77 1.74
N SER A 182 16.58 -11.89 2.61
CA SER A 182 17.38 -12.29 3.81
C SER A 182 18.66 -13.05 3.41
N LYS A 183 18.54 -14.32 3.11
CA LYS A 183 19.74 -15.12 2.73
C LYS A 183 20.04 -14.94 1.23
N LYS A 184 21.30 -14.77 0.89
CA LYS A 184 21.68 -14.59 -0.54
C LYS A 184 21.89 -15.95 -1.24
N LYS A 185 21.49 -17.03 -0.62
CA LYS A 185 21.66 -18.37 -1.26
C LYS A 185 20.73 -18.52 -2.45
N LYS A 186 19.59 -17.91 -2.37
CA LYS A 186 18.59 -17.97 -3.47
C LYS A 186 18.30 -19.42 -3.87
N THR A 22 -13.32 -7.43 -12.01
CA THR A 22 -13.76 -8.86 -12.09
C THR A 22 -13.10 -9.55 -13.29
N GLY A 23 -12.10 -10.35 -13.05
CA GLY A 23 -11.40 -11.05 -14.17
C GLY A 23 -10.38 -10.12 -14.80
N ARG A 24 -9.77 -10.54 -15.88
CA ARG A 24 -8.75 -9.69 -16.55
C ARG A 24 -9.40 -8.41 -17.07
N ASP A 25 -8.69 -7.32 -16.99
CA ASP A 25 -9.22 -6.01 -17.48
C ASP A 25 -8.08 -5.12 -17.94
N LYS A 26 -8.02 -4.86 -19.22
CA LYS A 26 -6.92 -4.00 -19.74
C LYS A 26 -7.29 -2.52 -19.59
N ASN A 27 -7.46 -2.09 -18.36
CA ASN A 27 -7.81 -0.67 -18.10
C ASN A 27 -6.53 0.18 -18.12
N GLN A 28 -6.54 1.27 -17.41
CA GLN A 28 -5.33 2.15 -17.36
C GLN A 28 -4.32 1.58 -16.38
N VAL A 29 -3.11 2.07 -16.39
CA VAL A 29 -2.08 1.54 -15.46
C VAL A 29 -2.14 2.26 -14.10
N GLU A 30 -3.23 2.94 -13.82
CA GLU A 30 -3.43 3.66 -12.50
C GLU A 30 -2.45 4.82 -12.35
N GLY A 31 -1.18 4.54 -12.33
CA GLY A 31 -0.17 5.62 -12.17
C GLY A 31 0.72 5.31 -10.97
N GLU A 32 0.41 5.86 -9.82
CA GLU A 32 1.24 5.59 -8.59
C GLU A 32 0.59 4.53 -7.70
N VAL A 33 -0.69 4.69 -7.45
CA VAL A 33 -1.42 3.70 -6.59
C VAL A 33 -2.38 2.91 -7.46
N GLN A 34 -2.22 1.61 -7.50
CA GLN A 34 -3.13 0.79 -8.36
C GLN A 34 -4.32 0.29 -7.55
N VAL A 35 -5.50 0.47 -8.07
CA VAL A 35 -6.70 -0.03 -7.37
C VAL A 35 -6.76 -1.52 -7.64
N VAL A 36 -6.91 -2.34 -6.63
CA VAL A 36 -6.91 -3.80 -6.87
C VAL A 36 -7.99 -4.48 -6.06
N SER A 37 -8.22 -5.72 -6.37
CA SER A 37 -9.24 -6.49 -5.65
C SER A 37 -8.92 -7.96 -5.81
N THR A 38 -9.18 -8.71 -4.80
CA THR A 38 -8.92 -10.17 -4.87
C THR A 38 -10.28 -10.85 -4.90
N ALA A 39 -10.30 -12.14 -4.92
CA ALA A 39 -11.60 -12.87 -4.98
C ALA A 39 -12.59 -12.44 -3.88
N THR A 40 -12.15 -11.74 -2.84
CA THR A 40 -13.11 -11.37 -1.76
C THR A 40 -13.41 -9.85 -1.66
N GLN A 41 -12.58 -8.97 -2.19
CA GLN A 41 -12.90 -7.51 -2.06
C GLN A 41 -11.99 -6.61 -2.92
N SER A 42 -12.10 -5.31 -2.72
CA SER A 42 -11.27 -4.34 -3.49
C SER A 42 -10.54 -3.41 -2.51
N PHE A 43 -9.35 -2.99 -2.85
CA PHE A 43 -8.56 -2.11 -1.93
C PHE A 43 -7.43 -1.41 -2.73
N LEU A 44 -6.25 -1.23 -2.17
CA LEU A 44 -5.17 -0.50 -2.94
C LEU A 44 -3.81 -1.18 -2.84
N ALA A 45 -2.93 -0.82 -3.77
CA ALA A 45 -1.55 -1.40 -3.79
C ALA A 45 -0.58 -0.40 -4.40
N THR A 46 0.52 -0.15 -3.74
CA THR A 46 1.53 0.82 -4.28
C THR A 46 2.69 0.09 -4.95
N CYS A 47 2.96 0.43 -6.20
CA CYS A 47 4.10 -0.21 -6.91
C CYS A 47 5.42 0.35 -6.36
N VAL A 48 6.26 -0.50 -5.82
CA VAL A 48 7.57 0.01 -5.27
C VAL A 48 8.68 -1.02 -5.50
N ASN A 49 9.82 -0.56 -5.94
CA ASN A 49 10.97 -1.48 -6.21
C ASN A 49 10.56 -2.63 -7.14
N GLY A 50 9.76 -2.33 -8.12
CA GLY A 50 9.32 -3.39 -9.07
C GLY A 50 8.41 -4.41 -8.38
N VAL A 51 7.78 -4.02 -7.30
CA VAL A 51 6.87 -4.96 -6.57
C VAL A 51 5.63 -4.23 -6.09
N CYS A 52 4.48 -4.67 -6.53
CA CYS A 52 3.21 -4.03 -6.09
C CYS A 52 2.92 -4.44 -4.66
N TRP A 53 2.83 -3.49 -3.76
CA TRP A 53 2.57 -3.84 -2.34
C TRP A 53 1.14 -3.47 -1.97
N THR A 54 0.41 -4.41 -1.46
CA THR A 54 -1.00 -4.16 -1.06
C THR A 54 -1.24 -4.73 0.32
N VAL A 55 -2.44 -4.66 0.81
CA VAL A 55 -2.68 -5.19 2.20
C VAL A 55 -3.00 -6.68 2.22
N TYR A 56 -2.27 -7.43 3.02
CA TYR A 56 -2.53 -8.88 3.15
C TYR A 56 -3.95 -9.11 3.70
N HIS A 57 -4.37 -8.29 4.64
CA HIS A 57 -5.75 -8.47 5.19
C HIS A 57 -6.77 -8.00 4.15
N GLY A 58 -6.87 -8.74 3.09
CA GLY A 58 -7.81 -8.39 1.99
C GLY A 58 -7.41 -9.16 0.74
N ALA A 59 -6.21 -8.96 0.27
CA ALA A 59 -5.74 -9.68 -0.96
C ALA A 59 -5.52 -11.16 -0.68
N GLY A 60 -4.97 -11.49 0.46
CA GLY A 60 -4.69 -12.92 0.78
C GLY A 60 -3.28 -13.24 0.32
N SER A 61 -3.13 -13.97 -0.76
CA SER A 61 -1.76 -14.30 -1.27
C SER A 61 -1.82 -15.07 -2.60
N LYS A 62 -2.45 -14.51 -3.61
CA LYS A 62 -2.52 -15.24 -4.92
C LYS A 62 -3.00 -14.32 -6.08
N THR A 63 -4.24 -14.42 -6.50
CA THR A 63 -4.74 -13.58 -7.64
C THR A 63 -5.19 -12.21 -7.17
N LEU A 64 -4.43 -11.21 -7.50
CA LEU A 64 -4.76 -9.81 -7.12
C LEU A 64 -5.51 -9.11 -8.26
N ALA A 65 -5.51 -9.70 -9.43
CA ALA A 65 -6.21 -9.10 -10.61
C ALA A 65 -5.57 -7.76 -10.97
N GLY A 66 -4.80 -7.73 -12.03
CA GLY A 66 -4.14 -6.46 -12.44
C GLY A 66 -4.58 -6.08 -13.86
N PRO A 67 -4.08 -4.98 -14.34
CA PRO A 67 -4.47 -4.56 -15.71
C PRO A 67 -4.04 -5.61 -16.74
N LYS A 68 -3.13 -6.48 -16.37
CA LYS A 68 -2.67 -7.54 -17.33
C LYS A 68 -3.39 -8.87 -17.07
N GLY A 69 -4.29 -8.91 -16.12
CA GLY A 69 -5.01 -10.18 -15.82
C GLY A 69 -4.75 -10.57 -14.37
N PRO A 70 -5.12 -11.79 -14.03
CA PRO A 70 -4.89 -12.23 -12.63
C PRO A 70 -3.39 -12.30 -12.34
N ILE A 71 -2.92 -11.49 -11.42
CA ILE A 71 -1.48 -11.49 -11.08
C ILE A 71 -1.25 -12.35 -9.83
N THR A 72 -0.18 -13.11 -9.83
CA THR A 72 0.14 -14.00 -8.67
C THR A 72 1.11 -13.31 -7.72
N GLN A 73 0.92 -13.46 -6.44
CA GLN A 73 1.83 -12.80 -5.46
C GLN A 73 3.23 -13.39 -5.54
N MET A 74 4.23 -12.61 -5.25
CA MET A 74 5.63 -13.12 -5.30
C MET A 74 6.14 -13.38 -3.88
N TYR A 75 5.61 -12.67 -2.91
CA TYR A 75 6.07 -12.86 -1.50
C TYR A 75 4.95 -12.42 -0.55
N THR A 76 5.11 -12.69 0.73
CA THR A 76 4.06 -12.31 1.72
C THR A 76 4.69 -12.11 3.10
N ASN A 77 4.64 -10.92 3.63
CA ASN A 77 5.20 -10.69 4.99
C ASN A 77 4.06 -10.79 6.00
N VAL A 78 3.64 -12.00 6.29
CA VAL A 78 2.52 -12.19 7.26
C VAL A 78 2.92 -11.60 8.61
N ASP A 79 4.19 -11.67 8.94
CA ASP A 79 4.66 -11.09 10.23
C ASP A 79 4.19 -9.64 10.33
N GLN A 80 3.98 -8.99 9.21
CA GLN A 80 3.48 -7.58 9.24
C GLN A 80 2.22 -7.41 8.38
N ASP A 81 1.65 -8.49 7.88
CA ASP A 81 0.41 -8.40 7.03
C ASP A 81 0.69 -7.61 5.76
N LEU A 82 1.58 -8.09 4.94
CA LEU A 82 1.89 -7.40 3.65
C LEU A 82 2.18 -8.44 2.57
N VAL A 83 1.93 -8.11 1.33
CA VAL A 83 2.19 -9.07 0.23
C VAL A 83 2.65 -8.31 -1.02
N GLY A 84 3.70 -8.77 -1.65
CA GLY A 84 4.18 -8.04 -2.87
C GLY A 84 4.10 -8.92 -4.13
N TRP A 85 3.37 -8.46 -5.11
CA TRP A 85 3.24 -9.19 -6.43
C TRP A 85 4.36 -8.75 -7.37
N GLN A 86 4.28 -9.14 -8.62
CA GLN A 86 5.31 -8.71 -9.61
C GLN A 86 4.79 -7.46 -10.33
N ALA A 87 5.36 -6.32 -10.03
CA ALA A 87 4.88 -5.04 -10.64
C ALA A 87 5.20 -4.94 -12.14
N PRO A 88 4.34 -4.25 -12.88
CA PRO A 88 4.62 -4.08 -14.33
C PRO A 88 4.77 -2.58 -14.64
N PRO A 89 5.11 -2.27 -15.87
CA PRO A 89 5.26 -0.83 -16.22
C PRO A 89 3.89 -0.13 -16.27
N GLY A 90 3.87 1.15 -16.03
CA GLY A 90 2.58 1.92 -16.06
C GLY A 90 2.14 2.24 -14.63
N ALA A 91 2.38 1.33 -13.74
CA ALA A 91 2.00 1.53 -12.30
C ALA A 91 3.04 2.36 -11.52
N ARG A 92 3.93 3.03 -12.22
CA ARG A 92 4.98 3.91 -11.60
C ARG A 92 5.53 3.36 -10.28
N SER A 93 6.70 2.76 -10.33
CA SER A 93 7.30 2.23 -9.07
C SER A 93 7.95 3.39 -8.31
N LEU A 94 7.56 3.56 -7.08
CA LEU A 94 8.12 4.68 -6.26
C LEU A 94 9.44 4.25 -5.61
N THR A 95 10.12 5.17 -4.97
CA THR A 95 11.42 4.82 -4.32
C THR A 95 11.23 4.47 -2.83
N PRO A 96 12.34 4.38 -2.10
CA PRO A 96 12.22 4.10 -0.66
C PRO A 96 13.13 5.07 0.13
N CYS A 97 12.58 5.79 1.06
CA CYS A 97 13.41 6.77 1.85
C CYS A 97 12.71 7.11 3.17
N THR A 98 13.45 7.65 4.11
CA THR A 98 12.85 8.06 5.41
C THR A 98 12.96 9.57 5.54
N CYS A 99 11.84 10.25 5.67
CA CYS A 99 11.88 11.73 5.78
C CYS A 99 11.60 12.19 7.22
N GLY A 100 12.45 13.06 7.73
CA GLY A 100 12.28 13.55 9.13
C GLY A 100 10.95 14.29 9.27
N SER A 101 10.56 15.04 8.27
CA SER A 101 9.27 15.80 8.35
C SER A 101 8.11 14.84 8.53
N SER A 102 8.17 13.70 7.88
CA SER A 102 7.09 12.68 7.98
C SER A 102 5.74 13.27 7.53
N ASP A 103 5.77 14.32 6.76
CA ASP A 103 4.49 14.90 6.25
C ASP A 103 4.09 14.09 5.02
N LEU A 104 3.68 12.88 5.24
CA LEU A 104 3.30 11.97 4.12
C LEU A 104 1.91 12.27 3.58
N TYR A 105 1.54 11.60 2.51
CA TYR A 105 0.18 11.79 1.92
C TYR A 105 -0.34 10.43 1.47
N LEU A 106 -1.51 10.05 1.90
CA LEU A 106 -2.05 8.71 1.52
C LEU A 106 -3.21 8.85 0.53
N VAL A 107 -3.12 8.14 -0.56
CA VAL A 107 -4.22 8.16 -1.59
C VAL A 107 -5.40 7.32 -1.07
N THR A 108 -6.60 7.84 -1.20
CA THR A 108 -7.79 7.08 -0.72
C THR A 108 -8.26 6.09 -1.78
N ARG A 109 -9.25 5.29 -1.44
CA ARG A 109 -9.81 4.25 -2.38
C ARG A 109 -9.76 4.66 -3.85
N HIS A 110 -9.91 5.92 -4.15
CA HIS A 110 -9.83 6.36 -5.58
C HIS A 110 -8.59 7.23 -5.83
N ALA A 111 -8.51 8.40 -5.24
CA ALA A 111 -7.32 9.28 -5.49
C ALA A 111 -7.08 10.32 -4.38
N ASP A 112 -8.14 10.85 -3.79
CA ASP A 112 -7.98 11.91 -2.73
C ASP A 112 -6.85 11.58 -1.75
N VAL A 113 -5.84 12.41 -1.73
CA VAL A 113 -4.69 12.17 -0.82
C VAL A 113 -4.96 12.73 0.58
N ILE A 114 -4.62 11.99 1.60
CA ILE A 114 -4.86 12.47 2.99
C ILE A 114 -3.51 12.70 3.69
N PRO A 115 -3.19 13.95 3.94
CA PRO A 115 -1.89 14.24 4.60
C PRO A 115 -1.85 13.63 6.00
N VAL A 116 -0.92 12.75 6.25
CA VAL A 116 -0.82 12.11 7.60
C VAL A 116 0.63 12.25 8.11
N ARG A 117 0.80 12.64 9.35
CA ARG A 117 2.20 12.79 9.89
C ARG A 117 2.65 11.45 10.45
N ARG A 118 3.69 10.88 9.91
CA ARG A 118 4.16 9.56 10.42
C ARG A 118 4.57 9.67 11.88
N ARG A 119 3.96 8.89 12.74
CA ARG A 119 4.33 8.90 14.18
C ARG A 119 5.31 7.75 14.48
N GLY A 120 5.63 6.97 13.48
CA GLY A 120 6.58 5.83 13.67
C GLY A 120 6.68 5.07 12.36
N ASP A 121 7.51 4.07 12.29
CA ASP A 121 7.65 3.28 11.03
C ASP A 121 6.32 2.62 10.66
N SER A 122 5.47 2.39 11.63
CA SER A 122 4.16 1.73 11.35
C SER A 122 2.98 2.57 11.82
N ARG A 123 3.16 3.85 12.08
CA ARG A 123 2.02 4.67 12.55
C ARG A 123 2.04 6.06 11.95
N GLY A 124 0.89 6.58 11.61
CA GLY A 124 0.81 7.94 11.04
C GLY A 124 -0.38 8.66 11.66
N SER A 125 -0.24 9.93 11.90
CA SER A 125 -1.36 10.69 12.52
C SER A 125 -2.26 11.24 11.43
N LEU A 126 -3.46 10.73 11.33
CA LEU A 126 -4.39 11.21 10.27
C LEU A 126 -4.81 12.64 10.62
N LEU A 127 -4.36 13.59 9.87
CA LEU A 127 -4.71 15.02 10.14
C LEU A 127 -6.19 15.27 9.83
N SER A 128 -6.75 14.48 8.96
CA SER A 128 -8.19 14.66 8.61
C SER A 128 -9.02 13.53 9.22
N PRO A 129 -9.70 13.84 10.30
CA PRO A 129 -10.55 12.80 10.93
C PRO A 129 -11.84 12.63 10.13
N ARG A 130 -12.19 11.42 9.81
CA ARG A 130 -13.42 11.17 9.03
C ARG A 130 -13.95 9.78 9.37
N PRO A 131 -15.21 9.54 9.03
CA PRO A 131 -15.77 8.18 9.34
C PRO A 131 -14.89 7.09 8.72
N VAL A 132 -14.51 6.13 9.52
CA VAL A 132 -13.64 5.02 9.02
C VAL A 132 -14.22 4.39 7.74
N SER A 133 -15.52 4.49 7.56
CA SER A 133 -16.16 3.91 6.34
C SER A 133 -15.52 4.53 5.09
N TYR A 134 -15.09 5.76 5.19
CA TYR A 134 -14.44 6.44 4.04
C TYR A 134 -13.06 5.81 3.79
N LEU A 135 -12.44 5.28 4.81
CA LEU A 135 -11.10 4.64 4.64
C LEU A 135 -11.24 3.19 4.16
N LYS A 136 -12.44 2.72 3.93
CA LYS A 136 -12.64 1.34 3.44
C LYS A 136 -12.05 1.23 2.05
N GLY A 137 -10.94 0.56 1.94
CA GLY A 137 -10.25 0.43 0.62
C GLY A 137 -9.09 1.43 0.57
N SER A 138 -9.00 2.32 1.53
CA SER A 138 -7.86 3.27 1.57
C SER A 138 -6.59 2.50 1.98
N SER A 139 -6.75 1.32 2.54
CA SER A 139 -5.57 0.51 2.97
C SER A 139 -4.84 -0.02 1.74
N GLY A 140 -3.56 -0.22 1.88
CA GLY A 140 -2.76 -0.72 0.72
C GLY A 140 -2.23 0.47 -0.10
N GLY A 141 -2.70 1.67 0.19
CA GLY A 141 -2.23 2.86 -0.57
C GLY A 141 -0.81 3.19 -0.15
N PRO A 142 -0.38 4.41 -0.39
CA PRO A 142 1.01 4.75 0.02
C PRO A 142 1.10 6.14 0.64
N LEU A 143 1.85 6.27 1.70
CA LEU A 143 2.05 7.58 2.37
C LEU A 143 3.35 8.16 1.81
N LEU A 144 3.24 9.00 0.82
CA LEU A 144 4.46 9.57 0.17
C LEU A 144 4.98 10.83 0.86
N CYS A 145 6.27 10.88 1.09
CA CYS A 145 6.90 12.07 1.69
C CYS A 145 7.14 13.09 0.54
N PRO A 146 7.84 14.18 0.83
CA PRO A 146 8.04 15.17 -0.26
C PRO A 146 9.25 14.83 -1.15
N SER A 147 9.69 13.58 -1.17
CA SER A 147 10.85 13.21 -2.02
C SER A 147 10.40 12.51 -3.32
N GLY A 148 9.18 12.03 -3.36
CA GLY A 148 8.68 11.35 -4.59
C GLY A 148 8.78 9.83 -4.40
N HIS A 149 8.45 9.35 -3.23
CA HIS A 149 8.53 7.89 -2.99
C HIS A 149 7.48 7.45 -1.95
N ALA A 150 7.23 6.16 -1.85
CA ALA A 150 6.23 5.64 -0.86
C ALA A 150 6.94 5.29 0.43
N VAL A 151 6.56 5.92 1.51
CA VAL A 151 7.22 5.65 2.82
C VAL A 151 6.39 4.70 3.68
N GLY A 152 5.12 4.57 3.38
CA GLY A 152 4.26 3.69 4.23
C GLY A 152 2.98 3.26 3.48
N ILE A 153 2.56 2.02 3.64
CA ILE A 153 1.28 1.58 3.00
C ILE A 153 0.24 1.44 4.11
N PHE A 154 -0.84 2.19 4.05
CA PHE A 154 -1.88 2.13 5.11
C PHE A 154 -2.36 0.70 5.35
N ARG A 155 -2.32 0.27 6.59
CA ARG A 155 -2.75 -1.11 6.95
C ARG A 155 -3.99 -1.12 7.86
N ALA A 156 -4.19 -0.11 8.66
CA ALA A 156 -5.37 -0.12 9.58
C ALA A 156 -5.74 1.28 10.08
N ALA A 157 -7.02 1.54 10.17
CA ALA A 157 -7.52 2.87 10.63
C ALA A 157 -7.90 2.84 12.11
N VAL A 158 -7.48 3.84 12.85
CA VAL A 158 -7.86 3.90 14.30
C VAL A 158 -9.15 4.69 14.39
N CYS A 159 -10.26 3.99 14.37
CA CYS A 159 -11.58 4.69 14.40
C CYS A 159 -12.08 4.91 15.82
N THR A 160 -12.08 6.14 16.24
CA THR A 160 -12.57 6.49 17.60
C THR A 160 -14.03 6.97 17.52
N ARG A 161 -14.92 6.31 18.22
CA ARG A 161 -16.36 6.71 18.20
C ARG A 161 -16.94 6.64 16.77
N GLY A 162 -16.31 5.90 15.89
CA GLY A 162 -16.84 5.75 14.51
C GLY A 162 -16.09 6.63 13.49
N VAL A 163 -14.95 7.16 13.85
CA VAL A 163 -14.18 7.99 12.87
C VAL A 163 -12.69 7.77 13.09
N ALA A 164 -11.94 7.70 12.03
CA ALA A 164 -10.46 7.44 12.14
C ALA A 164 -9.71 8.70 12.58
N LYS A 165 -8.89 8.54 13.58
CA LYS A 165 -8.08 9.69 14.08
C LYS A 165 -6.61 9.28 14.15
N ALA A 166 -6.26 8.19 13.51
CA ALA A 166 -4.85 7.73 13.51
C ALA A 166 -4.73 6.56 12.54
N VAL A 167 -3.59 6.38 11.94
CA VAL A 167 -3.44 5.26 10.95
C VAL A 167 -2.17 4.45 11.17
N ASP A 168 -2.31 3.15 11.10
CA ASP A 168 -1.11 2.26 11.22
C ASP A 168 -0.77 1.81 9.81
N PHE A 169 0.47 1.55 9.48
CA PHE A 169 0.77 1.16 8.08
C PHE A 169 2.05 0.32 7.95
N VAL A 170 2.22 -0.32 6.82
CA VAL A 170 3.44 -1.16 6.58
C VAL A 170 4.60 -0.27 6.07
N PRO A 171 5.79 -0.52 6.59
CA PRO A 171 6.95 0.31 6.14
C PRO A 171 7.53 -0.20 4.81
N VAL A 172 8.00 0.72 3.99
CA VAL A 172 8.61 0.34 2.69
C VAL A 172 9.94 -0.36 2.91
N GLU A 173 10.60 -0.06 4.01
CA GLU A 173 11.89 -0.74 4.31
C GLU A 173 11.65 -2.25 4.36
N SER A 174 10.46 -2.65 4.75
CA SER A 174 10.13 -4.10 4.80
C SER A 174 9.95 -4.66 3.38
N MET A 175 9.65 -3.81 2.42
CA MET A 175 9.48 -4.31 1.01
C MET A 175 10.84 -4.74 0.49
N GLU A 176 11.85 -3.99 0.81
CA GLU A 176 13.23 -4.32 0.33
C GLU A 176 13.67 -5.70 0.83
N THR A 177 13.33 -6.04 2.05
CA THR A 177 13.76 -7.36 2.60
C THR A 177 13.20 -8.50 1.75
N THR A 178 12.07 -8.30 1.12
CA THR A 178 11.50 -9.39 0.25
C THR A 178 12.47 -9.67 -0.88
N MET A 179 12.85 -8.65 -1.59
CA MET A 179 13.81 -8.84 -2.71
C MET A 179 15.19 -9.20 -2.16
N ARG A 180 15.54 -8.68 -1.00
CA ARG A 180 16.88 -9.00 -0.39
C ARG A 180 16.87 -10.36 0.31
N ALA A 181 15.72 -10.91 0.58
CA ALA A 181 15.66 -12.23 1.28
C ALA A 181 14.25 -12.81 1.23
N SER A 182 14.10 -14.08 1.54
CA SER A 182 12.75 -14.71 1.51
C SER A 182 12.82 -16.09 2.17
N LYS A 183 13.65 -16.25 3.16
CA LYS A 183 13.77 -17.57 3.86
C LYS A 183 12.78 -17.64 5.05
N LYS A 184 11.91 -16.66 5.20
CA LYS A 184 10.93 -16.66 6.33
C LYS A 184 11.65 -16.87 7.67
N LYS A 185 12.85 -16.36 7.78
CA LYS A 185 13.62 -16.51 9.05
C LYS A 185 13.16 -15.47 10.08
N LYS A 186 13.44 -15.72 11.34
CA LYS A 186 13.03 -14.77 12.42
C LYS A 186 11.56 -14.35 12.28
N THR A 22 -12.94 -1.22 -10.28
CA THR A 22 -13.79 -2.44 -10.07
C THR A 22 -12.90 -3.63 -9.66
N GLY A 23 -11.78 -3.79 -10.31
CA GLY A 23 -10.87 -4.92 -9.97
C GLY A 23 -9.79 -5.06 -11.04
N ARG A 24 -10.11 -5.71 -12.13
CA ARG A 24 -9.11 -5.88 -13.22
C ARG A 24 -8.70 -4.52 -13.78
N ASP A 25 -7.44 -4.34 -14.06
CA ASP A 25 -6.96 -3.04 -14.63
C ASP A 25 -7.27 -2.98 -16.11
N LYS A 26 -7.29 -1.79 -16.67
CA LYS A 26 -7.62 -1.66 -18.12
C LYS A 26 -6.34 -1.56 -18.97
N ASN A 27 -6.08 -2.56 -19.77
CA ASN A 27 -4.89 -2.58 -20.67
C ASN A 27 -3.60 -2.20 -19.95
N GLN A 28 -3.31 -0.93 -19.81
CA GLN A 28 -2.05 -0.50 -19.13
C GLN A 28 -2.32 0.06 -17.74
N VAL A 29 -1.34 0.05 -16.89
CA VAL A 29 -1.52 0.57 -15.51
C VAL A 29 -1.41 2.10 -15.52
N GLU A 30 -0.26 2.61 -15.89
CA GLU A 30 -0.05 4.09 -15.96
C GLU A 30 -0.50 4.79 -14.68
N GLY A 31 -0.23 4.21 -13.54
CA GLY A 31 -0.65 4.85 -12.26
C GLY A 31 0.27 4.45 -11.10
N GLU A 32 0.50 5.36 -10.19
CA GLU A 32 1.37 5.06 -9.02
C GLU A 32 0.69 4.07 -8.07
N VAL A 33 -0.58 4.23 -7.88
CA VAL A 33 -1.33 3.29 -6.97
C VAL A 33 -2.29 2.44 -7.81
N GLN A 34 -2.11 1.15 -7.77
CA GLN A 34 -3.00 0.25 -8.56
C GLN A 34 -4.14 -0.27 -7.70
N VAL A 35 -5.35 -0.21 -8.21
CA VAL A 35 -6.52 -0.71 -7.45
C VAL A 35 -6.58 -2.22 -7.59
N VAL A 36 -6.88 -2.92 -6.52
CA VAL A 36 -6.93 -4.41 -6.59
C VAL A 36 -8.11 -4.92 -5.75
N SER A 37 -8.37 -6.19 -5.86
CA SER A 37 -9.50 -6.80 -5.12
C SER A 37 -9.20 -8.28 -4.89
N THR A 38 -9.74 -8.84 -3.85
CA THR A 38 -9.50 -10.29 -3.60
C THR A 38 -10.81 -11.04 -3.67
N ALA A 39 -11.27 -11.23 -4.86
CA ALA A 39 -12.55 -11.98 -5.13
C ALA A 39 -13.80 -11.29 -4.53
N THR A 40 -13.79 -10.89 -3.27
CA THR A 40 -15.03 -10.28 -2.69
C THR A 40 -14.85 -8.85 -2.18
N GLN A 41 -13.75 -8.18 -2.47
CA GLN A 41 -13.60 -6.77 -1.95
C GLN A 41 -12.54 -6.00 -2.76
N SER A 42 -12.47 -4.71 -2.54
CA SER A 42 -11.48 -3.87 -3.27
C SER A 42 -10.68 -3.01 -2.27
N PHE A 43 -9.46 -2.68 -2.64
CA PHE A 43 -8.59 -1.87 -1.74
C PHE A 43 -7.48 -1.21 -2.57
N LEU A 44 -6.28 -1.04 -2.06
CA LEU A 44 -5.22 -0.34 -2.87
C LEU A 44 -3.85 -1.03 -2.85
N ALA A 45 -3.00 -0.63 -3.77
CA ALA A 45 -1.64 -1.21 -3.86
C ALA A 45 -0.66 -0.19 -4.47
N THR A 46 0.44 0.07 -3.80
CA THR A 46 1.43 1.06 -4.34
C THR A 46 2.66 0.37 -4.92
N CYS A 47 2.99 0.68 -6.14
CA CYS A 47 4.20 0.08 -6.78
C CYS A 47 5.46 0.72 -6.18
N VAL A 48 6.33 -0.08 -5.61
CA VAL A 48 7.58 0.51 -5.00
C VAL A 48 8.82 -0.28 -5.44
N ASN A 49 9.83 0.42 -5.92
CA ASN A 49 11.09 -0.26 -6.37
C ASN A 49 10.78 -1.35 -7.40
N GLY A 50 9.86 -1.08 -8.29
CA GLY A 50 9.51 -2.11 -9.32
C GLY A 50 8.79 -3.28 -8.64
N VAL A 51 8.17 -3.04 -7.52
CA VAL A 51 7.45 -4.13 -6.80
C VAL A 51 6.10 -3.62 -6.33
N CYS A 52 5.04 -4.27 -6.74
CA CYS A 52 3.68 -3.82 -6.32
C CYS A 52 3.45 -4.20 -4.86
N TRP A 53 2.84 -3.34 -4.09
CA TRP A 53 2.61 -3.65 -2.66
C TRP A 53 1.20 -3.27 -2.24
N THR A 54 0.49 -4.16 -1.61
CA THR A 54 -0.88 -3.88 -1.14
C THR A 54 -1.06 -4.49 0.25
N VAL A 55 -2.25 -4.44 0.79
CA VAL A 55 -2.42 -5.03 2.18
C VAL A 55 -2.75 -6.52 2.13
N TYR A 56 -2.06 -7.31 2.92
CA TYR A 56 -2.33 -8.78 2.98
C TYR A 56 -3.76 -9.01 3.43
N HIS A 57 -4.22 -8.25 4.40
CA HIS A 57 -5.64 -8.43 4.86
C HIS A 57 -6.60 -7.93 3.78
N GLY A 58 -6.10 -7.20 2.81
CA GLY A 58 -6.97 -6.72 1.70
C GLY A 58 -6.81 -7.70 0.53
N ALA A 59 -5.59 -8.13 0.26
CA ALA A 59 -5.34 -9.08 -0.86
C ALA A 59 -5.55 -10.52 -0.37
N GLY A 60 -4.65 -11.02 0.43
CA GLY A 60 -4.78 -12.42 0.94
C GLY A 60 -4.76 -13.39 -0.24
N SER A 61 -4.47 -14.64 0.03
CA SER A 61 -4.43 -15.68 -1.05
C SER A 61 -3.42 -15.32 -2.16
N LYS A 62 -2.47 -14.42 -1.87
CA LYS A 62 -1.41 -14.02 -2.86
C LYS A 62 -1.98 -13.37 -4.12
N THR A 63 -2.81 -14.08 -4.82
CA THR A 63 -3.41 -13.55 -6.08
C THR A 63 -4.45 -12.46 -5.80
N LEU A 64 -4.72 -11.65 -6.78
CA LEU A 64 -5.71 -10.55 -6.64
C LEU A 64 -6.43 -10.33 -7.99
N ALA A 65 -6.37 -9.16 -8.57
CA ALA A 65 -7.05 -8.92 -9.87
C ALA A 65 -6.29 -7.85 -10.66
N GLY A 66 -5.29 -8.24 -11.41
CA GLY A 66 -4.51 -7.25 -12.20
C GLY A 66 -5.09 -7.13 -13.61
N PRO A 67 -4.45 -6.33 -14.43
CA PRO A 67 -4.96 -6.19 -15.83
C PRO A 67 -5.05 -7.56 -16.52
N LYS A 68 -4.29 -8.52 -16.05
CA LYS A 68 -4.34 -9.88 -16.67
C LYS A 68 -5.20 -10.83 -15.83
N GLY A 69 -5.75 -10.36 -14.73
CA GLY A 69 -6.58 -11.25 -13.87
C GLY A 69 -5.84 -11.51 -12.57
N PRO A 70 -6.07 -12.67 -12.01
CA PRO A 70 -5.37 -12.99 -10.72
C PRO A 70 -3.86 -13.06 -10.91
N ILE A 71 -3.15 -12.19 -10.25
CA ILE A 71 -1.65 -12.17 -10.38
C ILE A 71 -0.96 -12.57 -9.07
N THR A 72 -0.05 -13.48 -9.18
CA THR A 72 0.77 -13.94 -8.02
C THR A 72 2.23 -13.91 -8.48
N GLN A 73 3.10 -13.19 -7.80
CA GLN A 73 4.50 -13.10 -8.32
C GLN A 73 5.60 -13.20 -7.27
N MET A 74 5.64 -12.32 -6.33
CA MET A 74 6.77 -12.35 -5.35
C MET A 74 6.46 -13.16 -4.10
N TYR A 75 5.52 -12.71 -3.28
CA TYR A 75 5.25 -13.45 -1.98
C TYR A 75 4.22 -12.72 -1.10
N THR A 76 4.07 -13.20 0.10
CA THR A 76 3.12 -12.59 1.07
C THR A 76 3.81 -12.59 2.44
N ASN A 77 4.05 -11.43 2.99
CA ASN A 77 4.73 -11.37 4.32
C ASN A 77 3.68 -11.29 5.42
N VAL A 78 3.13 -12.41 5.82
CA VAL A 78 2.10 -12.40 6.90
C VAL A 78 2.71 -11.84 8.18
N ASP A 79 3.94 -12.20 8.48
CA ASP A 79 4.61 -11.66 9.70
C ASP A 79 4.54 -10.12 9.66
N GLN A 80 4.48 -9.56 8.48
CA GLN A 80 4.38 -8.07 8.35
C GLN A 80 3.00 -7.65 7.82
N ASP A 81 2.13 -8.60 7.51
CA ASP A 81 0.78 -8.27 6.96
C ASP A 81 0.97 -7.50 5.65
N LEU A 82 1.70 -8.08 4.74
CA LEU A 82 1.97 -7.39 3.44
C LEU A 82 2.07 -8.42 2.31
N VAL A 83 1.83 -8.00 1.10
CA VAL A 83 1.91 -8.94 -0.04
C VAL A 83 2.45 -8.18 -1.26
N GLY A 84 3.34 -8.78 -2.02
CA GLY A 84 3.91 -8.04 -3.18
C GLY A 84 3.99 -8.88 -4.46
N TRP A 85 4.14 -8.17 -5.55
CA TRP A 85 4.26 -8.81 -6.91
C TRP A 85 5.15 -7.93 -7.79
N GLN A 86 5.53 -8.42 -8.94
CA GLN A 86 6.38 -7.60 -9.85
C GLN A 86 5.48 -6.71 -10.71
N ALA A 87 5.57 -5.42 -10.55
CA ALA A 87 4.72 -4.48 -11.34
C ALA A 87 5.06 -4.56 -12.84
N PRO A 88 4.03 -4.63 -13.65
CA PRO A 88 4.29 -4.70 -15.12
C PRO A 88 4.71 -3.33 -15.65
N PRO A 89 5.37 -3.33 -16.79
CA PRO A 89 5.80 -2.02 -17.36
C PRO A 89 4.57 -1.22 -17.81
N GLY A 90 4.61 0.07 -17.68
CA GLY A 90 3.45 0.91 -18.09
C GLY A 90 2.93 1.73 -16.91
N ALA A 91 3.16 1.27 -15.71
CA ALA A 91 2.70 2.01 -14.51
C ALA A 91 3.79 2.99 -14.09
N ARG A 92 3.85 3.32 -12.82
CA ARG A 92 4.88 4.27 -12.34
C ARG A 92 5.20 3.99 -10.87
N SER A 93 6.35 3.42 -10.59
CA SER A 93 6.72 3.11 -9.18
C SER A 93 7.34 4.34 -8.51
N LEU A 94 7.44 4.33 -7.20
CA LEU A 94 8.02 5.50 -6.46
C LEU A 94 9.23 5.03 -5.66
N THR A 95 10.06 5.95 -5.22
CA THR A 95 11.26 5.55 -4.43
C THR A 95 11.01 5.81 -2.93
N PRO A 96 11.55 4.95 -2.10
CA PRO A 96 11.35 5.14 -0.64
C PRO A 96 12.55 5.83 0.00
N CYS A 97 12.32 6.80 0.84
CA CYS A 97 13.44 7.54 1.51
C CYS A 97 13.02 8.06 2.88
N THR A 98 13.93 8.12 3.82
CA THR A 98 13.59 8.60 5.19
C THR A 98 13.26 10.10 5.20
N CYS A 99 13.98 10.89 4.45
CA CYS A 99 13.74 12.38 4.41
C CYS A 99 13.81 12.98 5.82
N GLY A 100 13.76 14.28 5.90
CA GLY A 100 13.80 14.96 7.22
C GLY A 100 12.40 15.46 7.61
N SER A 101 11.40 15.17 6.80
CA SER A 101 10.02 15.62 7.12
C SER A 101 9.04 14.45 7.03
N SER A 102 8.13 14.34 7.98
CA SER A 102 7.15 13.22 7.95
C SER A 102 5.78 13.71 7.47
N ASP A 103 5.73 14.85 6.82
CA ASP A 103 4.42 15.37 6.32
C ASP A 103 3.98 14.53 5.12
N LEU A 104 3.66 13.28 5.38
CA LEU A 104 3.23 12.37 4.28
C LEU A 104 1.76 12.59 3.97
N TYR A 105 1.24 11.94 2.96
CA TYR A 105 -0.19 12.08 2.62
C TYR A 105 -0.65 10.82 1.90
N LEU A 106 -1.82 10.35 2.22
CA LEU A 106 -2.33 9.08 1.61
C LEU A 106 -3.53 9.34 0.70
N VAL A 107 -3.71 8.47 -0.26
CA VAL A 107 -4.85 8.61 -1.21
C VAL A 107 -5.85 7.47 -0.94
N THR A 108 -7.13 7.77 -0.93
CA THR A 108 -8.15 6.69 -0.68
C THR A 108 -8.41 5.91 -1.96
N ARG A 109 -9.30 4.95 -1.88
CA ARG A 109 -9.65 4.07 -3.06
C ARG A 109 -9.64 4.85 -4.39
N HIS A 110 -10.00 6.12 -4.36
CA HIS A 110 -10.00 6.91 -5.63
C HIS A 110 -9.04 8.11 -5.53
N ALA A 111 -9.14 8.92 -4.50
CA ALA A 111 -8.22 10.09 -4.37
C ALA A 111 -8.02 10.51 -2.91
N ASP A 112 -8.77 11.48 -2.41
CA ASP A 112 -8.63 11.95 -0.99
C ASP A 112 -7.15 12.11 -0.60
N VAL A 113 -6.48 13.11 -1.14
CA VAL A 113 -5.04 13.31 -0.80
C VAL A 113 -4.92 13.85 0.63
N ILE A 114 -5.30 13.06 1.60
CA ILE A 114 -5.20 13.51 3.03
C ILE A 114 -3.74 13.58 3.46
N PRO A 115 -3.44 14.49 4.37
CA PRO A 115 -2.03 14.58 4.82
C PRO A 115 -1.86 13.90 6.18
N VAL A 116 -0.88 13.04 6.31
CA VAL A 116 -0.67 12.33 7.61
C VAL A 116 0.78 12.51 8.06
N ARG A 117 0.99 12.87 9.31
CA ARG A 117 2.37 13.02 9.82
C ARG A 117 2.84 11.67 10.36
N ARG A 118 3.85 11.09 9.78
CA ARG A 118 4.31 9.76 10.25
C ARG A 118 4.76 9.82 11.71
N ARG A 119 4.18 9.01 12.55
CA ARG A 119 4.59 8.98 13.98
C ARG A 119 5.59 7.84 14.22
N GLY A 120 5.92 7.11 13.19
CA GLY A 120 6.88 5.98 13.33
C GLY A 120 6.91 5.22 12.01
N ASP A 121 7.71 4.18 11.92
CA ASP A 121 7.76 3.40 10.65
C ASP A 121 6.41 2.73 10.37
N SER A 122 5.62 2.51 11.40
CA SER A 122 4.30 1.85 11.20
C SER A 122 3.15 2.72 11.74
N ARG A 123 3.37 4.00 11.96
CA ARG A 123 2.27 4.84 12.49
C ARG A 123 2.26 6.22 11.83
N GLY A 124 1.10 6.75 11.57
CA GLY A 124 0.99 8.09 10.95
C GLY A 124 -0.18 8.83 11.58
N SER A 125 -0.03 10.10 11.83
CA SER A 125 -1.12 10.88 12.47
C SER A 125 -2.04 11.46 11.40
N LEU A 126 -3.25 10.96 11.30
CA LEU A 126 -4.19 11.50 10.29
C LEU A 126 -4.66 12.87 10.75
N LEU A 127 -4.21 13.91 10.07
CA LEU A 127 -4.62 15.29 10.46
C LEU A 127 -6.10 15.49 10.22
N SER A 128 -6.64 14.76 9.28
CA SER A 128 -8.10 14.88 8.97
C SER A 128 -8.84 13.60 9.42
N PRO A 129 -9.53 13.70 10.53
CA PRO A 129 -10.27 12.50 11.00
C PRO A 129 -11.47 12.24 10.10
N ARG A 130 -11.75 11.00 9.82
CA ARG A 130 -12.91 10.66 8.94
C ARG A 130 -13.49 9.32 9.39
N PRO A 131 -14.73 9.09 9.02
CA PRO A 131 -15.35 7.81 9.45
C PRO A 131 -14.58 6.62 8.87
N VAL A 132 -14.14 5.73 9.71
CA VAL A 132 -13.36 4.54 9.24
C VAL A 132 -14.10 3.83 8.09
N SER A 133 -15.39 3.97 8.04
CA SER A 133 -16.19 3.35 6.94
C SER A 133 -15.71 3.92 5.60
N TYR A 134 -15.41 5.19 5.59
CA TYR A 134 -14.91 5.86 4.36
C TYR A 134 -13.50 5.34 4.04
N LEU A 135 -12.76 4.92 5.04
CA LEU A 135 -11.39 4.39 4.80
C LEU A 135 -11.44 2.91 4.39
N LYS A 136 -12.62 2.35 4.26
CA LYS A 136 -12.72 0.93 3.86
C LYS A 136 -12.27 0.79 2.42
N GLY A 137 -11.14 0.19 2.24
CA GLY A 137 -10.55 0.05 0.87
C GLY A 137 -9.46 1.10 0.69
N SER A 138 -9.33 2.03 1.61
CA SER A 138 -8.25 3.04 1.51
C SER A 138 -6.92 2.41 1.90
N SER A 139 -6.95 1.25 2.54
CA SER A 139 -5.70 0.57 2.94
C SER A 139 -4.96 0.08 1.70
N GLY A 140 -3.67 -0.07 1.78
CA GLY A 140 -2.88 -0.53 0.59
C GLY A 140 -2.43 0.69 -0.22
N GLY A 141 -2.91 1.88 0.10
CA GLY A 141 -2.47 3.09 -0.66
C GLY A 141 -1.04 3.43 -0.23
N PRO A 142 -0.64 4.67 -0.45
CA PRO A 142 0.75 5.00 -0.04
C PRO A 142 0.85 6.39 0.60
N LEU A 143 1.77 6.53 1.52
CA LEU A 143 2.02 7.83 2.18
C LEU A 143 3.25 8.43 1.49
N LEU A 144 3.04 9.31 0.56
CA LEU A 144 4.19 9.88 -0.21
C LEU A 144 4.89 11.03 0.52
N CYS A 145 6.20 11.01 0.49
CA CYS A 145 7.01 12.10 1.11
C CYS A 145 6.77 13.41 0.35
N PRO A 146 7.65 14.36 0.52
CA PRO A 146 7.46 15.63 -0.23
C PRO A 146 8.21 15.60 -1.58
N SER A 147 8.59 14.43 -2.05
CA SER A 147 9.33 14.35 -3.35
C SER A 147 8.84 13.18 -4.22
N GLY A 148 7.62 12.73 -4.05
CA GLY A 148 7.11 11.59 -4.89
C GLY A 148 7.79 10.29 -4.43
N HIS A 149 7.99 10.14 -3.16
CA HIS A 149 8.64 8.91 -2.64
C HIS A 149 7.68 8.17 -1.70
N ALA A 150 7.32 6.95 -2.03
CA ALA A 150 6.40 6.17 -1.16
C ALA A 150 7.17 5.56 0.00
N VAL A 151 6.74 5.83 1.21
CA VAL A 151 7.46 5.27 2.39
C VAL A 151 6.51 4.53 3.33
N GLY A 152 5.22 4.55 3.08
CA GLY A 152 4.28 3.84 4.00
C GLY A 152 2.98 3.45 3.27
N ILE A 153 2.58 2.21 3.40
CA ILE A 153 1.28 1.77 2.78
C ILE A 153 0.28 1.52 3.92
N PHE A 154 -0.76 2.29 3.96
CA PHE A 154 -1.78 2.17 5.06
C PHE A 154 -2.26 0.72 5.25
N ARG A 155 -2.21 0.22 6.47
CA ARG A 155 -2.65 -1.18 6.73
C ARG A 155 -3.82 -1.24 7.73
N ALA A 156 -3.98 -0.24 8.58
CA ALA A 156 -5.08 -0.30 9.57
C ALA A 156 -5.45 1.08 10.12
N ALA A 157 -6.72 1.31 10.26
CA ALA A 157 -7.22 2.60 10.78
C ALA A 157 -7.59 2.51 12.26
N VAL A 158 -7.22 3.48 13.05
CA VAL A 158 -7.59 3.44 14.49
C VAL A 158 -8.76 4.39 14.72
N CYS A 159 -9.95 3.84 14.76
CA CYS A 159 -11.18 4.67 14.93
C CYS A 159 -11.57 4.77 16.41
N THR A 160 -11.66 5.98 16.87
CA THR A 160 -12.03 6.22 18.30
C THR A 160 -13.56 6.24 18.48
N ARG A 161 -14.21 7.26 17.99
CA ARG A 161 -15.70 7.36 18.14
C ARG A 161 -16.39 7.02 16.81
N GLY A 162 -15.74 6.24 16.00
CA GLY A 162 -16.33 5.87 14.68
C GLY A 162 -15.58 6.58 13.55
N VAL A 163 -14.47 7.20 13.85
CA VAL A 163 -13.66 7.89 12.83
C VAL A 163 -12.19 7.64 13.15
N ALA A 164 -11.39 7.39 12.16
CA ALA A 164 -9.94 7.09 12.43
C ALA A 164 -9.14 8.35 12.68
N LYS A 165 -8.65 8.51 13.88
CA LYS A 165 -7.83 9.72 14.20
C LYS A 165 -6.33 9.39 14.08
N ALA A 166 -5.99 8.25 13.53
CA ALA A 166 -4.56 7.90 13.37
C ALA A 166 -4.45 6.70 12.44
N VAL A 167 -3.35 6.55 11.79
CA VAL A 167 -3.21 5.42 10.82
C VAL A 167 -1.95 4.59 11.04
N ASP A 168 -2.09 3.31 10.91
CA ASP A 168 -0.92 2.39 11.04
C ASP A 168 -0.60 1.90 9.63
N PHE A 169 0.65 1.67 9.30
CA PHE A 169 0.94 1.23 7.90
C PHE A 169 2.21 0.39 7.83
N VAL A 170 2.39 -0.29 6.73
CA VAL A 170 3.60 -1.14 6.53
C VAL A 170 4.78 -0.28 6.06
N PRO A 171 5.95 -0.53 6.62
CA PRO A 171 7.12 0.29 6.19
C PRO A 171 7.72 -0.26 4.89
N VAL A 172 8.23 0.60 4.05
CA VAL A 172 8.85 0.16 2.76
C VAL A 172 10.15 -0.57 3.05
N GLU A 173 10.82 -0.22 4.12
CA GLU A 173 12.09 -0.93 4.47
C GLU A 173 11.81 -2.42 4.63
N SER A 174 10.60 -2.75 5.04
CA SER A 174 10.23 -4.18 5.21
C SER A 174 10.05 -4.85 3.84
N MET A 175 9.72 -4.08 2.82
CA MET A 175 9.53 -4.69 1.46
C MET A 175 10.87 -5.24 0.98
N GLU A 176 11.91 -4.46 1.13
CA GLU A 176 13.26 -4.91 0.67
C GLU A 176 13.66 -6.18 1.42
N THR A 177 13.38 -6.24 2.70
CA THR A 177 13.74 -7.44 3.51
C THR A 177 12.84 -8.64 3.11
N THR A 178 11.69 -8.39 2.55
CA THR A 178 10.78 -9.52 2.17
C THR A 178 11.48 -10.40 1.14
N MET A 179 12.00 -9.82 0.09
CA MET A 179 12.72 -10.64 -0.94
C MET A 179 14.01 -11.20 -0.34
N ARG A 180 14.55 -10.55 0.66
CA ARG A 180 15.80 -11.06 1.29
C ARG A 180 15.55 -12.40 2.01
N ALA A 181 14.31 -12.72 2.26
CA ALA A 181 13.99 -14.00 2.95
C ALA A 181 12.49 -14.33 2.84
N SER A 182 11.92 -14.98 3.85
CA SER A 182 10.45 -15.38 3.88
C SER A 182 10.24 -16.74 3.19
N LYS A 183 11.03 -17.05 2.19
CA LYS A 183 10.87 -18.36 1.47
C LYS A 183 12.23 -18.84 0.95
N LYS A 184 13.01 -17.95 0.38
CA LYS A 184 14.36 -18.33 -0.16
C LYS A 184 14.22 -19.46 -1.19
N LYS A 185 13.12 -19.47 -1.92
CA LYS A 185 12.92 -20.54 -2.95
C LYS A 185 11.97 -20.05 -4.06
N LYS A 186 12.01 -20.69 -5.19
CA LYS A 186 11.13 -20.30 -6.33
C LYS A 186 10.81 -21.52 -7.18
N THR A 22 -15.33 -6.70 -15.12
CA THR A 22 -15.39 -5.77 -13.96
C THR A 22 -14.29 -6.11 -12.94
N GLY A 23 -13.67 -5.11 -12.36
CA GLY A 23 -12.58 -5.36 -11.37
C GLY A 23 -11.23 -5.44 -12.07
N ARG A 24 -11.21 -5.48 -13.38
CA ARG A 24 -9.90 -5.56 -14.11
C ARG A 24 -9.46 -4.16 -14.54
N ASP A 25 -8.20 -3.88 -14.44
CA ASP A 25 -7.68 -2.54 -14.84
C ASP A 25 -7.53 -2.46 -16.35
N LYS A 26 -7.35 -1.28 -16.87
CA LYS A 26 -7.22 -1.12 -18.35
C LYS A 26 -6.14 -0.10 -18.70
N ASN A 27 -5.65 -0.15 -19.92
CA ASN A 27 -4.60 0.83 -20.37
C ASN A 27 -3.42 0.87 -19.38
N GLN A 28 -2.85 -0.27 -19.08
CA GLN A 28 -1.69 -0.33 -18.14
C GLN A 28 -2.02 0.36 -16.81
N VAL A 29 -1.07 0.46 -15.93
CA VAL A 29 -1.34 1.10 -14.62
C VAL A 29 -1.27 2.63 -14.75
N GLU A 30 -0.29 3.12 -15.47
CA GLU A 30 -0.15 4.60 -15.66
C GLU A 30 -0.24 5.36 -14.34
N GLY A 31 0.34 4.82 -13.30
CA GLY A 31 0.30 5.52 -11.97
C GLY A 31 1.08 4.71 -10.93
N GLU A 32 1.19 5.23 -9.73
CA GLU A 32 1.96 4.52 -8.66
C GLU A 32 1.04 3.66 -7.79
N VAL A 33 -0.23 3.97 -7.73
CA VAL A 33 -1.16 3.17 -6.87
C VAL A 33 -2.12 2.35 -7.74
N GLN A 34 -2.07 1.04 -7.59
CA GLN A 34 -2.98 0.17 -8.39
C GLN A 34 -4.18 -0.27 -7.55
N VAL A 35 -5.36 -0.02 -8.03
CA VAL A 35 -6.57 -0.46 -7.28
C VAL A 35 -6.81 -1.92 -7.63
N VAL A 36 -7.08 -2.76 -6.66
CA VAL A 36 -7.26 -4.19 -6.97
C VAL A 36 -8.41 -4.77 -6.15
N SER A 37 -8.73 -6.00 -6.42
CA SER A 37 -9.83 -6.67 -5.69
C SER A 37 -9.51 -8.15 -5.59
N THR A 38 -9.54 -8.66 -4.40
CA THR A 38 -9.26 -10.09 -4.20
C THR A 38 -10.56 -10.80 -3.89
N ALA A 39 -10.50 -12.07 -3.66
CA ALA A 39 -11.76 -12.85 -3.39
C ALA A 39 -12.56 -12.26 -2.21
N THR A 40 -11.96 -11.42 -1.39
CA THR A 40 -12.73 -10.88 -0.22
C THR A 40 -13.21 -9.43 -0.44
N GLN A 41 -12.46 -8.60 -1.13
CA GLN A 41 -12.93 -7.17 -1.31
C GLN A 41 -12.03 -6.38 -2.27
N SER A 42 -12.23 -5.08 -2.31
CA SER A 42 -11.41 -4.19 -3.17
C SER A 42 -10.65 -3.21 -2.25
N PHE A 43 -9.45 -2.85 -2.62
CA PHE A 43 -8.64 -1.94 -1.74
C PHE A 43 -7.48 -1.28 -2.52
N LEU A 44 -6.33 -1.07 -1.92
CA LEU A 44 -5.22 -0.38 -2.67
C LEU A 44 -3.88 -1.12 -2.63
N ALA A 45 -3.03 -0.75 -3.56
CA ALA A 45 -1.67 -1.35 -3.68
C ALA A 45 -0.73 -0.33 -4.34
N THR A 46 0.36 0.02 -3.70
CA THR A 46 1.29 1.02 -4.31
C THR A 46 2.18 0.34 -5.35
N CYS A 47 3.32 0.93 -5.61
CA CYS A 47 4.27 0.34 -6.60
C CYS A 47 5.69 0.79 -6.23
N VAL A 48 6.53 -0.12 -5.80
CA VAL A 48 7.91 0.28 -5.40
C VAL A 48 8.94 -0.75 -5.86
N ASN A 49 10.06 -0.29 -6.38
CA ASN A 49 11.13 -1.21 -6.88
C ASN A 49 10.56 -2.29 -7.81
N GLY A 50 9.64 -1.91 -8.65
CA GLY A 50 9.04 -2.90 -9.61
C GLY A 50 8.20 -3.91 -8.82
N VAL A 51 7.67 -3.51 -7.68
CA VAL A 51 6.84 -4.43 -6.87
C VAL A 51 5.63 -3.71 -6.32
N CYS A 52 4.46 -4.15 -6.71
CA CYS A 52 3.21 -3.51 -6.21
C CYS A 52 3.00 -3.99 -4.78
N TRP A 53 2.96 -3.08 -3.83
CA TRP A 53 2.77 -3.51 -2.43
C TRP A 53 1.36 -3.17 -1.96
N THR A 54 0.69 -4.13 -1.42
CA THR A 54 -0.71 -3.91 -0.97
C THR A 54 -0.89 -4.52 0.42
N VAL A 55 -2.07 -4.46 0.97
CA VAL A 55 -2.25 -5.05 2.34
C VAL A 55 -2.63 -6.52 2.27
N TYR A 56 -1.87 -7.35 2.96
CA TYR A 56 -2.16 -8.82 2.98
C TYR A 56 -3.55 -9.05 3.57
N HIS A 57 -3.91 -8.35 4.63
CA HIS A 57 -5.28 -8.54 5.20
C HIS A 57 -6.30 -8.07 4.18
N GLY A 58 -5.96 -7.05 3.43
CA GLY A 58 -6.88 -6.55 2.38
C GLY A 58 -6.90 -7.57 1.24
N ALA A 59 -5.78 -8.21 1.00
CA ALA A 59 -5.70 -9.24 -0.10
C ALA A 59 -6.28 -10.57 0.39
N GLY A 60 -5.61 -11.23 1.29
CA GLY A 60 -6.13 -12.53 1.81
C GLY A 60 -5.21 -13.69 1.41
N SER A 61 -5.07 -13.95 0.13
CA SER A 61 -4.19 -15.08 -0.31
C SER A 61 -4.08 -15.14 -1.84
N LYS A 62 -3.15 -14.41 -2.40
CA LYS A 62 -2.94 -14.43 -3.87
C LYS A 62 -4.21 -14.05 -4.62
N THR A 63 -4.22 -14.36 -5.89
CA THR A 63 -5.37 -14.08 -6.76
C THR A 63 -5.86 -12.63 -6.65
N LEU A 64 -5.09 -11.72 -7.17
CA LEU A 64 -5.48 -10.29 -7.14
C LEU A 64 -6.22 -9.99 -8.44
N ALA A 65 -6.23 -8.75 -8.89
CA ALA A 65 -6.94 -8.43 -10.17
C ALA A 65 -6.15 -7.36 -10.93
N GLY A 66 -5.39 -7.77 -11.91
CA GLY A 66 -4.58 -6.79 -12.69
C GLY A 66 -5.37 -6.30 -13.91
N PRO A 67 -4.69 -5.60 -14.78
CA PRO A 67 -5.39 -5.10 -15.99
C PRO A 67 -5.72 -6.26 -16.95
N LYS A 68 -5.13 -7.41 -16.75
CA LYS A 68 -5.43 -8.56 -17.67
C LYS A 68 -6.29 -9.62 -16.97
N GLY A 69 -6.22 -9.66 -15.67
CA GLY A 69 -7.00 -10.67 -14.91
C GLY A 69 -6.31 -10.91 -13.57
N PRO A 70 -6.48 -12.11 -13.05
CA PRO A 70 -5.84 -12.40 -11.74
C PRO A 70 -4.32 -12.55 -11.90
N ILE A 71 -3.57 -11.73 -11.20
CA ILE A 71 -2.08 -11.82 -11.29
C ILE A 71 -1.57 -12.58 -10.05
N THR A 72 -0.46 -13.26 -10.20
CA THR A 72 0.11 -14.03 -9.04
C THR A 72 1.13 -13.18 -8.31
N GLN A 73 0.98 -13.06 -7.01
CA GLN A 73 1.95 -12.24 -6.21
C GLN A 73 3.35 -12.88 -6.26
N MET A 74 4.37 -12.14 -5.89
CA MET A 74 5.74 -12.70 -5.93
C MET A 74 6.11 -13.28 -4.56
N TYR A 75 5.73 -12.60 -3.51
CA TYR A 75 6.03 -13.10 -2.13
C TYR A 75 5.04 -12.52 -1.14
N THR A 76 5.20 -12.80 0.12
CA THR A 76 4.25 -12.30 1.14
C THR A 76 4.97 -12.15 2.47
N ASN A 77 4.95 -10.97 3.03
CA ASN A 77 5.60 -10.77 4.34
C ASN A 77 4.54 -10.96 5.42
N VAL A 78 4.20 -12.19 5.72
CA VAL A 78 3.14 -12.45 6.74
C VAL A 78 3.56 -11.86 8.08
N ASP A 79 4.82 -11.97 8.43
CA ASP A 79 5.28 -11.36 9.72
C ASP A 79 4.92 -9.86 9.73
N GLN A 80 4.80 -9.28 8.55
CA GLN A 80 4.43 -7.83 8.45
C GLN A 80 3.03 -7.66 7.84
N ASP A 81 2.37 -8.75 7.48
CA ASP A 81 1.01 -8.66 6.86
C ASP A 81 1.10 -7.85 5.56
N LEU A 82 1.94 -8.28 4.65
CA LEU A 82 2.10 -7.54 3.37
C LEU A 82 2.34 -8.53 2.22
N VAL A 83 1.99 -8.14 1.03
CA VAL A 83 2.19 -9.04 -0.15
C VAL A 83 2.63 -8.19 -1.34
N GLY A 84 3.65 -8.61 -2.06
CA GLY A 84 4.13 -7.79 -3.21
C GLY A 84 4.05 -8.55 -4.54
N TRP A 85 3.33 -7.98 -5.48
CA TRP A 85 3.20 -8.59 -6.84
C TRP A 85 4.34 -8.11 -7.73
N GLN A 86 4.29 -8.42 -9.00
CA GLN A 86 5.34 -7.93 -9.94
C GLN A 86 4.78 -6.71 -10.68
N ALA A 87 5.33 -5.55 -10.42
CA ALA A 87 4.80 -4.31 -11.07
C ALA A 87 5.07 -4.30 -12.59
N PRO A 88 4.02 -4.02 -13.35
CA PRO A 88 4.22 -3.97 -14.83
C PRO A 88 4.56 -2.53 -15.24
N PRO A 89 4.86 -2.33 -16.50
CA PRO A 89 5.19 -0.94 -16.92
C PRO A 89 3.99 -0.01 -16.71
N GLY A 90 4.25 1.22 -16.33
CA GLY A 90 3.13 2.19 -16.08
C GLY A 90 2.76 2.23 -14.59
N ALA A 91 3.38 1.39 -13.78
CA ALA A 91 3.05 1.36 -12.32
C ALA A 91 3.90 2.37 -11.51
N ARG A 92 4.41 3.38 -12.17
CA ARG A 92 5.23 4.45 -11.51
C ARG A 92 6.03 3.94 -10.30
N SER A 93 7.28 3.61 -10.51
CA SER A 93 8.11 3.09 -9.37
C SER A 93 8.71 4.27 -8.59
N LEU A 94 8.56 4.24 -7.30
CA LEU A 94 9.10 5.35 -6.45
C LEU A 94 10.17 4.80 -5.52
N THR A 95 10.89 5.64 -4.83
CA THR A 95 11.96 5.14 -3.92
C THR A 95 11.79 5.69 -2.49
N PRO A 96 12.47 5.06 -1.56
CA PRO A 96 12.37 5.56 -0.17
C PRO A 96 13.31 6.74 0.03
N CYS A 97 13.07 7.56 1.02
CA CYS A 97 13.96 8.75 1.25
C CYS A 97 14.37 8.87 2.72
N THR A 98 13.48 8.63 3.65
CA THR A 98 13.83 8.75 5.11
C THR A 98 14.56 10.07 5.39
N CYS A 99 14.17 11.12 4.71
CA CYS A 99 14.84 12.44 4.91
C CYS A 99 14.63 12.97 6.33
N GLY A 100 13.47 12.74 6.90
CA GLY A 100 13.19 13.23 8.28
C GLY A 100 11.79 13.84 8.35
N SER A 101 11.37 14.48 7.30
CA SER A 101 10.00 15.09 7.31
C SER A 101 8.95 13.98 7.32
N SER A 102 7.99 14.06 8.21
CA SER A 102 6.94 13.00 8.28
C SER A 102 5.63 13.48 7.65
N ASP A 103 5.63 14.60 6.97
CA ASP A 103 4.37 15.08 6.33
C ASP A 103 4.06 14.18 5.13
N LEU A 104 3.59 12.99 5.38
CA LEU A 104 3.29 12.04 4.28
C LEU A 104 1.95 12.37 3.61
N TYR A 105 1.64 11.66 2.55
CA TYR A 105 0.34 11.92 1.84
C TYR A 105 -0.21 10.59 1.33
N LEU A 106 -1.45 10.30 1.64
CA LEU A 106 -2.04 9.00 1.20
C LEU A 106 -3.19 9.19 0.21
N VAL A 107 -3.41 8.20 -0.62
CA VAL A 107 -4.51 8.27 -1.63
C VAL A 107 -5.52 7.14 -1.38
N THR A 108 -6.80 7.42 -1.43
CA THR A 108 -7.81 6.34 -1.18
C THR A 108 -8.10 5.58 -2.47
N ARG A 109 -8.90 4.53 -2.39
CA ARG A 109 -9.24 3.68 -3.58
C ARG A 109 -9.40 4.52 -4.86
N HIS A 110 -9.90 5.71 -4.73
CA HIS A 110 -10.06 6.59 -5.92
C HIS A 110 -8.90 7.60 -5.95
N ALA A 111 -8.90 8.53 -5.04
CA ALA A 111 -7.80 9.54 -4.98
C ALA A 111 -7.66 10.08 -3.55
N ASP A 112 -8.51 11.01 -3.18
CA ASP A 112 -8.46 11.60 -1.80
C ASP A 112 -7.03 11.98 -1.40
N VAL A 113 -6.61 13.18 -1.71
CA VAL A 113 -5.23 13.61 -1.34
C VAL A 113 -5.25 14.24 0.05
N ILE A 114 -4.72 13.54 1.02
CA ILE A 114 -4.70 14.08 2.42
C ILE A 114 -3.29 13.95 3.00
N PRO A 115 -3.01 14.71 4.02
CA PRO A 115 -1.65 14.63 4.61
C PRO A 115 -1.68 13.91 5.96
N VAL A 116 -0.77 12.99 6.16
CA VAL A 116 -0.71 12.26 7.46
C VAL A 116 0.69 12.43 8.05
N ARG A 117 0.79 12.80 9.30
CA ARG A 117 2.14 12.99 9.93
C ARG A 117 2.58 11.66 10.53
N ARG A 118 3.63 11.07 10.02
CA ARG A 118 4.08 9.76 10.57
C ARG A 118 4.43 9.89 12.06
N ARG A 119 3.84 9.07 12.87
CA ARG A 119 4.17 9.09 14.32
C ARG A 119 5.08 7.90 14.66
N GLY A 120 5.56 7.18 13.66
CA GLY A 120 6.45 6.03 13.94
C GLY A 120 6.69 5.28 12.63
N ASP A 121 7.46 4.23 12.66
CA ASP A 121 7.72 3.46 11.41
C ASP A 121 6.41 2.93 10.82
N SER A 122 5.50 2.55 11.66
CA SER A 122 4.19 2.01 11.18
C SER A 122 3.00 2.83 11.70
N ARG A 123 3.21 4.05 12.13
CA ARG A 123 2.06 4.85 12.65
C ARG A 123 2.06 6.24 12.02
N GLY A 124 0.89 6.74 11.70
CA GLY A 124 0.78 8.08 11.09
C GLY A 124 -0.43 8.80 11.67
N SER A 125 -0.31 10.07 11.86
CA SER A 125 -1.44 10.86 12.44
C SER A 125 -2.30 11.42 11.32
N LEU A 126 -3.50 10.91 11.18
CA LEU A 126 -4.39 11.43 10.10
C LEU A 126 -4.89 12.82 10.50
N LEU A 127 -4.44 13.83 9.82
CA LEU A 127 -4.86 15.21 10.14
C LEU A 127 -6.33 15.40 9.78
N SER A 128 -6.77 14.70 8.77
CA SER A 128 -8.20 14.81 8.35
C SER A 128 -8.96 13.54 8.79
N PRO A 129 -9.81 13.70 9.78
CA PRO A 129 -10.58 12.51 10.25
C PRO A 129 -11.75 12.23 9.31
N ARG A 130 -12.04 10.98 9.09
CA ARG A 130 -13.17 10.61 8.18
C ARG A 130 -13.79 9.29 8.68
N PRO A 131 -15.00 9.04 8.28
CA PRO A 131 -15.65 7.78 8.74
C PRO A 131 -14.85 6.57 8.29
N VAL A 132 -14.49 5.71 9.21
CA VAL A 132 -13.68 4.50 8.86
C VAL A 132 -14.36 3.70 7.73
N SER A 133 -15.66 3.83 7.62
CA SER A 133 -16.40 3.12 6.52
C SER A 133 -15.85 3.57 5.17
N TYR A 134 -15.47 4.81 5.06
CA TYR A 134 -14.90 5.33 3.80
C TYR A 134 -13.46 4.79 3.62
N LEU A 135 -12.80 4.48 4.70
CA LEU A 135 -11.39 3.98 4.60
C LEU A 135 -11.30 2.46 4.45
N LYS A 136 -12.40 1.73 4.51
CA LYS A 136 -12.30 0.23 4.35
C LYS A 136 -12.06 -0.09 2.87
N GLY A 137 -10.92 0.29 2.40
CA GLY A 137 -10.52 0.07 0.99
C GLY A 137 -9.17 0.79 0.76
N SER A 138 -8.90 1.82 1.52
CA SER A 138 -7.63 2.59 1.34
C SER A 138 -6.41 1.80 1.85
N SER A 139 -6.60 0.68 2.52
CA SER A 139 -5.42 -0.11 3.01
C SER A 139 -4.55 -0.51 1.83
N GLY A 140 -3.26 -0.51 2.01
CA GLY A 140 -2.35 -0.83 0.88
C GLY A 140 -2.01 0.47 0.15
N GLY A 141 -2.68 1.57 0.47
CA GLY A 141 -2.37 2.86 -0.19
C GLY A 141 -1.00 3.31 0.29
N PRO A 142 -0.34 4.14 -0.48
CA PRO A 142 1.02 4.56 -0.07
C PRO A 142 1.05 5.98 0.52
N LEU A 143 1.80 6.14 1.57
CA LEU A 143 1.98 7.46 2.21
C LEU A 143 3.32 8.03 1.73
N LEU A 144 3.28 8.89 0.75
CA LEU A 144 4.56 9.42 0.18
C LEU A 144 5.07 10.66 0.91
N CYS A 145 6.37 10.80 0.95
CA CYS A 145 7.00 11.99 1.60
C CYS A 145 6.66 13.23 0.75
N PRO A 146 7.45 14.27 0.91
CA PRO A 146 7.19 15.48 0.08
C PRO A 146 8.12 15.53 -1.14
N SER A 147 8.76 14.43 -1.48
CA SER A 147 9.70 14.44 -2.64
C SER A 147 9.39 13.33 -3.65
N GLY A 148 8.39 12.53 -3.43
CA GLY A 148 8.05 11.44 -4.40
C GLY A 148 8.61 10.10 -3.91
N HIS A 149 8.52 9.85 -2.63
CA HIS A 149 9.06 8.57 -2.08
C HIS A 149 7.98 7.82 -1.29
N ALA A 150 7.67 6.62 -1.68
CA ALA A 150 6.64 5.83 -0.94
C ALA A 150 7.32 5.12 0.24
N VAL A 151 7.18 5.65 1.43
CA VAL A 151 7.83 5.03 2.60
C VAL A 151 6.81 4.43 3.58
N GLY A 152 5.55 4.37 3.23
CA GLY A 152 4.55 3.80 4.18
C GLY A 152 3.31 3.31 3.42
N ILE A 153 2.83 2.12 3.74
CA ILE A 153 1.61 1.60 3.07
C ILE A 153 0.52 1.39 4.14
N PHE A 154 -0.61 2.03 3.99
CA PHE A 154 -1.70 1.91 5.00
C PHE A 154 -2.03 0.46 5.35
N ARG A 155 -2.04 0.16 6.63
CA ARG A 155 -2.33 -1.22 7.11
C ARG A 155 -3.61 -1.24 7.95
N ALA A 156 -3.92 -0.17 8.63
CA ALA A 156 -5.16 -0.16 9.47
C ALA A 156 -5.53 1.26 9.89
N ALA A 157 -6.80 1.48 10.14
CA ALA A 157 -7.28 2.83 10.56
C ALA A 157 -7.65 2.85 12.04
N VAL A 158 -7.35 3.92 12.73
CA VAL A 158 -7.72 4.02 14.18
C VAL A 158 -9.05 4.74 14.25
N CYS A 159 -10.12 4.00 14.27
CA CYS A 159 -11.45 4.65 14.28
C CYS A 159 -11.98 4.88 15.70
N THR A 160 -12.14 6.12 16.04
CA THR A 160 -12.69 6.47 17.38
C THR A 160 -14.20 6.62 17.24
N ARG A 161 -14.95 5.83 17.98
CA ARG A 161 -16.46 5.86 17.89
C ARG A 161 -16.91 5.41 16.50
N GLY A 162 -16.63 6.17 15.48
CA GLY A 162 -17.05 5.77 14.10
C GLY A 162 -16.25 6.55 13.05
N VAL A 163 -15.08 7.03 13.39
CA VAL A 163 -14.25 7.79 12.40
C VAL A 163 -12.76 7.59 12.71
N ALA A 164 -11.96 7.51 11.69
CA ALA A 164 -10.48 7.30 11.90
C ALA A 164 -9.77 8.59 12.27
N LYS A 165 -8.99 8.55 13.32
CA LYS A 165 -8.22 9.75 13.75
C LYS A 165 -6.74 9.41 13.86
N ALA A 166 -6.34 8.32 13.27
CA ALA A 166 -4.90 7.91 13.30
C ALA A 166 -4.73 6.72 12.37
N VAL A 167 -3.59 6.56 11.79
CA VAL A 167 -3.40 5.42 10.83
C VAL A 167 -2.14 4.60 11.12
N ASP A 168 -2.26 3.32 11.04
CA ASP A 168 -1.10 2.42 11.22
C ASP A 168 -0.72 1.94 9.81
N PHE A 169 0.54 1.74 9.51
CA PHE A 169 0.86 1.33 8.11
C PHE A 169 2.16 0.52 8.03
N VAL A 170 2.34 -0.18 6.95
CA VAL A 170 3.56 -1.01 6.75
C VAL A 170 4.74 -0.12 6.32
N PRO A 171 5.90 -0.41 6.85
CA PRO A 171 7.08 0.43 6.45
C PRO A 171 7.71 -0.09 5.15
N VAL A 172 8.40 0.76 4.45
CA VAL A 172 9.05 0.33 3.17
C VAL A 172 10.21 -0.62 3.47
N GLU A 173 10.78 -0.51 4.65
CA GLU A 173 11.89 -1.45 5.02
C GLU A 173 11.38 -2.88 4.97
N SER A 174 10.10 -3.08 5.16
CA SER A 174 9.52 -4.45 5.11
C SER A 174 9.41 -4.93 3.66
N MET A 175 9.16 -4.04 2.73
CA MET A 175 9.05 -4.45 1.31
C MET A 175 10.42 -4.94 0.80
N GLU A 176 11.45 -4.18 1.04
CA GLU A 176 12.81 -4.60 0.58
C GLU A 176 13.22 -5.90 1.27
N THR A 177 12.93 -6.04 2.53
CA THR A 177 13.30 -7.29 3.26
C THR A 177 12.57 -8.49 2.65
N THR A 178 11.33 -8.30 2.26
CA THR A 178 10.56 -9.43 1.64
C THR A 178 11.29 -9.87 0.36
N MET A 179 11.80 -8.94 -0.39
CA MET A 179 12.55 -9.29 -1.62
C MET A 179 13.82 -10.05 -1.25
N ARG A 180 14.47 -9.63 -0.18
CA ARG A 180 15.73 -10.33 0.25
C ARG A 180 15.44 -11.78 0.66
N ALA A 181 14.26 -12.03 1.15
CA ALA A 181 13.91 -13.43 1.58
C ALA A 181 12.40 -13.57 1.77
N SER A 182 11.92 -14.79 1.73
CA SER A 182 10.45 -15.02 1.91
C SER A 182 10.19 -16.52 2.11
N LYS A 183 10.88 -17.12 3.04
CA LYS A 183 10.70 -18.58 3.31
C LYS A 183 10.86 -18.84 4.80
N LYS A 184 10.20 -19.86 5.31
CA LYS A 184 10.32 -20.18 6.76
C LYS A 184 11.72 -20.73 7.07
N LYS A 185 12.25 -21.55 6.19
CA LYS A 185 13.61 -22.13 6.41
C LYS A 185 13.69 -22.83 7.78
N LYS A 186 13.57 -24.13 7.80
CA LYS A 186 13.63 -24.86 9.10
C LYS A 186 15.10 -25.16 9.46
N THR A 22 0.74 -17.83 -13.83
CA THR A 22 -0.62 -18.37 -14.06
C THR A 22 -1.62 -17.23 -14.30
N GLY A 23 -1.36 -16.08 -13.74
CA GLY A 23 -2.27 -14.92 -13.92
C GLY A 23 -1.94 -14.19 -15.23
N ARG A 24 -2.69 -13.17 -15.55
CA ARG A 24 -2.43 -12.40 -16.81
C ARG A 24 -1.01 -11.82 -16.78
N ASP A 25 -0.67 -11.16 -15.70
CA ASP A 25 0.70 -10.57 -15.55
C ASP A 25 1.11 -9.75 -16.77
N LYS A 26 0.28 -8.85 -17.20
CA LYS A 26 0.63 -8.01 -18.37
C LYS A 26 1.48 -6.82 -17.90
N ASN A 27 1.46 -5.71 -18.61
CA ASN A 27 2.26 -4.53 -18.20
C ASN A 27 1.64 -3.24 -18.74
N GLN A 28 0.79 -2.61 -17.97
CA GLN A 28 0.16 -1.34 -18.42
C GLN A 28 -0.45 -0.61 -17.23
N VAL A 29 0.34 -0.35 -16.22
CA VAL A 29 -0.19 0.34 -15.03
C VAL A 29 -0.08 1.86 -15.21
N GLU A 30 1.08 2.34 -15.59
CA GLU A 30 1.28 3.81 -15.81
C GLU A 30 0.77 4.63 -14.61
N GLY A 31 0.99 4.15 -13.42
CA GLY A 31 0.53 4.90 -12.21
C GLY A 31 1.31 4.45 -10.97
N GLU A 32 1.11 5.13 -9.86
CA GLU A 32 1.84 4.76 -8.61
C GLU A 32 0.96 3.91 -7.69
N VAL A 33 -0.31 4.22 -7.60
CA VAL A 33 -1.22 3.40 -6.71
C VAL A 33 -2.25 2.69 -7.57
N GLN A 34 -2.27 1.38 -7.51
CA GLN A 34 -3.25 0.61 -8.34
C GLN A 34 -4.41 0.10 -7.49
N VAL A 35 -5.61 0.48 -7.85
CA VAL A 35 -6.81 -0.01 -7.09
C VAL A 35 -7.17 -1.38 -7.67
N VAL A 36 -7.37 -2.35 -6.83
CA VAL A 36 -7.69 -3.72 -7.33
C VAL A 36 -8.79 -4.36 -6.51
N SER A 37 -9.22 -5.51 -6.93
CA SER A 37 -10.29 -6.25 -6.20
C SER A 37 -9.94 -7.72 -6.15
N THR A 38 -9.99 -8.28 -4.98
CA THR A 38 -9.67 -9.70 -4.79
C THR A 38 -10.94 -10.46 -4.45
N ALA A 39 -10.82 -11.72 -4.24
CA ALA A 39 -12.03 -12.55 -3.92
C ALA A 39 -12.76 -12.01 -2.68
N THR A 40 -12.12 -11.20 -1.88
CA THR A 40 -12.81 -10.67 -0.67
C THR A 40 -13.32 -9.24 -0.87
N GLN A 41 -12.55 -8.37 -1.49
CA GLN A 41 -13.03 -6.95 -1.68
C GLN A 41 -12.05 -6.14 -2.53
N SER A 42 -12.15 -4.83 -2.46
CA SER A 42 -11.24 -3.94 -3.24
C SER A 42 -10.50 -3.01 -2.27
N PHE A 43 -9.28 -2.67 -2.58
CA PHE A 43 -8.48 -1.78 -1.68
C PHE A 43 -7.31 -1.15 -2.47
N LEU A 44 -6.13 -1.00 -1.89
CA LEU A 44 -5.03 -0.33 -2.66
C LEU A 44 -3.70 -1.10 -2.66
N ALA A 45 -2.86 -0.75 -3.61
CA ALA A 45 -1.52 -1.38 -3.76
C ALA A 45 -0.58 -0.43 -4.52
N THR A 46 0.52 -0.03 -3.91
CA THR A 46 1.47 0.89 -4.62
C THR A 46 2.45 0.09 -5.49
N CYS A 47 3.56 0.67 -5.84
CA CYS A 47 4.59 -0.02 -6.68
C CYS A 47 5.95 0.53 -6.30
N VAL A 48 6.79 -0.28 -5.70
CA VAL A 48 8.14 0.21 -5.27
C VAL A 48 9.24 -0.74 -5.76
N ASN A 49 10.26 -0.19 -6.37
CA ASN A 49 11.40 -1.03 -6.87
C ASN A 49 10.88 -2.19 -7.73
N GLY A 50 9.89 -1.94 -8.54
CA GLY A 50 9.33 -3.02 -9.40
C GLY A 50 8.58 -4.03 -8.54
N VAL A 51 8.08 -3.61 -7.40
CA VAL A 51 7.33 -4.55 -6.51
C VAL A 51 6.04 -3.89 -6.04
N CYS A 52 4.92 -4.39 -6.49
CA CYS A 52 3.62 -3.80 -6.07
C CYS A 52 3.34 -4.25 -4.64
N TRP A 53 3.03 -3.34 -3.77
CA TRP A 53 2.77 -3.75 -2.36
C TRP A 53 1.34 -3.39 -1.96
N THR A 54 0.64 -4.35 -1.42
CA THR A 54 -0.77 -4.10 -1.00
C THR A 54 -0.98 -4.73 0.39
N VAL A 55 -2.16 -4.62 0.94
CA VAL A 55 -2.37 -5.20 2.32
C VAL A 55 -2.80 -6.66 2.27
N TYR A 56 -2.16 -7.48 3.08
CA TYR A 56 -2.54 -8.93 3.17
C TYR A 56 -4.00 -9.03 3.60
N HIS A 57 -4.39 -8.24 4.57
CA HIS A 57 -5.82 -8.27 5.01
C HIS A 57 -6.67 -7.58 3.94
N GLY A 58 -6.78 -8.23 2.81
CA GLY A 58 -7.56 -7.68 1.68
C GLY A 58 -7.45 -8.66 0.50
N ALA A 59 -6.30 -9.29 0.33
CA ALA A 59 -6.13 -10.28 -0.77
C ALA A 59 -6.76 -11.61 -0.35
N GLY A 60 -6.18 -12.28 0.60
CA GLY A 60 -6.77 -13.57 1.10
C GLY A 60 -6.43 -14.74 0.16
N SER A 61 -7.29 -15.01 -0.78
CA SER A 61 -7.05 -16.16 -1.71
C SER A 61 -6.25 -15.74 -2.95
N LYS A 62 -5.27 -14.88 -2.78
CA LYS A 62 -4.43 -14.43 -3.92
C LYS A 62 -5.27 -14.01 -5.12
N THR A 63 -4.59 -13.74 -6.19
CA THR A 63 -5.25 -13.31 -7.46
C THR A 63 -6.03 -12.00 -7.25
N LEU A 64 -5.89 -11.09 -8.17
CA LEU A 64 -6.60 -9.79 -8.07
C LEU A 64 -7.02 -9.34 -9.48
N ALA A 65 -6.71 -8.13 -9.89
CA ALA A 65 -7.11 -7.68 -11.26
C ALA A 65 -6.04 -6.75 -11.83
N GLY A 66 -5.08 -7.28 -12.54
CA GLY A 66 -4.03 -6.43 -13.14
C GLY A 66 -4.65 -5.52 -14.19
N PRO A 67 -3.85 -5.13 -15.14
CA PRO A 67 -4.41 -4.25 -16.20
C PRO A 67 -5.33 -5.07 -17.12
N LYS A 68 -5.18 -6.38 -17.14
CA LYS A 68 -6.05 -7.20 -18.05
C LYS A 68 -6.48 -8.53 -17.42
N GLY A 69 -6.09 -8.83 -16.20
CA GLY A 69 -6.50 -10.13 -15.58
C GLY A 69 -5.86 -10.31 -14.21
N PRO A 70 -6.27 -11.35 -13.53
CA PRO A 70 -5.71 -11.60 -12.16
C PRO A 70 -4.19 -11.81 -12.22
N ILE A 71 -3.48 -11.09 -11.39
CA ILE A 71 -1.99 -11.24 -11.35
C ILE A 71 -1.62 -12.02 -10.08
N THR A 72 -0.58 -12.80 -10.13
CA THR A 72 -0.17 -13.61 -8.95
C THR A 72 0.90 -12.91 -8.12
N GLN A 73 0.85 -13.08 -6.82
CA GLN A 73 1.83 -12.42 -5.91
C GLN A 73 3.17 -13.18 -5.90
N MET A 74 4.23 -12.54 -5.48
CA MET A 74 5.55 -13.22 -5.44
C MET A 74 5.78 -13.82 -4.05
N TYR A 75 5.37 -13.12 -3.01
CA TYR A 75 5.55 -13.66 -1.62
C TYR A 75 4.53 -13.00 -0.69
N THR A 76 4.60 -13.30 0.56
CA THR A 76 3.64 -12.72 1.54
C THR A 76 4.31 -12.60 2.90
N ASN A 77 4.44 -11.41 3.41
CA ASN A 77 5.06 -11.24 4.74
C ASN A 77 3.97 -11.28 5.79
N VAL A 78 3.47 -12.46 6.10
CA VAL A 78 2.37 -12.57 7.10
C VAL A 78 2.84 -12.01 8.44
N ASP A 79 4.08 -12.24 8.79
CA ASP A 79 4.61 -11.68 10.07
C ASP A 79 4.40 -10.17 10.06
N GLN A 80 4.32 -9.57 8.89
CA GLN A 80 4.09 -8.10 8.79
C GLN A 80 2.74 -7.79 8.11
N ASP A 81 1.98 -8.81 7.73
CA ASP A 81 0.67 -8.58 7.05
C ASP A 81 0.91 -7.81 5.76
N LEU A 82 1.69 -8.38 4.86
CA LEU A 82 1.99 -7.68 3.60
C LEU A 82 2.16 -8.68 2.45
N VAL A 83 1.88 -8.25 1.24
CA VAL A 83 2.02 -9.15 0.07
C VAL A 83 2.61 -8.34 -1.09
N GLY A 84 3.64 -8.84 -1.73
CA GLY A 84 4.25 -8.03 -2.84
C GLY A 84 4.34 -8.82 -4.14
N TRP A 85 3.81 -8.24 -5.19
CA TRP A 85 3.85 -8.87 -6.54
C TRP A 85 5.12 -8.41 -7.26
N GLN A 86 5.35 -8.88 -8.46
CA GLN A 86 6.55 -8.43 -9.23
C GLN A 86 6.12 -7.35 -10.23
N ALA A 87 6.05 -6.13 -9.78
CA ALA A 87 5.61 -5.01 -10.68
C ALA A 87 6.67 -4.70 -11.74
N PRO A 88 6.23 -4.09 -12.82
CA PRO A 88 7.20 -3.70 -13.88
C PRO A 88 7.55 -2.22 -13.72
N PRO A 89 8.24 -1.67 -14.69
CA PRO A 89 8.56 -0.21 -14.57
C PRO A 89 7.44 0.67 -15.14
N GLY A 90 6.30 0.10 -15.41
CA GLY A 90 5.16 0.90 -15.95
C GLY A 90 4.29 1.40 -14.79
N ALA A 91 4.27 0.67 -13.72
CA ALA A 91 3.45 1.08 -12.53
C ALA A 91 4.24 2.05 -11.64
N ARG A 92 4.66 3.14 -12.23
CA ARG A 92 5.43 4.24 -11.53
C ARG A 92 6.21 3.72 -10.30
N SER A 93 7.47 3.42 -10.48
CA SER A 93 8.27 2.90 -9.32
C SER A 93 8.77 4.06 -8.48
N LEU A 94 8.22 4.22 -7.30
CA LEU A 94 8.65 5.33 -6.40
C LEU A 94 9.89 4.92 -5.62
N THR A 95 10.58 5.87 -5.03
CA THR A 95 11.81 5.51 -4.26
C THR A 95 11.60 5.86 -2.77
N PRO A 96 12.30 5.17 -1.89
CA PRO A 96 12.10 5.49 -0.45
C PRO A 96 13.25 6.34 0.10
N CYS A 97 12.95 7.35 0.86
CA CYS A 97 14.02 8.22 1.43
C CYS A 97 13.63 8.72 2.82
N THR A 98 14.60 8.98 3.66
CA THR A 98 14.30 9.50 5.02
C THR A 98 14.18 11.02 4.95
N CYS A 99 12.98 11.54 4.98
CA CYS A 99 12.79 13.02 4.88
C CYS A 99 12.57 13.63 6.26
N GLY A 100 13.19 14.75 6.53
CA GLY A 100 13.00 15.43 7.85
C GLY A 100 11.53 15.77 8.02
N SER A 101 10.86 16.11 6.95
CA SER A 101 9.41 16.45 7.04
C SER A 101 8.57 15.17 6.98
N SER A 102 7.69 14.99 7.93
CA SER A 102 6.84 13.76 7.94
C SER A 102 5.48 14.06 7.31
N ASP A 103 5.36 15.15 6.59
CA ASP A 103 4.05 15.47 5.94
C ASP A 103 3.81 14.50 4.79
N LEU A 104 3.49 13.27 5.12
CA LEU A 104 3.25 12.25 4.07
C LEU A 104 1.88 12.44 3.45
N TYR A 105 1.57 11.66 2.45
CA TYR A 105 0.24 11.77 1.79
C TYR A 105 -0.24 10.37 1.42
N LEU A 106 -1.37 9.98 1.93
CA LEU A 106 -1.91 8.63 1.64
C LEU A 106 -2.98 8.70 0.56
N VAL A 107 -2.98 7.76 -0.32
CA VAL A 107 -3.98 7.74 -1.43
C VAL A 107 -5.22 6.93 -1.02
N THR A 108 -6.37 7.55 -1.00
CA THR A 108 -7.62 6.81 -0.63
C THR A 108 -8.16 6.12 -1.88
N ARG A 109 -9.18 5.31 -1.74
CA ARG A 109 -9.78 4.56 -2.91
C ARG A 109 -9.81 5.41 -4.19
N HIS A 110 -9.99 6.71 -4.04
CA HIS A 110 -10.03 7.59 -5.25
C HIS A 110 -8.66 8.27 -5.43
N ALA A 111 -8.31 9.17 -4.55
CA ALA A 111 -7.02 9.88 -4.64
C ALA A 111 -6.53 10.20 -3.24
N ASP A 112 -5.61 11.11 -3.11
CA ASP A 112 -5.09 11.48 -1.77
C ASP A 112 -6.23 12.04 -0.90
N VAL A 113 -6.62 13.27 -1.12
CA VAL A 113 -7.74 13.88 -0.31
C VAL A 113 -7.50 13.71 1.19
N ILE A 114 -6.26 13.53 1.61
CA ILE A 114 -5.97 13.35 3.08
C ILE A 114 -4.44 13.37 3.33
N PRO A 115 -3.99 14.35 4.08
CA PRO A 115 -2.54 14.41 4.39
C PRO A 115 -2.28 13.82 5.78
N VAL A 116 -1.18 13.15 5.98
CA VAL A 116 -0.91 12.54 7.32
C VAL A 116 0.53 12.82 7.77
N ARG A 117 0.72 13.13 9.03
CA ARG A 117 2.09 13.38 9.55
C ARG A 117 2.59 12.08 10.20
N ARG A 118 3.68 11.53 9.72
CA ARG A 118 4.18 10.24 10.31
C ARG A 118 4.48 10.39 11.79
N ARG A 119 3.89 9.56 12.60
CA ARG A 119 4.18 9.60 14.06
C ARG A 119 5.14 8.46 14.42
N GLY A 120 5.63 7.75 13.44
CA GLY A 120 6.58 6.63 13.71
C GLY A 120 6.81 5.90 12.39
N ASP A 121 7.76 5.01 12.34
CA ASP A 121 8.03 4.27 11.06
C ASP A 121 6.79 3.51 10.62
N SER A 122 5.89 3.20 11.53
CA SER A 122 4.66 2.46 11.17
C SER A 122 3.39 3.22 11.60
N ARG A 123 3.50 4.49 11.89
CA ARG A 123 2.29 5.24 12.33
C ARG A 123 2.24 6.64 11.71
N GLY A 124 1.07 7.10 11.39
CA GLY A 124 0.92 8.46 10.79
C GLY A 124 -0.33 9.10 11.37
N SER A 125 -0.25 10.37 11.63
CA SER A 125 -1.42 11.09 12.21
C SER A 125 -2.31 11.61 11.09
N LEU A 126 -3.49 11.08 10.96
CA LEU A 126 -4.41 11.55 9.89
C LEU A 126 -4.95 12.92 10.28
N LEU A 127 -4.48 13.96 9.61
CA LEU A 127 -4.94 15.34 9.94
C LEU A 127 -6.42 15.51 9.59
N SER A 128 -6.93 14.66 8.74
CA SER A 128 -8.36 14.76 8.34
C SER A 128 -9.09 13.45 8.66
N PRO A 129 -9.44 13.27 9.92
CA PRO A 129 -10.15 12.02 10.30
C PRO A 129 -11.45 11.87 9.50
N ARG A 130 -11.86 10.66 9.25
CA ARG A 130 -13.10 10.43 8.47
C ARG A 130 -13.73 9.10 8.91
N PRO A 131 -14.98 8.92 8.58
CA PRO A 131 -15.64 7.65 9.00
C PRO A 131 -14.86 6.44 8.45
N VAL A 132 -14.43 5.57 9.31
CA VAL A 132 -13.64 4.37 8.88
C VAL A 132 -14.34 3.63 7.73
N SER A 133 -15.63 3.75 7.63
CA SER A 133 -16.37 3.06 6.53
C SER A 133 -15.84 3.55 5.17
N TYR A 134 -15.57 4.82 5.08
CA TYR A 134 -15.02 5.41 3.82
C TYR A 134 -13.57 4.93 3.63
N LEU A 135 -12.89 4.61 4.70
CA LEU A 135 -11.47 4.15 4.59
C LEU A 135 -11.39 2.63 4.32
N LYS A 136 -12.51 1.95 4.19
CA LYS A 136 -12.47 0.48 3.92
C LYS A 136 -12.06 0.25 2.47
N GLY A 137 -10.85 0.61 2.16
CA GLY A 137 -10.31 0.46 0.79
C GLY A 137 -8.94 1.16 0.72
N SER A 138 -8.71 2.12 1.59
CA SER A 138 -7.42 2.87 1.56
C SER A 138 -6.25 2.00 2.02
N SER A 139 -6.51 0.86 2.64
CA SER A 139 -5.37 -0.01 3.09
C SER A 139 -4.55 -0.45 1.90
N GLY A 140 -3.26 -0.52 2.06
CA GLY A 140 -2.37 -0.89 0.92
C GLY A 140 -1.97 0.38 0.17
N GLY A 141 -2.58 1.51 0.48
CA GLY A 141 -2.22 2.78 -0.19
C GLY A 141 -0.77 3.12 0.16
N PRO A 142 -0.37 4.37 -0.02
CA PRO A 142 1.03 4.68 0.32
C PRO A 142 1.20 6.10 0.87
N LEU A 143 2.00 6.24 1.90
CA LEU A 143 2.27 7.57 2.49
C LEU A 143 3.57 8.09 1.88
N LEU A 144 3.45 8.89 0.86
CA LEU A 144 4.66 9.40 0.15
C LEU A 144 5.25 10.67 0.77
N CYS A 145 6.55 10.79 0.75
CA CYS A 145 7.22 12.03 1.27
C CYS A 145 6.86 13.18 0.34
N PRO A 146 7.27 14.38 0.69
CA PRO A 146 6.94 15.53 -0.21
C PRO A 146 7.81 15.53 -1.47
N SER A 147 8.74 14.60 -1.61
CA SER A 147 9.61 14.58 -2.82
C SER A 147 9.19 13.50 -3.82
N GLY A 148 8.16 12.73 -3.54
CA GLY A 148 7.72 11.66 -4.48
C GLY A 148 8.33 10.32 -4.07
N HIS A 149 8.45 10.09 -2.80
CA HIS A 149 9.04 8.80 -2.33
C HIS A 149 8.05 8.04 -1.45
N ALA A 150 7.75 6.81 -1.80
CA ALA A 150 6.80 5.98 -1.01
C ALA A 150 7.56 5.31 0.14
N VAL A 151 7.25 5.66 1.36
CA VAL A 151 7.95 5.05 2.52
C VAL A 151 6.99 4.36 3.49
N GLY A 152 5.70 4.35 3.19
CA GLY A 152 4.74 3.70 4.12
C GLY A 152 3.49 3.25 3.36
N ILE A 153 2.99 2.07 3.62
CA ILE A 153 1.74 1.61 2.95
C ILE A 153 0.68 1.33 4.04
N PHE A 154 -0.41 2.03 3.98
CA PHE A 154 -1.47 1.91 5.03
C PHE A 154 -1.86 0.46 5.33
N ARG A 155 -1.82 0.09 6.59
CA ARG A 155 -2.20 -1.28 7.01
C ARG A 155 -3.43 -1.25 7.93
N ALA A 156 -3.64 -0.19 8.67
CA ALA A 156 -4.83 -0.14 9.57
C ALA A 156 -5.12 1.28 10.07
N ALA A 157 -6.37 1.56 10.35
CA ALA A 157 -6.77 2.91 10.82
C ALA A 157 -7.07 2.92 12.32
N VAL A 158 -6.78 4.02 12.97
CA VAL A 158 -7.11 4.14 14.43
C VAL A 158 -8.50 4.72 14.53
N CYS A 159 -9.48 3.87 14.66
CA CYS A 159 -10.88 4.36 14.69
C CYS A 159 -11.38 4.64 16.10
N THR A 160 -11.74 5.86 16.32
CA THR A 160 -12.28 6.29 17.64
C THR A 160 -13.70 6.83 17.44
N ARG A 161 -14.63 6.41 18.27
CA ARG A 161 -16.05 6.89 18.14
C ARG A 161 -16.59 6.60 16.73
N GLY A 162 -16.02 5.63 16.05
CA GLY A 162 -16.52 5.27 14.69
C GLY A 162 -15.80 6.07 13.60
N VAL A 163 -14.66 6.65 13.88
CA VAL A 163 -13.93 7.42 12.84
C VAL A 163 -12.42 7.28 13.05
N ALA A 164 -11.67 7.22 11.98
CA ALA A 164 -10.19 7.05 12.11
C ALA A 164 -9.51 8.39 12.43
N LYS A 165 -8.74 8.42 13.48
CA LYS A 165 -8.00 9.66 13.86
C LYS A 165 -6.48 9.41 13.82
N ALA A 166 -6.08 8.34 13.19
CA ALA A 166 -4.62 8.02 13.09
C ALA A 166 -4.46 6.81 12.18
N VAL A 167 -3.36 6.74 11.48
CA VAL A 167 -3.15 5.59 10.53
C VAL A 167 -1.86 4.83 10.83
N ASP A 168 -1.95 3.53 10.83
CA ASP A 168 -0.73 2.69 11.04
C ASP A 168 -0.36 2.11 9.69
N PHE A 169 0.90 1.86 9.42
CA PHE A 169 1.24 1.33 8.07
C PHE A 169 2.53 0.52 8.06
N VAL A 170 2.73 -0.24 7.01
CA VAL A 170 3.96 -1.08 6.88
C VAL A 170 5.14 -0.22 6.39
N PRO A 171 6.32 -0.49 6.92
CA PRO A 171 7.50 0.31 6.48
C PRO A 171 8.07 -0.25 5.17
N VAL A 172 8.68 0.59 4.38
CA VAL A 172 9.28 0.14 3.09
C VAL A 172 10.55 -0.66 3.35
N GLU A 173 11.25 -0.35 4.41
CA GLU A 173 12.50 -1.10 4.74
C GLU A 173 12.17 -2.58 4.90
N SER A 174 11.00 -2.88 5.40
CA SER A 174 10.59 -4.31 5.56
C SER A 174 10.24 -4.92 4.20
N MET A 175 9.77 -4.11 3.30
CA MET A 175 9.41 -4.62 1.94
C MET A 175 10.69 -5.00 1.18
N GLU A 176 11.71 -4.20 1.31
CA GLU A 176 12.99 -4.51 0.61
C GLU A 176 13.56 -5.86 1.09
N THR A 177 13.46 -6.13 2.37
CA THR A 177 14.01 -7.42 2.91
C THR A 177 13.23 -8.62 2.37
N THR A 178 12.00 -8.44 1.97
CA THR A 178 11.22 -9.61 1.44
C THR A 178 11.90 -10.15 0.18
N MET A 179 12.39 -9.26 -0.66
CA MET A 179 13.12 -9.71 -1.88
C MET A 179 14.40 -10.43 -1.47
N ARG A 180 15.05 -9.94 -0.45
CA ARG A 180 16.32 -10.56 0.02
C ARG A 180 16.08 -12.01 0.47
N ALA A 181 14.90 -12.32 0.93
CA ALA A 181 14.62 -13.71 1.39
C ALA A 181 13.12 -13.97 1.56
N SER A 182 12.41 -13.04 2.16
CA SER A 182 10.93 -13.19 2.39
C SER A 182 10.66 -14.17 3.55
N LYS A 183 11.17 -15.37 3.47
CA LYS A 183 10.95 -16.36 4.57
C LYS A 183 12.20 -17.19 4.80
N LYS A 184 12.97 -16.88 5.82
CA LYS A 184 14.23 -17.65 6.12
C LYS A 184 15.21 -17.59 4.94
N LYS A 185 14.92 -18.28 3.87
CA LYS A 185 15.84 -18.24 2.69
C LYS A 185 15.10 -18.69 1.42
N LYS A 186 13.82 -18.40 1.33
CA LYS A 186 13.03 -18.79 0.12
C LYS A 186 13.20 -20.29 -0.19
N THR A 22 -6.79 2.14 -14.53
CA THR A 22 -6.82 1.61 -13.14
C THR A 22 -7.70 0.36 -13.06
N GLY A 23 -7.38 -0.54 -12.17
CA GLY A 23 -8.20 -1.79 -12.03
C GLY A 23 -7.67 -2.86 -12.98
N ARG A 24 -8.39 -3.94 -13.11
CA ARG A 24 -7.96 -5.04 -14.01
C ARG A 24 -8.09 -4.59 -15.46
N ASP A 25 -7.56 -5.39 -16.36
CA ASP A 25 -7.58 -5.13 -17.84
C ASP A 25 -6.40 -4.24 -18.22
N LYS A 26 -6.32 -3.81 -19.45
CA LYS A 26 -5.16 -2.98 -19.88
C LYS A 26 -5.07 -1.70 -19.04
N ASN A 27 -3.88 -1.32 -18.66
CA ASN A 27 -3.69 -0.09 -17.85
C ASN A 27 -2.25 0.39 -17.98
N GLN A 28 -2.07 1.68 -18.09
CA GLN A 28 -0.69 2.23 -18.23
C GLN A 28 0.14 1.93 -16.98
N VAL A 29 1.39 1.59 -17.17
CA VAL A 29 2.27 1.28 -16.01
C VAL A 29 2.80 2.56 -15.37
N GLU A 30 2.69 3.67 -16.03
CA GLU A 30 3.19 4.96 -15.45
C GLU A 30 2.27 5.41 -14.32
N GLY A 31 2.25 4.66 -13.25
CA GLY A 31 1.38 5.01 -12.09
C GLY A 31 2.10 4.67 -10.79
N GLU A 32 1.73 5.33 -9.71
CA GLU A 32 2.38 5.08 -8.41
C GLU A 32 1.52 4.13 -7.56
N VAL A 33 0.22 4.31 -7.59
CA VAL A 33 -0.70 3.44 -6.80
C VAL A 33 -1.73 2.80 -7.72
N GLN A 34 -1.90 1.51 -7.63
CA GLN A 34 -2.90 0.81 -8.48
C GLN A 34 -4.11 0.38 -7.65
N VAL A 35 -5.29 0.51 -8.18
CA VAL A 35 -6.51 0.09 -7.44
C VAL A 35 -6.67 -1.42 -7.61
N VAL A 36 -7.05 -2.13 -6.57
CA VAL A 36 -7.19 -3.59 -6.70
C VAL A 36 -8.37 -4.10 -5.91
N SER A 37 -8.85 -5.25 -6.27
CA SER A 37 -10.01 -5.85 -5.55
C SER A 37 -9.90 -7.37 -5.63
N THR A 38 -10.28 -8.00 -4.58
CA THR A 38 -10.22 -9.47 -4.53
C THR A 38 -11.62 -10.01 -4.64
N ALA A 39 -11.74 -11.30 -4.64
CA ALA A 39 -13.09 -11.93 -4.75
C ALA A 39 -14.01 -11.43 -3.61
N THR A 40 -13.45 -10.87 -2.56
CA THR A 40 -14.32 -10.41 -1.43
C THR A 40 -14.25 -8.89 -1.17
N GLN A 41 -13.31 -8.14 -1.74
CA GLN A 41 -13.29 -6.67 -1.43
C GLN A 41 -12.44 -5.84 -2.41
N SER A 42 -12.49 -4.55 -2.24
CA SER A 42 -11.70 -3.62 -3.08
C SER A 42 -10.72 -2.86 -2.19
N PHE A 43 -9.53 -2.57 -2.67
CA PHE A 43 -8.52 -1.86 -1.82
C PHE A 43 -7.41 -1.26 -2.70
N LEU A 44 -6.19 -1.15 -2.21
CA LEU A 44 -5.12 -0.51 -3.05
C LEU A 44 -3.79 -1.27 -3.03
N ALA A 45 -2.90 -0.87 -3.91
CA ALA A 45 -1.56 -1.50 -4.00
C ALA A 45 -0.56 -0.53 -4.64
N THR A 46 0.53 -0.27 -3.96
CA THR A 46 1.55 0.67 -4.51
C THR A 46 2.57 -0.12 -5.35
N CYS A 47 3.59 0.53 -5.84
CA CYS A 47 4.62 -0.15 -6.65
C CYS A 47 5.99 0.43 -6.29
N VAL A 48 6.85 -0.40 -5.77
CA VAL A 48 8.20 0.11 -5.35
C VAL A 48 9.30 -0.88 -5.77
N ASN A 49 10.37 -0.37 -6.33
CA ASN A 49 11.50 -1.25 -6.77
C ASN A 49 10.98 -2.37 -7.68
N GLY A 50 10.06 -2.07 -8.54
CA GLY A 50 9.51 -3.11 -9.46
C GLY A 50 8.73 -4.14 -8.63
N VAL A 51 8.20 -3.75 -7.50
CA VAL A 51 7.44 -4.70 -6.65
C VAL A 51 6.15 -4.05 -6.20
N CYS A 52 5.03 -4.57 -6.64
CA CYS A 52 3.73 -3.98 -6.23
C CYS A 52 3.43 -4.38 -4.81
N TRP A 53 3.09 -3.44 -3.96
CA TRP A 53 2.79 -3.78 -2.55
C TRP A 53 1.34 -3.45 -2.22
N THR A 54 0.64 -4.40 -1.66
CA THR A 54 -0.79 -4.19 -1.31
C THR A 54 -1.06 -4.77 0.08
N VAL A 55 -2.27 -4.72 0.56
CA VAL A 55 -2.54 -5.25 1.93
C VAL A 55 -2.89 -6.75 1.92
N TYR A 56 -2.16 -7.53 2.67
CA TYR A 56 -2.45 -9.00 2.75
C TYR A 56 -3.88 -9.20 3.29
N HIS A 57 -4.27 -8.42 4.26
CA HIS A 57 -5.67 -8.55 4.79
C HIS A 57 -6.64 -7.95 3.79
N GLY A 58 -6.73 -8.57 2.63
CA GLY A 58 -7.64 -8.07 1.56
C GLY A 58 -7.23 -8.74 0.25
N ALA A 59 -5.95 -8.71 -0.06
CA ALA A 59 -5.48 -9.36 -1.32
C ALA A 59 -5.40 -10.88 -1.12
N GLY A 60 -5.17 -11.31 0.09
CA GLY A 60 -5.06 -12.77 0.34
C GLY A 60 -3.70 -13.24 -0.16
N SER A 61 -3.68 -14.03 -1.20
CA SER A 61 -2.39 -14.52 -1.75
C SER A 61 -2.60 -15.07 -3.17
N LYS A 62 -3.40 -14.42 -3.97
CA LYS A 62 -3.62 -14.93 -5.36
C LYS A 62 -4.39 -13.92 -6.21
N THR A 63 -4.31 -14.08 -7.49
CA THR A 63 -5.03 -13.22 -8.46
C THR A 63 -4.99 -11.72 -8.09
N LEU A 64 -6.05 -11.19 -7.50
CA LEU A 64 -6.15 -9.72 -7.11
C LEU A 64 -6.54 -8.83 -8.31
N ALA A 65 -6.17 -9.24 -9.48
CA ALA A 65 -6.46 -8.47 -10.75
C ALA A 65 -5.58 -7.23 -10.84
N GLY A 66 -4.52 -7.31 -11.59
CA GLY A 66 -3.59 -6.15 -11.74
C GLY A 66 -3.78 -5.50 -13.11
N PRO A 67 -2.87 -4.61 -13.44
CA PRO A 67 -2.99 -3.94 -14.77
C PRO A 67 -2.86 -4.96 -15.91
N LYS A 68 -2.33 -6.13 -15.62
CA LYS A 68 -2.19 -7.16 -16.69
C LYS A 68 -3.25 -8.27 -16.55
N GLY A 69 -4.16 -8.13 -15.62
CA GLY A 69 -5.20 -9.18 -15.43
C GLY A 69 -4.95 -9.86 -14.08
N PRO A 70 -5.41 -11.08 -13.95
CA PRO A 70 -5.19 -11.77 -12.65
C PRO A 70 -3.70 -12.13 -12.51
N ILE A 71 -3.02 -11.48 -11.59
CA ILE A 71 -1.58 -11.76 -11.38
C ILE A 71 -1.38 -12.56 -10.09
N THR A 72 -0.36 -13.40 -10.03
CA THR A 72 -0.11 -14.22 -8.81
C THR A 72 0.88 -13.53 -7.87
N GLN A 73 0.63 -13.61 -6.59
CA GLN A 73 1.54 -12.95 -5.59
C GLN A 73 2.92 -13.62 -5.59
N MET A 74 3.95 -12.84 -5.35
CA MET A 74 5.32 -13.42 -5.33
C MET A 74 5.75 -13.70 -3.88
N TYR A 75 5.35 -12.88 -2.95
CA TYR A 75 5.75 -13.09 -1.54
C TYR A 75 4.67 -12.55 -0.59
N THR A 76 4.79 -12.84 0.69
CA THR A 76 3.80 -12.35 1.68
C THR A 76 4.43 -12.22 3.07
N ASN A 77 4.54 -11.03 3.59
CA ASN A 77 5.12 -10.87 4.95
C ASN A 77 3.98 -10.95 5.96
N VAL A 78 3.55 -12.14 6.28
CA VAL A 78 2.43 -12.31 7.25
C VAL A 78 2.81 -11.70 8.59
N ASP A 79 4.07 -11.77 8.94
CA ASP A 79 4.53 -11.16 10.23
C ASP A 79 4.05 -9.71 10.31
N GLN A 80 3.84 -9.08 9.17
CA GLN A 80 3.34 -7.67 9.18
C GLN A 80 2.09 -7.52 8.30
N ASP A 81 1.57 -8.60 7.74
CA ASP A 81 0.35 -8.53 6.87
C ASP A 81 0.66 -7.74 5.60
N LEU A 82 1.55 -8.26 4.78
CA LEU A 82 1.90 -7.55 3.51
C LEU A 82 2.16 -8.57 2.40
N VAL A 83 1.95 -8.17 1.16
CA VAL A 83 2.18 -9.11 0.04
C VAL A 83 2.76 -8.33 -1.14
N GLY A 84 3.88 -8.77 -1.68
CA GLY A 84 4.50 -8.02 -2.81
C GLY A 84 4.58 -8.89 -4.07
N TRP A 85 4.00 -8.41 -5.13
CA TRP A 85 4.05 -9.16 -6.44
C TRP A 85 5.36 -8.79 -7.16
N GLN A 86 5.54 -9.25 -8.36
CA GLN A 86 6.78 -8.89 -9.12
C GLN A 86 6.43 -7.85 -10.19
N ALA A 87 6.40 -6.60 -9.83
CA ALA A 87 6.05 -5.52 -10.80
C ALA A 87 7.17 -5.33 -11.82
N PRO A 88 6.79 -4.92 -13.01
CA PRO A 88 7.82 -4.69 -14.05
C PRO A 88 8.52 -3.35 -13.82
N PRO A 89 9.69 -3.19 -14.40
CA PRO A 89 10.40 -1.89 -14.21
C PRO A 89 10.00 -0.87 -15.28
N GLY A 90 8.86 -1.07 -15.91
CA GLY A 90 8.41 -0.10 -16.95
C GLY A 90 7.39 0.87 -16.36
N ALA A 91 6.84 0.56 -15.21
CA ALA A 91 5.86 1.46 -14.58
C ALA A 91 6.59 2.65 -13.96
N ARG A 92 5.96 3.32 -13.05
CA ARG A 92 6.61 4.49 -12.40
C ARG A 92 7.62 4.05 -11.35
N SER A 93 7.27 3.04 -10.62
CA SER A 93 8.18 2.49 -9.55
C SER A 93 8.64 3.61 -8.59
N LEU A 94 8.04 3.69 -7.43
CA LEU A 94 8.42 4.75 -6.45
C LEU A 94 9.81 4.47 -5.89
N THR A 95 10.46 5.47 -5.34
CA THR A 95 11.83 5.27 -4.78
C THR A 95 11.80 5.19 -3.25
N PRO A 96 12.92 4.78 -2.68
CA PRO A 96 12.97 4.66 -1.19
C PRO A 96 12.69 6.01 -0.51
N CYS A 97 12.55 5.99 0.79
CA CYS A 97 12.25 7.25 1.55
C CYS A 97 13.26 8.37 1.22
N THR A 98 14.47 8.28 1.74
CA THR A 98 15.50 9.34 1.45
C THR A 98 14.96 10.76 1.69
N CYS A 99 14.46 11.04 2.87
CA CYS A 99 13.92 12.42 3.15
C CYS A 99 14.16 12.81 4.62
N GLY A 100 13.85 14.03 4.97
CA GLY A 100 14.03 14.49 6.37
C GLY A 100 12.70 15.02 6.93
N SER A 101 11.59 14.67 6.32
CA SER A 101 10.26 15.16 6.83
C SER A 101 9.22 14.02 6.81
N SER A 102 8.25 14.10 7.69
CA SER A 102 7.20 13.03 7.74
C SER A 102 5.86 13.54 7.20
N ASP A 103 5.87 14.60 6.44
CA ASP A 103 4.59 15.12 5.87
C ASP A 103 4.22 14.26 4.66
N LEU A 104 3.52 13.18 4.89
CA LEU A 104 3.15 12.27 3.78
C LEU A 104 1.72 12.51 3.30
N TYR A 105 1.31 11.80 2.30
CA TYR A 105 -0.07 11.95 1.77
C TYR A 105 -0.57 10.58 1.28
N LEU A 106 -1.54 10.04 1.96
CA LEU A 106 -2.05 8.69 1.57
C LEU A 106 -3.14 8.80 0.51
N VAL A 107 -3.12 7.92 -0.44
CA VAL A 107 -4.15 7.92 -1.52
C VAL A 107 -5.33 7.07 -1.09
N THR A 108 -6.50 7.65 -0.98
CA THR A 108 -7.70 6.85 -0.57
C THR A 108 -8.27 6.15 -1.78
N ARG A 109 -9.27 5.30 -1.58
CA ARG A 109 -9.89 4.55 -2.73
C ARG A 109 -10.13 5.46 -3.94
N HIS A 110 -10.32 6.73 -3.71
CA HIS A 110 -10.53 7.68 -4.84
C HIS A 110 -9.22 8.41 -5.14
N ALA A 111 -8.79 9.27 -4.26
CA ALA A 111 -7.51 10.01 -4.47
C ALA A 111 -6.88 10.34 -3.12
N ASP A 112 -5.93 11.22 -3.13
CA ASP A 112 -5.26 11.62 -1.85
C ASP A 112 -6.28 12.18 -0.86
N VAL A 113 -6.72 13.41 -1.07
CA VAL A 113 -7.73 14.07 -0.16
C VAL A 113 -7.47 13.76 1.33
N ILE A 114 -6.23 13.55 1.70
CA ILE A 114 -5.93 13.24 3.14
C ILE A 114 -4.42 13.36 3.42
N PRO A 115 -4.06 14.21 4.35
CA PRO A 115 -2.62 14.35 4.68
C PRO A 115 -2.32 13.74 6.05
N VAL A 116 -1.28 12.95 6.15
CA VAL A 116 -0.94 12.32 7.47
C VAL A 116 0.55 12.52 7.78
N ARG A 117 0.85 12.80 9.02
CA ARG A 117 2.28 12.98 9.42
C ARG A 117 2.76 11.67 10.03
N ARG A 118 3.77 11.04 9.47
CA ARG A 118 4.22 9.75 10.02
C ARG A 118 4.71 9.90 11.46
N ARG A 119 4.22 9.07 12.33
CA ARG A 119 4.69 9.11 13.73
C ARG A 119 5.65 7.93 14.00
N GLY A 120 5.97 7.16 12.97
CA GLY A 120 6.89 6.00 13.16
C GLY A 120 6.94 5.21 11.87
N ASP A 121 7.68 4.13 11.84
CA ASP A 121 7.74 3.31 10.60
C ASP A 121 6.40 2.64 10.33
N SER A 122 5.59 2.47 11.36
CA SER A 122 4.27 1.82 11.18
C SER A 122 3.14 2.69 11.72
N ARG A 123 3.37 3.97 11.93
CA ARG A 123 2.28 4.83 12.48
C ARG A 123 2.26 6.20 11.81
N GLY A 124 1.09 6.69 11.52
CA GLY A 124 0.97 8.03 10.89
C GLY A 124 -0.16 8.78 11.57
N SER A 125 0.00 10.06 11.78
CA SER A 125 -1.05 10.84 12.47
C SER A 125 -2.03 11.43 11.46
N LEU A 126 -3.22 10.90 11.40
CA LEU A 126 -4.22 11.44 10.44
C LEU A 126 -4.79 12.75 11.01
N LEU A 127 -4.17 13.86 10.67
CA LEU A 127 -4.66 15.18 11.21
C LEU A 127 -6.10 15.42 10.79
N SER A 128 -6.49 14.87 9.69
CA SER A 128 -7.89 15.04 9.21
C SER A 128 -8.71 13.80 9.58
N PRO A 129 -9.46 13.89 10.65
CA PRO A 129 -10.26 12.71 11.08
C PRO A 129 -11.46 12.51 10.15
N ARG A 130 -11.79 11.27 9.88
CA ARG A 130 -12.95 10.97 9.01
C ARG A 130 -13.53 9.61 9.40
N PRO A 131 -14.76 9.37 9.03
CA PRO A 131 -15.37 8.07 9.40
C PRO A 131 -14.54 6.91 8.85
N VAL A 132 -14.15 6.00 9.71
CA VAL A 132 -13.32 4.83 9.26
C VAL A 132 -13.99 4.11 8.08
N SER A 133 -15.28 4.23 7.96
CA SER A 133 -16.02 3.59 6.83
C SER A 133 -15.49 4.16 5.51
N TYR A 134 -15.17 5.43 5.52
CA TYR A 134 -14.63 6.10 4.30
C TYR A 134 -13.22 5.57 4.02
N LEU A 135 -12.52 5.12 5.03
CA LEU A 135 -11.14 4.59 4.83
C LEU A 135 -11.17 3.10 4.45
N LYS A 136 -12.35 2.51 4.34
CA LYS A 136 -12.45 1.09 3.96
C LYS A 136 -12.01 0.93 2.51
N GLY A 137 -10.89 0.29 2.33
CA GLY A 137 -10.33 0.11 0.96
C GLY A 137 -9.22 1.13 0.74
N SER A 138 -9.05 2.06 1.65
CA SER A 138 -7.96 3.05 1.51
C SER A 138 -6.62 2.38 1.84
N SER A 139 -6.65 1.21 2.48
CA SER A 139 -5.36 0.50 2.80
C SER A 139 -4.73 -0.02 1.52
N GLY A 140 -3.46 -0.29 1.56
CA GLY A 140 -2.76 -0.79 0.34
C GLY A 140 -2.22 0.41 -0.45
N GLY A 141 -2.69 1.61 -0.17
CA GLY A 141 -2.18 2.80 -0.87
C GLY A 141 -0.81 3.13 -0.28
N PRO A 142 -0.38 4.38 -0.41
CA PRO A 142 0.94 4.69 0.17
C PRO A 142 1.02 6.13 0.67
N LEU A 143 1.81 6.35 1.68
CA LEU A 143 2.01 7.71 2.23
C LEU A 143 3.26 8.29 1.55
N LEU A 144 3.06 9.09 0.55
CA LEU A 144 4.23 9.65 -0.22
C LEU A 144 4.84 10.88 0.45
N CYS A 145 6.13 10.89 0.55
CA CYS A 145 6.85 12.07 1.12
C CYS A 145 6.68 13.23 0.16
N PRO A 146 7.39 14.31 0.39
CA PRO A 146 7.27 15.46 -0.56
C PRO A 146 8.22 15.29 -1.76
N SER A 147 8.83 14.13 -1.91
CA SER A 147 9.77 13.93 -3.06
C SER A 147 9.30 12.79 -3.97
N GLY A 148 8.10 12.27 -3.77
CA GLY A 148 7.62 11.15 -4.65
C GLY A 148 8.21 9.82 -4.18
N HIS A 149 8.37 9.67 -2.89
CA HIS A 149 8.95 8.40 -2.36
C HIS A 149 7.92 7.67 -1.50
N ALA A 150 7.65 6.42 -1.81
CA ALA A 150 6.67 5.65 -1.00
C ALA A 150 7.33 5.19 0.29
N VAL A 151 6.90 5.71 1.41
CA VAL A 151 7.53 5.33 2.71
C VAL A 151 6.57 4.55 3.59
N GLY A 152 5.31 4.48 3.26
CA GLY A 152 4.35 3.74 4.14
C GLY A 152 3.08 3.34 3.38
N ILE A 153 2.69 2.08 3.46
CA ILE A 153 1.42 1.64 2.81
C ILE A 153 0.38 1.43 3.92
N PHE A 154 -0.68 2.19 3.90
CA PHE A 154 -1.73 2.10 4.98
C PHE A 154 -2.14 0.64 5.24
N ARG A 155 -2.11 0.24 6.49
CA ARG A 155 -2.46 -1.16 6.88
C ARG A 155 -3.72 -1.21 7.75
N ALA A 156 -3.97 -0.19 8.54
CA ALA A 156 -5.18 -0.23 9.41
C ALA A 156 -5.54 1.16 9.94
N ALA A 157 -6.81 1.42 10.08
CA ALA A 157 -7.27 2.76 10.57
C ALA A 157 -7.53 2.74 12.07
N VAL A 158 -7.19 3.80 12.75
CA VAL A 158 -7.44 3.86 14.22
C VAL A 158 -8.71 4.63 14.45
N CYS A 159 -9.81 3.95 14.54
CA CYS A 159 -11.11 4.65 14.74
C CYS A 159 -11.44 4.81 16.22
N THR A 160 -11.52 6.03 16.66
CA THR A 160 -11.81 6.31 18.10
C THR A 160 -13.33 6.29 18.35
N ARG A 161 -14.03 7.29 17.85
CA ARG A 161 -15.52 7.33 18.05
C ARG A 161 -16.22 7.11 16.71
N GLY A 162 -15.82 6.09 16.01
CA GLY A 162 -16.45 5.82 14.68
C GLY A 162 -15.72 6.63 13.59
N VAL A 163 -14.57 7.17 13.89
CA VAL A 163 -13.80 7.95 12.90
C VAL A 163 -12.31 7.72 13.16
N ALA A 164 -11.52 7.61 12.12
CA ALA A 164 -10.08 7.34 12.31
C ALA A 164 -9.32 8.60 12.72
N LYS A 165 -8.57 8.50 13.79
CA LYS A 165 -7.76 9.66 14.26
C LYS A 165 -6.28 9.30 14.24
N ALA A 166 -5.93 8.22 13.59
CA ALA A 166 -4.51 7.79 13.51
C ALA A 166 -4.43 6.61 12.57
N VAL A 167 -3.34 6.46 11.87
CA VAL A 167 -3.23 5.33 10.90
C VAL A 167 -1.95 4.52 11.07
N ASP A 168 -2.08 3.23 10.97
CA ASP A 168 -0.89 2.33 11.07
C ASP A 168 -0.58 1.87 9.64
N PHE A 169 0.65 1.58 9.30
CA PHE A 169 0.93 1.18 7.90
C PHE A 169 2.20 0.33 7.77
N VAL A 170 2.33 -0.31 6.63
CA VAL A 170 3.54 -1.15 6.37
C VAL A 170 4.69 -0.26 5.86
N PRO A 171 5.86 -0.45 6.42
CA PRO A 171 7.01 0.39 5.97
C PRO A 171 7.66 -0.18 4.70
N VAL A 172 8.25 0.67 3.90
CA VAL A 172 8.93 0.21 2.65
C VAL A 172 10.19 -0.56 3.03
N GLU A 173 10.78 -0.24 4.15
CA GLU A 173 12.01 -0.98 4.60
C GLU A 173 11.67 -2.47 4.71
N SER A 174 10.43 -2.77 5.03
CA SER A 174 10.00 -4.20 5.13
C SER A 174 9.88 -4.81 3.73
N MET A 175 9.73 -4.00 2.71
CA MET A 175 9.64 -4.55 1.32
C MET A 175 11.01 -5.09 0.92
N GLU A 176 12.04 -4.41 1.34
CA GLU A 176 13.43 -4.83 0.99
C GLU A 176 13.71 -6.23 1.54
N THR A 177 13.23 -6.55 2.71
CA THR A 177 13.49 -7.92 3.28
C THR A 177 12.93 -8.99 2.36
N THR A 178 11.84 -8.70 1.68
CA THR A 178 11.27 -9.69 0.72
C THR A 178 12.29 -10.01 -0.35
N MET A 179 12.92 -8.99 -0.87
CA MET A 179 13.96 -9.20 -1.92
C MET A 179 15.10 -10.05 -1.34
N ARG A 180 15.49 -9.80 -0.11
CA ARG A 180 16.57 -10.62 0.51
C ARG A 180 16.04 -12.03 0.78
N ALA A 181 14.82 -12.13 1.22
CA ALA A 181 14.16 -13.45 1.51
C ALA A 181 14.91 -14.27 2.59
N SER A 182 15.91 -13.70 3.24
CA SER A 182 16.68 -14.43 4.31
C SER A 182 16.87 -15.93 4.01
N LYS A 183 16.95 -16.31 2.75
CA LYS A 183 17.13 -17.75 2.41
C LYS A 183 18.61 -18.14 2.45
N LYS A 184 19.46 -17.33 1.84
CA LYS A 184 20.93 -17.63 1.83
C LYS A 184 21.21 -19.07 1.40
N LYS A 185 20.51 -19.56 0.40
CA LYS A 185 20.75 -20.95 -0.08
C LYS A 185 21.99 -21.00 -0.97
N LYS A 186 22.89 -21.91 -0.71
CA LYS A 186 24.14 -22.00 -1.54
C LYS A 186 23.86 -22.85 -2.79
N THR A 22 -13.73 -4.31 -11.93
CA THR A 22 -12.84 -5.05 -10.98
C THR A 22 -12.46 -6.41 -11.58
N GLY A 23 -11.54 -7.10 -10.95
CA GLY A 23 -11.11 -8.43 -11.47
C GLY A 23 -9.95 -8.26 -12.45
N ARG A 24 -10.16 -7.50 -13.50
CA ARG A 24 -9.08 -7.29 -14.51
C ARG A 24 -8.50 -5.87 -14.42
N ASP A 25 -8.91 -5.09 -13.45
CA ASP A 25 -8.40 -3.69 -13.30
C ASP A 25 -8.71 -2.87 -14.56
N LYS A 26 -7.93 -1.85 -14.83
CA LYS A 26 -8.23 -0.99 -16.02
C LYS A 26 -7.18 -1.18 -17.13
N ASN A 27 -6.53 -2.32 -17.17
CA ASN A 27 -5.48 -2.60 -18.24
C ASN A 27 -4.25 -1.69 -18.08
N GLN A 28 -4.42 -0.39 -18.16
CA GLN A 28 -3.25 0.52 -18.02
C GLN A 28 -3.19 1.11 -16.62
N VAL A 29 -2.06 1.00 -15.96
CA VAL A 29 -1.94 1.55 -14.59
C VAL A 29 -1.61 3.04 -14.65
N GLU A 30 -0.52 3.38 -15.32
CA GLU A 30 -0.11 4.81 -15.46
C GLU A 30 -0.18 5.56 -14.13
N GLY A 31 0.13 4.89 -13.05
CA GLY A 31 0.09 5.57 -11.72
C GLY A 31 0.80 4.71 -10.68
N GLU A 32 1.38 5.33 -9.68
CA GLU A 32 2.10 4.56 -8.61
C GLU A 32 1.10 3.79 -7.73
N VAL A 33 -0.12 4.26 -7.66
CA VAL A 33 -1.16 3.59 -6.82
C VAL A 33 -2.20 2.92 -7.72
N GLN A 34 -2.65 1.75 -7.38
CA GLN A 34 -3.66 1.06 -8.23
C GLN A 34 -4.72 0.38 -7.35
N VAL A 35 -5.93 0.33 -7.83
CA VAL A 35 -7.03 -0.31 -7.05
C VAL A 35 -7.05 -1.82 -7.31
N VAL A 36 -7.09 -2.60 -6.27
CA VAL A 36 -7.11 -4.08 -6.42
C VAL A 36 -8.21 -4.67 -5.54
N SER A 37 -8.62 -5.86 -5.86
CA SER A 37 -9.69 -6.53 -5.07
C SER A 37 -9.36 -8.01 -4.93
N THR A 38 -9.78 -8.62 -3.86
CA THR A 38 -9.49 -10.08 -3.69
C THR A 38 -10.79 -10.86 -3.70
N ALA A 39 -11.33 -11.03 -4.86
CA ALA A 39 -12.60 -11.81 -5.05
C ALA A 39 -13.83 -11.18 -4.35
N THR A 40 -13.74 -10.81 -3.08
CA THR A 40 -14.97 -10.26 -2.40
C THR A 40 -14.79 -8.83 -1.87
N GLN A 41 -13.73 -8.13 -2.21
CA GLN A 41 -13.58 -6.73 -1.69
C GLN A 41 -12.56 -5.94 -2.51
N SER A 42 -12.50 -4.65 -2.27
CA SER A 42 -11.54 -3.78 -3.01
C SER A 42 -10.71 -2.97 -2.01
N PHE A 43 -9.53 -2.58 -2.43
CA PHE A 43 -8.62 -1.80 -1.53
C PHE A 43 -7.53 -1.12 -2.37
N LEU A 44 -6.32 -0.98 -1.87
CA LEU A 44 -5.27 -0.27 -2.70
C LEU A 44 -3.91 -0.98 -2.67
N ALA A 45 -3.07 -0.66 -3.64
CA ALA A 45 -1.72 -1.28 -3.73
C ALA A 45 -0.74 -0.29 -4.38
N THR A 46 0.41 -0.09 -3.77
CA THR A 46 1.40 0.87 -4.34
C THR A 46 2.65 0.16 -4.84
N CYS A 47 3.00 0.37 -6.09
CA CYS A 47 4.23 -0.28 -6.64
C CYS A 47 5.49 0.39 -6.10
N VAL A 48 6.41 -0.40 -5.61
CA VAL A 48 7.68 0.18 -5.05
C VAL A 48 8.87 -0.70 -5.44
N ASN A 49 9.96 -0.10 -5.84
CA ASN A 49 11.18 -0.90 -6.23
C ASN A 49 10.81 -1.97 -7.27
N GLY A 50 9.94 -1.65 -8.18
CA GLY A 50 9.54 -2.65 -9.22
C GLY A 50 8.73 -3.77 -8.56
N VAL A 51 8.04 -3.47 -7.49
CA VAL A 51 7.23 -4.51 -6.79
C VAL A 51 5.90 -3.91 -6.36
N CYS A 52 4.82 -4.46 -6.84
CA CYS A 52 3.48 -3.95 -6.44
C CYS A 52 3.22 -4.37 -5.01
N TRP A 53 2.83 -3.46 -4.16
CA TRP A 53 2.60 -3.81 -2.74
C TRP A 53 1.18 -3.46 -2.32
N THR A 54 0.51 -4.36 -1.66
CA THR A 54 -0.87 -4.08 -1.20
C THR A 54 -1.04 -4.68 0.19
N VAL A 55 -2.19 -4.56 0.77
CA VAL A 55 -2.36 -5.14 2.14
C VAL A 55 -2.82 -6.60 2.10
N TYR A 56 -2.12 -7.46 2.80
CA TYR A 56 -2.51 -8.90 2.82
C TYR A 56 -3.93 -9.03 3.38
N HIS A 57 -4.25 -8.27 4.40
CA HIS A 57 -5.65 -8.35 4.94
C HIS A 57 -6.61 -7.79 3.89
N GLY A 58 -6.11 -7.01 2.96
CA GLY A 58 -6.96 -6.49 1.86
C GLY A 58 -6.97 -7.56 0.76
N ALA A 59 -5.86 -8.25 0.58
CA ALA A 59 -5.78 -9.33 -0.46
C ALA A 59 -6.20 -10.67 0.18
N GLY A 60 -5.30 -11.30 0.90
CA GLY A 60 -5.62 -12.58 1.60
C GLY A 60 -5.75 -13.74 0.62
N SER A 61 -5.40 -13.57 -0.63
CA SER A 61 -5.53 -14.71 -1.60
C SER A 61 -4.34 -14.77 -2.56
N LYS A 62 -3.25 -14.09 -2.26
CA LYS A 62 -2.04 -14.09 -3.18
C LYS A 62 -2.36 -13.35 -4.49
N THR A 63 -3.34 -13.81 -5.20
CA THR A 63 -3.75 -13.16 -6.47
C THR A 63 -4.61 -11.93 -6.14
N LEU A 64 -4.89 -11.12 -7.12
CA LEU A 64 -5.73 -9.91 -6.88
C LEU A 64 -6.56 -9.59 -8.14
N ALA A 65 -6.52 -8.38 -8.63
CA ALA A 65 -7.30 -8.03 -9.85
C ALA A 65 -6.50 -6.99 -10.64
N GLY A 66 -5.57 -7.43 -11.45
CA GLY A 66 -4.75 -6.46 -12.22
C GLY A 66 -5.16 -6.46 -13.69
N PRO A 67 -4.43 -5.69 -14.49
CA PRO A 67 -4.75 -5.63 -15.94
C PRO A 67 -4.78 -7.03 -16.55
N LYS A 68 -4.09 -7.96 -15.94
CA LYS A 68 -4.09 -9.36 -16.46
C LYS A 68 -5.06 -10.24 -15.66
N GLY A 69 -5.83 -9.66 -14.76
CA GLY A 69 -6.77 -10.47 -13.95
C GLY A 69 -6.09 -10.75 -12.61
N PRO A 70 -6.34 -11.92 -12.08
CA PRO A 70 -5.69 -12.25 -10.78
C PRO A 70 -4.19 -12.42 -11.02
N ILE A 71 -3.42 -11.49 -10.51
CA ILE A 71 -1.95 -11.54 -10.71
C ILE A 71 -1.22 -12.07 -9.47
N THR A 72 -0.26 -12.91 -9.71
CA THR A 72 0.58 -13.49 -8.61
C THR A 72 2.03 -13.46 -9.10
N GLN A 73 2.94 -12.89 -8.35
CA GLN A 73 4.34 -12.82 -8.89
C GLN A 73 5.44 -13.11 -7.88
N MET A 74 5.68 -12.23 -6.96
CA MET A 74 6.83 -12.44 -6.03
C MET A 74 6.50 -13.28 -4.79
N TYR A 75 5.65 -12.80 -3.90
CA TYR A 75 5.41 -13.60 -2.65
C TYR A 75 4.25 -13.05 -1.79
N THR A 76 4.15 -13.56 -0.60
CA THR A 76 3.11 -13.12 0.37
C THR A 76 3.66 -13.25 1.80
N ASN A 77 3.83 -12.18 2.52
CA ASN A 77 4.36 -12.30 3.91
C ASN A 77 3.19 -12.24 4.89
N VAL A 78 2.55 -13.35 5.10
CA VAL A 78 1.39 -13.37 6.05
C VAL A 78 1.87 -13.03 7.45
N ASP A 79 3.04 -13.49 7.82
CA ASP A 79 3.58 -13.18 9.17
C ASP A 79 3.58 -11.65 9.37
N GLN A 80 3.67 -10.91 8.29
CA GLN A 80 3.65 -9.41 8.40
C GLN A 80 2.37 -8.85 7.76
N ASP A 81 1.53 -9.69 7.19
CA ASP A 81 0.28 -9.20 6.53
C ASP A 81 0.67 -8.28 5.37
N LEU A 82 1.48 -8.78 4.49
CA LEU A 82 1.93 -7.95 3.34
C LEU A 82 2.12 -8.87 2.14
N VAL A 83 1.91 -8.38 0.94
CA VAL A 83 2.08 -9.25 -0.25
C VAL A 83 2.67 -8.41 -1.38
N GLY A 84 3.59 -8.96 -2.14
CA GLY A 84 4.18 -8.16 -3.24
C GLY A 84 4.18 -8.94 -4.54
N TRP A 85 3.75 -8.30 -5.60
CA TRP A 85 3.73 -8.94 -6.94
C TRP A 85 4.85 -8.34 -7.79
N GLN A 86 4.77 -8.47 -9.10
CA GLN A 86 5.79 -7.86 -9.99
C GLN A 86 5.11 -6.81 -10.86
N ALA A 87 5.45 -5.56 -10.68
CA ALA A 87 4.79 -4.47 -11.47
C ALA A 87 5.11 -4.62 -12.97
N PRO A 88 4.13 -4.30 -13.80
CA PRO A 88 4.38 -4.42 -15.26
C PRO A 88 4.58 -3.02 -15.87
N PRO A 89 5.12 -2.99 -17.06
CA PRO A 89 5.35 -1.65 -17.71
C PRO A 89 4.00 -0.96 -17.97
N GLY A 90 3.88 0.28 -17.57
CA GLY A 90 2.60 1.02 -17.80
C GLY A 90 2.28 1.88 -16.58
N ALA A 91 2.69 1.45 -15.42
CA ALA A 91 2.44 2.22 -14.18
C ALA A 91 3.63 3.17 -13.91
N ARG A 92 3.92 3.40 -12.66
CA ARG A 92 5.07 4.30 -12.31
C ARG A 92 5.58 3.91 -10.92
N SER A 93 6.77 3.37 -10.85
CA SER A 93 7.33 2.95 -9.53
C SER A 93 7.94 4.13 -8.79
N LEU A 94 7.72 4.21 -7.50
CA LEU A 94 8.28 5.33 -6.69
C LEU A 94 9.59 4.88 -6.05
N THR A 95 10.38 5.81 -5.54
CA THR A 95 11.69 5.41 -4.92
C THR A 95 11.70 5.67 -3.41
N PRO A 96 12.71 5.13 -2.75
CA PRO A 96 12.80 5.34 -1.28
C PRO A 96 13.13 6.81 -0.99
N CYS A 97 12.41 7.41 -0.08
CA CYS A 97 12.65 8.84 0.25
C CYS A 97 13.99 9.05 0.99
N THR A 98 14.32 8.17 1.88
CA THR A 98 15.60 8.29 2.65
C THR A 98 15.77 9.70 3.28
N CYS A 99 14.78 10.18 3.98
CA CYS A 99 14.88 11.52 4.67
C CYS A 99 13.98 11.56 5.90
N GLY A 100 14.13 12.57 6.72
CA GLY A 100 13.31 12.67 7.96
C GLY A 100 12.00 13.43 7.73
N SER A 101 11.59 13.61 6.49
CA SER A 101 10.32 14.34 6.22
C SER A 101 9.14 13.42 6.55
N SER A 102 8.29 13.82 7.47
CA SER A 102 7.12 12.96 7.83
C SER A 102 5.81 13.49 7.25
N ASP A 103 5.83 14.62 6.58
CA ASP A 103 4.57 15.17 5.99
C ASP A 103 4.14 14.28 4.81
N LEU A 104 3.60 13.14 5.11
CA LEU A 104 3.17 12.18 4.04
C LEU A 104 1.77 12.51 3.50
N TYR A 105 1.36 11.80 2.49
CA TYR A 105 0.00 12.02 1.89
C TYR A 105 -0.53 10.68 1.40
N LEU A 106 -1.74 10.34 1.75
CA LEU A 106 -2.29 9.02 1.31
C LEU A 106 -3.44 9.19 0.30
N VAL A 107 -3.63 8.20 -0.53
CA VAL A 107 -4.71 8.24 -1.56
C VAL A 107 -5.79 7.20 -1.19
N THR A 108 -7.04 7.60 -1.20
CA THR A 108 -8.14 6.64 -0.84
C THR A 108 -8.49 5.77 -2.04
N ARG A 109 -9.28 4.74 -1.80
CA ARG A 109 -9.73 3.77 -2.88
C ARG A 109 -9.91 4.46 -4.23
N HIS A 110 -10.35 5.70 -4.23
CA HIS A 110 -10.52 6.42 -5.50
C HIS A 110 -9.28 7.32 -5.73
N ALA A 111 -9.27 8.51 -5.18
CA ALA A 111 -8.09 9.41 -5.36
C ALA A 111 -8.02 10.54 -4.32
N ASP A 112 -8.89 10.57 -3.32
CA ASP A 112 -8.84 11.69 -2.33
C ASP A 112 -7.48 11.69 -1.63
N VAL A 113 -6.92 12.86 -1.43
CA VAL A 113 -5.57 12.94 -0.77
C VAL A 113 -5.72 13.57 0.62
N ILE A 114 -5.33 12.84 1.64
CA ILE A 114 -5.42 13.37 3.03
C ILE A 114 -4.01 13.40 3.66
N PRO A 115 -3.51 14.59 3.90
CA PRO A 115 -2.14 14.68 4.47
C PRO A 115 -2.07 14.04 5.86
N VAL A 116 -1.09 13.21 6.09
CA VAL A 116 -0.93 12.55 7.41
C VAL A 116 0.51 12.73 7.91
N ARG A 117 0.70 13.09 9.15
CA ARG A 117 2.09 13.28 9.67
C ARG A 117 2.57 11.95 10.27
N ARG A 118 3.64 11.41 9.75
CA ARG A 118 4.13 10.10 10.28
C ARG A 118 4.44 10.19 11.77
N ARG A 119 3.84 9.35 12.57
CA ARG A 119 4.13 9.33 14.03
C ARG A 119 5.13 8.22 14.35
N GLY A 120 5.60 7.52 13.34
CA GLY A 120 6.58 6.41 13.58
C GLY A 120 6.84 5.73 12.23
N ASP A 121 7.68 4.74 12.22
CA ASP A 121 7.98 4.04 10.93
C ASP A 121 6.71 3.37 10.39
N SER A 122 5.81 3.02 11.26
CA SER A 122 4.56 2.34 10.82
C SER A 122 3.31 3.10 11.28
N ARG A 123 3.42 4.35 11.63
CA ARG A 123 2.22 5.10 12.10
C ARG A 123 2.19 6.51 11.53
N GLY A 124 1.01 7.01 11.26
CA GLY A 124 0.86 8.38 10.72
C GLY A 124 -0.35 9.03 11.37
N SER A 125 -0.26 10.28 11.67
CA SER A 125 -1.38 11.00 12.32
C SER A 125 -2.31 11.59 11.28
N LEU A 126 -3.49 11.06 11.15
CA LEU A 126 -4.45 11.60 10.15
C LEU A 126 -4.92 12.97 10.64
N LEU A 127 -4.48 14.01 9.99
CA LEU A 127 -4.87 15.38 10.40
C LEU A 127 -6.38 15.54 10.31
N SER A 128 -6.96 14.91 9.33
CA SER A 128 -8.44 15.00 9.15
C SER A 128 -9.10 13.65 9.47
N PRO A 129 -9.78 13.59 10.60
CA PRO A 129 -10.44 12.31 10.96
C PRO A 129 -11.69 12.11 10.10
N ARG A 130 -12.01 10.88 9.80
CA ARG A 130 -13.21 10.60 8.96
C ARG A 130 -13.78 9.24 9.36
N PRO A 131 -15.03 9.01 9.02
CA PRO A 131 -15.63 7.71 9.38
C PRO A 131 -14.81 6.55 8.81
N VAL A 132 -14.37 5.66 9.66
CA VAL A 132 -13.55 4.50 9.19
C VAL A 132 -14.22 3.79 7.99
N SER A 133 -15.52 3.87 7.91
CA SER A 133 -16.26 3.26 6.76
C SER A 133 -15.72 3.84 5.45
N TYR A 134 -15.28 5.06 5.48
CA TYR A 134 -14.72 5.70 4.26
C TYR A 134 -13.32 5.12 3.99
N LEU A 135 -12.63 4.70 5.02
CA LEU A 135 -11.25 4.16 4.85
C LEU A 135 -11.22 2.64 4.61
N LYS A 136 -12.35 1.96 4.61
CA LYS A 136 -12.30 0.46 4.36
C LYS A 136 -12.04 0.20 2.88
N GLY A 137 -10.88 0.58 2.46
CA GLY A 137 -10.44 0.40 1.04
C GLY A 137 -9.08 1.10 0.86
N SER A 138 -8.79 2.09 1.68
CA SER A 138 -7.51 2.85 1.55
C SER A 138 -6.32 1.97 1.97
N SER A 139 -6.55 0.84 2.61
CA SER A 139 -5.40 -0.03 3.04
C SER A 139 -4.60 -0.47 1.82
N GLY A 140 -3.30 -0.50 1.97
CA GLY A 140 -2.45 -0.90 0.82
C GLY A 140 -2.09 0.36 0.01
N GLY A 141 -2.70 1.49 0.32
CA GLY A 141 -2.39 2.74 -0.42
C GLY A 141 -0.95 3.15 -0.11
N PRO A 142 -0.62 4.41 -0.30
CA PRO A 142 0.78 4.79 0.01
C PRO A 142 0.88 6.18 0.63
N LEU A 143 1.75 6.33 1.60
CA LEU A 143 1.97 7.64 2.24
C LEU A 143 3.24 8.22 1.63
N LEU A 144 3.10 9.06 0.63
CA LEU A 144 4.30 9.63 -0.05
C LEU A 144 4.84 10.87 0.64
N CYS A 145 6.13 10.90 0.84
CA CYS A 145 6.79 12.10 1.46
C CYS A 145 6.55 13.32 0.55
N PRO A 146 7.36 14.35 0.75
CA PRO A 146 7.21 15.53 -0.14
C PRO A 146 8.26 15.48 -1.26
N SER A 147 8.88 14.33 -1.49
CA SER A 147 9.92 14.25 -2.57
C SER A 147 9.55 13.21 -3.64
N GLY A 148 8.33 12.72 -3.66
CA GLY A 148 7.92 11.72 -4.69
C GLY A 148 8.40 10.32 -4.29
N HIS A 149 8.36 10.00 -3.02
CA HIS A 149 8.81 8.65 -2.57
C HIS A 149 7.73 7.97 -1.73
N ALA A 150 7.38 6.76 -2.06
CA ALA A 150 6.33 6.02 -1.28
C ALA A 150 7.04 5.20 -0.20
N VAL A 151 7.05 5.68 1.01
CA VAL A 151 7.74 4.94 2.10
C VAL A 151 6.76 4.34 3.12
N GLY A 152 5.47 4.42 2.86
CA GLY A 152 4.50 3.86 3.85
C GLY A 152 3.23 3.36 3.16
N ILE A 153 2.86 2.12 3.36
CA ILE A 153 1.60 1.59 2.76
C ILE A 153 0.59 1.36 3.90
N PHE A 154 -0.53 2.02 3.85
CA PHE A 154 -1.54 1.91 4.93
C PHE A 154 -1.92 0.45 5.25
N ARG A 155 -1.85 0.10 6.52
CA ARG A 155 -2.20 -1.29 6.93
C ARG A 155 -3.42 -1.30 7.85
N ALA A 156 -3.65 -0.24 8.59
CA ALA A 156 -4.84 -0.23 9.50
C ALA A 156 -5.16 1.19 9.99
N ALA A 157 -6.42 1.44 10.28
CA ALA A 157 -6.84 2.79 10.76
C ALA A 157 -7.15 2.78 12.26
N VAL A 158 -6.86 3.86 12.94
CA VAL A 158 -7.18 3.94 14.40
C VAL A 158 -8.53 4.59 14.54
N CYS A 159 -9.57 3.80 14.58
CA CYS A 159 -10.93 4.38 14.67
C CYS A 159 -11.44 4.48 16.10
N THR A 160 -11.60 5.70 16.56
CA THR A 160 -12.13 5.93 17.93
C THR A 160 -13.62 6.23 17.83
N ARG A 161 -14.44 5.61 18.65
CA ARG A 161 -15.92 5.83 18.59
C ARG A 161 -16.45 5.34 17.23
N GLY A 162 -16.17 6.05 16.17
CA GLY A 162 -16.62 5.61 14.82
C GLY A 162 -15.87 6.37 13.73
N VAL A 163 -14.67 6.84 14.00
CA VAL A 163 -13.90 7.57 12.96
C VAL A 163 -12.39 7.37 13.19
N ALA A 164 -11.64 7.27 12.14
CA ALA A 164 -10.16 7.05 12.27
C ALA A 164 -9.44 8.36 12.61
N LYS A 165 -8.66 8.34 13.65
CA LYS A 165 -7.89 9.55 14.04
C LYS A 165 -6.39 9.27 13.96
N ALA A 166 -6.01 8.20 13.32
CA ALA A 166 -4.57 7.85 13.20
C ALA A 166 -4.43 6.67 12.25
N VAL A 167 -3.36 6.63 11.50
CA VAL A 167 -3.18 5.51 10.52
C VAL A 167 -1.90 4.71 10.78
N ASP A 168 -2.00 3.41 10.73
CA ASP A 168 -0.81 2.54 10.89
C ASP A 168 -0.43 2.04 9.50
N PHE A 169 0.83 1.83 9.21
CA PHE A 169 1.17 1.39 7.83
C PHE A 169 2.51 0.63 7.76
N VAL A 170 2.71 -0.10 6.70
CA VAL A 170 3.98 -0.86 6.51
C VAL A 170 5.01 0.03 5.80
N PRO A 171 6.21 0.08 6.36
CA PRO A 171 7.25 0.93 5.70
C PRO A 171 7.86 0.20 4.50
N VAL A 172 8.42 0.94 3.57
CA VAL A 172 9.04 0.31 2.36
C VAL A 172 10.31 -0.42 2.76
N GLU A 173 10.98 0.05 3.78
CA GLU A 173 12.23 -0.64 4.24
C GLU A 173 11.89 -2.08 4.63
N SER A 174 10.66 -2.32 5.04
CA SER A 174 10.26 -3.71 5.42
C SER A 174 10.06 -4.56 4.17
N MET A 175 9.75 -3.95 3.05
CA MET A 175 9.54 -4.75 1.80
C MET A 175 10.85 -5.40 1.41
N GLU A 176 11.90 -4.62 1.36
CA GLU A 176 13.22 -5.17 0.96
C GLU A 176 13.71 -6.23 1.96
N THR A 177 13.59 -5.97 3.23
CA THR A 177 14.05 -6.97 4.24
C THR A 177 13.15 -8.19 4.24
N THR A 178 11.86 -7.99 4.15
CA THR A 178 10.93 -9.15 4.13
C THR A 178 11.14 -9.92 2.83
N MET A 179 11.32 -9.21 1.73
CA MET A 179 11.55 -9.90 0.43
C MET A 179 12.89 -10.63 0.46
N ARG A 180 13.82 -10.18 1.28
CA ARG A 180 15.15 -10.85 1.35
C ARG A 180 14.98 -12.32 1.77
N ALA A 181 13.90 -12.65 2.41
CA ALA A 181 13.69 -14.07 2.84
C ALA A 181 12.21 -14.34 3.17
N SER A 182 11.80 -15.57 3.07
CA SER A 182 10.38 -15.93 3.39
C SER A 182 10.20 -17.45 3.35
N LYS A 183 11.10 -18.17 3.99
CA LYS A 183 11.01 -19.67 4.01
C LYS A 183 10.83 -20.23 2.58
N LYS A 184 10.00 -21.23 2.39
CA LYS A 184 9.80 -21.81 1.02
C LYS A 184 11.16 -22.25 0.45
N LYS A 185 12.00 -22.78 1.30
CA LYS A 185 13.35 -23.23 0.82
C LYS A 185 13.20 -24.47 -0.04
N LYS A 186 12.32 -25.35 0.36
CA LYS A 186 12.05 -26.60 -0.41
C LYS A 186 13.35 -27.31 -0.80
N THR A 22 -13.38 -7.97 -16.13
CA THR A 22 -13.71 -9.32 -15.58
C THR A 22 -12.46 -9.96 -14.98
N GLY A 23 -11.79 -9.26 -14.10
CA GLY A 23 -10.57 -9.82 -13.45
C GLY A 23 -9.30 -9.37 -14.21
N ARG A 24 -9.46 -8.78 -15.37
CA ARG A 24 -8.26 -8.32 -16.15
C ARG A 24 -8.07 -6.79 -16.03
N ASP A 25 -8.88 -6.14 -15.25
CA ASP A 25 -8.75 -4.65 -15.08
C ASP A 25 -8.64 -3.94 -16.43
N LYS A 26 -9.74 -3.79 -17.13
CA LYS A 26 -9.68 -3.11 -18.45
C LYS A 26 -9.50 -1.60 -18.25
N ASN A 27 -8.37 -1.21 -17.71
CA ASN A 27 -8.09 0.22 -17.47
C ASN A 27 -6.58 0.43 -17.33
N GLN A 28 -6.06 1.45 -17.94
CA GLN A 28 -4.59 1.71 -17.85
C GLN A 28 -4.25 2.07 -16.41
N VAL A 29 -3.12 1.62 -15.93
CA VAL A 29 -2.73 1.93 -14.53
C VAL A 29 -2.16 3.35 -14.46
N GLU A 30 -0.99 3.54 -15.01
CA GLU A 30 -0.34 4.90 -15.04
C GLU A 30 -0.48 5.64 -13.69
N GLY A 31 -0.35 4.94 -12.60
CA GLY A 31 -0.47 5.62 -11.28
C GLY A 31 0.40 4.95 -10.22
N GLU A 32 0.71 5.66 -9.17
CA GLU A 32 1.55 5.10 -8.06
C GLU A 32 0.76 4.04 -7.28
N VAL A 33 -0.51 4.25 -7.13
CA VAL A 33 -1.35 3.27 -6.36
C VAL A 33 -2.24 2.49 -7.34
N GLN A 34 -2.11 1.19 -7.35
CA GLN A 34 -2.96 0.38 -8.27
C GLN A 34 -4.24 -0.07 -7.57
N VAL A 35 -5.37 0.18 -8.17
CA VAL A 35 -6.65 -0.26 -7.56
C VAL A 35 -6.86 -1.72 -7.96
N VAL A 36 -7.09 -2.58 -7.01
CA VAL A 36 -7.26 -4.02 -7.35
C VAL A 36 -8.40 -4.62 -6.54
N SER A 37 -8.73 -5.84 -6.84
CA SER A 37 -9.82 -6.52 -6.11
C SER A 37 -9.54 -8.01 -6.08
N THR A 38 -9.86 -8.61 -4.99
CA THR A 38 -9.65 -10.06 -4.85
C THR A 38 -10.99 -10.72 -4.65
N ALA A 39 -11.01 -12.00 -4.51
CA ALA A 39 -12.32 -12.73 -4.35
C ALA A 39 -13.17 -12.15 -3.22
N THR A 40 -12.62 -11.38 -2.31
CA THR A 40 -13.45 -10.84 -1.20
C THR A 40 -13.80 -9.35 -1.35
N GLN A 41 -12.95 -8.54 -1.96
CA GLN A 41 -13.29 -7.07 -2.08
C GLN A 41 -12.32 -6.29 -2.99
N SER A 42 -12.44 -4.99 -2.95
CA SER A 42 -11.54 -4.10 -3.74
C SER A 42 -10.75 -3.21 -2.78
N PHE A 43 -9.52 -2.89 -3.10
CA PHE A 43 -8.69 -2.05 -2.17
C PHE A 43 -7.50 -1.42 -2.93
N LEU A 44 -6.35 -1.26 -2.30
CA LEU A 44 -5.22 -0.57 -3.01
C LEU A 44 -3.87 -1.30 -2.88
N ALA A 45 -2.96 -0.99 -3.76
CA ALA A 45 -1.61 -1.61 -3.75
C ALA A 45 -0.59 -0.60 -4.33
N THR A 46 0.47 -0.31 -3.63
CA THR A 46 1.47 0.68 -4.15
C THR A 46 2.65 -0.02 -4.84
N CYS A 47 2.94 0.38 -6.04
CA CYS A 47 4.09 -0.22 -6.79
C CYS A 47 5.41 0.35 -6.26
N VAL A 48 6.31 -0.51 -5.83
CA VAL A 48 7.63 -0.01 -5.33
C VAL A 48 8.76 -0.91 -5.83
N ASN A 49 9.79 -0.33 -6.39
CA ASN A 49 10.95 -1.14 -6.91
C ASN A 49 10.45 -2.28 -7.81
N GLY A 50 9.48 -2.01 -8.63
CA GLY A 50 8.94 -3.07 -9.54
C GLY A 50 8.18 -4.12 -8.73
N VAL A 51 7.65 -3.74 -7.59
CA VAL A 51 6.89 -4.72 -6.75
C VAL A 51 5.62 -4.05 -6.23
N CYS A 52 4.48 -4.53 -6.66
CA CYS A 52 3.20 -3.94 -6.19
C CYS A 52 2.92 -4.42 -4.78
N TRP A 53 2.80 -3.50 -3.85
CA TRP A 53 2.53 -3.90 -2.44
C TRP A 53 1.11 -3.55 -2.06
N THR A 54 0.36 -4.53 -1.62
CA THR A 54 -1.04 -4.29 -1.21
C THR A 54 -1.24 -4.86 0.19
N VAL A 55 -2.42 -4.75 0.73
CA VAL A 55 -2.61 -5.28 2.12
C VAL A 55 -3.05 -6.74 2.12
N TYR A 56 -2.31 -7.57 2.80
CA TYR A 56 -2.64 -9.01 2.90
C TYR A 56 -4.02 -9.18 3.52
N HIS A 57 -4.34 -8.39 4.52
CA HIS A 57 -5.70 -8.50 5.15
C HIS A 57 -6.72 -7.90 4.19
N GLY A 58 -6.93 -8.57 3.10
CA GLY A 58 -7.89 -8.11 2.06
C GLY A 58 -7.67 -8.96 0.81
N ALA A 59 -6.44 -9.09 0.39
CA ALA A 59 -6.12 -9.92 -0.81
C ALA A 59 -5.96 -11.39 -0.40
N GLY A 60 -4.82 -11.75 0.15
CA GLY A 60 -4.58 -13.16 0.61
C GLY A 60 -5.07 -14.19 -0.42
N SER A 61 -5.08 -13.84 -1.68
CA SER A 61 -5.57 -14.79 -2.71
C SER A 61 -4.62 -14.91 -3.91
N LYS A 62 -3.42 -14.35 -3.83
CA LYS A 62 -2.42 -14.42 -4.96
C LYS A 62 -2.95 -13.71 -6.23
N THR A 63 -4.00 -14.24 -6.79
CA THR A 63 -4.59 -13.66 -8.04
C THR A 63 -5.48 -12.45 -7.73
N LEU A 64 -5.37 -11.44 -8.54
CA LEU A 64 -6.20 -10.22 -8.39
C LEU A 64 -6.56 -9.72 -9.79
N ALA A 65 -6.46 -8.45 -10.07
CA ALA A 65 -6.80 -7.95 -11.44
C ALA A 65 -5.78 -6.91 -11.92
N GLY A 66 -4.84 -7.33 -12.74
CA GLY A 66 -3.84 -6.37 -13.26
C GLY A 66 -4.27 -5.87 -14.62
N PRO A 67 -3.56 -4.91 -15.15
CA PRO A 67 -3.94 -4.39 -16.49
C PRO A 67 -3.80 -5.49 -17.56
N LYS A 68 -3.15 -6.58 -17.25
CA LYS A 68 -2.98 -7.66 -18.27
C LYS A 68 -3.75 -8.92 -17.88
N GLY A 69 -4.20 -9.01 -16.67
CA GLY A 69 -4.95 -10.22 -16.24
C GLY A 69 -4.70 -10.48 -14.74
N PRO A 70 -5.01 -11.67 -14.31
CA PRO A 70 -4.77 -11.98 -12.87
C PRO A 70 -3.27 -11.99 -12.59
N ILE A 71 -2.83 -11.15 -11.69
CA ILE A 71 -1.37 -11.10 -11.36
C ILE A 71 -1.09 -12.00 -10.16
N THR A 72 0.05 -12.65 -10.17
CA THR A 72 0.43 -13.57 -9.05
C THR A 72 1.39 -12.88 -8.09
N GLN A 73 1.23 -13.11 -6.80
CA GLN A 73 2.13 -12.45 -5.81
C GLN A 73 3.52 -13.09 -5.86
N MET A 74 4.53 -12.38 -5.44
CA MET A 74 5.91 -12.93 -5.45
C MET A 74 6.24 -13.51 -4.07
N TYR A 75 5.74 -12.89 -3.04
CA TYR A 75 5.97 -13.38 -1.65
C TYR A 75 4.90 -12.80 -0.73
N THR A 76 4.98 -13.09 0.53
CA THR A 76 3.95 -12.58 1.49
C THR A 76 4.58 -12.39 2.86
N ASN A 77 4.52 -11.20 3.37
CA ASN A 77 5.09 -10.95 4.72
C ASN A 77 3.96 -11.04 5.73
N VAL A 78 3.53 -12.23 6.06
CA VAL A 78 2.41 -12.39 7.03
C VAL A 78 2.80 -11.77 8.37
N ASP A 79 4.03 -11.95 8.80
CA ASP A 79 4.47 -11.31 10.08
C ASP A 79 4.19 -9.81 10.00
N GLN A 80 4.16 -9.26 8.80
CA GLN A 80 3.88 -7.81 8.63
C GLN A 80 2.51 -7.60 7.97
N ASP A 81 1.81 -8.66 7.62
CA ASP A 81 0.46 -8.52 6.96
C ASP A 81 0.65 -7.74 5.66
N LEU A 82 1.52 -8.22 4.81
CA LEU A 82 1.80 -7.50 3.53
C LEU A 82 2.15 -8.52 2.43
N VAL A 83 1.90 -8.17 1.19
CA VAL A 83 2.22 -9.11 0.08
C VAL A 83 2.71 -8.29 -1.12
N GLY A 84 3.70 -8.78 -1.84
CA GLY A 84 4.21 -7.98 -2.99
C GLY A 84 4.16 -8.79 -4.30
N TRP A 85 3.45 -8.27 -5.27
CA TRP A 85 3.36 -8.93 -6.61
C TRP A 85 4.48 -8.39 -7.51
N GLN A 86 4.44 -8.72 -8.78
CA GLN A 86 5.48 -8.19 -9.72
C GLN A 86 4.88 -7.03 -10.52
N ALA A 87 5.36 -5.83 -10.30
CA ALA A 87 4.80 -4.65 -11.03
C ALA A 87 5.07 -4.77 -12.54
N PRO A 88 4.08 -4.42 -13.34
CA PRO A 88 4.30 -4.52 -14.81
C PRO A 88 4.27 -3.12 -15.45
N PRO A 89 4.71 -3.07 -16.69
CA PRO A 89 4.71 -1.75 -17.38
C PRO A 89 3.29 -1.18 -17.49
N GLY A 90 3.16 0.11 -17.42
CA GLY A 90 1.80 0.74 -17.50
C GLY A 90 1.60 1.68 -16.32
N ALA A 91 1.95 1.23 -15.15
CA ALA A 91 1.80 2.05 -13.94
C ALA A 91 3.05 2.91 -13.72
N ARG A 92 3.33 3.24 -12.51
CA ARG A 92 4.53 4.06 -12.18
C ARG A 92 4.96 3.77 -10.74
N SER A 93 6.11 3.18 -10.57
CA SER A 93 6.58 2.84 -9.20
C SER A 93 7.27 4.03 -8.54
N LEU A 94 7.33 4.03 -7.22
CA LEU A 94 7.98 5.14 -6.48
C LEU A 94 9.29 4.66 -5.86
N THR A 95 10.19 5.56 -5.55
CA THR A 95 11.49 5.15 -4.95
C THR A 95 11.49 5.38 -3.44
N PRO A 96 12.23 4.56 -2.73
CA PRO A 96 12.26 4.71 -1.25
C PRO A 96 12.93 6.03 -0.86
N CYS A 97 12.86 6.39 0.40
CA CYS A 97 13.48 7.67 0.86
C CYS A 97 13.55 7.72 2.39
N THR A 98 14.50 8.44 2.91
CA THR A 98 14.64 8.58 4.38
C THR A 98 14.93 10.05 4.70
N CYS A 99 14.00 10.73 5.33
CA CYS A 99 14.21 12.17 5.65
C CYS A 99 13.47 12.57 6.92
N GLY A 100 13.74 13.74 7.42
CA GLY A 100 13.05 14.21 8.66
C GLY A 100 11.67 14.80 8.30
N SER A 101 11.26 14.74 7.06
CA SER A 101 9.94 15.30 6.67
C SER A 101 8.86 14.21 6.81
N SER A 102 8.00 14.35 7.78
CA SER A 102 6.93 13.32 7.97
C SER A 102 5.60 13.76 7.34
N ASP A 103 5.57 14.89 6.66
CA ASP A 103 4.31 15.34 6.01
C ASP A 103 3.97 14.42 4.84
N LEU A 104 3.53 13.23 5.15
CA LEU A 104 3.21 12.24 4.07
C LEU A 104 1.80 12.47 3.53
N TYR A 105 1.45 11.72 2.52
CA TYR A 105 0.09 11.85 1.92
C TYR A 105 -0.39 10.46 1.50
N LEU A 106 -1.53 10.05 2.00
CA LEU A 106 -2.05 8.70 1.66
C LEU A 106 -3.11 8.76 0.57
N VAL A 107 -3.09 7.82 -0.33
CA VAL A 107 -4.09 7.79 -1.43
C VAL A 107 -5.33 6.99 -0.99
N THR A 108 -6.47 7.62 -0.99
CA THR A 108 -7.72 6.90 -0.59
C THR A 108 -8.30 6.17 -1.80
N ARG A 109 -9.37 5.43 -1.61
CA ARG A 109 -10.00 4.65 -2.74
C ARG A 109 -10.07 5.49 -4.03
N HIS A 110 -10.16 6.79 -3.90
CA HIS A 110 -10.21 7.66 -5.12
C HIS A 110 -8.85 8.32 -5.35
N ALA A 111 -8.46 9.21 -4.47
CA ALA A 111 -7.15 9.90 -4.61
C ALA A 111 -6.60 10.25 -3.23
N ASP A 112 -5.66 11.14 -3.19
CA ASP A 112 -5.05 11.56 -1.87
C ASP A 112 -6.13 12.06 -0.91
N VAL A 113 -6.69 13.22 -1.18
CA VAL A 113 -7.77 13.82 -0.31
C VAL A 113 -7.28 14.17 1.11
N ILE A 114 -6.67 13.25 1.83
CA ILE A 114 -6.22 13.57 3.22
C ILE A 114 -4.69 13.46 3.39
N PRO A 115 -4.14 14.25 4.29
CA PRO A 115 -2.66 14.18 4.52
C PRO A 115 -2.39 13.59 5.91
N VAL A 116 -1.23 13.03 6.13
CA VAL A 116 -0.93 12.43 7.47
C VAL A 116 0.51 12.74 7.90
N ARG A 117 0.70 13.04 9.17
CA ARG A 117 2.08 13.30 9.68
C ARG A 117 2.60 12.01 10.28
N ARG A 118 3.64 11.44 9.73
CA ARG A 118 4.16 10.15 10.26
C ARG A 118 4.56 10.27 11.73
N ARG A 119 4.02 9.41 12.56
CA ARG A 119 4.40 9.42 14.01
C ARG A 119 5.48 8.36 14.26
N GLY A 120 5.85 7.62 13.24
CA GLY A 120 6.89 6.58 13.38
C GLY A 120 6.92 5.76 12.09
N ASP A 121 7.72 4.73 12.02
CA ASP A 121 7.77 3.91 10.79
C ASP A 121 6.46 3.12 10.62
N SER A 122 5.71 2.96 11.69
CA SER A 122 4.44 2.18 11.60
C SER A 122 3.23 3.02 11.98
N ARG A 123 3.35 4.34 12.05
CA ARG A 123 2.18 5.16 12.43
C ARG A 123 2.19 6.54 11.77
N GLY A 124 1.03 7.05 11.48
CA GLY A 124 0.92 8.40 10.87
C GLY A 124 -0.28 9.09 11.52
N SER A 125 -0.13 10.33 11.83
CA SER A 125 -1.24 11.08 12.48
C SER A 125 -2.16 11.69 11.42
N LEU A 126 -3.35 11.18 11.30
CA LEU A 126 -4.30 11.75 10.30
C LEU A 126 -4.80 13.09 10.82
N LEU A 127 -4.37 14.17 10.21
CA LEU A 127 -4.80 15.52 10.66
C LEU A 127 -6.30 15.71 10.41
N SER A 128 -6.87 14.93 9.54
CA SER A 128 -8.32 15.05 9.24
C SER A 128 -9.04 13.74 9.57
N PRO A 129 -9.32 13.53 10.84
CA PRO A 129 -10.03 12.27 11.23
C PRO A 129 -11.36 12.17 10.49
N ARG A 130 -11.78 10.97 10.16
CA ARG A 130 -13.05 10.80 9.42
C ARG A 130 -13.63 9.42 9.73
N PRO A 131 -14.87 9.22 9.33
CA PRO A 131 -15.48 7.88 9.59
C PRO A 131 -14.68 6.79 8.86
N VAL A 132 -14.24 5.81 9.60
CA VAL A 132 -13.43 4.71 9.00
C VAL A 132 -14.07 4.15 7.72
N SER A 133 -15.36 4.30 7.58
CA SER A 133 -16.05 3.79 6.34
C SER A 133 -15.41 4.44 5.10
N TYR A 134 -14.99 5.67 5.23
CA TYR A 134 -14.33 6.38 4.09
C TYR A 134 -12.95 5.75 3.84
N LEU A 135 -12.33 5.23 4.88
CA LEU A 135 -10.99 4.59 4.71
C LEU A 135 -11.13 3.13 4.25
N LYS A 136 -12.33 2.68 3.98
CA LYS A 136 -12.53 1.29 3.51
C LYS A 136 -11.96 1.16 2.10
N GLY A 137 -10.94 0.38 1.99
CA GLY A 137 -10.26 0.20 0.68
C GLY A 137 -9.02 1.10 0.63
N SER A 138 -8.85 1.96 1.61
CA SER A 138 -7.66 2.84 1.66
C SER A 138 -6.43 2.02 2.05
N SER A 139 -6.61 0.84 2.61
CA SER A 139 -5.40 0.02 3.00
C SER A 139 -4.63 -0.39 1.75
N GLY A 140 -3.35 -0.52 1.88
CA GLY A 140 -2.52 -0.89 0.71
C GLY A 140 -2.06 0.40 -0.01
N GLY A 141 -2.61 1.53 0.37
CA GLY A 141 -2.19 2.80 -0.28
C GLY A 141 -0.76 3.13 0.14
N PRO A 142 -0.32 4.34 -0.12
CA PRO A 142 1.07 4.66 0.29
C PRO A 142 1.19 6.07 0.87
N LEU A 143 2.07 6.25 1.81
CA LEU A 143 2.31 7.59 2.41
C LEU A 143 3.51 8.19 1.70
N LEU A 144 3.26 9.10 0.79
CA LEU A 144 4.37 9.69 -0.01
C LEU A 144 5.11 10.81 0.72
N CYS A 145 6.42 10.73 0.75
CA CYS A 145 7.24 11.80 1.40
C CYS A 145 7.06 13.09 0.57
N PRO A 146 7.97 14.02 0.73
CA PRO A 146 7.84 15.26 -0.08
C PRO A 146 8.69 15.16 -1.36
N SER A 147 9.11 13.98 -1.74
CA SER A 147 9.93 13.84 -2.98
C SER A 147 9.40 12.73 -3.91
N GLY A 148 8.16 12.35 -3.77
CA GLY A 148 7.59 11.29 -4.65
C GLY A 148 8.18 9.93 -4.26
N HIS A 149 8.51 9.75 -3.01
CA HIS A 149 9.09 8.47 -2.55
C HIS A 149 8.14 7.79 -1.57
N ALA A 150 7.67 6.61 -1.89
CA ALA A 150 6.74 5.89 -0.98
C ALA A 150 7.52 5.30 0.19
N VAL A 151 7.13 5.62 1.40
CA VAL A 151 7.86 5.09 2.58
C VAL A 151 6.90 4.38 3.56
N GLY A 152 5.61 4.37 3.28
CA GLY A 152 4.66 3.70 4.22
C GLY A 152 3.38 3.24 3.49
N ILE A 153 3.01 1.98 3.65
CA ILE A 153 1.75 1.49 3.00
C ILE A 153 0.71 1.24 4.11
N PHE A 154 -0.39 1.93 4.06
CA PHE A 154 -1.43 1.82 5.12
C PHE A 154 -1.83 0.37 5.41
N ARG A 155 -1.77 -0.03 6.66
CA ARG A 155 -2.14 -1.41 7.07
C ARG A 155 -3.37 -1.39 7.98
N ALA A 156 -3.59 -0.33 8.73
CA ALA A 156 -4.77 -0.31 9.65
C ALA A 156 -5.09 1.11 10.15
N ALA A 157 -6.34 1.36 10.39
CA ALA A 157 -6.77 2.71 10.87
C ALA A 157 -7.05 2.70 12.38
N VAL A 158 -6.70 3.76 13.06
CA VAL A 158 -6.98 3.84 14.52
C VAL A 158 -8.35 4.46 14.68
N CYS A 159 -9.36 3.65 14.76
CA CYS A 159 -10.74 4.18 14.84
C CYS A 159 -11.17 4.45 16.28
N THR A 160 -11.45 5.68 16.56
CA THR A 160 -11.91 6.09 17.91
C THR A 160 -13.29 6.72 17.80
N ARG A 161 -14.22 6.32 18.62
CA ARG A 161 -15.61 6.88 18.55
C ARG A 161 -16.21 6.63 17.15
N GLY A 162 -15.68 5.66 16.43
CA GLY A 162 -16.22 5.34 15.08
C GLY A 162 -15.52 6.15 13.98
N VAL A 163 -14.37 6.69 14.26
CA VAL A 163 -13.64 7.47 13.22
C VAL A 163 -12.13 7.26 13.38
N ALA A 164 -11.41 7.20 12.30
CA ALA A 164 -9.93 6.98 12.39
C ALA A 164 -9.21 8.26 12.80
N LYS A 165 -8.49 8.22 13.89
CA LYS A 165 -7.73 9.43 14.34
C LYS A 165 -6.23 9.19 14.20
N ALA A 166 -5.83 8.14 13.54
CA ALA A 166 -4.38 7.84 13.35
C ALA A 166 -4.23 6.63 12.45
N VAL A 167 -3.28 6.66 11.56
CA VAL A 167 -3.10 5.51 10.63
C VAL A 167 -1.83 4.72 10.92
N ASP A 168 -1.93 3.41 10.88
CA ASP A 168 -0.73 2.55 11.09
C ASP A 168 -0.35 1.98 9.73
N PHE A 169 0.91 1.74 9.47
CA PHE A 169 1.27 1.23 8.11
C PHE A 169 2.59 0.43 8.11
N VAL A 170 2.81 -0.30 7.06
CA VAL A 170 4.07 -1.11 6.94
C VAL A 170 5.20 -0.23 6.39
N PRO A 171 6.37 -0.37 6.99
CA PRO A 171 7.51 0.45 6.48
C PRO A 171 8.00 -0.10 5.14
N VAL A 172 8.51 0.75 4.29
CA VAL A 172 9.02 0.30 2.96
C VAL A 172 10.32 -0.48 3.15
N GLU A 173 11.07 -0.17 4.17
CA GLU A 173 12.35 -0.90 4.43
C GLU A 173 12.04 -2.40 4.62
N SER A 174 10.89 -2.69 5.14
CA SER A 174 10.49 -4.12 5.37
C SER A 174 10.19 -4.79 4.03
N MET A 175 9.65 -4.05 3.09
CA MET A 175 9.32 -4.64 1.76
C MET A 175 10.61 -4.99 1.03
N GLU A 176 11.59 -4.14 1.11
CA GLU A 176 12.90 -4.41 0.44
C GLU A 176 13.52 -5.68 1.02
N THR A 177 13.44 -5.86 2.32
CA THR A 177 14.04 -7.06 2.96
C THR A 177 13.29 -8.34 2.60
N THR A 178 11.99 -8.26 2.38
CA THR A 178 11.23 -9.51 2.03
C THR A 178 11.77 -10.11 0.74
N MET A 179 11.92 -9.31 -0.28
CA MET A 179 12.48 -9.83 -1.57
C MET A 179 13.98 -10.14 -1.39
N ARG A 180 14.64 -9.48 -0.47
CA ARG A 180 16.10 -9.74 -0.25
C ARG A 180 16.31 -11.12 0.38
N ALA A 181 15.30 -11.71 0.95
CA ALA A 181 15.47 -13.05 1.59
C ALA A 181 15.89 -14.08 0.54
N SER A 182 15.11 -14.21 -0.52
CA SER A 182 15.44 -15.19 -1.62
C SER A 182 15.98 -16.53 -1.08
N LYS A 183 15.21 -17.21 -0.27
CA LYS A 183 15.68 -18.51 0.30
C LYS A 183 15.54 -19.63 -0.73
N LYS A 184 14.32 -19.99 -1.07
CA LYS A 184 14.09 -21.09 -2.05
C LYS A 184 12.78 -20.89 -2.80
N LYS A 185 12.29 -19.67 -2.85
CA LYS A 185 11.00 -19.42 -3.57
C LYS A 185 10.90 -17.96 -4.01
N LYS A 186 10.56 -17.74 -5.25
CA LYS A 186 10.44 -16.33 -5.77
C LYS A 186 9.04 -15.79 -5.47
N THR A 22 0.79 -17.73 -12.79
CA THR A 22 0.34 -17.42 -14.19
C THR A 22 -0.55 -16.18 -14.20
N GLY A 23 0.04 -15.01 -14.06
CA GLY A 23 -0.75 -13.75 -14.07
C GLY A 23 -0.35 -12.91 -15.28
N ARG A 24 -1.15 -11.93 -15.63
CA ARG A 24 -0.80 -11.06 -16.80
C ARG A 24 0.25 -10.01 -16.42
N ASP A 25 -0.15 -9.04 -15.63
CA ASP A 25 0.78 -7.93 -15.21
C ASP A 25 1.63 -7.45 -16.37
N LYS A 26 1.10 -7.50 -17.57
CA LYS A 26 1.87 -7.06 -18.75
C LYS A 26 1.01 -6.18 -19.67
N ASN A 27 0.81 -4.93 -19.30
CA ASN A 27 0.00 -4.02 -20.15
C ASN A 27 0.28 -2.56 -19.79
N GLN A 28 1.51 -2.22 -19.52
CA GLN A 28 1.88 -0.81 -19.16
C GLN A 28 1.05 -0.31 -17.99
N VAL A 29 1.63 -0.27 -16.82
CA VAL A 29 0.88 0.19 -15.63
C VAL A 29 0.87 1.73 -15.58
N GLU A 30 2.04 2.33 -15.53
CA GLU A 30 2.13 3.83 -15.50
C GLU A 30 1.20 4.43 -14.45
N GLY A 31 1.05 3.77 -13.34
CA GLY A 31 0.14 4.29 -12.27
C GLY A 31 0.86 4.27 -10.92
N GLU A 32 0.52 5.19 -10.05
CA GLU A 32 1.16 5.24 -8.69
C GLU A 32 0.58 4.16 -7.78
N VAL A 33 -0.72 4.05 -7.73
CA VAL A 33 -1.37 3.03 -6.86
C VAL A 33 -2.31 2.18 -7.71
N GLN A 34 -2.21 0.88 -7.62
CA GLN A 34 -3.09 -0.01 -8.43
C GLN A 34 -4.32 -0.42 -7.62
N VAL A 35 -5.49 -0.10 -8.09
CA VAL A 35 -6.74 -0.47 -7.36
C VAL A 35 -7.11 -1.91 -7.75
N VAL A 36 -7.37 -2.76 -6.80
CA VAL A 36 -7.70 -4.17 -7.14
C VAL A 36 -8.71 -4.74 -6.14
N SER A 37 -9.21 -5.88 -6.44
CA SER A 37 -10.20 -6.55 -5.54
C SER A 37 -9.94 -8.04 -5.52
N THR A 38 -9.82 -8.58 -4.35
CA THR A 38 -9.54 -10.02 -4.21
C THR A 38 -10.79 -10.71 -3.71
N ALA A 39 -10.72 -11.99 -3.52
CA ALA A 39 -11.91 -12.75 -3.04
C ALA A 39 -12.42 -12.20 -1.71
N THR A 40 -11.63 -11.42 -1.01
CA THR A 40 -12.09 -10.88 0.30
C THR A 40 -12.66 -9.46 0.15
N GLN A 41 -12.03 -8.59 -0.61
CA GLN A 41 -12.57 -7.19 -0.75
C GLN A 41 -11.82 -6.37 -1.80
N SER A 42 -12.10 -5.09 -1.84
CA SER A 42 -11.42 -4.17 -2.80
C SER A 42 -10.53 -3.21 -2.00
N PHE A 43 -9.36 -2.89 -2.52
CA PHE A 43 -8.44 -1.98 -1.76
C PHE A 43 -7.34 -1.43 -2.70
N LEU A 44 -6.14 -1.22 -2.21
CA LEU A 44 -5.07 -0.62 -3.10
C LEU A 44 -3.72 -1.31 -2.92
N ALA A 45 -2.80 -0.99 -3.82
CA ALA A 45 -1.43 -1.57 -3.78
C ALA A 45 -0.45 -0.56 -4.38
N THR A 46 0.60 -0.22 -3.67
CA THR A 46 1.58 0.78 -4.22
C THR A 46 2.80 0.11 -4.83
N CYS A 47 3.11 0.45 -6.05
CA CYS A 47 4.32 -0.12 -6.72
C CYS A 47 5.59 0.49 -6.14
N VAL A 48 6.48 -0.32 -5.65
CA VAL A 48 7.76 0.22 -5.07
C VAL A 48 8.94 -0.64 -5.52
N ASN A 49 9.95 -0.02 -6.09
CA ASN A 49 11.15 -0.77 -6.57
C ASN A 49 10.75 -1.95 -7.47
N GLY A 50 9.78 -1.76 -8.32
CA GLY A 50 9.34 -2.85 -9.24
C GLY A 50 8.59 -3.93 -8.45
N VAL A 51 7.98 -3.58 -7.36
CA VAL A 51 7.22 -4.57 -6.54
C VAL A 51 5.92 -3.94 -6.05
N CYS A 52 4.80 -4.44 -6.48
CA CYS A 52 3.50 -3.88 -6.03
C CYS A 52 3.21 -4.36 -4.62
N TRP A 53 3.04 -3.44 -3.71
CA TRP A 53 2.75 -3.85 -2.31
C TRP A 53 1.31 -3.50 -1.97
N THR A 54 0.58 -4.46 -1.50
CA THR A 54 -0.84 -4.22 -1.13
C THR A 54 -1.07 -4.81 0.25
N VAL A 55 -2.24 -4.67 0.80
CA VAL A 55 -2.46 -5.23 2.18
C VAL A 55 -2.90 -6.69 2.12
N TYR A 56 -2.18 -7.54 2.82
CA TYR A 56 -2.53 -8.99 2.86
C TYR A 56 -3.94 -9.16 3.43
N HIS A 57 -4.30 -8.41 4.44
CA HIS A 57 -5.69 -8.56 4.98
C HIS A 57 -6.69 -8.09 3.92
N GLY A 58 -6.25 -7.29 2.97
CA GLY A 58 -7.15 -6.84 1.88
C GLY A 58 -7.21 -7.97 0.84
N ALA A 59 -6.10 -8.60 0.58
CA ALA A 59 -6.06 -9.73 -0.41
C ALA A 59 -6.58 -11.00 0.27
N GLY A 60 -5.82 -11.54 1.19
CA GLY A 60 -6.25 -12.76 1.93
C GLY A 60 -6.28 -14.00 1.02
N SER A 61 -7.08 -13.98 -0.01
CA SER A 61 -7.17 -15.17 -0.92
C SER A 61 -6.32 -15.01 -2.17
N LYS A 62 -5.42 -14.05 -2.21
CA LYS A 62 -4.56 -13.85 -3.40
C LYS A 62 -5.40 -13.76 -4.66
N THR A 63 -4.78 -13.88 -5.79
CA THR A 63 -5.49 -13.84 -7.09
C THR A 63 -6.39 -12.61 -7.20
N LEU A 64 -5.78 -11.46 -7.34
CA LEU A 64 -6.57 -10.20 -7.47
C LEU A 64 -6.91 -9.98 -8.95
N ALA A 65 -6.81 -8.78 -9.47
CA ALA A 65 -7.15 -8.55 -10.90
C ALA A 65 -6.16 -7.60 -11.54
N GLY A 66 -5.32 -8.09 -12.41
CA GLY A 66 -4.33 -7.22 -13.08
C GLY A 66 -5.04 -6.39 -14.15
N PRO A 67 -4.26 -5.90 -15.08
CA PRO A 67 -4.90 -5.10 -16.15
C PRO A 67 -5.74 -6.01 -17.06
N LYS A 68 -5.45 -7.31 -17.08
CA LYS A 68 -6.25 -8.21 -17.97
C LYS A 68 -6.51 -9.59 -17.35
N GLY A 69 -6.01 -9.87 -16.17
CA GLY A 69 -6.25 -11.22 -15.56
C GLY A 69 -5.77 -11.26 -14.11
N PRO A 70 -6.13 -12.34 -13.43
CA PRO A 70 -5.70 -12.47 -12.01
C PRO A 70 -4.18 -12.54 -11.90
N ILE A 71 -3.58 -11.64 -11.18
CA ILE A 71 -2.10 -11.65 -11.01
C ILE A 71 -1.75 -12.34 -9.69
N THR A 72 -0.67 -13.08 -9.69
CA THR A 72 -0.26 -13.84 -8.45
C THR A 72 0.81 -13.08 -7.66
N GLN A 73 0.77 -13.18 -6.36
CA GLN A 73 1.78 -12.49 -5.50
C GLN A 73 3.09 -13.27 -5.52
N MET A 74 4.19 -12.59 -5.26
CA MET A 74 5.51 -13.28 -5.27
C MET A 74 5.97 -13.55 -3.84
N TYR A 75 5.58 -12.73 -2.89
CA TYR A 75 6.02 -12.94 -1.48
C TYR A 75 4.92 -12.46 -0.53
N THR A 76 5.00 -12.85 0.72
CA THR A 76 3.96 -12.41 1.70
C THR A 76 4.56 -12.33 3.09
N ASN A 77 4.59 -11.17 3.66
CA ASN A 77 5.14 -11.03 5.04
C ASN A 77 3.98 -11.13 6.03
N VAL A 78 3.53 -12.34 6.27
CA VAL A 78 2.37 -12.53 7.19
C VAL A 78 2.71 -12.00 8.58
N ASP A 79 3.96 -12.10 8.97
CA ASP A 79 4.37 -11.57 10.31
C ASP A 79 3.92 -10.10 10.42
N GLN A 80 3.80 -9.42 9.30
CA GLN A 80 3.34 -8.00 9.34
C GLN A 80 2.08 -7.80 8.46
N ASP A 81 1.55 -8.87 7.89
CA ASP A 81 0.33 -8.75 7.02
C ASP A 81 0.64 -7.92 5.79
N LEU A 82 1.56 -8.38 4.98
CA LEU A 82 1.94 -7.61 3.75
C LEU A 82 2.22 -8.60 2.60
N VAL A 83 2.01 -8.18 1.38
CA VAL A 83 2.25 -9.09 0.23
C VAL A 83 2.80 -8.29 -0.94
N GLY A 84 3.90 -8.74 -1.53
CA GLY A 84 4.48 -7.96 -2.67
C GLY A 84 4.47 -8.80 -3.96
N TRP A 85 3.83 -8.27 -4.98
CA TRP A 85 3.77 -8.98 -6.30
C TRP A 85 5.00 -8.64 -7.14
N GLN A 86 5.01 -9.05 -8.37
CA GLN A 86 6.13 -8.72 -9.29
C GLN A 86 5.68 -7.58 -10.21
N ALA A 87 6.00 -6.36 -9.86
CA ALA A 87 5.56 -5.21 -10.69
C ALA A 87 6.26 -5.23 -12.07
N PRO A 88 5.54 -4.79 -13.07
CA PRO A 88 6.16 -4.78 -14.42
C PRO A 88 6.79 -3.41 -14.69
N PRO A 89 7.75 -3.37 -15.57
CA PRO A 89 8.41 -2.07 -15.87
C PRO A 89 7.39 -1.06 -16.41
N GLY A 90 7.21 0.05 -15.73
CA GLY A 90 6.24 1.08 -16.19
C GLY A 90 5.28 1.47 -15.07
N ALA A 91 5.21 0.68 -14.03
CA ALA A 91 4.28 1.00 -12.89
C ALA A 91 4.99 1.88 -11.87
N ARG A 92 4.78 3.17 -11.98
CA ARG A 92 5.37 4.22 -11.07
C ARG A 92 6.67 3.80 -10.38
N SER A 93 6.55 2.98 -9.38
CA SER A 93 7.73 2.51 -8.59
C SER A 93 8.40 3.69 -7.89
N LEU A 94 7.79 4.16 -6.84
CA LEU A 94 8.35 5.31 -6.07
C LEU A 94 9.61 4.85 -5.32
N THR A 95 10.41 5.78 -4.85
CA THR A 95 11.65 5.37 -4.13
C THR A 95 11.48 5.57 -2.62
N PRO A 96 12.26 4.82 -1.85
CA PRO A 96 12.15 4.96 -0.37
C PRO A 96 12.70 6.32 0.08
N CYS A 97 12.54 6.65 1.33
CA CYS A 97 13.02 7.97 1.83
C CYS A 97 13.16 7.95 3.36
N THR A 98 13.95 8.86 3.90
CA THR A 98 14.14 8.92 5.38
C THR A 98 14.23 10.37 5.85
N CYS A 99 13.41 11.25 5.32
CA CYS A 99 13.47 12.68 5.75
C CYS A 99 12.82 12.86 7.13
N GLY A 100 13.22 13.86 7.86
CA GLY A 100 12.64 14.09 9.21
C GLY A 100 11.29 14.83 9.11
N SER A 101 10.92 15.31 7.95
CA SER A 101 9.62 16.04 7.83
C SER A 101 8.45 15.14 8.23
N SER A 102 8.50 13.90 7.85
CA SER A 102 7.40 12.94 8.20
C SER A 102 6.04 13.46 7.74
N ASP A 103 6.02 14.38 6.81
CA ASP A 103 4.72 14.92 6.31
C ASP A 103 4.23 14.00 5.20
N LEU A 104 3.66 12.89 5.56
CA LEU A 104 3.18 11.91 4.55
C LEU A 104 1.74 12.22 4.17
N TYR A 105 1.25 11.56 3.16
CA TYR A 105 -0.16 11.74 2.73
C TYR A 105 -0.59 10.48 1.99
N LEU A 106 -1.81 10.05 2.20
CA LEU A 106 -2.28 8.80 1.55
C LEU A 106 -3.35 9.07 0.50
N VAL A 107 -3.45 8.20 -0.46
CA VAL A 107 -4.46 8.33 -1.54
C VAL A 107 -5.52 7.24 -1.37
N THR A 108 -6.78 7.60 -1.39
CA THR A 108 -7.85 6.57 -1.22
C THR A 108 -8.12 5.86 -2.54
N ARG A 109 -8.92 4.81 -2.47
CA ARG A 109 -9.28 3.96 -3.68
C ARG A 109 -9.33 4.78 -4.98
N HIS A 110 -9.74 6.02 -4.89
CA HIS A 110 -9.78 6.87 -6.11
C HIS A 110 -8.51 7.74 -6.15
N ALA A 111 -8.53 8.91 -5.53
CA ALA A 111 -7.33 9.79 -5.53
C ALA A 111 -7.43 10.88 -4.44
N ASP A 112 -8.17 10.63 -3.39
CA ASP A 112 -8.32 11.69 -2.33
C ASP A 112 -6.96 12.04 -1.72
N VAL A 113 -6.87 13.21 -1.14
CA VAL A 113 -5.58 13.62 -0.50
C VAL A 113 -5.73 13.56 1.02
N ILE A 114 -4.93 12.77 1.66
CA ILE A 114 -5.01 12.63 3.14
C ILE A 114 -3.64 12.79 3.79
N PRO A 115 -3.25 14.03 4.00
CA PRO A 115 -1.92 14.26 4.62
C PRO A 115 -1.87 13.72 6.05
N VAL A 116 -0.98 12.80 6.30
CA VAL A 116 -0.85 12.22 7.67
C VAL A 116 0.59 12.38 8.17
N ARG A 117 0.77 12.84 9.38
CA ARG A 117 2.15 13.01 9.92
C ARG A 117 2.61 11.67 10.50
N ARG A 118 3.68 11.10 9.99
CA ARG A 118 4.11 9.77 10.51
C ARG A 118 4.44 9.86 12.01
N ARG A 119 3.80 9.06 12.80
CA ARG A 119 4.09 9.05 14.26
C ARG A 119 5.07 7.91 14.59
N GLY A 120 5.51 7.18 13.58
CA GLY A 120 6.45 6.06 13.81
C GLY A 120 6.62 5.31 12.50
N ASP A 121 7.42 4.28 12.49
CA ASP A 121 7.63 3.51 11.23
C ASP A 121 6.31 2.89 10.75
N SER A 122 5.44 2.59 11.67
CA SER A 122 4.15 1.96 11.31
C SER A 122 2.94 2.81 11.77
N ARG A 123 3.13 4.07 12.05
CA ARG A 123 1.97 4.88 12.52
C ARG A 123 1.99 6.27 11.89
N GLY A 124 0.83 6.79 11.60
CA GLY A 124 0.74 8.15 11.00
C GLY A 124 -0.46 8.86 11.61
N SER A 125 -0.33 10.11 11.90
CA SER A 125 -1.45 10.86 12.52
C SER A 125 -2.35 11.41 11.43
N LEU A 126 -3.54 10.88 11.30
CA LEU A 126 -4.47 11.39 10.26
C LEU A 126 -4.91 12.80 10.65
N LEU A 127 -4.39 13.79 9.98
CA LEU A 127 -4.77 15.20 10.31
C LEU A 127 -6.24 15.45 9.98
N SER A 128 -6.77 14.69 9.06
CA SER A 128 -8.20 14.86 8.68
C SER A 128 -9.03 13.69 9.24
N PRO A 129 -9.72 13.96 10.33
CA PRO A 129 -10.56 12.88 10.92
C PRO A 129 -11.83 12.72 10.10
N ARG A 130 -12.19 11.50 9.79
CA ARG A 130 -13.42 11.26 8.97
C ARG A 130 -13.96 9.86 9.28
N PRO A 131 -15.17 9.60 8.84
CA PRO A 131 -15.75 8.26 9.11
C PRO A 131 -14.86 7.17 8.52
N VAL A 132 -14.51 6.19 9.33
CA VAL A 132 -13.63 5.09 8.85
C VAL A 132 -14.18 4.47 7.55
N SER A 133 -15.47 4.57 7.34
CA SER A 133 -16.09 4.04 6.09
C SER A 133 -15.44 4.72 4.88
N TYR A 134 -15.02 5.95 5.04
CA TYR A 134 -14.36 6.68 3.92
C TYR A 134 -12.96 6.07 3.70
N LEU A 135 -12.34 5.56 4.73
CA LEU A 135 -10.97 4.98 4.61
C LEU A 135 -11.00 3.48 4.28
N LYS A 136 -12.17 2.87 4.15
CA LYS A 136 -12.22 1.43 3.84
C LYS A 136 -11.90 1.23 2.37
N GLY A 137 -10.94 0.41 2.13
CA GLY A 137 -10.44 0.15 0.74
C GLY A 137 -9.18 0.98 0.50
N SER A 138 -8.88 1.91 1.38
CA SER A 138 -7.65 2.71 1.22
C SER A 138 -6.43 1.91 1.69
N SER A 139 -6.63 0.76 2.32
CA SER A 139 -5.47 -0.08 2.78
C SER A 139 -4.62 -0.49 1.59
N GLY A 140 -3.32 -0.53 1.78
CA GLY A 140 -2.42 -0.90 0.67
C GLY A 140 -2.01 0.38 -0.08
N GLY A 141 -2.65 1.50 0.22
CA GLY A 141 -2.28 2.77 -0.45
C GLY A 141 -0.85 3.14 -0.06
N PRO A 142 -0.47 4.38 -0.28
CA PRO A 142 0.92 4.72 0.10
C PRO A 142 1.01 6.11 0.75
N LEU A 143 1.76 6.20 1.81
CA LEU A 143 1.97 7.49 2.50
C LEU A 143 3.27 8.08 1.96
N LEU A 144 3.17 8.96 1.00
CA LEU A 144 4.40 9.51 0.36
C LEU A 144 4.95 10.76 1.08
N CYS A 145 6.25 10.85 1.16
CA CYS A 145 6.90 12.04 1.78
C CYS A 145 6.79 13.22 0.81
N PRO A 146 7.44 14.31 1.13
CA PRO A 146 7.37 15.47 0.20
C PRO A 146 8.38 15.32 -0.97
N SER A 147 9.06 14.20 -1.06
CA SER A 147 10.06 14.02 -2.17
C SER A 147 9.59 12.98 -3.19
N GLY A 148 8.32 12.65 -3.21
CA GLY A 148 7.83 11.63 -4.20
C GLY A 148 8.32 10.24 -3.80
N HIS A 149 8.35 9.97 -2.53
CA HIS A 149 8.83 8.65 -2.05
C HIS A 149 7.77 7.93 -1.22
N ALA A 150 7.39 6.74 -1.61
CA ALA A 150 6.37 5.99 -0.83
C ALA A 150 7.07 5.19 0.27
N VAL A 151 7.01 5.67 1.49
CA VAL A 151 7.70 4.97 2.61
C VAL A 151 6.71 4.31 3.57
N GLY A 152 5.44 4.30 3.25
CA GLY A 152 4.45 3.68 4.17
C GLY A 152 3.20 3.22 3.40
N ILE A 153 2.74 2.02 3.65
CA ILE A 153 1.51 1.53 2.97
C ILE A 153 0.43 1.30 4.04
N PHE A 154 -0.68 1.98 3.90
CA PHE A 154 -1.77 1.87 4.93
C PHE A 154 -2.14 0.42 5.27
N ARG A 155 -2.13 0.10 6.54
CA ARG A 155 -2.47 -1.27 7.00
C ARG A 155 -3.77 -1.27 7.81
N ALA A 156 -4.07 -0.20 8.51
CA ALA A 156 -5.32 -0.18 9.33
C ALA A 156 -5.68 1.25 9.78
N ALA A 157 -6.96 1.50 9.95
CA ALA A 157 -7.42 2.85 10.37
C ALA A 157 -7.76 2.88 11.87
N VAL A 158 -7.43 3.95 12.55
CA VAL A 158 -7.77 4.05 14.00
C VAL A 158 -9.10 4.75 14.16
N CYS A 159 -10.17 4.00 14.13
CA CYS A 159 -11.51 4.62 14.26
C CYS A 159 -11.97 4.65 15.72
N THR A 160 -12.13 5.83 16.24
CA THR A 160 -12.56 5.98 17.67
C THR A 160 -14.09 6.04 17.75
N ARG A 161 -14.68 7.19 17.48
CA ARG A 161 -16.16 7.32 17.54
C ARG A 161 -16.73 7.17 16.14
N GLY A 162 -16.51 6.05 15.52
CA GLY A 162 -17.02 5.82 14.14
C GLY A 162 -16.24 6.69 13.15
N VAL A 163 -15.07 7.17 13.53
CA VAL A 163 -14.27 8.00 12.60
C VAL A 163 -12.78 7.76 12.87
N ALA A 164 -11.99 7.69 11.84
CA ALA A 164 -10.53 7.42 12.01
C ALA A 164 -9.78 8.69 12.42
N LYS A 165 -9.02 8.60 13.48
CA LYS A 165 -8.21 9.77 13.93
C LYS A 165 -6.73 9.39 13.98
N ALA A 166 -6.38 8.31 13.33
CA ALA A 166 -4.97 7.86 13.33
C ALA A 166 -4.83 6.72 12.34
N VAL A 167 -3.67 6.52 11.80
CA VAL A 167 -3.49 5.41 10.81
C VAL A 167 -2.22 4.61 11.06
N ASP A 168 -2.32 3.32 10.93
CA ASP A 168 -1.14 2.43 11.10
C ASP A 168 -0.77 1.95 9.70
N PHE A 169 0.49 1.70 9.42
CA PHE A 169 0.85 1.25 8.05
C PHE A 169 2.13 0.41 8.04
N VAL A 170 2.35 -0.29 6.96
CA VAL A 170 3.57 -1.16 6.84
C VAL A 170 4.81 -0.31 6.46
N PRO A 171 5.94 -0.65 7.03
CA PRO A 171 7.17 0.12 6.69
C PRO A 171 7.72 -0.33 5.33
N VAL A 172 8.38 0.57 4.63
CA VAL A 172 8.96 0.22 3.30
C VAL A 172 10.30 -0.50 3.45
N GLU A 173 11.00 -0.23 4.52
CA GLU A 173 12.32 -0.91 4.74
C GLU A 173 12.11 -2.42 4.80
N SER A 174 10.98 -2.84 5.31
CA SER A 174 10.69 -4.30 5.40
C SER A 174 10.33 -4.85 4.02
N MET A 175 9.74 -4.02 3.19
CA MET A 175 9.36 -4.47 1.81
C MET A 175 10.63 -4.69 0.98
N GLU A 176 11.60 -3.85 1.16
CA GLU A 176 12.88 -4.00 0.40
C GLU A 176 13.53 -5.34 0.70
N THR A 177 13.43 -5.82 1.92
CA THR A 177 14.05 -7.14 2.27
C THR A 177 13.46 -8.26 1.41
N THR A 178 12.21 -8.15 1.03
CA THR A 178 11.61 -9.23 0.16
C THR A 178 12.40 -9.34 -1.14
N MET A 179 12.70 -8.22 -1.73
CA MET A 179 13.49 -8.23 -3.00
C MET A 179 14.86 -8.86 -2.72
N ARG A 180 15.45 -8.57 -1.59
CA ARG A 180 16.78 -9.16 -1.26
C ARG A 180 16.64 -10.57 -0.66
N ALA A 181 15.45 -10.95 -0.27
CA ALA A 181 15.22 -12.31 0.33
C ALA A 181 16.22 -12.57 1.46
N SER A 182 16.35 -13.81 1.89
CA SER A 182 17.30 -14.15 2.99
C SER A 182 17.40 -15.67 3.17
N LYS A 183 16.28 -16.34 3.22
CA LYS A 183 16.30 -17.82 3.40
C LYS A 183 15.07 -18.47 2.74
N LYS A 184 15.15 -19.75 2.47
CA LYS A 184 13.99 -20.44 1.82
C LYS A 184 12.86 -20.67 2.83
N LYS A 185 13.19 -20.74 4.10
CA LYS A 185 12.14 -20.97 5.15
C LYS A 185 11.34 -22.24 4.84
N LYS A 186 11.83 -23.38 5.26
CA LYS A 186 11.11 -24.65 4.99
C LYS A 186 10.06 -24.92 6.07
N THR A 22 -14.08 -8.25 -12.56
CA THR A 22 -14.42 -6.84 -12.90
C THR A 22 -13.25 -5.92 -12.58
N GLY A 23 -12.99 -4.97 -13.43
CA GLY A 23 -11.85 -4.02 -13.20
C GLY A 23 -10.56 -4.56 -13.83
N ARG A 24 -10.55 -5.80 -14.29
CA ARG A 24 -9.31 -6.36 -14.91
C ARG A 24 -9.19 -5.88 -16.35
N ASP A 25 -8.02 -5.44 -16.72
CA ASP A 25 -7.78 -4.95 -18.12
C ASP A 25 -8.85 -3.96 -18.56
N LYS A 26 -9.30 -3.12 -17.66
CA LYS A 26 -10.33 -2.12 -18.03
C LYS A 26 -9.96 -0.74 -17.47
N ASN A 27 -8.68 -0.46 -17.35
CA ASN A 27 -8.25 0.84 -16.82
C ASN A 27 -6.81 1.13 -17.26
N GLN A 28 -6.35 2.31 -16.97
CA GLN A 28 -4.96 2.71 -17.36
C GLN A 28 -3.93 1.96 -16.50
N VAL A 29 -2.71 2.46 -16.45
CA VAL A 29 -1.66 1.78 -15.65
C VAL A 29 -1.67 2.22 -14.18
N GLU A 30 -2.75 2.84 -13.74
CA GLU A 30 -2.90 3.31 -12.33
C GLU A 30 -1.87 4.38 -11.97
N GLY A 31 -0.62 4.01 -11.92
CA GLY A 31 0.44 5.00 -11.58
C GLY A 31 1.09 4.61 -10.25
N GLU A 32 1.08 5.51 -9.30
CA GLU A 32 1.71 5.22 -7.97
C GLU A 32 0.95 4.13 -7.21
N VAL A 33 -0.36 4.13 -7.27
CA VAL A 33 -1.16 3.09 -6.54
C VAL A 33 -2.10 2.37 -7.50
N GLN A 34 -2.09 1.06 -7.47
CA GLN A 34 -3.00 0.28 -8.36
C GLN A 34 -4.23 -0.19 -7.58
N VAL A 35 -5.40 0.15 -8.06
CA VAL A 35 -6.64 -0.30 -7.39
C VAL A 35 -6.93 -1.72 -7.86
N VAL A 36 -7.19 -2.63 -6.97
CA VAL A 36 -7.43 -4.03 -7.39
C VAL A 36 -8.55 -4.67 -6.58
N SER A 37 -8.91 -5.85 -6.96
CA SER A 37 -10.00 -6.59 -6.25
C SER A 37 -9.67 -8.06 -6.26
N THR A 38 -9.65 -8.65 -5.09
CA THR A 38 -9.35 -10.08 -4.98
C THR A 38 -10.65 -10.82 -4.74
N ALA A 39 -10.58 -12.11 -4.59
CA ALA A 39 -11.83 -12.91 -4.37
C ALA A 39 -12.58 -12.44 -3.12
N THR A 40 -11.94 -11.67 -2.25
CA THR A 40 -12.64 -11.21 -1.02
C THR A 40 -13.16 -9.77 -1.14
N GLN A 41 -12.42 -8.87 -1.75
CA GLN A 41 -12.92 -7.45 -1.84
C GLN A 41 -12.05 -6.56 -2.75
N SER A 42 -12.31 -5.28 -2.72
CA SER A 42 -11.53 -4.31 -3.54
C SER A 42 -10.75 -3.37 -2.59
N PHE A 43 -9.54 -3.03 -2.94
CA PHE A 43 -8.72 -2.13 -2.04
C PHE A 43 -7.55 -1.52 -2.83
N LEU A 44 -6.42 -1.27 -2.21
CA LEU A 44 -5.29 -0.61 -2.95
C LEU A 44 -3.93 -1.31 -2.76
N ALA A 45 -2.99 -0.94 -3.60
CA ALA A 45 -1.62 -1.53 -3.55
C ALA A 45 -0.60 -0.54 -4.11
N THR A 46 0.49 -0.32 -3.41
CA THR A 46 1.52 0.64 -3.90
C THR A 46 2.65 -0.10 -4.63
N CYS A 47 2.91 0.28 -5.86
CA CYS A 47 4.00 -0.39 -6.63
C CYS A 47 5.36 0.10 -6.11
N VAL A 48 6.24 -0.81 -5.76
CA VAL A 48 7.59 -0.37 -5.25
C VAL A 48 8.69 -1.28 -5.79
N ASN A 49 9.70 -0.70 -6.39
CA ASN A 49 10.84 -1.51 -6.95
C ASN A 49 10.35 -2.66 -7.82
N GLY A 50 9.35 -2.43 -8.63
CA GLY A 50 8.82 -3.50 -9.52
C GLY A 50 8.04 -4.53 -8.70
N VAL A 51 7.47 -4.12 -7.59
CA VAL A 51 6.68 -5.07 -6.75
C VAL A 51 5.44 -4.36 -6.22
N CYS A 52 4.28 -4.84 -6.60
CA CYS A 52 3.02 -4.21 -6.12
C CYS A 52 2.78 -4.61 -4.67
N TRP A 53 2.73 -3.66 -3.77
CA TRP A 53 2.50 -4.01 -2.35
C TRP A 53 1.09 -3.63 -1.94
N THR A 54 0.37 -4.57 -1.41
CA THR A 54 -1.02 -4.29 -0.99
C THR A 54 -1.23 -4.84 0.40
N VAL A 55 -2.40 -4.70 0.94
CA VAL A 55 -2.62 -5.23 2.33
C VAL A 55 -3.09 -6.67 2.33
N TYR A 56 -2.37 -7.51 3.04
CA TYR A 56 -2.74 -8.96 3.15
C TYR A 56 -4.15 -9.07 3.75
N HIS A 57 -4.46 -8.27 4.74
CA HIS A 57 -5.82 -8.34 5.34
C HIS A 57 -6.83 -7.73 4.38
N GLY A 58 -7.05 -8.40 3.28
CA GLY A 58 -8.00 -7.91 2.25
C GLY A 58 -7.73 -8.68 0.95
N ALA A 59 -6.48 -8.94 0.67
CA ALA A 59 -6.13 -9.69 -0.57
C ALA A 59 -6.33 -11.19 -0.35
N GLY A 60 -5.51 -11.80 0.46
CA GLY A 60 -5.64 -13.26 0.72
C GLY A 60 -4.67 -14.06 -0.16
N SER A 61 -3.67 -13.41 -0.74
CA SER A 61 -2.69 -14.14 -1.61
C SER A 61 -3.43 -14.79 -2.78
N LYS A 62 -3.58 -14.05 -3.85
CA LYS A 62 -4.29 -14.57 -5.04
C LYS A 62 -3.76 -13.93 -6.32
N THR A 63 -4.42 -14.17 -7.40
CA THR A 63 -4.00 -13.63 -8.72
C THR A 63 -4.42 -12.17 -8.91
N LEU A 64 -5.18 -11.62 -8.00
CA LEU A 64 -5.60 -10.18 -8.13
C LEU A 64 -6.17 -9.90 -9.54
N ALA A 65 -6.20 -8.66 -9.93
CA ALA A 65 -6.69 -8.30 -11.28
C ALA A 65 -5.88 -7.10 -11.77
N GLY A 66 -4.79 -7.34 -12.46
CA GLY A 66 -3.93 -6.23 -12.92
C GLY A 66 -4.47 -5.68 -14.24
N PRO A 67 -3.85 -4.61 -14.70
CA PRO A 67 -4.30 -4.03 -16.00
C PRO A 67 -4.07 -5.05 -17.13
N LYS A 68 -3.29 -6.08 -16.89
CA LYS A 68 -3.05 -7.10 -17.95
C LYS A 68 -3.81 -8.39 -17.64
N GLY A 69 -4.28 -8.54 -16.43
CA GLY A 69 -5.02 -9.77 -16.05
C GLY A 69 -4.60 -10.21 -14.66
N PRO A 70 -4.78 -11.47 -14.38
CA PRO A 70 -4.38 -11.97 -13.03
C PRO A 70 -2.88 -11.84 -12.83
N ILE A 71 -2.47 -11.05 -11.87
CA ILE A 71 -1.03 -10.88 -11.57
C ILE A 71 -0.64 -11.95 -10.53
N THR A 72 0.56 -12.46 -10.62
CA THR A 72 0.98 -13.53 -9.67
C THR A 72 1.71 -12.95 -8.44
N GLN A 73 1.40 -13.46 -7.28
CA GLN A 73 2.07 -12.97 -6.03
C GLN A 73 3.54 -13.41 -6.02
N MET A 74 4.43 -12.56 -5.55
CA MET A 74 5.86 -12.92 -5.52
C MET A 74 6.31 -13.25 -4.08
N TYR A 75 5.76 -12.57 -3.11
CA TYR A 75 6.17 -12.83 -1.70
C TYR A 75 5.01 -12.47 -0.75
N THR A 76 5.13 -12.82 0.51
CA THR A 76 4.06 -12.52 1.50
C THR A 76 4.64 -12.39 2.91
N ASN A 77 4.55 -11.22 3.48
CA ASN A 77 5.06 -11.04 4.88
C ASN A 77 3.89 -11.21 5.84
N VAL A 78 3.47 -12.42 6.08
CA VAL A 78 2.31 -12.63 7.01
C VAL A 78 2.65 -12.08 8.39
N ASP A 79 3.87 -12.28 8.84
CA ASP A 79 4.27 -11.72 10.16
C ASP A 79 4.02 -10.20 10.16
N GLN A 80 4.04 -9.60 9.00
CA GLN A 80 3.78 -8.13 8.91
C GLN A 80 2.43 -7.86 8.21
N ASP A 81 1.73 -8.90 7.79
CA ASP A 81 0.41 -8.71 7.09
C ASP A 81 0.64 -7.91 5.81
N LEU A 82 1.51 -8.39 4.95
CA LEU A 82 1.79 -7.66 3.68
C LEU A 82 2.07 -8.68 2.57
N VAL A 83 1.82 -8.32 1.34
CA VAL A 83 2.07 -9.27 0.22
C VAL A 83 2.52 -8.50 -1.02
N GLY A 84 3.60 -8.90 -1.64
CA GLY A 84 4.08 -8.15 -2.85
C GLY A 84 4.01 -9.00 -4.12
N TRP A 85 3.27 -8.53 -5.08
CA TRP A 85 3.15 -9.26 -6.40
C TRP A 85 4.28 -8.82 -7.32
N GLN A 86 4.23 -9.21 -8.57
CA GLN A 86 5.29 -8.77 -9.52
C GLN A 86 4.73 -7.60 -10.34
N ALA A 87 5.27 -6.42 -10.16
CA ALA A 87 4.76 -5.23 -10.89
C ALA A 87 4.98 -5.38 -12.40
N PRO A 88 3.93 -5.07 -13.15
CA PRO A 88 4.07 -5.18 -14.64
C PRO A 88 4.43 -3.81 -15.23
N PRO A 89 5.07 -3.85 -16.38
CA PRO A 89 5.45 -2.55 -17.02
C PRO A 89 4.20 -1.74 -17.36
N GLY A 90 4.27 -0.44 -17.23
CA GLY A 90 3.10 0.42 -17.54
C GLY A 90 2.83 1.35 -16.36
N ALA A 91 2.77 0.80 -15.18
CA ALA A 91 2.51 1.60 -13.96
C ALA A 91 3.66 2.61 -13.74
N ARG A 92 4.13 2.78 -12.53
CA ARG A 92 5.23 3.76 -12.27
C ARG A 92 6.08 3.39 -11.06
N SER A 93 5.51 2.73 -10.10
CA SER A 93 6.27 2.32 -8.87
C SER A 93 6.81 3.54 -8.13
N LEU A 94 7.03 3.43 -6.85
CA LEU A 94 7.54 4.59 -6.04
C LEU A 94 8.95 4.26 -5.52
N THR A 95 9.78 5.27 -5.34
CA THR A 95 11.16 5.02 -4.85
C THR A 95 11.26 5.26 -3.34
N PRO A 96 12.17 4.56 -2.70
CA PRO A 96 12.33 4.75 -1.22
C PRO A 96 13.10 6.04 -0.94
N CYS A 97 12.89 6.64 0.21
CA CYS A 97 13.61 7.90 0.53
C CYS A 97 13.60 8.15 2.05
N THR A 98 14.51 8.98 2.51
CA THR A 98 14.57 9.30 3.97
C THR A 98 15.11 10.72 4.16
N CYS A 99 14.37 11.72 3.75
CA CYS A 99 14.83 13.13 3.90
C CYS A 99 14.84 13.52 5.38
N GLY A 100 13.90 13.00 6.12
CA GLY A 100 13.80 13.34 7.56
C GLY A 100 12.41 13.96 7.84
N SER A 101 11.71 14.40 6.82
CA SER A 101 10.36 15.00 7.04
C SER A 101 9.30 13.90 7.01
N SER A 102 8.33 13.97 7.89
CA SER A 102 7.26 12.93 7.92
C SER A 102 5.95 13.48 7.35
N ASP A 103 5.99 14.61 6.67
CA ASP A 103 4.73 15.16 6.08
C ASP A 103 4.35 14.28 4.90
N LEU A 104 3.77 13.13 5.17
CA LEU A 104 3.41 12.20 4.08
C LEU A 104 1.92 12.34 3.75
N TYR A 105 1.49 11.64 2.73
CA TYR A 105 0.06 11.69 2.35
C TYR A 105 -0.32 10.35 1.73
N LEU A 106 -1.42 9.79 2.16
CA LEU A 106 -1.84 8.46 1.63
C LEU A 106 -2.80 8.64 0.46
N VAL A 107 -2.73 7.73 -0.47
CA VAL A 107 -3.63 7.77 -1.65
C VAL A 107 -4.90 6.98 -1.32
N THR A 108 -6.00 7.67 -1.17
CA THR A 108 -7.28 6.96 -0.86
C THR A 108 -7.87 6.40 -2.14
N ARG A 109 -8.98 5.70 -2.03
CA ARG A 109 -9.63 5.09 -3.24
C ARG A 109 -9.67 6.07 -4.43
N HIS A 110 -9.65 7.35 -4.16
CA HIS A 110 -9.65 8.35 -5.27
C HIS A 110 -8.20 8.67 -5.67
N ALA A 111 -7.53 9.52 -4.92
CA ALA A 111 -6.11 9.86 -5.26
C ALA A 111 -5.31 10.23 -4.02
N ASP A 112 -5.88 11.01 -3.14
CA ASP A 112 -5.17 11.42 -1.90
C ASP A 112 -6.15 11.98 -0.88
N VAL A 113 -6.77 13.10 -1.20
CA VAL A 113 -7.79 13.75 -0.30
C VAL A 113 -7.18 14.23 1.03
N ILE A 114 -6.59 13.35 1.81
CA ILE A 114 -6.01 13.79 3.12
C ILE A 114 -4.53 13.38 3.24
N PRO A 115 -3.78 14.17 4.00
CA PRO A 115 -2.35 13.83 4.19
C PRO A 115 -2.13 13.29 5.61
N VAL A 116 -1.01 12.65 5.85
CA VAL A 116 -0.76 12.10 7.23
C VAL A 116 0.68 12.38 7.67
N ARG A 117 0.86 12.73 8.91
CA ARG A 117 2.24 12.99 9.44
C ARG A 117 2.75 11.70 10.09
N ARG A 118 3.79 11.11 9.56
CA ARG A 118 4.29 9.83 10.14
C ARG A 118 4.70 10.02 11.60
N ARG A 119 4.15 9.22 12.48
CA ARG A 119 4.54 9.29 13.91
C ARG A 119 5.55 8.18 14.24
N GLY A 120 5.91 7.39 13.26
CA GLY A 120 6.88 6.29 13.50
C GLY A 120 6.97 5.44 12.23
N ASP A 121 7.78 4.43 12.23
CA ASP A 121 7.91 3.56 11.01
C ASP A 121 6.59 2.84 10.75
N SER A 122 5.77 2.68 11.76
CA SER A 122 4.47 1.97 11.57
C SER A 122 3.29 2.84 12.03
N ARG A 123 3.48 4.13 12.18
CA ARG A 123 2.35 4.99 12.66
C ARG A 123 2.33 6.32 11.93
N GLY A 124 1.15 6.79 11.61
CA GLY A 124 1.03 8.10 10.91
C GLY A 124 -0.16 8.83 11.51
N SER A 125 -0.04 10.12 11.66
CA SER A 125 -1.14 10.92 12.26
C SER A 125 -2.07 11.42 11.16
N LEU A 126 -3.28 10.93 11.12
CA LEU A 126 -4.23 11.40 10.07
C LEU A 126 -4.63 12.83 10.41
N LEU A 127 -4.09 13.77 9.68
CA LEU A 127 -4.41 15.21 9.93
C LEU A 127 -5.90 15.45 9.75
N SER A 128 -6.50 14.73 8.86
CA SER A 128 -7.96 14.90 8.62
C SER A 128 -8.74 13.65 9.06
N PRO A 129 -9.33 13.72 10.23
CA PRO A 129 -10.11 12.56 10.71
C PRO A 129 -11.34 12.39 9.83
N ARG A 130 -11.77 11.18 9.60
CA ARG A 130 -12.95 10.95 8.74
C ARG A 130 -13.62 9.63 9.11
N PRO A 131 -14.85 9.48 8.67
CA PRO A 131 -15.54 8.20 9.00
C PRO A 131 -14.77 7.02 8.40
N VAL A 132 -14.37 6.10 9.23
CA VAL A 132 -13.60 4.91 8.75
C VAL A 132 -14.22 4.28 7.49
N SER A 133 -15.50 4.47 7.30
CA SER A 133 -16.15 3.92 6.07
C SER A 133 -15.46 4.49 4.83
N TYR A 134 -15.02 5.73 4.92
CA TYR A 134 -14.30 6.37 3.79
C TYR A 134 -12.93 5.71 3.63
N LEU A 135 -12.36 5.23 4.71
CA LEU A 135 -11.02 4.57 4.63
C LEU A 135 -11.15 3.10 4.18
N LYS A 136 -12.36 2.66 3.90
CA LYS A 136 -12.56 1.26 3.44
C LYS A 136 -12.03 1.13 2.02
N GLY A 137 -10.98 0.39 1.88
CA GLY A 137 -10.34 0.22 0.55
C GLY A 137 -9.11 1.14 0.46
N SER A 138 -8.93 2.02 1.42
CA SER A 138 -7.73 2.90 1.40
C SER A 138 -6.49 2.13 1.86
N SER A 139 -6.65 0.95 2.44
CA SER A 139 -5.43 0.17 2.89
C SER A 139 -4.62 -0.25 1.68
N GLY A 140 -3.33 -0.39 1.85
CA GLY A 140 -2.46 -0.77 0.72
C GLY A 140 -1.97 0.50 0.01
N GLY A 141 -2.52 1.65 0.36
CA GLY A 141 -2.08 2.92 -0.28
C GLY A 141 -0.65 3.22 0.18
N PRO A 142 -0.18 4.43 -0.09
CA PRO A 142 1.21 4.71 0.36
C PRO A 142 1.37 6.15 0.89
N LEU A 143 2.12 6.30 1.94
CA LEU A 143 2.38 7.66 2.51
C LEU A 143 3.68 8.19 1.89
N LEU A 144 3.57 8.93 0.83
CA LEU A 144 4.80 9.42 0.12
C LEU A 144 5.36 10.73 0.71
N CYS A 145 6.66 10.89 0.60
CA CYS A 145 7.34 12.14 1.10
C CYS A 145 6.75 13.35 0.35
N PRO A 146 7.46 14.46 0.41
CA PRO A 146 6.96 15.64 -0.33
C PRO A 146 7.53 15.69 -1.75
N SER A 147 8.07 14.58 -2.23
CA SER A 147 8.64 14.57 -3.62
C SER A 147 8.00 13.46 -4.45
N GLY A 148 7.99 12.26 -3.94
CA GLY A 148 7.39 11.11 -4.71
C GLY A 148 8.04 9.79 -4.30
N HIS A 149 8.31 9.61 -3.04
CA HIS A 149 8.94 8.33 -2.58
C HIS A 149 8.03 7.60 -1.58
N ALA A 150 7.77 6.34 -1.80
CA ALA A 150 6.89 5.57 -0.87
C ALA A 150 7.61 5.35 0.46
N VAL A 151 7.03 5.81 1.53
CA VAL A 151 7.67 5.65 2.87
C VAL A 151 6.87 4.67 3.72
N GLY A 152 5.58 4.58 3.49
CA GLY A 152 4.74 3.66 4.31
C GLY A 152 3.48 3.25 3.54
N ILE A 153 2.96 2.07 3.81
CA ILE A 153 1.69 1.63 3.13
C ILE A 153 0.64 1.38 4.22
N PHE A 154 -0.47 2.08 4.15
CA PHE A 154 -1.52 1.97 5.21
C PHE A 154 -1.92 0.52 5.50
N ARG A 155 -1.92 0.17 6.76
CA ARG A 155 -2.29 -1.21 7.18
C ARG A 155 -3.54 -1.18 8.07
N ALA A 156 -3.79 -0.11 8.80
CA ALA A 156 -5.00 -0.07 9.68
C ALA A 156 -5.32 1.34 10.15
N ALA A 157 -6.58 1.62 10.32
CA ALA A 157 -7.03 2.96 10.78
C ALA A 157 -7.30 2.97 12.30
N VAL A 158 -6.93 4.05 12.95
CA VAL A 158 -7.18 4.16 14.42
C VAL A 158 -8.53 4.82 14.61
N CYS A 159 -9.55 4.04 14.73
CA CYS A 159 -10.92 4.60 14.87
C CYS A 159 -11.32 4.73 16.33
N THR A 160 -11.66 5.92 16.74
CA THR A 160 -12.08 6.14 18.15
C THR A 160 -13.59 5.84 18.30
N ARG A 161 -14.45 6.85 18.26
CA ARG A 161 -15.92 6.57 18.38
C ARG A 161 -16.41 5.85 17.12
N GLY A 162 -16.17 6.46 15.99
CA GLY A 162 -16.59 5.86 14.68
C GLY A 162 -15.85 6.56 13.54
N VAL A 163 -14.67 7.07 13.81
CA VAL A 163 -13.88 7.77 12.77
C VAL A 163 -12.40 7.56 13.07
N ALA A 164 -11.59 7.47 12.06
CA ALA A 164 -10.12 7.25 12.29
C ALA A 164 -9.41 8.56 12.62
N LYS A 165 -8.66 8.56 13.69
CA LYS A 165 -7.90 9.78 14.07
C LYS A 165 -6.39 9.49 14.07
N ALA A 166 -6.01 8.39 13.47
CA ALA A 166 -4.57 8.03 13.40
C ALA A 166 -4.45 6.81 12.50
N VAL A 167 -3.31 6.63 11.88
CA VAL A 167 -3.16 5.47 10.94
C VAL A 167 -1.90 4.66 11.22
N ASP A 168 -2.01 3.36 11.17
CA ASP A 168 -0.83 2.48 11.36
C ASP A 168 -0.48 1.95 9.97
N PHE A 169 0.77 1.70 9.67
CA PHE A 169 1.08 1.22 8.29
C PHE A 169 2.36 0.37 8.25
N VAL A 170 2.55 -0.32 7.16
CA VAL A 170 3.78 -1.16 6.99
C VAL A 170 4.92 -0.29 6.44
N PRO A 171 6.06 -0.35 7.07
CA PRO A 171 7.19 0.47 6.55
C PRO A 171 7.74 -0.12 5.26
N VAL A 172 8.40 0.68 4.46
CA VAL A 172 8.98 0.19 3.18
C VAL A 172 10.24 -0.62 3.46
N GLU A 173 10.88 -0.39 4.59
CA GLU A 173 12.10 -1.18 4.94
C GLU A 173 11.73 -2.66 4.99
N SER A 174 10.50 -2.95 5.34
CA SER A 174 10.04 -4.38 5.39
C SER A 174 9.85 -4.90 3.95
N MET A 175 9.39 -4.06 3.07
CA MET A 175 9.18 -4.49 1.65
C MET A 175 10.55 -4.73 1.01
N GLU A 176 11.51 -3.92 1.36
CA GLU A 176 12.88 -4.08 0.80
C GLU A 176 13.45 -5.46 1.15
N THR A 177 13.10 -6.00 2.30
CA THR A 177 13.63 -7.34 2.68
C THR A 177 13.16 -8.41 1.70
N THR A 178 12.01 -8.22 1.09
CA THR A 178 11.53 -9.24 0.11
C THR A 178 12.47 -9.27 -1.09
N MET A 179 12.73 -8.13 -1.67
CA MET A 179 13.64 -8.08 -2.84
C MET A 179 15.06 -8.45 -2.41
N ARG A 180 15.41 -8.21 -1.16
CA ARG A 180 16.79 -8.59 -0.69
C ARG A 180 16.79 -10.03 -0.14
N ALA A 181 15.62 -10.57 0.14
CA ALA A 181 15.52 -11.96 0.70
C ALA A 181 16.32 -12.10 1.99
N SER A 182 15.64 -12.41 3.07
CA SER A 182 16.33 -12.56 4.39
C SER A 182 17.30 -13.75 4.37
N LYS A 183 18.46 -13.57 3.79
CA LYS A 183 19.47 -14.69 3.75
C LYS A 183 20.35 -14.64 4.99
N LYS A 184 20.68 -15.77 5.55
CA LYS A 184 21.56 -15.79 6.76
C LYS A 184 22.19 -17.17 6.93
N LYS A 185 22.94 -17.61 5.96
CA LYS A 185 23.61 -18.95 6.06
C LYS A 185 24.83 -18.84 6.98
N LYS A 186 25.00 -19.78 7.88
CA LYS A 186 26.17 -19.76 8.82
C LYS A 186 26.28 -18.39 9.50
N THR A 22 -10.48 -11.33 -12.08
CA THR A 22 -11.04 -11.52 -13.45
C THR A 22 -11.32 -10.16 -14.09
N GLY A 23 -10.93 -9.98 -15.33
CA GLY A 23 -11.17 -8.69 -16.02
C GLY A 23 -10.05 -7.70 -15.68
N ARG A 24 -10.14 -6.50 -16.18
CA ARG A 24 -9.07 -5.48 -15.90
C ARG A 24 -9.63 -4.34 -15.07
N ASP A 25 -8.97 -4.00 -13.99
CA ASP A 25 -9.45 -2.87 -13.14
C ASP A 25 -9.09 -1.55 -13.78
N LYS A 26 -7.91 -1.46 -14.29
CA LYS A 26 -7.45 -0.21 -14.95
C LYS A 26 -6.44 -0.55 -16.05
N ASN A 27 -5.82 0.45 -16.63
CA ASN A 27 -4.82 0.19 -17.71
C ASN A 27 -3.87 1.38 -17.86
N GLN A 28 -3.29 1.83 -16.77
CA GLN A 28 -2.35 2.99 -16.84
C GLN A 28 -0.95 2.57 -16.41
N VAL A 29 0.01 2.78 -17.26
CA VAL A 29 1.40 2.38 -16.93
C VAL A 29 2.21 3.58 -16.40
N GLU A 30 1.56 4.63 -15.96
CA GLU A 30 2.30 5.84 -15.49
C GLU A 30 2.96 5.68 -14.12
N GLY A 31 2.26 5.16 -13.14
CA GLY A 31 2.89 5.01 -11.78
C GLY A 31 1.83 5.08 -10.67
N GLU A 32 2.26 5.48 -9.49
CA GLU A 32 1.40 5.65 -8.27
C GLU A 32 0.97 4.33 -7.58
N VAL A 33 -0.27 3.94 -7.70
CA VAL A 33 -0.77 2.71 -6.99
C VAL A 33 -1.71 1.90 -7.87
N GLN A 34 -1.62 0.59 -7.82
CA GLN A 34 -2.51 -0.27 -8.65
C GLN A 34 -3.79 -0.61 -7.87
N VAL A 35 -4.92 -0.25 -8.40
CA VAL A 35 -6.21 -0.60 -7.72
C VAL A 35 -6.53 -2.05 -8.06
N VAL A 36 -7.01 -2.82 -7.10
CA VAL A 36 -7.31 -4.25 -7.39
C VAL A 36 -8.58 -4.70 -6.69
N SER A 37 -9.03 -5.87 -7.04
CA SER A 37 -10.25 -6.46 -6.44
C SER A 37 -10.03 -7.94 -6.28
N THR A 38 -10.09 -8.39 -5.07
CA THR A 38 -9.85 -9.81 -4.80
C THR A 38 -11.16 -10.49 -4.46
N ALA A 39 -11.10 -11.76 -4.17
CA ALA A 39 -12.36 -12.51 -3.85
C ALA A 39 -13.10 -11.90 -2.66
N THR A 40 -12.45 -11.07 -1.88
CA THR A 40 -13.15 -10.48 -0.70
C THR A 40 -13.57 -9.03 -0.95
N GLN A 41 -12.75 -8.23 -1.60
CA GLN A 41 -13.15 -6.80 -1.83
C GLN A 41 -12.14 -6.06 -2.73
N SER A 42 -12.27 -4.76 -2.80
CA SER A 42 -11.33 -3.94 -3.61
C SER A 42 -10.58 -2.99 -2.67
N PHE A 43 -9.36 -2.68 -2.97
CA PHE A 43 -8.55 -1.78 -2.08
C PHE A 43 -7.35 -1.20 -2.84
N LEU A 44 -6.20 -1.04 -2.23
CA LEU A 44 -5.06 -0.43 -2.97
C LEU A 44 -3.74 -1.16 -2.78
N ALA A 45 -2.81 -0.90 -3.68
CA ALA A 45 -1.47 -1.54 -3.63
C ALA A 45 -0.44 -0.57 -4.20
N THR A 46 0.58 -0.25 -3.44
CA THR A 46 1.61 0.72 -3.93
C THR A 46 2.82 -0.02 -4.47
N CYS A 47 3.12 0.20 -5.72
CA CYS A 47 4.29 -0.49 -6.32
C CYS A 47 5.58 0.17 -5.89
N VAL A 48 6.47 -0.60 -5.35
CA VAL A 48 7.79 -0.07 -4.91
C VAL A 48 8.90 -0.84 -5.62
N ASN A 49 9.77 -0.15 -6.31
CA ASN A 49 10.88 -0.85 -7.05
C ASN A 49 10.32 -1.95 -7.96
N GLY A 50 9.28 -1.67 -8.68
CA GLY A 50 8.69 -2.70 -9.59
C GLY A 50 8.00 -3.82 -8.78
N VAL A 51 7.62 -3.54 -7.56
CA VAL A 51 6.93 -4.58 -6.72
C VAL A 51 5.66 -4.00 -6.14
N CYS A 52 4.53 -4.47 -6.58
CA CYS A 52 3.24 -3.95 -6.05
C CYS A 52 3.00 -4.48 -4.65
N TRP A 53 2.85 -3.60 -3.70
CA TRP A 53 2.60 -4.06 -2.31
C TRP A 53 1.20 -3.65 -1.91
N THR A 54 0.44 -4.59 -1.46
CA THR A 54 -0.96 -4.29 -1.04
C THR A 54 -1.20 -4.91 0.32
N VAL A 55 -2.36 -4.74 0.87
CA VAL A 55 -2.59 -5.34 2.22
C VAL A 55 -3.14 -6.76 2.12
N TYR A 56 -2.45 -7.68 2.75
CA TYR A 56 -2.89 -9.11 2.73
C TYR A 56 -4.29 -9.22 3.35
N HIS A 57 -4.54 -8.50 4.42
CA HIS A 57 -5.88 -8.56 5.06
C HIS A 57 -6.90 -7.86 4.16
N GLY A 58 -7.26 -8.52 3.08
CA GLY A 58 -8.22 -7.95 2.11
C GLY A 58 -7.97 -8.57 0.74
N ALA A 59 -6.75 -9.02 0.49
CA ALA A 59 -6.44 -9.63 -0.84
C ALA A 59 -6.75 -11.14 -0.83
N GLY A 60 -5.87 -11.95 -0.28
CA GLY A 60 -6.10 -13.43 -0.24
C GLY A 60 -6.56 -13.98 -1.60
N SER A 61 -6.24 -13.32 -2.68
CA SER A 61 -6.67 -13.82 -4.03
C SER A 61 -5.47 -14.31 -4.86
N LYS A 62 -4.28 -13.87 -4.52
CA LYS A 62 -3.04 -14.29 -5.27
C LYS A 62 -3.01 -13.70 -6.69
N THR A 63 -3.98 -14.04 -7.49
CA THR A 63 -4.01 -13.56 -8.91
C THR A 63 -4.62 -12.16 -9.04
N LEU A 64 -5.56 -11.83 -8.21
CA LEU A 64 -6.25 -10.48 -8.27
C LEU A 64 -6.60 -10.10 -9.73
N ALA A 65 -6.48 -8.84 -10.09
CA ALA A 65 -6.80 -8.42 -11.49
C ALA A 65 -5.96 -7.19 -11.87
N GLY A 66 -4.92 -7.39 -12.63
CA GLY A 66 -4.06 -6.25 -13.04
C GLY A 66 -4.58 -5.67 -14.35
N PRO A 67 -3.90 -4.65 -14.84
CA PRO A 67 -4.35 -4.05 -16.12
C PRO A 67 -4.24 -5.08 -17.25
N LYS A 68 -3.50 -6.14 -17.06
CA LYS A 68 -3.36 -7.17 -18.13
C LYS A 68 -4.04 -8.49 -17.73
N GLY A 69 -4.66 -8.53 -16.57
CA GLY A 69 -5.32 -9.79 -16.12
C GLY A 69 -4.74 -10.19 -14.76
N PRO A 70 -4.91 -11.43 -14.39
CA PRO A 70 -4.35 -11.86 -13.08
C PRO A 70 -2.84 -11.61 -13.02
N ILE A 71 -2.39 -10.86 -12.05
CA ILE A 71 -0.93 -10.54 -11.95
C ILE A 71 -0.19 -11.62 -11.16
N THR A 72 -0.87 -12.30 -10.29
CA THR A 72 -0.25 -13.38 -9.45
C THR A 72 0.88 -12.80 -8.56
N GLN A 73 0.83 -13.07 -7.28
CA GLN A 73 1.86 -12.52 -6.34
C GLN A 73 3.16 -13.31 -6.38
N MET A 74 4.23 -12.70 -5.94
CA MET A 74 5.55 -13.41 -5.91
C MET A 74 5.94 -13.72 -4.48
N TYR A 75 5.53 -12.91 -3.54
CA TYR A 75 5.90 -13.15 -2.13
C TYR A 75 4.69 -12.83 -1.22
N THR A 76 4.72 -13.28 0.01
CA THR A 76 3.59 -13.01 0.95
C THR A 76 4.08 -13.05 2.40
N ASN A 77 4.03 -11.93 3.09
CA ASN A 77 4.46 -11.93 4.52
C ASN A 77 3.23 -12.03 5.41
N VAL A 78 2.62 -13.18 5.50
CA VAL A 78 1.41 -13.30 6.37
C VAL A 78 1.77 -12.96 7.80
N ASP A 79 2.92 -13.38 8.25
CA ASP A 79 3.35 -13.05 9.65
C ASP A 79 3.33 -11.52 9.82
N GLN A 80 3.47 -10.79 8.73
CA GLN A 80 3.43 -9.30 8.82
C GLN A 80 2.17 -8.75 8.11
N ASP A 81 1.37 -9.62 7.52
CA ASP A 81 0.14 -9.16 6.80
C ASP A 81 0.53 -8.26 5.64
N LEU A 82 1.38 -8.76 4.77
CA LEU A 82 1.83 -7.95 3.60
C LEU A 82 2.08 -8.90 2.41
N VAL A 83 1.94 -8.43 1.20
CA VAL A 83 2.17 -9.32 0.02
C VAL A 83 2.73 -8.50 -1.13
N GLY A 84 3.69 -9.02 -1.85
CA GLY A 84 4.27 -8.22 -2.98
C GLY A 84 4.20 -8.97 -4.31
N TRP A 85 3.55 -8.37 -5.27
CA TRP A 85 3.43 -8.98 -6.64
C TRP A 85 4.60 -8.51 -7.52
N GLN A 86 4.52 -8.72 -8.81
CA GLN A 86 5.62 -8.26 -9.72
C GLN A 86 5.12 -7.13 -10.63
N ALA A 87 5.38 -5.89 -10.25
CA ALA A 87 4.92 -4.73 -11.08
C ALA A 87 5.71 -4.64 -12.40
N PRO A 88 5.14 -3.94 -13.36
CA PRO A 88 5.86 -3.79 -14.65
C PRO A 88 6.53 -2.41 -14.74
N PRO A 89 7.54 -2.31 -15.59
CA PRO A 89 8.27 -1.02 -15.71
C PRO A 89 7.36 0.13 -16.15
N GLY A 90 7.09 1.05 -15.25
CA GLY A 90 6.24 2.22 -15.58
C GLY A 90 4.96 2.15 -14.77
N ALA A 91 4.19 1.14 -15.01
CA ALA A 91 2.90 0.97 -14.30
C ALA A 91 3.15 0.83 -12.82
N ARG A 92 2.84 1.88 -12.11
CA ARG A 92 3.01 1.90 -10.65
C ARG A 92 4.43 1.51 -10.20
N SER A 93 5.19 2.46 -9.73
CA SER A 93 6.56 2.20 -9.22
C SER A 93 7.02 3.43 -8.42
N LEU A 94 7.07 3.32 -7.11
CA LEU A 94 7.47 4.49 -6.27
C LEU A 94 8.85 4.28 -5.65
N THR A 95 9.49 5.34 -5.21
CA THR A 95 10.84 5.20 -4.60
C THR A 95 10.79 5.54 -3.11
N PRO A 96 11.75 5.04 -2.36
CA PRO A 96 11.76 5.34 -0.91
C PRO A 96 12.54 6.64 -0.67
N CYS A 97 12.20 7.36 0.36
CA CYS A 97 12.91 8.66 0.64
C CYS A 97 12.84 9.01 2.13
N THR A 98 11.68 9.40 2.62
CA THR A 98 11.53 9.74 4.08
C THR A 98 12.59 10.74 4.54
N CYS A 99 12.64 11.92 3.93
CA CYS A 99 13.66 12.92 4.33
C CYS A 99 13.09 14.36 4.35
N GLY A 100 13.64 15.21 5.17
CA GLY A 100 13.18 16.62 5.23
C GLY A 100 12.01 16.78 6.19
N SER A 101 11.04 15.91 6.09
CA SER A 101 9.85 16.03 7.00
C SER A 101 8.99 14.78 6.91
N SER A 102 8.04 14.64 7.80
CA SER A 102 7.12 13.47 7.76
C SER A 102 5.75 13.87 7.22
N ASP A 103 5.68 14.99 6.53
CA ASP A 103 4.37 15.43 5.96
C ASP A 103 3.99 14.50 4.81
N LEU A 104 3.53 13.33 5.15
CA LEU A 104 3.15 12.34 4.10
C LEU A 104 1.66 12.46 3.80
N TYR A 105 1.19 11.75 2.82
CA TYR A 105 -0.25 11.78 2.48
C TYR A 105 -0.62 10.44 1.85
N LEU A 106 -1.73 9.89 2.24
CA LEU A 106 -2.13 8.57 1.71
C LEU A 106 -3.24 8.70 0.66
N VAL A 107 -3.16 7.91 -0.36
CA VAL A 107 -4.19 7.93 -1.43
C VAL A 107 -5.35 7.02 -1.03
N THR A 108 -6.54 7.56 -0.91
CA THR A 108 -7.71 6.72 -0.51
C THR A 108 -8.22 5.98 -1.74
N ARG A 109 -9.25 5.18 -1.58
CA ARG A 109 -9.81 4.38 -2.73
C ARG A 109 -9.91 5.21 -4.01
N HIS A 110 -10.07 6.51 -3.91
CA HIS A 110 -10.16 7.34 -5.15
C HIS A 110 -8.97 8.32 -5.25
N ALA A 111 -8.67 9.08 -4.22
CA ALA A 111 -7.54 10.04 -4.29
C ALA A 111 -6.98 10.30 -2.90
N ASP A 112 -5.99 11.14 -2.83
CA ASP A 112 -5.38 11.50 -1.52
C ASP A 112 -6.43 12.13 -0.58
N VAL A 113 -6.66 13.42 -0.69
CA VAL A 113 -7.67 14.10 0.18
C VAL A 113 -7.41 13.77 1.67
N ILE A 114 -6.18 13.45 2.00
CA ILE A 114 -5.87 13.13 3.43
C ILE A 114 -4.35 13.15 3.68
N PRO A 115 -3.87 14.24 4.24
CA PRO A 115 -2.42 14.32 4.53
C PRO A 115 -2.14 13.79 5.95
N VAL A 116 -1.10 12.99 6.11
CA VAL A 116 -0.80 12.44 7.47
C VAL A 116 0.67 12.64 7.83
N ARG A 117 0.95 12.96 9.07
CA ARG A 117 2.36 13.15 9.52
C ARG A 117 2.85 11.83 10.10
N ARG A 118 3.88 11.24 9.54
CA ARG A 118 4.36 9.93 10.07
C ARG A 118 4.80 10.06 11.54
N ARG A 119 4.28 9.23 12.39
CA ARG A 119 4.70 9.26 13.83
C ARG A 119 5.72 8.15 14.10
N GLY A 120 6.07 7.40 13.09
CA GLY A 120 7.06 6.31 13.26
C GLY A 120 7.06 5.47 11.98
N ASP A 121 7.83 4.41 11.94
CA ASP A 121 7.86 3.57 10.71
C ASP A 121 6.53 2.83 10.55
N SER A 122 5.77 2.69 11.61
CA SER A 122 4.47 1.98 11.52
C SER A 122 3.31 2.85 11.98
N ARG A 123 3.50 4.15 12.10
CA ARG A 123 2.38 5.01 12.58
C ARG A 123 2.37 6.36 11.87
N GLY A 124 1.21 6.89 11.61
CA GLY A 124 1.10 8.20 10.94
C GLY A 124 -0.05 8.96 11.58
N SER A 125 0.10 10.23 11.77
CA SER A 125 -0.98 11.04 12.40
C SER A 125 -1.92 11.55 11.33
N LEU A 126 -3.14 11.05 11.32
CA LEU A 126 -4.11 11.52 10.29
C LEU A 126 -4.50 12.96 10.62
N LEU A 127 -4.08 13.89 9.81
CA LEU A 127 -4.40 15.32 10.06
C LEU A 127 -5.90 15.58 9.89
N SER A 128 -6.59 14.69 9.22
CA SER A 128 -8.05 14.87 9.02
C SER A 128 -8.81 13.59 9.39
N PRO A 129 -9.06 13.45 10.68
CA PRO A 129 -9.80 12.23 11.13
C PRO A 129 -11.19 12.20 10.49
N ARG A 130 -11.66 11.03 10.15
CA ARG A 130 -13.00 10.93 9.50
C ARG A 130 -13.58 9.54 9.77
N PRO A 131 -14.84 9.37 9.47
CA PRO A 131 -15.45 8.03 9.71
C PRO A 131 -14.69 6.96 8.93
N VAL A 132 -14.23 5.94 9.61
CA VAL A 132 -13.47 4.84 8.93
C VAL A 132 -14.23 4.34 7.70
N SER A 133 -15.53 4.47 7.71
CA SER A 133 -16.36 4.06 6.54
C SER A 133 -15.98 4.88 5.31
N TYR A 134 -15.26 5.97 5.49
CA TYR A 134 -14.85 6.80 4.32
C TYR A 134 -13.54 6.27 3.74
N LEU A 135 -12.71 5.71 4.58
CA LEU A 135 -11.40 5.18 4.09
C LEU A 135 -11.62 3.84 3.39
N LYS A 136 -12.24 2.90 4.09
CA LYS A 136 -12.56 1.50 3.55
C LYS A 136 -11.95 1.22 2.17
N GLY A 137 -10.91 0.46 2.13
CA GLY A 137 -10.23 0.19 0.83
C GLY A 137 -8.97 1.05 0.72
N SER A 138 -8.74 1.91 1.69
CA SER A 138 -7.52 2.75 1.67
C SER A 138 -6.31 1.90 2.08
N SER A 139 -6.54 0.73 2.65
CA SER A 139 -5.38 -0.14 3.07
C SER A 139 -4.56 -0.52 1.84
N GLY A 140 -3.26 -0.58 1.99
CA GLY A 140 -2.38 -0.92 0.84
C GLY A 140 -1.99 0.38 0.11
N GLY A 141 -2.61 1.49 0.45
CA GLY A 141 -2.27 2.78 -0.22
C GLY A 141 -0.82 3.15 0.14
N PRO A 142 -0.45 4.41 -0.05
CA PRO A 142 0.94 4.76 0.31
C PRO A 142 1.07 6.19 0.85
N LEU A 143 1.86 6.36 1.88
CA LEU A 143 2.11 7.72 2.43
C LEU A 143 3.42 8.22 1.81
N LEU A 144 3.31 9.02 0.77
CA LEU A 144 4.54 9.48 0.05
C LEU A 144 5.18 10.75 0.63
N CYS A 145 6.48 10.88 0.46
CA CYS A 145 7.19 12.11 0.94
C CYS A 145 6.66 13.29 0.13
N PRO A 146 7.42 14.36 0.08
CA PRO A 146 6.93 15.51 -0.72
C PRO A 146 7.57 15.48 -2.13
N SER A 147 8.13 14.36 -2.52
CA SER A 147 8.78 14.27 -3.87
C SER A 147 8.31 13.05 -4.68
N GLY A 148 7.27 12.37 -4.24
CA GLY A 148 6.77 11.18 -5.01
C GLY A 148 7.48 9.90 -4.54
N HIS A 149 7.84 9.83 -3.29
CA HIS A 149 8.54 8.61 -2.78
C HIS A 149 7.66 7.87 -1.76
N ALA A 150 7.28 6.65 -2.05
CA ALA A 150 6.43 5.88 -1.09
C ALA A 150 7.26 5.43 0.11
N VAL A 151 6.85 5.79 1.30
CA VAL A 151 7.61 5.38 2.51
C VAL A 151 6.73 4.60 3.50
N GLY A 152 5.45 4.49 3.23
CA GLY A 152 4.57 3.75 4.19
C GLY A 152 3.27 3.31 3.50
N ILE A 153 2.93 2.04 3.59
CA ILE A 153 1.66 1.56 2.97
C ILE A 153 0.64 1.31 4.10
N PHE A 154 -0.47 1.99 4.05
CA PHE A 154 -1.51 1.86 5.12
C PHE A 154 -1.88 0.40 5.41
N ARG A 155 -1.83 0.03 6.68
CA ARG A 155 -2.17 -1.36 7.08
C ARG A 155 -3.40 -1.38 7.99
N ALA A 156 -3.66 -0.31 8.71
CA ALA A 156 -4.85 -0.31 9.62
C ALA A 156 -5.21 1.11 10.09
N ALA A 157 -6.47 1.34 10.33
CA ALA A 157 -6.93 2.69 10.78
C ALA A 157 -7.14 2.71 12.29
N VAL A 158 -6.79 3.80 12.94
CA VAL A 158 -7.01 3.89 14.40
C VAL A 158 -8.33 4.59 14.65
N CYS A 159 -9.37 3.84 14.81
CA CYS A 159 -10.70 4.46 15.02
C CYS A 159 -10.96 4.68 16.51
N THR A 160 -11.12 5.91 16.88
CA THR A 160 -11.37 6.25 18.32
C THR A 160 -12.86 6.11 18.64
N ARG A 161 -13.68 7.00 18.12
CA ARG A 161 -15.15 6.91 18.37
C ARG A 161 -15.87 6.69 17.05
N GLY A 162 -15.53 5.63 16.35
CA GLY A 162 -16.17 5.34 15.03
C GLY A 162 -15.52 6.20 13.94
N VAL A 163 -14.37 6.75 14.22
CA VAL A 163 -13.67 7.59 13.20
C VAL A 163 -12.16 7.41 13.39
N ALA A 164 -11.42 7.33 12.32
CA ALA A 164 -9.95 7.13 12.44
C ALA A 164 -9.24 8.43 12.80
N LYS A 165 -8.41 8.37 13.80
CA LYS A 165 -7.63 9.57 14.22
C LYS A 165 -6.13 9.26 14.21
N ALA A 166 -5.75 8.20 13.53
CA ALA A 166 -4.30 7.83 13.45
C ALA A 166 -4.17 6.66 12.50
N VAL A 167 -3.15 6.66 11.68
CA VAL A 167 -2.98 5.54 10.70
C VAL A 167 -1.75 4.70 11.00
N ASP A 168 -1.90 3.41 10.87
CA ASP A 168 -0.76 2.48 11.07
C ASP A 168 -0.37 1.95 9.70
N PHE A 169 0.88 1.75 9.42
CA PHE A 169 1.23 1.26 8.05
C PHE A 169 2.51 0.43 8.04
N VAL A 170 2.74 -0.26 6.95
CA VAL A 170 3.97 -1.11 6.84
C VAL A 170 5.14 -0.28 6.29
N PRO A 171 6.27 -0.37 6.97
CA PRO A 171 7.45 0.41 6.48
C PRO A 171 7.92 -0.14 5.13
N VAL A 172 8.22 0.74 4.20
CA VAL A 172 8.68 0.28 2.85
C VAL A 172 10.08 -0.31 2.95
N GLU A 173 10.87 0.16 3.88
CA GLU A 173 12.25 -0.38 4.04
C GLU A 173 12.16 -1.88 4.34
N SER A 174 11.11 -2.29 4.99
CA SER A 174 10.93 -3.74 5.31
C SER A 174 10.57 -4.49 4.04
N MET A 175 9.80 -3.87 3.16
CA MET A 175 9.42 -4.55 1.90
C MET A 175 10.66 -4.80 1.05
N GLU A 176 11.48 -3.80 0.91
CA GLU A 176 12.73 -3.95 0.09
C GLU A 176 13.65 -5.02 0.70
N THR A 177 13.84 -4.99 1.99
CA THR A 177 14.75 -6.01 2.64
C THR A 177 14.07 -7.39 2.66
N THR A 178 12.80 -7.42 2.93
CA THR A 178 12.09 -8.73 2.98
C THR A 178 12.08 -9.37 1.59
N MET A 179 11.86 -8.60 0.55
CA MET A 179 11.86 -9.20 -0.81
C MET A 179 13.28 -9.66 -1.16
N ARG A 180 14.28 -9.04 -0.58
CA ARG A 180 15.68 -9.45 -0.87
C ARG A 180 15.91 -10.89 -0.38
N ALA A 181 15.13 -11.33 0.57
CA ALA A 181 15.30 -12.72 1.09
C ALA A 181 14.08 -13.13 1.95
N SER A 182 14.03 -12.70 3.19
CA SER A 182 12.88 -13.05 4.08
C SER A 182 12.60 -14.56 4.07
N LYS A 183 13.49 -15.34 4.65
CA LYS A 183 13.28 -16.82 4.69
C LYS A 183 13.78 -17.39 6.01
N LYS A 184 13.07 -18.35 6.56
CA LYS A 184 13.49 -18.98 7.85
C LYS A 184 14.71 -19.86 7.62
N LYS A 185 14.74 -20.57 6.51
CA LYS A 185 15.89 -21.48 6.21
C LYS A 185 17.08 -20.66 5.70
N LYS A 186 18.24 -20.88 6.27
CA LYS A 186 19.45 -20.13 5.82
C LYS A 186 20.72 -20.96 6.07
N THR A 22 -0.21 -16.53 -13.83
CA THR A 22 0.29 -16.00 -15.13
C THR A 22 0.78 -14.56 -14.94
N GLY A 23 0.03 -13.75 -14.24
CA GLY A 23 0.44 -12.33 -14.02
C GLY A 23 0.26 -11.54 -15.32
N ARG A 24 -0.89 -10.95 -15.50
CA ARG A 24 -1.15 -10.15 -16.74
C ARG A 24 -0.30 -8.87 -16.75
N ASP A 25 -0.50 -8.03 -15.76
CA ASP A 25 0.26 -6.74 -15.63
C ASP A 25 0.56 -6.08 -16.99
N LYS A 26 -0.47 -5.70 -17.72
CA LYS A 26 -0.24 -5.06 -19.04
C LYS A 26 -1.24 -3.91 -19.26
N ASN A 27 -0.82 -2.88 -19.95
CA ASN A 27 -1.70 -1.69 -20.23
C ASN A 27 -2.02 -0.94 -18.95
N GLN A 28 -2.01 0.37 -19.02
CA GLN A 28 -2.31 1.22 -17.82
C GLN A 28 -1.34 0.92 -16.68
N VAL A 29 -0.46 1.85 -16.40
CA VAL A 29 0.52 1.65 -15.31
C VAL A 29 -0.05 2.05 -13.95
N GLU A 30 -1.28 2.50 -13.90
CA GLU A 30 -1.92 2.89 -12.60
C GLU A 30 -1.11 3.98 -11.88
N GLY A 31 -0.27 4.69 -12.60
CA GLY A 31 0.54 5.77 -11.95
C GLY A 31 1.39 5.21 -10.81
N GLU A 32 1.20 5.71 -9.61
CA GLU A 32 2.00 5.23 -8.44
C GLU A 32 1.24 4.19 -7.61
N VAL A 33 -0.05 4.33 -7.52
CA VAL A 33 -0.84 3.35 -6.70
C VAL A 33 -1.70 2.47 -7.60
N GLN A 34 -1.62 1.18 -7.42
CA GLN A 34 -2.43 0.26 -8.27
C GLN A 34 -3.73 -0.12 -7.55
N VAL A 35 -4.85 0.24 -8.13
CA VAL A 35 -6.16 -0.12 -7.51
C VAL A 35 -6.52 -1.54 -7.97
N VAL A 36 -6.90 -2.38 -7.05
CA VAL A 36 -7.25 -3.77 -7.43
C VAL A 36 -8.46 -4.22 -6.63
N SER A 37 -8.92 -5.41 -6.86
CA SER A 37 -10.12 -5.92 -6.14
C SER A 37 -9.90 -7.38 -5.79
N THR A 38 -10.06 -7.70 -4.55
CA THR A 38 -9.90 -9.10 -4.11
C THR A 38 -11.25 -9.63 -3.66
N ALA A 39 -11.28 -10.77 -3.02
CA ALA A 39 -12.59 -11.36 -2.60
C ALA A 39 -13.31 -10.54 -1.52
N THR A 40 -12.81 -9.39 -1.12
CA THR A 40 -13.50 -8.61 -0.07
C THR A 40 -13.91 -7.22 -0.57
N GLN A 41 -13.07 -6.56 -1.35
CA GLN A 41 -13.45 -5.17 -1.83
C GLN A 41 -12.44 -4.62 -2.86
N SER A 42 -12.36 -3.30 -2.97
CA SER A 42 -11.42 -2.65 -3.91
C SER A 42 -10.22 -2.13 -3.11
N PHE A 43 -9.09 -2.63 -3.43
CA PHE A 43 -7.84 -2.30 -2.67
C PHE A 43 -7.03 -1.11 -3.13
N LEU A 44 -5.90 -0.97 -2.47
CA LEU A 44 -4.89 0.03 -2.82
C LEU A 44 -3.51 -0.62 -2.60
N ALA A 45 -2.63 -0.42 -3.54
CA ALA A 45 -1.28 -1.02 -3.46
C ALA A 45 -0.26 -0.06 -4.08
N THR A 46 0.86 0.10 -3.46
CA THR A 46 1.89 1.05 -3.98
C THR A 46 3.02 0.31 -4.71
N CYS A 47 3.29 0.67 -5.94
CA CYS A 47 4.38 0.01 -6.70
C CYS A 47 5.74 0.46 -6.15
N VAL A 48 6.54 -0.47 -5.68
CA VAL A 48 7.89 -0.11 -5.14
C VAL A 48 8.94 -1.10 -5.63
N ASN A 49 10.03 -0.62 -6.17
CA ASN A 49 11.11 -1.53 -6.67
C ASN A 49 10.54 -2.61 -7.59
N GLY A 50 9.59 -2.26 -8.44
CA GLY A 50 9.00 -3.25 -9.36
C GLY A 50 8.13 -4.26 -8.59
N VAL A 51 7.61 -3.86 -7.46
CA VAL A 51 6.75 -4.79 -6.65
C VAL A 51 5.56 -4.03 -6.10
N CYS A 52 4.38 -4.39 -6.53
CA CYS A 52 3.16 -3.71 -6.03
C CYS A 52 2.84 -4.20 -4.62
N TRP A 53 2.84 -3.32 -3.67
CA TRP A 53 2.57 -3.74 -2.26
C TRP A 53 1.18 -3.30 -1.82
N THR A 54 0.36 -4.22 -1.38
CA THR A 54 -1.01 -3.87 -0.91
C THR A 54 -1.20 -4.54 0.45
N VAL A 55 -2.34 -4.39 1.08
CA VAL A 55 -2.47 -5.04 2.45
C VAL A 55 -2.88 -6.51 2.38
N TYR A 56 -2.08 -7.38 2.96
CA TYR A 56 -2.41 -8.83 2.98
C TYR A 56 -3.74 -9.06 3.70
N HIS A 57 -3.99 -8.35 4.78
CA HIS A 57 -5.28 -8.53 5.49
C HIS A 57 -6.41 -7.98 4.62
N GLY A 58 -7.11 -8.86 3.96
CA GLY A 58 -8.21 -8.43 3.06
C GLY A 58 -8.12 -9.22 1.75
N ALA A 59 -6.91 -9.40 1.24
CA ALA A 59 -6.76 -10.15 -0.04
C ALA A 59 -6.91 -11.65 0.22
N GLY A 60 -5.89 -12.28 0.76
CA GLY A 60 -5.96 -13.75 1.06
C GLY A 60 -6.40 -14.54 -0.18
N SER A 61 -6.22 -13.99 -1.36
CA SER A 61 -6.65 -14.71 -2.61
C SER A 61 -5.52 -14.78 -3.64
N LYS A 62 -4.38 -14.18 -3.37
CA LYS A 62 -3.23 -14.21 -4.34
C LYS A 62 -3.57 -13.41 -5.61
N THR A 63 -4.52 -13.88 -6.36
CA THR A 63 -4.92 -13.19 -7.61
C THR A 63 -5.87 -12.03 -7.31
N LEU A 64 -5.98 -11.11 -8.23
CA LEU A 64 -6.88 -9.93 -8.06
C LEU A 64 -7.39 -9.49 -9.45
N ALA A 65 -7.23 -8.24 -9.81
CA ALA A 65 -7.71 -7.77 -11.15
C ALA A 65 -6.78 -6.66 -11.66
N GLY A 66 -5.68 -7.03 -12.26
CA GLY A 66 -4.73 -6.01 -12.78
C GLY A 66 -5.40 -5.20 -13.88
N PRO A 67 -4.60 -4.46 -14.60
CA PRO A 67 -5.18 -3.63 -15.69
C PRO A 67 -5.89 -4.52 -16.72
N LYS A 68 -5.56 -5.79 -16.77
CA LYS A 68 -6.23 -6.69 -17.78
C LYS A 68 -6.46 -8.11 -17.26
N GLY A 69 -6.16 -8.40 -16.02
CA GLY A 69 -6.37 -9.78 -15.50
C GLY A 69 -5.62 -9.99 -14.18
N PRO A 70 -5.68 -11.19 -13.67
CA PRO A 70 -4.97 -11.47 -12.38
C PRO A 70 -3.49 -11.12 -12.49
N ILE A 71 -2.98 -10.37 -11.54
CA ILE A 71 -1.54 -9.98 -11.56
C ILE A 71 -0.66 -11.01 -10.83
N THR A 72 -1.27 -11.88 -10.08
CA THR A 72 -0.54 -12.97 -9.33
C THR A 72 0.51 -12.40 -8.35
N GLN A 73 0.55 -12.95 -7.16
CA GLN A 73 1.51 -12.46 -6.12
C GLN A 73 2.93 -13.03 -6.32
N MET A 74 3.90 -12.34 -5.79
CA MET A 74 5.31 -12.84 -5.86
C MET A 74 5.65 -13.49 -4.52
N TYR A 75 5.19 -12.90 -3.45
CA TYR A 75 5.46 -13.45 -2.08
C TYR A 75 4.50 -12.80 -1.09
N THR A 76 4.64 -13.11 0.17
CA THR A 76 3.74 -12.53 1.20
C THR A 76 4.45 -12.48 2.53
N ASN A 77 4.46 -11.34 3.15
CA ASN A 77 5.12 -11.23 4.48
C ASN A 77 4.06 -11.35 5.56
N VAL A 78 3.60 -12.55 5.83
CA VAL A 78 2.54 -12.74 6.86
C VAL A 78 3.02 -12.23 8.21
N ASP A 79 4.27 -12.48 8.55
CA ASP A 79 4.81 -11.96 9.85
C ASP A 79 4.60 -10.44 9.91
N GLN A 80 4.53 -9.80 8.76
CA GLN A 80 4.30 -8.33 8.73
C GLN A 80 2.93 -8.00 8.12
N ASP A 81 2.16 -9.01 7.74
CA ASP A 81 0.81 -8.77 7.12
C ASP A 81 0.97 -7.95 5.85
N LEU A 82 1.71 -8.46 4.91
CA LEU A 82 1.94 -7.70 3.65
C LEU A 82 2.05 -8.67 2.46
N VAL A 83 1.74 -8.21 1.28
CA VAL A 83 1.82 -9.09 0.08
C VAL A 83 2.35 -8.28 -1.08
N GLY A 84 3.28 -8.82 -1.85
CA GLY A 84 3.83 -8.03 -2.99
C GLY A 84 3.67 -8.79 -4.31
N TRP A 85 2.99 -8.17 -5.23
CA TRP A 85 2.78 -8.79 -6.58
C TRP A 85 3.93 -8.36 -7.49
N GLN A 86 3.85 -8.68 -8.76
CA GLN A 86 4.92 -8.25 -9.70
C GLN A 86 4.40 -7.08 -10.55
N ALA A 87 4.63 -5.88 -10.09
CA ALA A 87 4.14 -4.69 -10.84
C ALA A 87 4.90 -4.54 -12.17
N PRO A 88 4.15 -4.34 -13.23
CA PRO A 88 4.83 -4.19 -14.54
C PRO A 88 5.64 -2.88 -14.55
N PRO A 89 6.73 -2.88 -15.27
CA PRO A 89 7.56 -1.64 -15.31
C PRO A 89 6.76 -0.48 -15.91
N GLY A 90 6.48 0.52 -15.12
CA GLY A 90 5.71 1.69 -15.63
C GLY A 90 4.87 2.28 -14.52
N ALA A 91 4.39 1.45 -13.63
CA ALA A 91 3.55 1.94 -12.49
C ALA A 91 4.37 2.72 -11.47
N ARG A 92 4.98 3.78 -11.91
CA ARG A 92 5.81 4.69 -11.06
C ARG A 92 6.49 3.97 -9.88
N SER A 93 7.72 3.58 -10.05
CA SER A 93 8.43 2.91 -8.92
C SER A 93 9.00 3.98 -8.00
N LEU A 94 8.64 3.94 -6.75
CA LEU A 94 9.13 4.96 -5.79
C LEU A 94 10.18 4.35 -4.86
N THR A 95 10.99 5.17 -4.25
CA THR A 95 12.06 4.63 -3.35
C THR A 95 11.75 4.94 -1.88
N PRO A 96 12.46 4.27 -0.99
CA PRO A 96 12.20 4.52 0.46
C PRO A 96 12.59 5.96 0.84
N CYS A 97 13.86 6.23 1.04
CA CYS A 97 14.30 7.62 1.40
C CYS A 97 13.57 8.09 2.68
N THR A 98 14.23 8.03 3.81
CA THR A 98 13.61 8.48 5.08
C THR A 98 13.75 10.00 5.21
N CYS A 99 12.79 10.74 4.68
CA CYS A 99 12.86 12.23 4.74
C CYS A 99 12.63 12.73 6.17
N GLY A 100 13.31 13.78 6.55
CA GLY A 100 13.09 14.35 7.92
C GLY A 100 11.64 14.82 8.02
N SER A 101 11.14 15.41 6.97
CA SER A 101 9.72 15.88 6.96
C SER A 101 8.79 14.68 6.83
N SER A 102 7.80 14.57 7.69
CA SER A 102 6.86 13.42 7.61
C SER A 102 5.52 13.82 6.99
N ASP A 103 5.48 14.93 6.29
CA ASP A 103 4.21 15.35 5.65
C ASP A 103 3.94 14.43 4.47
N LEU A 104 3.46 13.25 4.75
CA LEU A 104 3.20 12.25 3.67
C LEU A 104 1.77 12.41 3.14
N TYR A 105 1.44 11.68 2.11
CA TYR A 105 0.08 11.74 1.53
C TYR A 105 -0.36 10.33 1.18
N LEU A 106 -1.35 9.83 1.87
CA LEU A 106 -1.82 8.44 1.59
C LEU A 106 -2.89 8.45 0.52
N VAL A 107 -2.93 7.43 -0.29
CA VAL A 107 -3.93 7.35 -1.37
C VAL A 107 -5.18 6.58 -0.89
N THR A 108 -6.32 7.23 -0.90
CA THR A 108 -7.57 6.54 -0.46
C THR A 108 -8.17 5.80 -1.65
N ARG A 109 -9.23 5.06 -1.43
CA ARG A 109 -9.87 4.26 -2.53
C ARG A 109 -9.99 5.07 -3.83
N HIS A 110 -10.08 6.37 -3.73
CA HIS A 110 -10.16 7.22 -4.96
C HIS A 110 -8.78 7.83 -5.25
N ALA A 111 -8.33 8.74 -4.43
CA ALA A 111 -7.01 9.37 -4.65
C ALA A 111 -6.40 9.75 -3.30
N ASP A 112 -5.43 10.60 -3.32
CA ASP A 112 -4.77 11.05 -2.04
C ASP A 112 -5.79 11.67 -1.09
N VAL A 113 -6.34 12.79 -1.47
CA VAL A 113 -7.36 13.49 -0.62
C VAL A 113 -6.80 13.79 0.78
N ILE A 114 -6.88 12.85 1.70
CA ILE A 114 -6.38 13.11 3.08
C ILE A 114 -4.84 13.05 3.18
N PRO A 115 -4.28 13.89 4.03
CA PRO A 115 -2.81 13.87 4.19
C PRO A 115 -2.49 13.36 5.61
N VAL A 116 -1.33 12.78 5.80
CA VAL A 116 -1.00 12.25 7.17
C VAL A 116 0.43 12.59 7.57
N ARG A 117 0.62 12.96 8.81
CA ARG A 117 1.99 13.25 9.32
C ARG A 117 2.53 11.98 9.96
N ARG A 118 3.60 11.43 9.46
CA ARG A 118 4.13 10.16 10.06
C ARG A 118 4.56 10.41 11.51
N ARG A 119 3.99 9.67 12.42
CA ARG A 119 4.39 9.83 13.86
C ARG A 119 5.34 8.69 14.25
N GLY A 120 5.76 7.90 13.30
CA GLY A 120 6.69 6.77 13.60
C GLY A 120 6.93 5.98 12.32
N ASP A 121 7.81 5.02 12.35
CA ASP A 121 8.09 4.21 11.13
C ASP A 121 6.81 3.49 10.67
N SER A 122 5.91 3.23 11.58
CA SER A 122 4.64 2.53 11.22
C SER A 122 3.40 3.29 11.67
N ARG A 123 3.51 4.58 11.96
CA ARG A 123 2.31 5.32 12.43
C ARG A 123 2.24 6.70 11.78
N GLY A 124 1.05 7.15 11.47
CA GLY A 124 0.87 8.48 10.84
C GLY A 124 -0.35 9.14 11.46
N SER A 125 -0.29 10.42 11.65
CA SER A 125 -1.43 11.15 12.26
C SER A 125 -2.37 11.64 11.15
N LEU A 126 -3.55 11.07 11.05
CA LEU A 126 -4.49 11.52 9.98
C LEU A 126 -4.99 12.93 10.31
N LEU A 127 -4.62 13.89 9.49
CA LEU A 127 -5.04 15.30 9.74
C LEU A 127 -6.54 15.47 9.50
N SER A 128 -7.12 14.57 8.75
CA SER A 128 -8.58 14.67 8.45
C SER A 128 -9.30 13.36 8.81
N PRO A 129 -9.59 13.20 10.08
CA PRO A 129 -10.29 11.95 10.50
C PRO A 129 -11.61 11.79 9.74
N ARG A 130 -11.93 10.59 9.33
CA ARG A 130 -13.19 10.36 8.57
C ARG A 130 -13.73 8.97 8.92
N PRO A 131 -14.99 8.75 8.61
CA PRO A 131 -15.57 7.41 8.93
C PRO A 131 -14.74 6.29 8.29
N VAL A 132 -14.30 5.37 9.11
CA VAL A 132 -13.45 4.25 8.60
C VAL A 132 -14.10 3.54 7.40
N SER A 133 -15.40 3.64 7.27
CA SER A 133 -16.10 2.99 6.12
C SER A 133 -15.51 3.51 4.81
N TYR A 134 -15.12 4.76 4.81
CA TYR A 134 -14.50 5.38 3.60
C TYR A 134 -13.06 4.85 3.46
N LEU A 135 -12.48 4.37 4.54
CA LEU A 135 -11.08 3.84 4.48
C LEU A 135 -11.07 2.37 4.03
N LYS A 136 -12.21 1.78 3.77
CA LYS A 136 -12.23 0.36 3.33
C LYS A 136 -11.57 0.25 1.96
N GLY A 137 -10.42 -0.34 1.93
CA GLY A 137 -9.64 -0.45 0.67
C GLY A 137 -8.60 0.68 0.63
N SER A 138 -8.66 1.58 1.59
CA SER A 138 -7.65 2.67 1.65
C SER A 138 -6.32 2.08 2.15
N SER A 139 -6.37 0.88 2.69
CA SER A 139 -5.12 0.25 3.19
C SER A 139 -4.28 -0.23 2.01
N GLY A 140 -2.99 -0.20 2.16
CA GLY A 140 -2.11 -0.63 1.04
C GLY A 140 -1.67 0.60 0.24
N GLY A 141 -2.30 1.73 0.45
CA GLY A 141 -1.90 2.98 -0.28
C GLY A 141 -0.47 3.35 0.11
N PRO A 142 -0.10 4.61 -0.06
CA PRO A 142 1.29 4.95 0.33
C PRO A 142 1.42 6.35 0.94
N LEU A 143 2.11 6.45 2.05
CA LEU A 143 2.38 7.78 2.66
C LEU A 143 3.69 8.22 2.02
N LEU A 144 3.59 8.84 0.88
CA LEU A 144 4.80 9.22 0.11
C LEU A 144 5.26 10.66 0.43
N CYS A 145 6.56 10.84 0.55
CA CYS A 145 7.14 12.20 0.83
C CYS A 145 6.67 13.17 -0.27
N PRO A 146 7.14 14.40 -0.19
CA PRO A 146 6.74 15.35 -1.27
C PRO A 146 7.77 15.33 -2.43
N SER A 147 8.76 14.46 -2.35
CA SER A 147 9.78 14.40 -3.44
C SER A 147 9.56 13.18 -4.35
N GLY A 148 8.77 12.22 -3.92
CA GLY A 148 8.52 11.01 -4.78
C GLY A 148 9.12 9.76 -4.12
N HIS A 149 9.20 9.76 -2.81
CA HIS A 149 9.76 8.57 -2.10
C HIS A 149 8.70 7.92 -1.20
N ALA A 150 8.25 6.75 -1.58
CA ALA A 150 7.23 6.05 -0.75
C ALA A 150 7.90 5.48 0.50
N VAL A 151 7.43 5.87 1.67
CA VAL A 151 8.05 5.36 2.92
C VAL A 151 7.04 4.65 3.83
N GLY A 152 5.78 4.58 3.44
CA GLY A 152 4.79 3.91 4.33
C GLY A 152 3.56 3.46 3.53
N ILE A 153 3.06 2.27 3.81
CA ILE A 153 1.82 1.80 3.12
C ILE A 153 0.76 1.52 4.21
N PHE A 154 -0.34 2.23 4.17
CA PHE A 154 -1.39 2.09 5.22
C PHE A 154 -1.78 0.63 5.49
N ARG A 155 -1.71 0.23 6.75
CA ARG A 155 -2.05 -1.17 7.14
C ARG A 155 -3.21 -1.20 8.17
N ALA A 156 -3.46 -0.13 8.88
CA ALA A 156 -4.57 -0.18 9.90
C ALA A 156 -5.01 1.22 10.34
N ALA A 157 -6.30 1.40 10.48
CA ALA A 157 -6.85 2.72 10.89
C ALA A 157 -7.21 2.76 12.39
N VAL A 158 -6.91 3.86 13.03
CA VAL A 158 -7.27 4.00 14.48
C VAL A 158 -8.65 4.60 14.52
N CYS A 159 -9.65 3.78 14.62
CA CYS A 159 -11.04 4.28 14.57
C CYS A 159 -11.59 4.62 15.95
N THR A 160 -11.77 5.89 16.18
CA THR A 160 -12.34 6.37 17.47
C THR A 160 -13.82 6.69 17.28
N ARG A 161 -14.68 6.12 18.07
CA ARG A 161 -16.15 6.39 17.95
C ARG A 161 -16.65 6.09 16.53
N GLY A 162 -15.97 5.26 15.80
CA GLY A 162 -16.42 4.91 14.41
C GLY A 162 -15.76 5.77 13.34
N VAL A 163 -14.67 6.43 13.66
CA VAL A 163 -13.97 7.25 12.64
C VAL A 163 -12.47 7.17 12.87
N ALA A 164 -11.70 7.08 11.82
CA ALA A 164 -10.21 6.94 11.98
C ALA A 164 -9.55 8.28 12.32
N LYS A 165 -8.86 8.33 13.42
CA LYS A 165 -8.15 9.59 13.82
C LYS A 165 -6.65 9.35 13.85
N ALA A 166 -6.19 8.28 13.26
CA ALA A 166 -4.75 7.97 13.23
C ALA A 166 -4.52 6.78 12.30
N VAL A 167 -3.39 6.70 11.68
CA VAL A 167 -3.15 5.55 10.74
C VAL A 167 -1.85 4.82 11.03
N ASP A 168 -1.90 3.51 10.99
CA ASP A 168 -0.69 2.69 11.19
C ASP A 168 -0.29 2.16 9.81
N PHE A 169 0.96 1.91 9.54
CA PHE A 169 1.30 1.44 8.17
C PHE A 169 2.60 0.62 8.12
N VAL A 170 2.75 -0.13 7.07
CA VAL A 170 3.96 -0.98 6.89
C VAL A 170 5.14 -0.13 6.38
N PRO A 171 6.32 -0.38 6.90
CA PRO A 171 7.49 0.39 6.43
C PRO A 171 8.03 -0.18 5.12
N VAL A 172 8.57 0.66 4.27
CA VAL A 172 9.13 0.18 2.97
C VAL A 172 10.41 -0.62 3.21
N GLU A 173 11.13 -0.30 4.26
CA GLU A 173 12.39 -1.06 4.56
C GLU A 173 12.05 -2.53 4.78
N SER A 174 10.87 -2.79 5.29
CA SER A 174 10.45 -4.21 5.51
C SER A 174 10.12 -4.86 4.16
N MET A 175 9.65 -4.08 3.23
CA MET A 175 9.32 -4.64 1.88
C MET A 175 10.61 -5.02 1.16
N GLU A 176 11.64 -4.21 1.29
CA GLU A 176 12.93 -4.52 0.63
C GLU A 176 13.46 -5.87 1.14
N THR A 177 13.34 -6.11 2.43
CA THR A 177 13.81 -7.41 2.99
C THR A 177 12.88 -8.53 2.52
N THR A 178 11.62 -8.24 2.35
CA THR A 178 10.66 -9.28 1.88
C THR A 178 11.08 -9.70 0.46
N MET A 179 11.48 -8.74 -0.34
CA MET A 179 11.92 -9.04 -1.72
C MET A 179 13.16 -9.94 -1.68
N ARG A 180 13.99 -9.79 -0.68
CA ARG A 180 15.22 -10.63 -0.58
C ARG A 180 14.82 -12.11 -0.50
N ALA A 181 13.79 -12.39 0.24
CA ALA A 181 13.30 -13.79 0.36
C ALA A 181 12.67 -14.23 -0.96
N SER A 182 12.73 -15.51 -1.27
CA SER A 182 12.14 -15.99 -2.54
C SER A 182 12.13 -17.52 -2.57
N LYS A 183 11.23 -18.13 -1.84
CA LYS A 183 11.14 -19.63 -1.80
C LYS A 183 12.48 -20.25 -1.35
N LYS A 184 13.40 -20.47 -2.26
CA LYS A 184 14.72 -21.06 -1.87
C LYS A 184 15.76 -20.78 -2.94
N LYS A 185 15.46 -21.06 -4.18
CA LYS A 185 16.43 -20.82 -5.31
C LYS A 185 17.81 -21.45 -4.96
N LYS A 186 18.90 -20.83 -5.35
CA LYS A 186 20.24 -21.39 -5.04
C LYS A 186 21.25 -20.26 -4.87
N THR A 22 -12.63 -9.06 -9.82
CA THR A 22 -13.24 -8.87 -11.16
C THR A 22 -12.89 -7.48 -11.70
N GLY A 23 -13.24 -7.22 -12.94
CA GLY A 23 -12.93 -5.88 -13.54
C GLY A 23 -11.64 -5.98 -14.36
N ARG A 24 -10.57 -6.38 -13.74
CA ARG A 24 -9.25 -6.51 -14.44
C ARG A 24 -8.80 -5.16 -15.01
N ASP A 25 -7.60 -4.79 -14.71
CA ASP A 25 -7.06 -3.50 -15.22
C ASP A 25 -6.59 -3.66 -16.66
N LYS A 26 -6.53 -2.58 -17.38
CA LYS A 26 -6.09 -2.65 -18.80
C LYS A 26 -5.33 -1.39 -19.21
N ASN A 27 -4.79 -1.38 -20.41
CA ASN A 27 -4.02 -0.18 -20.90
C ASN A 27 -2.93 0.22 -19.90
N GLN A 28 -2.12 -0.72 -19.47
CA GLN A 28 -1.02 -0.43 -18.51
C GLN A 28 -1.56 0.22 -17.24
N VAL A 29 -0.74 0.34 -16.23
CA VAL A 29 -1.20 0.94 -14.95
C VAL A 29 -1.18 2.47 -15.04
N GLU A 30 -0.09 3.02 -15.51
CA GLU A 30 0.02 4.51 -15.65
C GLU A 30 -0.38 5.24 -14.36
N GLY A 31 -0.02 4.72 -13.22
CA GLY A 31 -0.38 5.41 -11.93
C GLY A 31 0.45 4.87 -10.76
N GLU A 32 0.34 5.50 -9.61
CA GLU A 32 1.12 5.07 -8.41
C GLU A 32 0.41 3.95 -7.64
N VAL A 33 -0.87 4.11 -7.39
CA VAL A 33 -1.62 3.07 -6.61
C VAL A 33 -2.57 2.32 -7.54
N GLN A 34 -2.45 1.02 -7.57
CA GLN A 34 -3.33 0.20 -8.44
C GLN A 34 -4.54 -0.30 -7.66
N VAL A 35 -5.72 0.00 -8.13
CA VAL A 35 -6.95 -0.49 -7.45
C VAL A 35 -7.17 -1.94 -7.85
N VAL A 36 -7.41 -2.81 -6.91
CA VAL A 36 -7.60 -4.23 -7.25
C VAL A 36 -8.72 -4.83 -6.41
N SER A 37 -9.04 -6.06 -6.67
CA SER A 37 -10.13 -6.74 -5.90
C SER A 37 -9.79 -8.20 -5.76
N THR A 38 -9.94 -8.69 -4.57
CA THR A 38 -9.65 -10.10 -4.30
C THR A 38 -10.96 -10.83 -4.08
N ALA A 39 -10.89 -12.09 -3.81
CA ALA A 39 -12.13 -12.87 -3.59
C ALA A 39 -12.91 -12.33 -2.38
N THR A 40 -12.29 -11.50 -1.55
CA THR A 40 -13.01 -10.98 -0.36
C THR A 40 -13.38 -9.49 -0.48
N GLN A 41 -12.58 -8.68 -1.16
CA GLN A 41 -12.94 -7.21 -1.25
C GLN A 41 -12.04 -6.44 -2.21
N SER A 42 -12.17 -5.13 -2.19
CA SER A 42 -11.33 -4.26 -3.06
C SER A 42 -10.53 -3.29 -2.17
N PHE A 43 -9.37 -2.91 -2.60
CA PHE A 43 -8.51 -1.99 -1.78
C PHE A 43 -7.40 -1.38 -2.64
N LEU A 44 -6.21 -1.14 -2.11
CA LEU A 44 -5.14 -0.50 -2.94
C LEU A 44 -3.78 -1.19 -2.77
N ALA A 45 -2.90 -0.97 -3.73
CA ALA A 45 -1.54 -1.56 -3.70
C ALA A 45 -0.55 -0.55 -4.29
N THR A 46 0.53 -0.26 -3.60
CA THR A 46 1.52 0.75 -4.11
C THR A 46 2.69 0.08 -4.82
N CYS A 47 3.03 0.58 -5.98
CA CYS A 47 4.19 0.04 -6.73
C CYS A 47 5.49 0.61 -6.14
N VAL A 48 6.35 -0.23 -5.61
CA VAL A 48 7.63 0.28 -5.03
C VAL A 48 8.84 -0.53 -5.52
N ASN A 49 9.86 0.13 -6.01
CA ASN A 49 11.08 -0.58 -6.52
C ASN A 49 10.71 -1.63 -7.56
N GLY A 50 9.79 -1.32 -8.43
CA GLY A 50 9.37 -2.30 -9.48
C GLY A 50 8.66 -3.48 -8.81
N VAL A 51 8.08 -3.26 -7.65
CA VAL A 51 7.37 -4.36 -6.95
C VAL A 51 6.07 -3.81 -6.35
N CYS A 52 4.96 -4.38 -6.71
CA CYS A 52 3.65 -3.89 -6.18
C CYS A 52 3.46 -4.33 -4.73
N TRP A 53 2.87 -3.49 -3.92
CA TRP A 53 2.65 -3.86 -2.49
C TRP A 53 1.23 -3.48 -2.04
N THR A 54 0.49 -4.41 -1.52
CA THR A 54 -0.91 -4.13 -1.05
C THR A 54 -1.09 -4.64 0.39
N VAL A 55 -2.28 -4.57 0.91
CA VAL A 55 -2.49 -5.05 2.32
C VAL A 55 -2.76 -6.56 2.38
N TYR A 56 -2.07 -7.25 3.26
CA TYR A 56 -2.30 -8.72 3.42
C TYR A 56 -3.74 -8.97 3.86
N HIS A 57 -4.27 -8.14 4.73
CA HIS A 57 -5.69 -8.34 5.17
C HIS A 57 -6.61 -7.92 4.04
N GLY A 58 -6.65 -8.72 3.01
CA GLY A 58 -7.48 -8.44 1.82
C GLY A 58 -6.81 -9.11 0.62
N ALA A 59 -5.50 -9.13 0.61
CA ALA A 59 -4.74 -9.78 -0.50
C ALA A 59 -4.61 -11.29 -0.27
N GLY A 60 -5.16 -11.80 0.82
CA GLY A 60 -5.08 -13.28 1.11
C GLY A 60 -5.49 -14.11 -0.12
N SER A 61 -6.27 -13.54 -1.00
CA SER A 61 -6.70 -14.29 -2.22
C SER A 61 -5.51 -14.57 -3.15
N LYS A 62 -4.35 -13.99 -2.88
CA LYS A 62 -3.13 -14.21 -3.74
C LYS A 62 -3.34 -13.67 -5.15
N THR A 63 -4.14 -14.33 -5.91
CA THR A 63 -4.40 -13.88 -7.31
C THR A 63 -5.43 -12.75 -7.32
N LEU A 64 -4.95 -11.54 -7.45
CA LEU A 64 -5.87 -10.36 -7.50
C LEU A 64 -6.20 -10.07 -8.97
N ALA A 65 -6.01 -8.85 -9.45
CA ALA A 65 -6.32 -8.55 -10.88
C ALA A 65 -5.34 -7.51 -11.41
N GLY A 66 -4.31 -7.95 -12.10
CA GLY A 66 -3.33 -6.98 -12.65
C GLY A 66 -3.79 -6.57 -14.05
N PRO A 67 -3.01 -5.72 -14.68
CA PRO A 67 -3.40 -5.29 -16.05
C PRO A 67 -3.46 -6.50 -17.00
N LYS A 68 -2.83 -7.60 -16.63
CA LYS A 68 -2.84 -8.81 -17.50
C LYS A 68 -3.71 -9.93 -16.89
N GLY A 69 -4.36 -9.68 -15.79
CA GLY A 69 -5.20 -10.74 -15.15
C GLY A 69 -4.64 -11.03 -13.76
N PRO A 70 -4.97 -12.19 -13.23
CA PRO A 70 -4.44 -12.52 -11.87
C PRO A 70 -2.90 -12.48 -11.85
N ILE A 71 -2.34 -11.68 -11.00
CA ILE A 71 -0.85 -11.57 -10.93
C ILE A 71 -0.24 -12.62 -9.99
N THR A 72 -1.02 -13.11 -9.08
CA THR A 72 -0.55 -14.16 -8.09
C THR A 72 0.62 -13.62 -7.24
N GLN A 73 0.48 -13.66 -5.94
CA GLN A 73 1.56 -13.13 -5.03
C GLN A 73 2.88 -13.87 -5.21
N MET A 74 3.96 -13.12 -5.23
CA MET A 74 5.30 -13.73 -5.37
C MET A 74 5.91 -13.87 -3.97
N TYR A 75 5.52 -13.02 -3.05
CA TYR A 75 6.04 -13.08 -1.66
C TYR A 75 4.93 -12.61 -0.71
N THR A 76 5.09 -12.83 0.57
CA THR A 76 4.06 -12.40 1.55
C THR A 76 4.68 -12.16 2.91
N ASN A 77 4.64 -10.95 3.40
CA ASN A 77 5.20 -10.67 4.75
C ASN A 77 4.08 -10.75 5.78
N VAL A 78 3.64 -11.93 6.11
CA VAL A 78 2.52 -12.07 7.09
C VAL A 78 2.94 -11.44 8.43
N ASP A 79 4.16 -11.64 8.83
CA ASP A 79 4.63 -11.00 10.10
C ASP A 79 4.40 -9.48 10.02
N GLN A 80 4.38 -8.95 8.81
CA GLN A 80 4.14 -7.49 8.64
C GLN A 80 2.77 -7.23 7.97
N ASP A 81 2.03 -8.28 7.67
CA ASP A 81 0.69 -8.11 7.00
C ASP A 81 0.87 -7.41 5.67
N LEU A 82 1.67 -7.97 4.80
CA LEU A 82 1.90 -7.35 3.47
C LEU A 82 2.14 -8.43 2.42
N VAL A 83 1.81 -8.17 1.19
CA VAL A 83 2.04 -9.18 0.11
C VAL A 83 2.53 -8.46 -1.14
N GLY A 84 3.48 -9.03 -1.84
CA GLY A 84 3.99 -8.34 -3.06
C GLY A 84 3.91 -9.23 -4.32
N TRP A 85 4.18 -8.62 -5.44
CA TRP A 85 4.18 -9.35 -6.78
C TRP A 85 5.22 -8.66 -7.67
N GLN A 86 5.15 -8.86 -8.96
CA GLN A 86 6.12 -8.19 -9.88
C GLN A 86 5.42 -6.98 -10.52
N ALA A 87 5.83 -5.80 -10.17
CA ALA A 87 5.18 -4.57 -10.73
C ALA A 87 5.47 -4.42 -12.23
N PRO A 88 4.42 -4.12 -12.98
CA PRO A 88 4.63 -3.93 -14.44
C PRO A 88 5.05 -2.48 -14.72
N PRO A 89 5.33 -2.19 -15.97
CA PRO A 89 5.74 -0.79 -16.28
C PRO A 89 4.52 0.14 -16.31
N GLY A 90 4.71 1.39 -15.98
CA GLY A 90 3.58 2.36 -15.99
C GLY A 90 2.95 2.49 -14.59
N ALA A 91 3.30 1.65 -13.67
CA ALA A 91 2.71 1.73 -12.29
C ALA A 91 3.52 2.67 -11.38
N ARG A 92 3.97 3.77 -11.93
CA ARG A 92 4.78 4.81 -11.19
C ARG A 92 5.57 4.24 -10.02
N SER A 93 6.82 3.96 -10.23
CA SER A 93 7.66 3.41 -9.13
C SER A 93 8.18 4.55 -8.26
N LEU A 94 8.01 4.43 -6.99
CA LEU A 94 8.47 5.50 -6.05
C LEU A 94 9.66 4.98 -5.26
N THR A 95 10.57 5.84 -4.86
CA THR A 95 11.77 5.36 -4.11
C THR A 95 11.67 5.70 -2.62
N PRO A 96 12.40 4.95 -1.81
CA PRO A 96 12.36 5.23 -0.34
C PRO A 96 13.43 6.26 0.05
N CYS A 97 13.31 6.86 1.21
CA CYS A 97 14.31 7.88 1.64
C CYS A 97 14.36 8.02 3.17
N THR A 98 15.34 8.72 3.67
CA THR A 98 15.48 8.91 5.15
C THR A 98 14.26 9.64 5.73
N CYS A 99 13.76 10.62 5.01
CA CYS A 99 12.56 11.41 5.46
C CYS A 99 12.84 12.20 6.74
N GLY A 100 13.49 13.32 6.63
CA GLY A 100 13.77 14.18 7.82
C GLY A 100 12.41 14.65 8.37
N SER A 101 11.45 14.86 7.48
CA SER A 101 10.10 15.29 7.93
C SER A 101 9.10 14.17 7.67
N SER A 102 8.14 14.00 8.52
CA SER A 102 7.15 12.90 8.33
C SER A 102 5.86 13.42 7.68
N ASP A 103 5.89 14.59 7.10
CA ASP A 103 4.67 15.12 6.43
C ASP A 103 4.37 14.25 5.21
N LEU A 104 3.66 13.17 5.40
CA LEU A 104 3.35 12.25 4.27
C LEU A 104 1.95 12.50 3.70
N TYR A 105 1.61 11.79 2.67
CA TYR A 105 0.26 11.95 2.05
C TYR A 105 -0.21 10.59 1.55
N LEU A 106 -1.21 10.04 2.19
CA LEU A 106 -1.71 8.69 1.77
C LEU A 106 -2.73 8.84 0.65
N VAL A 107 -2.72 7.92 -0.27
CA VAL A 107 -3.69 7.96 -1.39
C VAL A 107 -4.96 7.22 -0.99
N THR A 108 -6.06 7.93 -0.90
CA THR A 108 -7.34 7.27 -0.51
C THR A 108 -8.00 6.66 -1.75
N ARG A 109 -9.09 5.95 -1.56
CA ARG A 109 -9.82 5.29 -2.71
C ARG A 109 -9.88 6.21 -3.94
N HIS A 110 -9.90 7.50 -3.73
CA HIS A 110 -9.94 8.44 -4.89
C HIS A 110 -8.54 8.99 -5.15
N ALA A 111 -8.04 9.82 -4.27
CA ALA A 111 -6.68 10.39 -4.44
C ALA A 111 -6.06 10.63 -3.07
N ASP A 112 -5.03 11.43 -3.01
CA ASP A 112 -4.37 11.73 -1.70
C ASP A 112 -5.39 12.33 -0.73
N VAL A 113 -5.90 13.48 -1.06
CA VAL A 113 -6.93 14.16 -0.18
C VAL A 113 -6.41 14.31 1.27
N ILE A 114 -6.60 13.31 2.10
CA ILE A 114 -6.14 13.44 3.53
C ILE A 114 -4.61 13.27 3.66
N PRO A 115 -4.00 14.15 4.43
CA PRO A 115 -2.53 14.03 4.63
C PRO A 115 -2.25 13.45 6.03
N VAL A 116 -1.20 12.69 6.19
CA VAL A 116 -0.91 12.11 7.55
C VAL A 116 0.57 12.28 7.91
N ARG A 117 0.84 12.63 9.14
CA ARG A 117 2.26 12.78 9.57
C ARG A 117 2.71 11.48 10.23
N ARG A 118 3.78 10.89 9.75
CA ARG A 118 4.25 9.61 10.34
C ARG A 118 4.64 9.81 11.80
N ARG A 119 4.01 9.09 12.69
CA ARG A 119 4.37 9.19 14.14
C ARG A 119 5.28 8.02 14.53
N GLY A 120 5.71 7.24 13.56
CA GLY A 120 6.59 6.09 13.85
C GLY A 120 6.86 5.36 12.54
N ASP A 121 7.72 4.39 12.54
CA ASP A 121 8.01 3.64 11.28
C ASP A 121 6.73 2.97 10.75
N SER A 122 5.80 2.68 11.63
CA SER A 122 4.54 2.02 11.19
C SER A 122 3.30 2.80 11.64
N ARG A 123 3.43 4.07 11.97
CA ARG A 123 2.24 4.83 12.43
C ARG A 123 2.21 6.23 11.84
N GLY A 124 1.03 6.73 11.56
CA GLY A 124 0.91 8.09 10.98
C GLY A 124 -0.31 8.76 11.60
N SER A 125 -0.20 10.02 11.88
CA SER A 125 -1.35 10.75 12.49
C SER A 125 -2.24 11.31 11.40
N LEU A 126 -3.44 10.81 11.29
CA LEU A 126 -4.37 11.34 10.25
C LEU A 126 -4.81 12.74 10.64
N LEU A 127 -4.34 13.73 9.92
CA LEU A 127 -4.70 15.15 10.24
C LEU A 127 -6.18 15.41 9.92
N SER A 128 -6.78 14.57 9.12
CA SER A 128 -8.21 14.77 8.77
C SER A 128 -9.04 13.56 9.22
N PRO A 129 -9.37 13.53 10.50
CA PRO A 129 -10.19 12.38 11.00
C PRO A 129 -11.53 12.33 10.26
N ARG A 130 -11.96 11.16 9.88
CA ARG A 130 -13.24 11.04 9.15
C ARG A 130 -13.83 9.66 9.39
N PRO A 131 -15.07 9.48 8.97
CA PRO A 131 -15.69 8.14 9.17
C PRO A 131 -14.88 7.06 8.47
N VAL A 132 -14.46 6.07 9.21
CA VAL A 132 -13.64 4.96 8.63
C VAL A 132 -14.28 4.40 7.34
N SER A 133 -15.57 4.57 7.17
CA SER A 133 -16.24 4.07 5.93
C SER A 133 -15.54 4.64 4.70
N TYR A 134 -15.10 5.87 4.79
CA TYR A 134 -14.37 6.52 3.67
C TYR A 134 -12.98 5.88 3.56
N LEU A 135 -12.45 5.39 4.66
CA LEU A 135 -11.10 4.75 4.62
C LEU A 135 -11.18 3.28 4.20
N LYS A 136 -12.36 2.77 3.93
CA LYS A 136 -12.48 1.37 3.48
C LYS A 136 -11.92 1.27 2.07
N GLY A 137 -10.81 0.61 1.95
CA GLY A 137 -10.13 0.51 0.64
C GLY A 137 -8.96 1.49 0.59
N SER A 138 -8.86 2.38 1.55
CA SER A 138 -7.72 3.33 1.59
C SER A 138 -6.45 2.58 2.04
N SER A 139 -6.61 1.40 2.61
CA SER A 139 -5.43 0.62 3.06
C SER A 139 -4.67 0.09 1.84
N GLY A 140 -3.38 -0.10 1.97
CA GLY A 140 -2.60 -0.60 0.81
C GLY A 140 -2.09 0.58 -0.02
N GLY A 141 -2.56 1.78 0.26
CA GLY A 141 -2.10 2.97 -0.51
C GLY A 141 -0.66 3.29 -0.07
N PRO A 142 -0.24 4.53 -0.29
CA PRO A 142 1.15 4.85 0.13
C PRO A 142 1.27 6.26 0.72
N LEU A 143 2.00 6.39 1.78
CA LEU A 143 2.23 7.71 2.41
C LEU A 143 3.55 8.26 1.87
N LEU A 144 3.46 9.13 0.90
CA LEU A 144 4.69 9.67 0.26
C LEU A 144 5.22 10.94 0.93
N CYS A 145 6.52 11.11 0.94
CA CYS A 145 7.15 12.34 1.53
C CYS A 145 6.64 13.57 0.75
N PRO A 146 7.30 14.69 0.92
CA PRO A 146 6.86 15.90 0.19
C PRO A 146 7.54 16.00 -1.19
N SER A 147 8.11 14.93 -1.69
CA SER A 147 8.80 15.00 -3.01
C SER A 147 8.26 13.92 -3.97
N GLY A 148 8.30 12.68 -3.58
CA GLY A 148 7.81 11.59 -4.47
C GLY A 148 8.40 10.24 -4.02
N HIS A 149 8.42 10.00 -2.74
CA HIS A 149 8.99 8.71 -2.23
C HIS A 149 7.97 7.99 -1.34
N ALA A 150 7.61 6.78 -1.70
CA ALA A 150 6.63 6.02 -0.86
C ALA A 150 7.38 5.37 0.30
N VAL A 151 6.95 5.63 1.51
CA VAL A 151 7.64 5.05 2.69
C VAL A 151 6.66 4.36 3.65
N GLY A 152 5.38 4.40 3.36
CA GLY A 152 4.41 3.74 4.30
C GLY A 152 3.12 3.35 3.57
N ILE A 153 2.73 2.10 3.65
CA ILE A 153 1.45 1.67 3.01
C ILE A 153 0.40 1.46 4.11
N PHE A 154 -0.65 2.23 4.08
CA PHE A 154 -1.70 2.13 5.16
C PHE A 154 -2.17 0.69 5.40
N ARG A 155 -2.12 0.25 6.64
CA ARG A 155 -2.52 -1.15 6.98
C ARG A 155 -3.69 -1.17 7.99
N ALA A 156 -3.91 -0.13 8.75
CA ALA A 156 -5.03 -0.18 9.74
C ALA A 156 -5.43 1.22 10.23
N ALA A 157 -6.71 1.46 10.31
CA ALA A 157 -7.21 2.79 10.76
C ALA A 157 -7.54 2.80 12.25
N VAL A 158 -7.10 3.81 12.97
CA VAL A 158 -7.42 3.88 14.42
C VAL A 158 -8.77 4.53 14.55
N CYS A 159 -9.80 3.73 14.58
CA CYS A 159 -11.17 4.27 14.65
C CYS A 159 -11.67 4.34 16.08
N THR A 160 -11.99 5.52 16.53
CA THR A 160 -12.49 5.70 17.92
C THR A 160 -14.03 5.58 17.95
N ARG A 161 -14.73 6.63 17.58
CA ARG A 161 -16.22 6.56 17.57
C ARG A 161 -16.72 6.48 16.12
N GLY A 162 -16.39 5.42 15.45
CA GLY A 162 -16.82 5.25 14.04
C GLY A 162 -16.03 6.19 13.12
N VAL A 163 -14.89 6.67 13.58
CA VAL A 163 -14.08 7.58 12.73
C VAL A 163 -12.60 7.35 13.05
N ALA A 164 -11.76 7.31 12.04
CA ALA A 164 -10.30 7.08 12.27
C ALA A 164 -9.59 8.37 12.65
N LYS A 165 -8.83 8.32 13.70
CA LYS A 165 -8.06 9.53 14.13
C LYS A 165 -6.56 9.23 14.14
N ALA A 166 -6.17 8.14 13.51
CA ALA A 166 -4.74 7.77 13.46
C ALA A 166 -4.59 6.59 12.51
N VAL A 167 -3.46 6.45 11.88
CA VAL A 167 -3.29 5.32 10.92
C VAL A 167 -1.99 4.56 11.13
N ASP A 168 -2.07 3.26 11.07
CA ASP A 168 -0.87 2.40 11.19
C ASP A 168 -0.53 1.92 9.78
N PHE A 169 0.71 1.62 9.48
CA PHE A 169 1.00 1.19 8.08
C PHE A 169 2.25 0.31 7.98
N VAL A 170 2.41 -0.32 6.85
CA VAL A 170 3.59 -1.22 6.64
C VAL A 170 4.83 -0.38 6.26
N PRO A 171 5.92 -0.63 6.93
CA PRO A 171 7.15 0.14 6.59
C PRO A 171 7.71 -0.33 5.24
N VAL A 172 8.33 0.56 4.51
CA VAL A 172 8.90 0.17 3.18
C VAL A 172 10.15 -0.69 3.39
N GLU A 173 10.81 -0.56 4.52
CA GLU A 173 12.01 -1.40 4.79
C GLU A 173 11.61 -2.87 4.76
N SER A 174 10.38 -3.15 5.13
CA SER A 174 9.89 -4.57 5.10
C SER A 174 9.73 -5.03 3.65
N MET A 175 9.38 -4.12 2.78
CA MET A 175 9.22 -4.49 1.34
C MET A 175 10.59 -4.78 0.75
N GLU A 176 11.57 -4.02 1.16
CA GLU A 176 12.95 -4.22 0.66
C GLU A 176 13.46 -5.62 1.01
N THR A 177 13.14 -6.11 2.19
CA THR A 177 13.64 -7.47 2.58
C THR A 177 13.13 -8.55 1.61
N THR A 178 12.01 -8.33 0.95
CA THR A 178 11.52 -9.36 -0.02
C THR A 178 12.52 -9.49 -1.16
N MET A 179 12.91 -8.38 -1.72
CA MET A 179 13.92 -8.41 -2.81
C MET A 179 15.24 -8.95 -2.28
N ARG A 180 15.60 -8.56 -1.07
CA ARG A 180 16.87 -9.08 -0.47
C ARG A 180 16.73 -10.55 -0.12
N ALA A 181 15.53 -10.96 0.22
CA ALA A 181 15.25 -12.39 0.59
C ALA A 181 16.10 -12.81 1.79
N SER A 182 15.62 -13.76 2.55
CA SER A 182 16.37 -14.23 3.75
C SER A 182 15.67 -15.46 4.36
N LYS A 183 15.16 -16.32 3.52
CA LYS A 183 14.46 -17.54 4.03
C LYS A 183 15.47 -18.58 4.53
N LYS A 184 16.57 -18.74 3.82
CA LYS A 184 17.60 -19.75 4.23
C LYS A 184 16.97 -21.14 4.32
N LYS A 185 16.03 -21.41 3.44
CA LYS A 185 15.32 -22.74 3.44
C LYS A 185 14.67 -22.99 4.81
N LYS A 186 13.74 -23.91 4.87
CA LYS A 186 13.05 -24.21 6.16
C LYS A 186 12.62 -25.68 6.19
N THR A 22 -15.86 -7.18 -13.29
CA THR A 22 -15.62 -8.23 -14.32
C THR A 22 -14.68 -7.71 -15.41
N GLY A 23 -13.51 -7.26 -15.04
CA GLY A 23 -12.54 -6.73 -16.04
C GLY A 23 -11.21 -6.44 -15.37
N ARG A 24 -10.26 -5.96 -16.14
CA ARG A 24 -8.94 -5.63 -15.57
C ARG A 24 -8.42 -4.35 -16.22
N ASP A 25 -7.42 -3.75 -15.64
CA ASP A 25 -6.85 -2.50 -16.22
C ASP A 25 -6.04 -2.84 -17.46
N LYS A 26 -6.15 -2.05 -18.48
CA LYS A 26 -5.39 -2.35 -19.74
C LYS A 26 -4.63 -1.12 -20.23
N ASN A 27 -3.57 -1.32 -20.98
CA ASN A 27 -2.75 -0.18 -21.51
C ASN A 27 -2.14 0.65 -20.38
N GLN A 28 -0.89 1.00 -20.53
CA GLN A 28 -0.17 1.80 -19.49
C GLN A 28 -0.22 1.13 -18.12
N VAL A 29 0.90 0.67 -17.66
CA VAL A 29 0.94 -0.01 -16.35
C VAL A 29 0.97 1.02 -15.22
N GLU A 30 1.71 2.09 -15.40
CA GLU A 30 1.78 3.17 -14.36
C GLU A 30 1.98 2.59 -12.96
N GLY A 31 3.21 2.48 -12.53
CA GLY A 31 3.50 1.89 -11.19
C GLY A 31 3.53 2.97 -10.12
N GLU A 32 2.43 3.15 -9.43
CA GLU A 32 2.36 4.16 -8.34
C GLU A 32 1.32 3.67 -7.32
N VAL A 33 0.06 3.86 -7.63
CA VAL A 33 -1.03 3.37 -6.72
C VAL A 33 -2.11 2.77 -7.61
N GLN A 34 -2.55 1.58 -7.31
CA GLN A 34 -3.61 0.94 -8.15
C GLN A 34 -4.60 0.20 -7.29
N VAL A 35 -5.86 0.27 -7.64
CA VAL A 35 -6.89 -0.44 -6.84
C VAL A 35 -6.99 -1.89 -7.33
N VAL A 36 -7.13 -2.82 -6.43
CA VAL A 36 -7.21 -4.25 -6.83
C VAL A 36 -8.40 -4.91 -6.15
N SER A 37 -8.83 -6.00 -6.69
CA SER A 37 -9.99 -6.74 -6.10
C SER A 37 -9.68 -8.22 -6.12
N THR A 38 -9.69 -8.83 -4.97
CA THR A 38 -9.39 -10.25 -4.85
C THR A 38 -10.68 -11.00 -4.55
N ALA A 39 -10.59 -12.28 -4.41
CA ALA A 39 -11.82 -13.08 -4.12
C ALA A 39 -12.47 -12.63 -2.81
N THR A 40 -11.78 -11.89 -1.98
CA THR A 40 -12.38 -11.45 -0.70
C THR A 40 -12.93 -10.02 -0.76
N GLN A 41 -12.23 -9.11 -1.40
CA GLN A 41 -12.75 -7.69 -1.45
C GLN A 41 -11.90 -6.79 -2.36
N SER A 42 -12.14 -5.51 -2.29
CA SER A 42 -11.36 -4.53 -3.11
C SER A 42 -10.60 -3.58 -2.18
N PHE A 43 -9.42 -3.18 -2.56
CA PHE A 43 -8.60 -2.28 -1.69
C PHE A 43 -7.50 -1.58 -2.52
N LEU A 44 -6.32 -1.36 -1.99
CA LEU A 44 -5.27 -0.64 -2.78
C LEU A 44 -3.89 -1.32 -2.71
N ALA A 45 -3.04 -0.95 -3.62
CA ALA A 45 -1.66 -1.53 -3.67
C ALA A 45 -0.69 -0.51 -4.30
N THR A 46 0.42 -0.25 -3.66
CA THR A 46 1.39 0.74 -4.23
C THR A 46 2.59 0.05 -4.87
N CYS A 47 2.88 0.39 -6.10
CA CYS A 47 4.06 -0.22 -6.79
C CYS A 47 5.35 0.40 -6.25
N VAL A 48 6.24 -0.41 -5.74
CA VAL A 48 7.53 0.14 -5.19
C VAL A 48 8.71 -0.71 -5.62
N ASN A 49 9.73 -0.09 -6.16
CA ASN A 49 10.95 -0.84 -6.62
C ASN A 49 10.56 -2.05 -7.50
N GLY A 50 9.60 -1.87 -8.37
CA GLY A 50 9.18 -2.99 -9.26
C GLY A 50 8.43 -4.05 -8.45
N VAL A 51 7.82 -3.67 -7.35
CA VAL A 51 7.07 -4.66 -6.52
C VAL A 51 5.75 -4.03 -6.06
N CYS A 52 4.65 -4.55 -6.54
CA CYS A 52 3.33 -4.00 -6.12
C CYS A 52 3.03 -4.46 -4.70
N TRP A 53 2.84 -3.53 -3.81
CA TRP A 53 2.56 -3.91 -2.40
C TRP A 53 1.12 -3.60 -2.04
N THR A 54 0.43 -4.55 -1.48
CA THR A 54 -0.99 -4.32 -1.08
C THR A 54 -1.20 -4.93 0.30
N VAL A 55 -2.38 -4.84 0.84
CA VAL A 55 -2.60 -5.40 2.21
C VAL A 55 -3.02 -6.87 2.18
N TYR A 56 -2.31 -7.72 2.90
CA TYR A 56 -2.68 -9.16 2.94
C TYR A 56 -4.09 -9.30 3.52
N HIS A 57 -4.41 -8.52 4.54
CA HIS A 57 -5.78 -8.59 5.11
C HIS A 57 -6.75 -7.88 4.16
N GLY A 58 -6.93 -8.48 3.01
CA GLY A 58 -7.84 -7.89 1.99
C GLY A 58 -7.64 -8.68 0.69
N ALA A 59 -6.42 -9.08 0.42
CA ALA A 59 -6.14 -9.88 -0.81
C ALA A 59 -6.28 -11.37 -0.49
N GLY A 60 -5.28 -11.97 0.11
CA GLY A 60 -5.34 -13.43 0.47
C GLY A 60 -5.82 -14.26 -0.72
N SER A 61 -5.63 -13.81 -1.93
CA SER A 61 -6.08 -14.58 -3.11
C SER A 61 -5.00 -14.70 -4.19
N LYS A 62 -3.81 -14.16 -3.95
CA LYS A 62 -2.67 -14.21 -4.93
C LYS A 62 -3.05 -13.51 -6.24
N THR A 63 -3.98 -14.08 -6.94
CA THR A 63 -4.46 -13.51 -8.23
C THR A 63 -5.43 -12.35 -7.98
N LEU A 64 -5.32 -11.32 -8.76
CA LEU A 64 -6.20 -10.12 -8.60
C LEU A 64 -6.52 -9.57 -10.00
N ALA A 65 -6.36 -8.29 -10.23
CA ALA A 65 -6.65 -7.71 -11.57
C ALA A 65 -5.71 -6.52 -11.81
N GLY A 66 -4.59 -6.76 -12.44
CA GLY A 66 -3.62 -5.64 -12.68
C GLY A 66 -3.76 -5.11 -14.11
N PRO A 67 -2.84 -4.24 -14.48
CA PRO A 67 -2.88 -3.68 -15.85
C PRO A 67 -2.74 -4.80 -16.90
N LYS A 68 -2.22 -5.94 -16.50
CA LYS A 68 -2.08 -7.07 -17.47
C LYS A 68 -3.08 -8.18 -17.17
N GLY A 69 -4.00 -7.96 -16.25
CA GLY A 69 -4.99 -9.01 -15.93
C GLY A 69 -4.67 -9.60 -14.55
N PRO A 70 -5.06 -10.83 -14.36
CA PRO A 70 -4.80 -11.46 -13.04
C PRO A 70 -3.30 -11.62 -12.80
N ILE A 71 -2.80 -10.94 -11.80
CA ILE A 71 -1.35 -11.03 -11.47
C ILE A 71 -1.16 -11.89 -10.21
N THR A 72 -0.14 -12.71 -10.21
CA THR A 72 0.13 -13.60 -9.05
C THR A 72 1.14 -12.96 -8.09
N GLN A 73 0.99 -13.18 -6.82
CA GLN A 73 1.94 -12.56 -5.83
C GLN A 73 3.28 -13.29 -5.82
N MET A 74 4.32 -12.63 -5.37
CA MET A 74 5.66 -13.28 -5.32
C MET A 74 5.92 -13.82 -3.92
N TYR A 75 5.53 -13.09 -2.91
CA TYR A 75 5.73 -13.56 -1.50
C TYR A 75 4.72 -12.88 -0.59
N THR A 76 4.79 -13.16 0.69
CA THR A 76 3.83 -12.55 1.64
C THR A 76 4.49 -12.43 2.99
N ASN A 77 4.49 -11.25 3.53
CA ASN A 77 5.10 -11.06 4.88
C ASN A 77 3.99 -11.17 5.92
N VAL A 78 3.57 -12.37 6.21
CA VAL A 78 2.47 -12.57 7.20
C VAL A 78 2.90 -12.00 8.55
N ASP A 79 4.15 -12.17 8.92
CA ASP A 79 4.63 -11.59 10.21
C ASP A 79 4.32 -10.08 10.23
N GLN A 80 4.22 -9.49 9.06
CA GLN A 80 3.89 -8.02 8.99
C GLN A 80 2.53 -7.80 8.30
N ASP A 81 1.84 -8.85 7.89
CA ASP A 81 0.53 -8.70 7.19
C ASP A 81 0.74 -7.89 5.91
N LEU A 82 1.62 -8.36 5.07
CA LEU A 82 1.93 -7.62 3.81
C LEU A 82 2.15 -8.62 2.66
N VAL A 83 1.94 -8.20 1.44
CA VAL A 83 2.13 -9.11 0.27
C VAL A 83 2.68 -8.32 -0.91
N GLY A 84 3.63 -8.86 -1.63
CA GLY A 84 4.21 -8.09 -2.78
C GLY A 84 4.20 -8.93 -4.06
N TRP A 85 3.61 -8.40 -5.10
CA TRP A 85 3.58 -9.10 -6.42
C TRP A 85 4.79 -8.69 -7.24
N GLN A 86 4.83 -9.05 -8.50
CA GLN A 86 5.98 -8.64 -9.37
C GLN A 86 5.51 -7.57 -10.35
N ALA A 87 5.96 -6.35 -10.17
CA ALA A 87 5.53 -5.25 -11.09
C ALA A 87 6.05 -5.50 -12.53
N PRO A 88 5.28 -5.07 -13.50
CA PRO A 88 5.74 -5.28 -14.91
C PRO A 88 6.27 -3.96 -15.50
N PRO A 89 6.94 -4.07 -16.62
CA PRO A 89 7.48 -2.83 -17.24
C PRO A 89 6.34 -1.90 -17.66
N GLY A 90 6.66 -0.69 -18.04
CA GLY A 90 5.61 0.28 -18.44
C GLY A 90 5.10 1.08 -17.23
N ALA A 91 5.49 0.69 -16.04
CA ALA A 91 5.06 1.41 -14.82
C ALA A 91 6.17 2.37 -14.39
N ARG A 92 6.33 2.61 -13.12
CA ARG A 92 7.40 3.55 -12.65
C ARG A 92 7.84 3.20 -11.23
N SER A 93 6.92 2.86 -10.40
CA SER A 93 7.24 2.50 -8.98
C SER A 93 7.84 3.70 -8.23
N LEU A 94 7.31 4.00 -7.07
CA LEU A 94 7.85 5.15 -6.28
C LEU A 94 9.19 4.77 -5.65
N THR A 95 10.04 5.72 -5.37
CA THR A 95 11.37 5.39 -4.77
C THR A 95 11.41 5.77 -3.28
N PRO A 96 12.35 5.19 -2.57
CA PRO A 96 12.45 5.52 -1.12
C PRO A 96 12.73 7.01 -0.93
N CYS A 97 12.55 7.52 0.27
CA CYS A 97 12.78 8.98 0.49
C CYS A 97 14.05 9.22 1.31
N THR A 98 14.99 9.93 0.75
CA THR A 98 16.25 10.23 1.49
C THR A 98 15.96 11.20 2.66
N CYS A 99 15.14 12.19 2.43
CA CYS A 99 14.84 13.17 3.54
C CYS A 99 13.99 12.49 4.62
N GLY A 100 14.25 12.81 5.86
CA GLY A 100 13.50 12.19 6.99
C GLY A 100 12.19 12.95 7.27
N SER A 101 11.75 13.81 6.38
CA SER A 101 10.49 14.56 6.63
C SER A 101 9.32 13.58 6.79
N SER A 102 8.47 13.80 7.76
CA SER A 102 7.32 12.87 7.98
C SER A 102 6.02 13.44 7.40
N ASP A 103 6.08 14.54 6.68
CA ASP A 103 4.82 15.09 6.10
C ASP A 103 4.38 14.21 4.94
N LEU A 104 3.81 13.07 5.25
CA LEU A 104 3.36 12.12 4.19
C LEU A 104 1.88 12.34 3.88
N TYR A 105 1.39 11.70 2.87
CA TYR A 105 -0.06 11.84 2.53
C TYR A 105 -0.51 10.56 1.83
N LEU A 106 -1.70 10.12 2.11
CA LEU A 106 -2.20 8.85 1.51
C LEU A 106 -3.38 9.08 0.56
N VAL A 107 -3.56 8.17 -0.35
CA VAL A 107 -4.68 8.27 -1.33
C VAL A 107 -5.71 7.17 -1.02
N THR A 108 -6.98 7.49 -1.02
CA THR A 108 -8.02 6.46 -0.71
C THR A 108 -8.34 5.64 -1.96
N ARG A 109 -9.18 4.63 -1.82
CA ARG A 109 -9.55 3.75 -2.98
C ARG A 109 -9.78 4.56 -4.25
N HIS A 110 -10.26 5.77 -4.10
CA HIS A 110 -10.48 6.64 -5.29
C HIS A 110 -9.31 7.63 -5.41
N ALA A 111 -9.22 8.56 -4.51
CA ALA A 111 -8.09 9.55 -4.54
C ALA A 111 -7.83 10.11 -3.13
N ASP A 112 -8.59 11.10 -2.72
CA ASP A 112 -8.41 11.72 -1.36
C ASP A 112 -6.94 12.01 -1.08
N VAL A 113 -6.48 13.19 -1.42
CA VAL A 113 -5.05 13.55 -1.16
C VAL A 113 -4.88 14.12 0.25
N ILE A 114 -5.41 13.44 1.25
CA ILE A 114 -5.27 13.92 2.65
C ILE A 114 -3.81 13.79 3.11
N PRO A 115 -3.44 14.60 4.08
CA PRO A 115 -2.05 14.52 4.56
C PRO A 115 -1.96 13.78 5.90
N VAL A 116 -0.93 12.98 6.05
CA VAL A 116 -0.74 12.25 7.34
C VAL A 116 0.69 12.46 7.83
N ARG A 117 0.86 12.84 9.07
CA ARG A 117 2.24 13.05 9.60
C ARG A 117 2.72 11.73 10.20
N ARG A 118 3.76 11.15 9.64
CA ARG A 118 4.25 9.85 10.16
C ARG A 118 4.68 9.96 11.63
N ARG A 119 4.10 9.15 12.48
CA ARG A 119 4.51 9.18 13.92
C ARG A 119 5.47 8.01 14.21
N GLY A 120 5.87 7.28 13.20
CA GLY A 120 6.79 6.14 13.39
C GLY A 120 6.90 5.39 12.06
N ASP A 121 7.71 4.37 11.99
CA ASP A 121 7.84 3.61 10.71
C ASP A 121 6.53 2.89 10.40
N SER A 122 5.70 2.67 11.40
CA SER A 122 4.41 1.97 11.18
C SER A 122 3.23 2.80 11.68
N ARG A 123 3.41 4.08 11.91
CA ARG A 123 2.27 4.90 12.42
C ARG A 123 2.25 6.27 11.76
N GLY A 124 1.08 6.76 11.43
CA GLY A 124 0.97 8.09 10.80
C GLY A 124 -0.23 8.82 11.40
N SER A 125 -0.12 10.10 11.58
CA SER A 125 -1.24 10.87 12.18
C SER A 125 -2.17 11.38 11.08
N LEU A 126 -3.37 10.87 11.02
CA LEU A 126 -4.33 11.34 9.99
C LEU A 126 -4.82 12.73 10.37
N LEU A 127 -4.33 13.74 9.70
CA LEU A 127 -4.73 15.14 10.00
C LEU A 127 -6.23 15.31 9.81
N SER A 128 -6.82 14.52 8.95
CA SER A 128 -8.29 14.62 8.72
C SER A 128 -9.01 13.37 9.22
N PRO A 129 -9.70 13.52 10.34
CA PRO A 129 -10.44 12.35 10.88
C PRO A 129 -11.73 12.16 10.09
N ARG A 130 -12.11 10.93 9.83
CA ARG A 130 -13.35 10.68 9.07
C ARG A 130 -13.89 9.29 9.42
N PRO A 131 -15.14 9.05 9.06
CA PRO A 131 -15.71 7.72 9.39
C PRO A 131 -14.89 6.62 8.72
N VAL A 132 -14.41 5.68 9.49
CA VAL A 132 -13.59 4.57 8.93
C VAL A 132 -14.26 3.93 7.70
N SER A 133 -15.56 4.03 7.62
CA SER A 133 -16.28 3.45 6.44
C SER A 133 -15.71 4.03 5.14
N TYR A 134 -15.36 5.29 5.16
CA TYR A 134 -14.76 5.95 3.98
C TYR A 134 -13.34 5.41 3.76
N LEU A 135 -12.69 5.00 4.83
CA LEU A 135 -11.29 4.47 4.70
C LEU A 135 -11.29 2.96 4.39
N LYS A 136 -12.45 2.36 4.24
CA LYS A 136 -12.50 0.91 3.92
C LYS A 136 -12.01 0.71 2.49
N GLY A 137 -10.90 0.07 2.37
CA GLY A 137 -10.30 -0.14 1.01
C GLY A 137 -9.16 0.87 0.80
N SER A 138 -9.02 1.82 1.69
CA SER A 138 -7.89 2.79 1.57
C SER A 138 -6.59 2.11 1.98
N SER A 139 -6.67 0.99 2.68
CA SER A 139 -5.44 0.28 3.10
C SER A 139 -4.69 -0.25 1.88
N GLY A 140 -3.39 -0.27 1.96
CA GLY A 140 -2.59 -0.74 0.80
C GLY A 140 -2.12 0.47 -0.01
N GLY A 141 -2.70 1.63 0.22
CA GLY A 141 -2.28 2.84 -0.54
C GLY A 141 -0.84 3.20 -0.12
N PRO A 142 -0.45 4.44 -0.31
CA PRO A 142 0.93 4.78 0.09
C PRO A 142 1.03 6.19 0.70
N LEU A 143 1.83 6.33 1.73
CA LEU A 143 2.06 7.65 2.36
C LEU A 143 3.34 8.24 1.78
N LEU A 144 3.23 9.08 0.79
CA LEU A 144 4.45 9.63 0.14
C LEU A 144 4.97 10.92 0.78
N CYS A 145 6.26 11.02 0.93
CA CYS A 145 6.90 12.25 1.49
C CYS A 145 6.62 13.42 0.53
N PRO A 146 7.48 14.43 0.56
CA PRO A 146 7.26 15.56 -0.39
C PRO A 146 8.27 15.47 -1.55
N SER A 147 8.92 14.35 -1.73
CA SER A 147 9.92 14.22 -2.84
C SER A 147 9.50 13.14 -3.86
N GLY A 148 8.24 12.73 -3.86
CA GLY A 148 7.80 11.69 -4.82
C GLY A 148 8.33 10.32 -4.38
N HIS A 149 8.35 10.08 -3.10
CA HIS A 149 8.87 8.78 -2.59
C HIS A 149 7.82 8.11 -1.69
N ALA A 150 7.57 6.85 -1.91
CA ALA A 150 6.56 6.11 -1.08
C ALA A 150 7.29 5.33 0.01
N VAL A 151 7.00 5.61 1.24
CA VAL A 151 7.70 4.91 2.36
C VAL A 151 6.71 4.23 3.33
N GLY A 152 5.43 4.36 3.12
CA GLY A 152 4.46 3.73 4.06
C GLY A 152 3.17 3.30 3.36
N ILE A 153 2.77 2.06 3.50
CA ILE A 153 1.48 1.61 2.88
C ILE A 153 0.47 1.35 4.00
N PHE A 154 -0.61 2.08 3.99
CA PHE A 154 -1.64 1.96 5.08
C PHE A 154 -2.07 0.50 5.31
N ARG A 155 -2.04 0.06 6.55
CA ARG A 155 -2.46 -1.34 6.86
C ARG A 155 -3.65 -1.38 7.83
N ALA A 156 -3.82 -0.36 8.63
CA ALA A 156 -4.95 -0.38 9.61
C ALA A 156 -5.29 1.02 10.11
N ALA A 157 -6.57 1.28 10.27
CA ALA A 157 -7.03 2.61 10.73
C ALA A 157 -7.26 2.63 12.25
N VAL A 158 -6.89 3.71 12.89
CA VAL A 158 -7.12 3.81 14.36
C VAL A 158 -8.48 4.43 14.57
N CYS A 159 -9.48 3.62 14.70
CA CYS A 159 -10.85 4.14 14.87
C CYS A 159 -11.21 4.28 16.34
N THR A 160 -11.48 5.48 16.75
CA THR A 160 -11.85 5.73 18.17
C THR A 160 -13.38 5.61 18.36
N ARG A 161 -14.11 6.62 17.99
CA ARG A 161 -15.60 6.56 18.15
C ARG A 161 -16.26 6.36 16.79
N GLY A 162 -15.86 5.33 16.08
CA GLY A 162 -16.44 5.06 14.74
C GLY A 162 -15.77 5.93 13.68
N VAL A 163 -14.62 6.48 13.99
CA VAL A 163 -13.90 7.33 13.01
C VAL A 163 -12.40 7.16 13.22
N ALA A 164 -11.63 7.11 12.17
CA ALA A 164 -10.16 6.90 12.32
C ALA A 164 -9.45 8.23 12.58
N LYS A 165 -8.65 8.27 13.61
CA LYS A 165 -7.89 9.52 13.91
C LYS A 165 -6.38 9.24 13.88
N ALA A 166 -5.99 8.13 13.30
CA ALA A 166 -4.55 7.78 13.21
C ALA A 166 -4.41 6.57 12.30
N VAL A 167 -3.34 6.50 11.56
CA VAL A 167 -3.18 5.34 10.61
C VAL A 167 -1.90 4.54 10.88
N ASP A 168 -2.03 3.25 10.86
CA ASP A 168 -0.84 2.37 11.03
C ASP A 168 -0.50 1.86 9.65
N PHE A 169 0.76 1.63 9.34
CA PHE A 169 1.07 1.18 7.96
C PHE A 169 2.35 0.34 7.91
N VAL A 170 2.55 -0.34 6.81
CA VAL A 170 3.76 -1.20 6.65
C VAL A 170 4.96 -0.33 6.21
N PRO A 171 6.07 -0.51 6.88
CA PRO A 171 7.26 0.30 6.50
C PRO A 171 7.86 -0.21 5.18
N VAL A 172 8.34 0.68 4.36
CA VAL A 172 8.94 0.27 3.05
C VAL A 172 10.29 -0.42 3.31
N GLU A 173 10.97 -0.06 4.37
CA GLU A 173 12.28 -0.70 4.68
C GLU A 173 12.07 -2.20 4.86
N SER A 174 10.93 -2.58 5.36
CA SER A 174 10.64 -4.04 5.55
C SER A 174 10.31 -4.68 4.20
N MET A 175 9.75 -3.91 3.30
CA MET A 175 9.40 -4.45 1.95
C MET A 175 10.68 -4.73 1.17
N GLU A 176 11.65 -3.86 1.29
CA GLU A 176 12.94 -4.06 0.55
C GLU A 176 13.59 -5.37 1.01
N THR A 177 13.53 -5.68 2.29
CA THR A 177 14.14 -6.95 2.77
C THR A 177 13.42 -8.14 2.17
N THR A 178 12.12 -8.04 2.00
CA THR A 178 11.35 -9.18 1.39
C THR A 178 11.87 -9.41 -0.02
N MET A 179 12.15 -8.35 -0.73
CA MET A 179 12.70 -8.48 -2.11
C MET A 179 14.08 -9.14 -2.05
N ARG A 180 14.84 -8.83 -1.03
CA ARG A 180 16.21 -9.43 -0.90
C ARG A 180 16.12 -10.95 -0.82
N ALA A 181 15.10 -11.45 -0.19
CA ALA A 181 14.94 -12.93 -0.07
C ALA A 181 14.71 -13.55 -1.45
N SER A 182 13.92 -12.91 -2.28
CA SER A 182 13.63 -13.44 -3.67
C SER A 182 12.80 -14.72 -3.58
N LYS A 183 13.39 -15.80 -3.11
CA LYS A 183 12.62 -17.08 -3.01
C LYS A 183 13.16 -17.93 -1.84
N LYS A 184 12.74 -17.61 -0.64
CA LYS A 184 13.20 -18.38 0.57
C LYS A 184 14.73 -18.32 0.75
N LYS A 185 15.47 -18.95 -0.14
CA LYS A 185 16.96 -18.92 -0.02
C LYS A 185 17.62 -19.25 -1.37
N LYS A 186 18.90 -19.07 -1.47
CA LYS A 186 19.61 -19.37 -2.75
C LYS A 186 19.96 -20.86 -2.83
N THR A 22 -15.33 -5.25 -8.49
CA THR A 22 -14.11 -5.77 -9.18
C THR A 22 -13.55 -4.71 -10.14
N GLY A 23 -12.33 -4.88 -10.58
CA GLY A 23 -11.72 -3.90 -11.52
C GLY A 23 -10.51 -4.52 -12.20
N ARG A 24 -10.68 -4.95 -13.43
CA ARG A 24 -9.56 -5.56 -14.17
C ARG A 24 -9.56 -5.09 -15.62
N ASP A 25 -8.43 -5.16 -16.27
CA ASP A 25 -8.32 -4.71 -17.70
C ASP A 25 -8.80 -3.27 -17.84
N LYS A 26 -8.37 -2.40 -16.98
CA LYS A 26 -8.79 -0.98 -17.09
C LYS A 26 -7.69 -0.04 -16.55
N ASN A 27 -7.76 1.22 -16.92
CA ASN A 27 -6.74 2.22 -16.44
C ASN A 27 -5.33 1.82 -16.89
N GLN A 28 -4.69 2.67 -17.65
CA GLN A 28 -3.31 2.37 -18.14
C GLN A 28 -2.37 2.16 -16.95
N VAL A 29 -1.18 1.67 -17.19
CA VAL A 29 -0.23 1.41 -16.08
C VAL A 29 0.46 2.70 -15.62
N GLU A 30 0.26 3.80 -16.29
CA GLU A 30 0.93 5.07 -15.85
C GLU A 30 0.29 5.59 -14.55
N GLY A 31 0.45 4.86 -13.49
CA GLY A 31 -0.15 5.29 -12.18
C GLY A 31 0.73 4.85 -11.01
N GLU A 32 0.60 5.53 -9.89
CA GLU A 32 1.42 5.19 -8.68
C GLU A 32 0.76 4.06 -7.88
N VAL A 33 -0.49 4.21 -7.55
CA VAL A 33 -1.20 3.17 -6.74
C VAL A 33 -2.26 2.48 -7.60
N GLN A 34 -2.21 1.18 -7.67
CA GLN A 34 -3.21 0.44 -8.50
C GLN A 34 -4.36 -0.05 -7.61
N VAL A 35 -5.56 0.03 -8.11
CA VAL A 35 -6.75 -0.44 -7.33
C VAL A 35 -6.83 -1.96 -7.47
N VAL A 36 -7.17 -2.66 -6.42
CA VAL A 36 -7.22 -4.14 -6.51
C VAL A 36 -8.53 -4.69 -5.96
N SER A 37 -8.83 -5.89 -6.36
CA SER A 37 -10.07 -6.58 -5.89
C SER A 37 -9.76 -8.07 -5.85
N THR A 38 -9.82 -8.63 -4.68
CA THR A 38 -9.51 -10.05 -4.52
C THR A 38 -10.78 -10.82 -4.22
N ALA A 39 -10.66 -12.10 -4.06
CA ALA A 39 -11.87 -12.94 -3.79
C ALA A 39 -12.61 -12.48 -2.53
N THR A 40 -11.99 -11.70 -1.68
CA THR A 40 -12.69 -11.28 -0.43
C THR A 40 -13.04 -9.79 -0.41
N GLN A 41 -12.30 -8.93 -1.10
CA GLN A 41 -12.65 -7.47 -1.04
C GLN A 41 -11.85 -6.63 -2.06
N SER A 42 -11.95 -5.34 -1.94
CA SER A 42 -11.22 -4.42 -2.85
C SER A 42 -10.42 -3.40 -2.02
N PHE A 43 -9.22 -3.09 -2.44
CA PHE A 43 -8.37 -2.13 -1.68
C PHE A 43 -7.28 -1.54 -2.60
N LEU A 44 -6.06 -1.32 -2.13
CA LEU A 44 -5.04 -0.69 -3.02
C LEU A 44 -3.66 -1.36 -2.93
N ALA A 45 -2.78 -0.95 -3.83
CA ALA A 45 -1.40 -1.51 -3.86
C ALA A 45 -0.41 -0.45 -4.36
N THR A 46 0.60 -0.15 -3.56
CA THR A 46 1.61 0.87 -3.96
C THR A 46 2.70 0.23 -4.82
N CYS A 47 2.88 0.70 -6.02
CA CYS A 47 3.95 0.14 -6.90
C CYS A 47 5.31 0.65 -6.42
N VAL A 48 6.20 -0.24 -6.03
CA VAL A 48 7.55 0.21 -5.55
C VAL A 48 8.63 -0.73 -6.06
N ASN A 49 9.70 -0.18 -6.61
CA ASN A 49 10.82 -1.04 -7.13
C ASN A 49 10.31 -2.10 -8.10
N GLY A 50 9.37 -1.74 -8.94
CA GLY A 50 8.81 -2.74 -9.91
C GLY A 50 8.04 -3.82 -9.16
N VAL A 51 7.50 -3.51 -8.01
CA VAL A 51 6.73 -4.50 -7.23
C VAL A 51 5.50 -3.85 -6.62
N CYS A 52 4.33 -4.32 -6.98
CA CYS A 52 3.09 -3.73 -6.41
C CYS A 52 2.96 -4.20 -4.97
N TRP A 53 2.76 -3.29 -4.06
CA TRP A 53 2.64 -3.70 -2.63
C TRP A 53 1.27 -3.36 -2.09
N THR A 54 0.55 -4.36 -1.65
CA THR A 54 -0.80 -4.12 -1.09
C THR A 54 -0.93 -4.78 0.26
N VAL A 55 -2.08 -4.67 0.85
CA VAL A 55 -2.26 -5.27 2.22
C VAL A 55 -2.68 -6.73 2.20
N TYR A 56 -2.04 -7.51 3.02
CA TYR A 56 -2.38 -8.96 3.12
C TYR A 56 -3.80 -9.12 3.66
N HIS A 57 -4.17 -8.30 4.62
CA HIS A 57 -5.56 -8.41 5.19
C HIS A 57 -6.57 -7.89 4.16
N GLY A 58 -6.80 -8.69 3.16
CA GLY A 58 -7.75 -8.31 2.07
C GLY A 58 -7.42 -9.15 0.83
N ALA A 59 -6.16 -9.30 0.54
CA ALA A 59 -5.75 -10.10 -0.65
C ALA A 59 -5.78 -11.59 -0.35
N GLY A 60 -4.87 -12.05 0.48
CA GLY A 60 -4.82 -13.51 0.82
C GLY A 60 -3.70 -14.16 0.01
N SER A 61 -4.02 -14.64 -1.17
CA SER A 61 -2.98 -15.29 -2.02
C SER A 61 -3.59 -15.67 -3.39
N LYS A 62 -3.57 -14.75 -4.32
CA LYS A 62 -4.16 -15.05 -5.66
C LYS A 62 -3.62 -14.08 -6.73
N THR A 63 -4.34 -13.95 -7.81
CA THR A 63 -3.90 -13.07 -8.92
C THR A 63 -4.17 -11.61 -8.59
N LEU A 64 -5.24 -11.36 -7.86
CA LEU A 64 -5.67 -9.96 -7.44
C LEU A 64 -6.39 -9.20 -8.56
N ALA A 65 -6.07 -9.52 -9.78
CA ALA A 65 -6.69 -8.84 -10.97
C ALA A 65 -6.18 -7.40 -11.05
N GLY A 66 -5.13 -7.19 -11.79
CA GLY A 66 -4.56 -5.82 -11.93
C GLY A 66 -5.28 -5.11 -13.07
N PRO A 67 -4.89 -3.88 -13.32
CA PRO A 67 -5.55 -3.14 -14.43
C PRO A 67 -5.30 -3.84 -15.78
N LYS A 68 -4.35 -4.75 -15.85
CA LYS A 68 -4.07 -5.45 -17.14
C LYS A 68 -4.63 -6.87 -17.11
N GLY A 69 -4.81 -7.43 -15.95
CA GLY A 69 -5.34 -8.82 -15.84
C GLY A 69 -4.83 -9.46 -14.55
N PRO A 70 -4.95 -10.77 -14.48
CA PRO A 70 -4.47 -11.46 -13.25
C PRO A 70 -2.95 -11.36 -13.13
N ILE A 71 -2.48 -10.67 -12.12
CA ILE A 71 -1.01 -10.53 -11.92
C ILE A 71 -0.57 -11.58 -10.88
N THR A 72 0.56 -12.17 -11.07
CA THR A 72 1.04 -13.23 -10.12
C THR A 72 1.82 -12.64 -8.95
N GLN A 73 1.55 -13.12 -7.77
CA GLN A 73 2.27 -12.59 -6.56
C GLN A 73 3.71 -13.10 -6.54
N MET A 74 4.63 -12.31 -6.04
CA MET A 74 6.06 -12.76 -5.99
C MET A 74 6.40 -13.25 -4.59
N TYR A 75 5.88 -12.60 -3.58
CA TYR A 75 6.16 -13.00 -2.17
C TYR A 75 5.27 -12.21 -1.24
N THR A 76 5.41 -12.40 0.05
CA THR A 76 4.57 -11.65 1.01
C THR A 76 5.23 -11.66 2.38
N ASN A 77 5.10 -10.58 3.06
CA ASN A 77 5.67 -10.49 4.43
C ASN A 77 4.53 -10.54 5.45
N VAL A 78 4.05 -11.73 5.75
CA VAL A 78 2.91 -11.85 6.72
C VAL A 78 3.31 -11.27 8.08
N ASP A 79 4.53 -11.50 8.50
CA ASP A 79 4.98 -10.92 9.81
C ASP A 79 4.81 -9.38 9.74
N GLN A 80 4.85 -8.83 8.55
CA GLN A 80 4.68 -7.36 8.38
C GLN A 80 3.34 -7.05 7.68
N ASP A 81 2.54 -8.06 7.39
CA ASP A 81 1.22 -7.86 6.73
C ASP A 81 1.37 -7.18 5.36
N LEU A 82 2.14 -7.77 4.49
CA LEU A 82 2.31 -7.18 3.13
C LEU A 82 2.44 -8.29 2.08
N VAL A 83 2.02 -8.02 0.88
CA VAL A 83 2.11 -9.02 -0.23
C VAL A 83 2.59 -8.29 -1.48
N GLY A 84 3.62 -8.78 -2.15
CA GLY A 84 4.13 -8.02 -3.35
C GLY A 84 4.05 -8.82 -4.65
N TRP A 85 3.38 -8.27 -5.62
CA TRP A 85 3.28 -8.93 -6.97
C TRP A 85 4.39 -8.41 -7.88
N GLN A 86 4.33 -8.74 -9.16
CA GLN A 86 5.34 -8.23 -10.12
C GLN A 86 4.76 -7.01 -10.82
N ALA A 87 5.14 -5.83 -10.42
CA ALA A 87 4.59 -4.59 -11.04
C ALA A 87 5.10 -4.43 -12.49
N PRO A 88 4.17 -4.20 -13.39
CA PRO A 88 4.60 -4.00 -14.80
C PRO A 88 5.27 -2.63 -14.96
N PRO A 89 6.06 -2.49 -15.98
CA PRO A 89 6.74 -1.18 -16.18
C PRO A 89 5.73 -0.10 -16.53
N GLY A 90 5.62 0.92 -15.72
CA GLY A 90 4.64 2.01 -16.01
C GLY A 90 3.91 2.40 -14.73
N ALA A 91 3.73 1.48 -13.84
CA ALA A 91 3.00 1.76 -12.55
C ALA A 91 3.87 2.62 -11.60
N ARG A 92 4.27 3.77 -12.06
CA ARG A 92 5.11 4.75 -11.26
C ARG A 92 5.95 4.06 -10.17
N SER A 93 7.20 3.79 -10.45
CA SER A 93 8.05 3.15 -9.41
C SER A 93 8.55 4.21 -8.44
N LEU A 94 8.02 4.22 -7.25
CA LEU A 94 8.42 5.24 -6.23
C LEU A 94 9.57 4.70 -5.38
N THR A 95 10.38 5.57 -4.82
CA THR A 95 11.51 5.10 -3.98
C THR A 95 11.33 5.53 -2.52
N PRO A 96 12.08 4.92 -1.64
CA PRO A 96 11.96 5.31 -0.20
C PRO A 96 13.06 6.29 0.18
N CYS A 97 12.82 7.12 1.17
CA CYS A 97 13.87 8.11 1.60
C CYS A 97 13.60 8.60 3.02
N THR A 98 14.61 9.13 3.65
CA THR A 98 14.43 9.68 5.03
C THR A 98 14.28 11.19 4.93
N CYS A 99 13.17 11.73 5.36
CA CYS A 99 12.97 13.20 5.26
C CYS A 99 12.74 13.81 6.65
N GLY A 100 13.29 14.98 6.88
CA GLY A 100 13.10 15.65 8.20
C GLY A 100 11.62 15.97 8.39
N SER A 101 10.88 16.14 7.31
CA SER A 101 9.44 16.47 7.42
C SER A 101 8.60 15.20 7.22
N SER A 102 7.72 14.91 8.14
CA SER A 102 6.86 13.70 8.01
C SER A 102 5.51 14.06 7.39
N ASP A 103 5.44 15.18 6.71
CA ASP A 103 4.14 15.58 6.07
C ASP A 103 3.84 14.64 4.91
N LEU A 104 3.45 13.42 5.22
CA LEU A 104 3.14 12.43 4.17
C LEU A 104 1.67 12.52 3.81
N TYR A 105 1.25 11.79 2.81
CA TYR A 105 -0.19 11.82 2.41
C TYR A 105 -0.55 10.49 1.76
N LEU A 106 -1.74 10.02 1.98
CA LEU A 106 -2.15 8.71 1.41
C LEU A 106 -3.28 8.86 0.40
N VAL A 107 -3.25 8.09 -0.65
CA VAL A 107 -4.32 8.14 -1.68
C VAL A 107 -5.42 7.13 -1.34
N THR A 108 -6.65 7.58 -1.25
CA THR A 108 -7.77 6.64 -0.90
C THR A 108 -8.31 5.98 -2.16
N ARG A 109 -9.17 4.98 -1.97
CA ARG A 109 -9.81 4.19 -3.09
C ARG A 109 -9.96 5.00 -4.38
N HIS A 110 -10.25 6.26 -4.26
CA HIS A 110 -10.39 7.11 -5.47
C HIS A 110 -9.08 7.91 -5.68
N ALA A 111 -8.96 9.05 -5.06
CA ALA A 111 -7.72 9.87 -5.20
C ALA A 111 -7.59 10.91 -4.08
N ASP A 112 -8.23 10.70 -2.95
CA ASP A 112 -8.15 11.72 -1.85
C ASP A 112 -6.73 11.79 -1.30
N VAL A 113 -6.18 12.97 -1.21
CA VAL A 113 -4.78 13.13 -0.68
C VAL A 113 -4.75 12.83 0.83
N ILE A 114 -5.57 13.48 1.60
CA ILE A 114 -5.59 13.25 3.09
C ILE A 114 -4.16 13.25 3.67
N PRO A 115 -3.58 14.43 3.76
CA PRO A 115 -2.19 14.50 4.29
C PRO A 115 -2.12 13.95 5.72
N VAL A 116 -1.17 13.08 5.96
CA VAL A 116 -1.03 12.49 7.34
C VAL A 116 0.43 12.66 7.81
N ARG A 117 0.64 13.14 9.01
CA ARG A 117 2.03 13.29 9.51
C ARG A 117 2.47 11.98 10.16
N ARG A 118 3.56 11.41 9.73
CA ARG A 118 4.00 10.12 10.33
C ARG A 118 4.35 10.30 11.80
N ARG A 119 3.71 9.55 12.66
CA ARG A 119 4.03 9.63 14.11
C ARG A 119 4.99 8.51 14.50
N GLY A 120 5.39 7.71 13.53
CA GLY A 120 6.32 6.58 13.81
C GLY A 120 6.48 5.79 12.52
N ASP A 121 7.40 4.87 12.47
CA ASP A 121 7.59 4.08 11.22
C ASP A 121 6.29 3.33 10.86
N SER A 122 5.45 3.09 11.83
CA SER A 122 4.18 2.36 11.55
C SER A 122 2.95 3.18 11.95
N ARG A 123 3.07 4.48 12.12
CA ARG A 123 1.87 5.27 12.53
C ARG A 123 1.89 6.66 11.87
N GLY A 124 0.75 7.13 11.48
CA GLY A 124 0.65 8.48 10.86
C GLY A 124 -0.57 9.17 11.41
N SER A 125 -0.48 10.45 11.63
CA SER A 125 -1.64 11.19 12.18
C SER A 125 -2.52 11.69 11.05
N LEU A 126 -3.72 11.19 10.96
CA LEU A 126 -4.62 11.63 9.87
C LEU A 126 -5.08 13.05 10.15
N LEU A 127 -4.63 13.99 9.37
CA LEU A 127 -5.02 15.42 9.57
C LEU A 127 -6.50 15.61 9.25
N SER A 128 -7.07 14.72 8.50
CA SER A 128 -8.51 14.83 8.14
C SER A 128 -9.28 13.63 8.69
N PRO A 129 -9.67 13.72 9.94
CA PRO A 129 -10.44 12.59 10.55
C PRO A 129 -11.71 12.32 9.75
N ARG A 130 -12.02 11.07 9.53
CA ARG A 130 -13.24 10.72 8.76
C ARG A 130 -13.73 9.35 9.20
N PRO A 131 -14.95 9.03 8.85
CA PRO A 131 -15.47 7.70 9.27
C PRO A 131 -14.58 6.58 8.72
N VAL A 132 -14.14 5.71 9.59
CA VAL A 132 -13.24 4.58 9.15
C VAL A 132 -13.86 3.85 7.95
N SER A 133 -15.16 3.91 7.80
CA SER A 133 -15.83 3.25 6.64
C SER A 133 -15.29 3.84 5.34
N TYR A 134 -15.03 5.11 5.33
CA TYR A 134 -14.49 5.77 4.10
C TYR A 134 -13.05 5.29 3.86
N LEU A 135 -12.37 4.89 4.91
CA LEU A 135 -10.98 4.38 4.75
C LEU A 135 -10.99 2.91 4.28
N LYS A 136 -12.15 2.33 4.12
CA LYS A 136 -12.23 0.93 3.64
C LYS A 136 -11.83 0.90 2.17
N GLY A 137 -10.83 0.14 1.89
CA GLY A 137 -10.30 0.05 0.51
C GLY A 137 -9.06 0.96 0.39
N SER A 138 -8.84 1.81 1.37
CA SER A 138 -7.66 2.71 1.33
C SER A 138 -6.41 1.92 1.76
N SER A 139 -6.57 0.76 2.38
CA SER A 139 -5.38 -0.03 2.81
C SER A 139 -4.55 -0.45 1.60
N GLY A 140 -3.26 -0.54 1.77
CA GLY A 140 -2.37 -0.88 0.62
C GLY A 140 -1.93 0.41 -0.08
N GLY A 141 -2.53 1.54 0.27
CA GLY A 141 -2.14 2.82 -0.36
C GLY A 141 -0.72 3.17 0.13
N PRO A 142 -0.27 4.37 -0.15
CA PRO A 142 1.10 4.70 0.33
C PRO A 142 1.20 6.15 0.85
N LEU A 143 1.97 6.33 1.90
CA LEU A 143 2.19 7.69 2.45
C LEU A 143 3.50 8.21 1.85
N LEU A 144 3.41 8.97 0.80
CA LEU A 144 4.65 9.47 0.12
C LEU A 144 5.22 10.77 0.71
N CYS A 145 6.52 10.85 0.78
CA CYS A 145 7.18 12.12 1.26
C CYS A 145 6.83 13.22 0.24
N PRO A 146 7.42 14.38 0.40
CA PRO A 146 7.09 15.45 -0.60
C PRO A 146 8.01 15.39 -1.84
N SER A 147 8.69 14.27 -2.05
CA SER A 147 9.60 14.17 -3.24
C SER A 147 9.21 12.99 -4.15
N GLY A 148 8.00 12.48 -4.04
CA GLY A 148 7.58 11.34 -4.90
C GLY A 148 8.21 10.03 -4.39
N HIS A 149 8.33 9.90 -3.10
CA HIS A 149 8.93 8.67 -2.52
C HIS A 149 7.95 8.00 -1.55
N ALA A 150 7.63 6.75 -1.79
CA ALA A 150 6.68 6.02 -0.88
C ALA A 150 7.45 5.32 0.22
N VAL A 151 7.12 5.61 1.46
CA VAL A 151 7.84 4.97 2.60
C VAL A 151 6.86 4.31 3.59
N GLY A 152 5.57 4.43 3.36
CA GLY A 152 4.59 3.83 4.32
C GLY A 152 3.36 3.31 3.56
N ILE A 153 2.99 2.07 3.74
CA ILE A 153 1.76 1.54 3.07
C ILE A 153 0.68 1.30 4.13
N PHE A 154 -0.44 1.95 3.97
CA PHE A 154 -1.55 1.85 4.97
C PHE A 154 -1.91 0.39 5.28
N ARG A 155 -1.83 0.03 6.54
CA ARG A 155 -2.17 -1.35 6.97
C ARG A 155 -3.39 -1.31 7.90
N ALA A 156 -3.58 -0.24 8.63
CA ALA A 156 -4.74 -0.19 9.56
C ALA A 156 -4.98 1.23 10.05
N ALA A 157 -6.09 1.44 10.69
CA ALA A 157 -6.44 2.80 11.20
C ALA A 157 -7.06 2.67 12.59
N VAL A 158 -6.97 3.71 13.38
CA VAL A 158 -7.57 3.66 14.74
C VAL A 158 -8.81 4.54 14.78
N CYS A 159 -9.95 3.91 14.77
CA CYS A 159 -11.24 4.66 14.80
C CYS A 159 -11.75 4.78 16.23
N THR A 160 -11.94 6.00 16.66
CA THR A 160 -12.42 6.24 18.05
C THR A 160 -13.96 6.29 18.09
N ARG A 161 -14.55 7.39 17.72
CA ARG A 161 -16.03 7.49 17.73
C ARG A 161 -16.57 7.21 16.33
N GLY A 162 -16.18 6.11 15.75
CA GLY A 162 -16.64 5.76 14.38
C GLY A 162 -15.84 6.53 13.33
N VAL A 163 -14.72 7.09 13.70
CA VAL A 163 -13.90 7.84 12.73
C VAL A 163 -12.41 7.61 13.07
N ALA A 164 -11.58 7.44 12.08
CA ALA A 164 -10.14 7.18 12.36
C ALA A 164 -9.37 8.46 12.64
N LYS A 165 -8.84 8.57 13.83
CA LYS A 165 -8.05 9.79 14.20
C LYS A 165 -6.55 9.51 14.06
N ALA A 166 -6.18 8.38 13.51
CA ALA A 166 -4.72 8.08 13.34
C ALA A 166 -4.57 6.82 12.49
N VAL A 167 -3.59 6.80 11.63
CA VAL A 167 -3.40 5.62 10.72
C VAL A 167 -2.16 4.80 11.09
N ASP A 168 -2.27 3.51 10.94
CA ASP A 168 -1.10 2.62 11.21
C ASP A 168 -0.68 2.05 9.85
N PHE A 169 0.60 1.88 9.60
CA PHE A 169 0.99 1.37 8.25
C PHE A 169 2.33 0.62 8.29
N VAL A 170 2.61 -0.11 7.24
CA VAL A 170 3.89 -0.86 7.16
C VAL A 170 4.96 0.01 6.49
N PRO A 171 6.13 0.05 7.09
CA PRO A 171 7.21 0.87 6.46
C PRO A 171 7.71 0.18 5.19
N VAL A 172 8.30 0.94 4.30
CA VAL A 172 8.82 0.34 3.04
C VAL A 172 9.95 -0.64 3.35
N GLU A 173 10.65 -0.42 4.45
CA GLU A 173 11.73 -1.39 4.82
C GLU A 173 11.11 -2.79 4.97
N SER A 174 9.83 -2.84 5.27
CA SER A 174 9.14 -4.17 5.44
C SER A 174 8.91 -4.86 4.09
N MET A 175 8.52 -4.14 3.05
CA MET A 175 8.27 -4.82 1.73
C MET A 175 9.63 -5.28 1.17
N GLU A 176 10.61 -4.44 1.31
CA GLU A 176 11.97 -4.75 0.79
C GLU A 176 12.53 -6.02 1.45
N THR A 177 12.30 -6.19 2.74
CA THR A 177 12.83 -7.40 3.42
C THR A 177 12.22 -8.66 2.81
N THR A 178 11.07 -8.55 2.19
CA THR A 178 10.45 -9.75 1.55
C THR A 178 11.35 -10.20 0.40
N MET A 179 11.90 -9.26 -0.32
CA MET A 179 12.82 -9.60 -1.45
C MET A 179 14.04 -10.32 -0.92
N ARG A 180 14.48 -9.96 0.27
CA ARG A 180 15.68 -10.61 0.88
C ARG A 180 15.43 -12.10 1.05
N ALA A 181 14.21 -12.51 1.21
CA ALA A 181 13.91 -13.96 1.40
C ALA A 181 12.41 -14.27 1.20
N SER A 182 11.60 -14.15 2.24
CA SER A 182 10.12 -14.44 2.12
C SER A 182 9.84 -15.70 1.27
N LYS A 183 10.51 -16.79 1.55
CA LYS A 183 10.28 -18.04 0.77
C LYS A 183 9.10 -18.84 1.35
N LYS A 184 8.18 -19.26 0.53
CA LYS A 184 7.00 -20.03 1.04
C LYS A 184 7.39 -21.48 1.36
N LYS A 185 8.44 -21.98 0.76
CA LYS A 185 8.85 -23.40 1.03
C LYS A 185 10.33 -23.60 0.70
N LYS A 186 10.93 -24.63 1.24
CA LYS A 186 12.39 -24.92 0.98
C LYS A 186 13.24 -23.66 1.19
N THR A 22 -6.79 2.14 -14.53
CA THR A 22 -6.82 1.61 -13.14
C THR A 22 -7.70 0.36 -13.06
N GLY A 23 -7.38 -0.54 -12.17
CA GLY A 23 -8.20 -1.79 -12.03
C GLY A 23 -7.67 -2.86 -12.98
N ARG A 24 -8.39 -3.94 -13.11
CA ARG A 24 -7.96 -5.04 -14.01
C ARG A 24 -8.09 -4.59 -15.46
N ASP A 25 -7.56 -5.39 -16.36
CA ASP A 25 -7.58 -5.13 -17.84
C ASP A 25 -6.40 -4.24 -18.22
N LYS A 26 -6.32 -3.81 -19.45
CA LYS A 26 -5.16 -2.98 -19.88
C LYS A 26 -5.07 -1.70 -19.04
N ASN A 27 -3.88 -1.32 -18.66
CA ASN A 27 -3.69 -0.09 -17.85
C ASN A 27 -2.25 0.39 -17.98
N GLN A 28 -2.07 1.68 -18.09
CA GLN A 28 -0.69 2.23 -18.23
C GLN A 28 0.14 1.93 -16.98
N VAL A 29 1.39 1.59 -17.17
CA VAL A 29 2.27 1.28 -16.01
C VAL A 29 2.80 2.56 -15.37
N GLU A 30 2.69 3.67 -16.03
CA GLU A 30 3.19 4.96 -15.45
C GLU A 30 2.27 5.41 -14.32
N GLY A 31 2.25 4.66 -13.25
CA GLY A 31 1.38 5.01 -12.09
C GLY A 31 2.10 4.67 -10.79
N GLU A 32 1.73 5.33 -9.71
CA GLU A 32 2.38 5.08 -8.41
C GLU A 32 1.52 4.13 -7.56
N VAL A 33 0.22 4.31 -7.59
CA VAL A 33 -0.70 3.44 -6.80
C VAL A 33 -1.73 2.80 -7.72
N GLN A 34 -1.90 1.51 -7.63
CA GLN A 34 -2.90 0.81 -8.48
C GLN A 34 -4.11 0.38 -7.65
N VAL A 35 -5.29 0.51 -8.18
CA VAL A 35 -6.51 0.09 -7.44
C VAL A 35 -6.67 -1.42 -7.61
N VAL A 36 -7.05 -2.13 -6.57
CA VAL A 36 -7.19 -3.59 -6.70
C VAL A 36 -8.37 -4.10 -5.91
N SER A 37 -8.85 -5.25 -6.27
CA SER A 37 -10.01 -5.85 -5.55
C SER A 37 -9.90 -7.37 -5.63
N THR A 38 -10.28 -8.00 -4.58
CA THR A 38 -10.22 -9.47 -4.53
C THR A 38 -11.62 -10.01 -4.64
N ALA A 39 -11.74 -11.30 -4.64
CA ALA A 39 -13.09 -11.93 -4.75
C ALA A 39 -14.01 -11.43 -3.61
N THR A 40 -13.45 -10.87 -2.56
CA THR A 40 -14.32 -10.41 -1.43
C THR A 40 -14.25 -8.89 -1.17
N GLN A 41 -13.31 -8.14 -1.74
CA GLN A 41 -13.29 -6.67 -1.43
C GLN A 41 -12.44 -5.84 -2.41
N SER A 42 -12.49 -4.55 -2.24
CA SER A 42 -11.70 -3.62 -3.08
C SER A 42 -10.72 -2.86 -2.19
N PHE A 43 -9.53 -2.57 -2.67
CA PHE A 43 -8.52 -1.86 -1.82
C PHE A 43 -7.41 -1.26 -2.70
N LEU A 44 -6.19 -1.15 -2.21
CA LEU A 44 -5.12 -0.51 -3.05
C LEU A 44 -3.79 -1.27 -3.03
N ALA A 45 -2.90 -0.87 -3.91
CA ALA A 45 -1.56 -1.50 -4.00
C ALA A 45 -0.56 -0.53 -4.64
N THR A 46 0.53 -0.27 -3.96
CA THR A 46 1.55 0.67 -4.51
C THR A 46 2.57 -0.12 -5.35
N CYS A 47 3.59 0.53 -5.84
CA CYS A 47 4.62 -0.15 -6.65
C CYS A 47 5.99 0.43 -6.29
N VAL A 48 6.85 -0.40 -5.77
CA VAL A 48 8.20 0.11 -5.35
C VAL A 48 9.30 -0.88 -5.77
N ASN A 49 10.37 -0.37 -6.33
CA ASN A 49 11.50 -1.25 -6.77
C ASN A 49 10.98 -2.37 -7.68
N GLY A 50 10.06 -2.07 -8.54
CA GLY A 50 9.51 -3.11 -9.46
C GLY A 50 8.73 -4.14 -8.63
N VAL A 51 8.20 -3.75 -7.50
CA VAL A 51 7.44 -4.70 -6.65
C VAL A 51 6.15 -4.05 -6.20
N CYS A 52 5.03 -4.57 -6.64
CA CYS A 52 3.73 -3.98 -6.23
C CYS A 52 3.43 -4.38 -4.81
N TRP A 53 3.09 -3.44 -3.96
CA TRP A 53 2.79 -3.78 -2.55
C TRP A 53 1.34 -3.45 -2.22
N THR A 54 0.64 -4.40 -1.66
CA THR A 54 -0.79 -4.19 -1.31
C THR A 54 -1.06 -4.77 0.08
N VAL A 55 -2.27 -4.72 0.56
CA VAL A 55 -2.54 -5.25 1.93
C VAL A 55 -2.89 -6.75 1.92
N TYR A 56 -2.16 -7.53 2.67
CA TYR A 56 -2.45 -9.00 2.75
C TYR A 56 -3.88 -9.20 3.29
N HIS A 57 -4.27 -8.42 4.26
CA HIS A 57 -5.67 -8.55 4.79
C HIS A 57 -6.64 -7.95 3.79
N GLY A 58 -6.73 -8.57 2.63
CA GLY A 58 -7.64 -8.07 1.56
C GLY A 58 -7.23 -8.74 0.25
N ALA A 59 -5.95 -8.71 -0.06
CA ALA A 59 -5.48 -9.36 -1.32
C ALA A 59 -5.40 -10.88 -1.12
N GLY A 60 -5.17 -11.31 0.09
CA GLY A 60 -5.06 -12.77 0.34
C GLY A 60 -3.70 -13.24 -0.16
N SER A 61 -3.68 -14.03 -1.20
CA SER A 61 -2.39 -14.52 -1.75
C SER A 61 -2.60 -15.07 -3.17
N LYS A 62 -3.40 -14.42 -3.97
CA LYS A 62 -3.62 -14.93 -5.36
C LYS A 62 -4.39 -13.92 -6.21
N THR A 63 -4.31 -14.08 -7.49
CA THR A 63 -5.03 -13.22 -8.46
C THR A 63 -4.99 -11.72 -8.09
N LEU A 64 -6.05 -11.19 -7.50
CA LEU A 64 -6.15 -9.72 -7.11
C LEU A 64 -6.54 -8.83 -8.31
N ALA A 65 -6.17 -9.24 -9.48
CA ALA A 65 -6.46 -8.47 -10.75
C ALA A 65 -5.58 -7.23 -10.84
N GLY A 66 -4.52 -7.31 -11.59
CA GLY A 66 -3.59 -6.15 -11.74
C GLY A 66 -3.78 -5.50 -13.11
N PRO A 67 -2.87 -4.61 -13.44
CA PRO A 67 -2.99 -3.94 -14.77
C PRO A 67 -2.86 -4.96 -15.91
N LYS A 68 -2.33 -6.13 -15.62
CA LYS A 68 -2.19 -7.16 -16.69
C LYS A 68 -3.25 -8.27 -16.55
N GLY A 69 -4.16 -8.13 -15.62
CA GLY A 69 -5.20 -9.18 -15.43
C GLY A 69 -4.95 -9.86 -14.08
N PRO A 70 -5.41 -11.08 -13.95
CA PRO A 70 -5.19 -11.77 -12.65
C PRO A 70 -3.70 -12.13 -12.51
N ILE A 71 -3.02 -11.48 -11.59
CA ILE A 71 -1.58 -11.76 -11.38
C ILE A 71 -1.38 -12.56 -10.09
N THR A 72 -0.36 -13.40 -10.03
CA THR A 72 -0.11 -14.22 -8.81
C THR A 72 0.88 -13.53 -7.87
N GLN A 73 0.63 -13.61 -6.59
CA GLN A 73 1.54 -12.95 -5.59
C GLN A 73 2.92 -13.62 -5.59
N MET A 74 3.95 -12.84 -5.35
CA MET A 74 5.32 -13.42 -5.33
C MET A 74 5.75 -13.70 -3.88
N TYR A 75 5.35 -12.88 -2.95
CA TYR A 75 5.75 -13.09 -1.54
C TYR A 75 4.67 -12.55 -0.59
N THR A 76 4.79 -12.84 0.69
CA THR A 76 3.80 -12.35 1.68
C THR A 76 4.43 -12.22 3.07
N ASN A 77 4.54 -11.03 3.59
CA ASN A 77 5.12 -10.87 4.95
C ASN A 77 3.98 -10.95 5.96
N VAL A 78 3.55 -12.14 6.28
CA VAL A 78 2.43 -12.31 7.25
C VAL A 78 2.81 -11.70 8.59
N ASP A 79 4.07 -11.77 8.94
CA ASP A 79 4.53 -11.16 10.23
C ASP A 79 4.05 -9.71 10.31
N GLN A 80 3.84 -9.08 9.17
CA GLN A 80 3.34 -7.67 9.18
C GLN A 80 2.09 -7.52 8.30
N ASP A 81 1.57 -8.60 7.74
CA ASP A 81 0.35 -8.53 6.87
C ASP A 81 0.66 -7.74 5.60
N LEU A 82 1.55 -8.26 4.78
CA LEU A 82 1.90 -7.55 3.51
C LEU A 82 2.16 -8.57 2.40
N VAL A 83 1.95 -8.17 1.16
CA VAL A 83 2.18 -9.11 0.04
C VAL A 83 2.76 -8.33 -1.14
N GLY A 84 3.88 -8.77 -1.68
CA GLY A 84 4.50 -8.02 -2.81
C GLY A 84 4.58 -8.89 -4.07
N TRP A 85 4.00 -8.41 -5.13
CA TRP A 85 4.05 -9.16 -6.44
C TRP A 85 5.36 -8.79 -7.16
N GLN A 86 5.54 -9.25 -8.36
CA GLN A 86 6.78 -8.89 -9.12
C GLN A 86 6.43 -7.85 -10.19
N ALA A 87 6.40 -6.60 -9.83
CA ALA A 87 6.05 -5.52 -10.80
C ALA A 87 7.17 -5.33 -11.82
N PRO A 88 6.79 -4.92 -13.01
CA PRO A 88 7.82 -4.69 -14.05
C PRO A 88 8.52 -3.35 -13.82
N PRO A 89 9.69 -3.19 -14.40
CA PRO A 89 10.40 -1.89 -14.21
C PRO A 89 10.00 -0.87 -15.28
N GLY A 90 8.86 -1.07 -15.91
CA GLY A 90 8.41 -0.10 -16.95
C GLY A 90 7.39 0.87 -16.36
N ALA A 91 6.84 0.56 -15.21
CA ALA A 91 5.86 1.46 -14.58
C ALA A 91 6.59 2.65 -13.96
N ARG A 92 5.96 3.32 -13.05
CA ARG A 92 6.61 4.49 -12.40
C ARG A 92 7.62 4.05 -11.35
N SER A 93 7.27 3.04 -10.62
CA SER A 93 8.18 2.49 -9.55
C SER A 93 8.64 3.61 -8.59
N LEU A 94 8.04 3.69 -7.43
CA LEU A 94 8.42 4.75 -6.45
C LEU A 94 9.81 4.47 -5.89
N THR A 95 10.46 5.47 -5.34
CA THR A 95 11.83 5.27 -4.78
C THR A 95 11.80 5.19 -3.25
N PRO A 96 12.92 4.78 -2.68
CA PRO A 96 12.97 4.66 -1.19
C PRO A 96 12.69 6.01 -0.51
N CYS A 97 12.55 5.99 0.79
CA CYS A 97 12.25 7.25 1.55
C CYS A 97 13.26 8.37 1.22
N THR A 98 14.47 8.28 1.74
CA THR A 98 15.50 9.34 1.45
C THR A 98 14.96 10.76 1.69
N CYS A 99 14.46 11.04 2.87
CA CYS A 99 13.92 12.42 3.15
C CYS A 99 14.16 12.81 4.62
N GLY A 100 13.85 14.03 4.97
CA GLY A 100 14.03 14.49 6.37
C GLY A 100 12.70 15.02 6.93
N SER A 101 11.59 14.67 6.32
CA SER A 101 10.26 15.16 6.83
C SER A 101 9.22 14.02 6.81
N SER A 102 8.25 14.10 7.69
CA SER A 102 7.20 13.03 7.74
C SER A 102 5.86 13.54 7.20
N ASP A 103 5.87 14.60 6.44
CA ASP A 103 4.59 15.12 5.87
C ASP A 103 4.22 14.26 4.66
N LEU A 104 3.52 13.18 4.89
CA LEU A 104 3.15 12.27 3.78
C LEU A 104 1.72 12.51 3.30
N TYR A 105 1.31 11.80 2.30
CA TYR A 105 -0.07 11.95 1.77
C TYR A 105 -0.57 10.58 1.28
N LEU A 106 -1.54 10.04 1.96
CA LEU A 106 -2.05 8.69 1.57
C LEU A 106 -3.14 8.80 0.51
N VAL A 107 -3.12 7.92 -0.44
CA VAL A 107 -4.15 7.92 -1.52
C VAL A 107 -5.33 7.07 -1.09
N THR A 108 -6.50 7.65 -0.98
CA THR A 108 -7.70 6.85 -0.57
C THR A 108 -8.27 6.15 -1.78
N ARG A 109 -9.27 5.30 -1.58
CA ARG A 109 -9.89 4.55 -2.73
C ARG A 109 -10.13 5.46 -3.94
N HIS A 110 -10.32 6.73 -3.71
CA HIS A 110 -10.53 7.68 -4.84
C HIS A 110 -9.22 8.41 -5.14
N ALA A 111 -8.79 9.27 -4.26
CA ALA A 111 -7.51 10.01 -4.47
C ALA A 111 -6.88 10.34 -3.12
N ASP A 112 -5.93 11.22 -3.13
CA ASP A 112 -5.26 11.62 -1.85
C ASP A 112 -6.28 12.18 -0.86
N VAL A 113 -6.72 13.41 -1.07
CA VAL A 113 -7.73 14.07 -0.16
C VAL A 113 -7.47 13.76 1.33
N ILE A 114 -6.23 13.55 1.70
CA ILE A 114 -5.93 13.24 3.14
C ILE A 114 -4.42 13.36 3.42
N PRO A 115 -4.06 14.21 4.35
CA PRO A 115 -2.62 14.35 4.68
C PRO A 115 -2.32 13.74 6.05
N VAL A 116 -1.28 12.95 6.15
CA VAL A 116 -0.94 12.32 7.47
C VAL A 116 0.55 12.52 7.78
N ARG A 117 0.85 12.80 9.02
CA ARG A 117 2.28 12.98 9.42
C ARG A 117 2.76 11.67 10.03
N ARG A 118 3.77 11.04 9.47
CA ARG A 118 4.22 9.75 10.02
C ARG A 118 4.71 9.90 11.46
N ARG A 119 4.22 9.07 12.33
CA ARG A 119 4.69 9.11 13.73
C ARG A 119 5.65 7.93 14.00
N GLY A 120 5.97 7.16 12.97
CA GLY A 120 6.89 6.00 13.16
C GLY A 120 6.94 5.21 11.87
N ASP A 121 7.68 4.13 11.84
CA ASP A 121 7.74 3.31 10.60
C ASP A 121 6.40 2.64 10.33
N SER A 122 5.59 2.47 11.36
CA SER A 122 4.27 1.82 11.18
C SER A 122 3.14 2.69 11.72
N ARG A 123 3.37 3.97 11.93
CA ARG A 123 2.28 4.83 12.48
C ARG A 123 2.26 6.20 11.81
N GLY A 124 1.09 6.69 11.52
CA GLY A 124 0.97 8.03 10.89
C GLY A 124 -0.16 8.78 11.57
N SER A 125 0.00 10.06 11.78
CA SER A 125 -1.05 10.84 12.47
C SER A 125 -2.03 11.43 11.46
N LEU A 126 -3.22 10.90 11.40
CA LEU A 126 -4.22 11.44 10.44
C LEU A 126 -4.79 12.75 11.01
N LEU A 127 -4.17 13.86 10.67
CA LEU A 127 -4.66 15.18 11.21
C LEU A 127 -6.10 15.42 10.79
N SER A 128 -6.49 14.87 9.69
CA SER A 128 -7.89 15.04 9.21
C SER A 128 -8.71 13.80 9.58
N PRO A 129 -9.46 13.89 10.65
CA PRO A 129 -10.26 12.71 11.08
C PRO A 129 -11.46 12.51 10.15
N ARG A 130 -11.79 11.27 9.88
CA ARG A 130 -12.95 10.97 9.01
C ARG A 130 -13.53 9.61 9.40
N PRO A 131 -14.76 9.37 9.03
CA PRO A 131 -15.37 8.07 9.40
C PRO A 131 -14.54 6.91 8.85
N VAL A 132 -14.15 6.00 9.71
CA VAL A 132 -13.32 4.83 9.26
C VAL A 132 -13.99 4.11 8.08
N SER A 133 -15.28 4.23 7.96
CA SER A 133 -16.02 3.59 6.83
C SER A 133 -15.49 4.16 5.51
N TYR A 134 -15.17 5.43 5.52
CA TYR A 134 -14.63 6.10 4.30
C TYR A 134 -13.22 5.57 4.02
N LEU A 135 -12.52 5.12 5.03
CA LEU A 135 -11.14 4.59 4.83
C LEU A 135 -11.17 3.10 4.45
N LYS A 136 -12.35 2.51 4.34
CA LYS A 136 -12.45 1.09 3.96
C LYS A 136 -12.01 0.93 2.51
N GLY A 137 -10.89 0.29 2.33
CA GLY A 137 -10.33 0.11 0.96
C GLY A 137 -9.22 1.13 0.74
N SER A 138 -9.05 2.06 1.65
CA SER A 138 -7.96 3.05 1.51
C SER A 138 -6.62 2.38 1.84
N SER A 139 -6.65 1.21 2.48
CA SER A 139 -5.36 0.50 2.80
C SER A 139 -4.73 -0.02 1.52
N GLY A 140 -3.46 -0.29 1.56
CA GLY A 140 -2.76 -0.79 0.34
C GLY A 140 -2.22 0.41 -0.45
N GLY A 141 -2.69 1.61 -0.17
CA GLY A 141 -2.18 2.80 -0.87
C GLY A 141 -0.81 3.13 -0.28
N PRO A 142 -0.38 4.38 -0.41
CA PRO A 142 0.94 4.69 0.17
C PRO A 142 1.02 6.13 0.67
N LEU A 143 1.81 6.35 1.68
CA LEU A 143 2.01 7.71 2.23
C LEU A 143 3.26 8.29 1.55
N LEU A 144 3.06 9.09 0.55
CA LEU A 144 4.23 9.65 -0.22
C LEU A 144 4.84 10.88 0.45
N CYS A 145 6.13 10.89 0.55
CA CYS A 145 6.85 12.07 1.12
C CYS A 145 6.68 13.23 0.16
N PRO A 146 7.39 14.31 0.39
CA PRO A 146 7.27 15.46 -0.56
C PRO A 146 8.22 15.29 -1.76
N SER A 147 8.83 14.13 -1.91
CA SER A 147 9.77 13.93 -3.06
C SER A 147 9.30 12.79 -3.97
N GLY A 148 8.10 12.27 -3.77
CA GLY A 148 7.62 11.15 -4.65
C GLY A 148 8.21 9.82 -4.18
N HIS A 149 8.37 9.67 -2.89
CA HIS A 149 8.95 8.40 -2.36
C HIS A 149 7.92 7.67 -1.50
N ALA A 150 7.65 6.42 -1.81
CA ALA A 150 6.67 5.65 -1.00
C ALA A 150 7.33 5.19 0.29
N VAL A 151 6.90 5.71 1.41
CA VAL A 151 7.53 5.33 2.71
C VAL A 151 6.57 4.55 3.59
N GLY A 152 5.31 4.48 3.26
CA GLY A 152 4.35 3.74 4.14
C GLY A 152 3.08 3.34 3.38
N ILE A 153 2.69 2.08 3.46
CA ILE A 153 1.42 1.64 2.81
C ILE A 153 0.38 1.43 3.92
N PHE A 154 -0.68 2.19 3.90
CA PHE A 154 -1.73 2.10 4.98
C PHE A 154 -2.14 0.64 5.24
N ARG A 155 -2.11 0.24 6.49
CA ARG A 155 -2.46 -1.16 6.88
C ARG A 155 -3.72 -1.21 7.75
N ALA A 156 -3.97 -0.19 8.54
CA ALA A 156 -5.18 -0.23 9.41
C ALA A 156 -5.54 1.16 9.94
N ALA A 157 -6.81 1.42 10.08
CA ALA A 157 -7.27 2.76 10.57
C ALA A 157 -7.53 2.74 12.07
N VAL A 158 -7.19 3.80 12.75
CA VAL A 158 -7.44 3.86 14.22
C VAL A 158 -8.71 4.63 14.45
N CYS A 159 -9.81 3.95 14.54
CA CYS A 159 -11.11 4.65 14.74
C CYS A 159 -11.44 4.81 16.22
N THR A 160 -11.52 6.03 16.66
CA THR A 160 -11.81 6.31 18.10
C THR A 160 -13.33 6.29 18.35
N ARG A 161 -14.03 7.29 17.85
CA ARG A 161 -15.52 7.33 18.05
C ARG A 161 -16.22 7.11 16.71
N GLY A 162 -15.82 6.09 16.01
CA GLY A 162 -16.45 5.82 14.68
C GLY A 162 -15.72 6.63 13.59
N VAL A 163 -14.57 7.17 13.89
CA VAL A 163 -13.80 7.95 12.90
C VAL A 163 -12.31 7.72 13.16
N ALA A 164 -11.52 7.61 12.12
CA ALA A 164 -10.08 7.34 12.31
C ALA A 164 -9.32 8.60 12.72
N LYS A 165 -8.57 8.50 13.79
CA LYS A 165 -7.76 9.66 14.26
C LYS A 165 -6.28 9.30 14.24
N ALA A 166 -5.93 8.22 13.59
CA ALA A 166 -4.51 7.79 13.51
C ALA A 166 -4.43 6.61 12.57
N VAL A 167 -3.34 6.46 11.87
CA VAL A 167 -3.23 5.33 10.90
C VAL A 167 -1.95 4.52 11.07
N ASP A 168 -2.08 3.23 10.97
CA ASP A 168 -0.89 2.33 11.07
C ASP A 168 -0.58 1.87 9.64
N PHE A 169 0.65 1.58 9.30
CA PHE A 169 0.93 1.18 7.90
C PHE A 169 2.20 0.33 7.77
N VAL A 170 2.33 -0.31 6.63
CA VAL A 170 3.54 -1.15 6.37
C VAL A 170 4.69 -0.26 5.86
N PRO A 171 5.86 -0.45 6.42
CA PRO A 171 7.01 0.39 5.97
C PRO A 171 7.66 -0.18 4.70
N VAL A 172 8.25 0.67 3.90
CA VAL A 172 8.93 0.21 2.65
C VAL A 172 10.19 -0.56 3.03
N GLU A 173 10.78 -0.24 4.15
CA GLU A 173 12.01 -0.98 4.60
C GLU A 173 11.67 -2.47 4.71
N SER A 174 10.43 -2.77 5.03
CA SER A 174 10.00 -4.20 5.13
C SER A 174 9.88 -4.81 3.73
N MET A 175 9.73 -4.00 2.71
CA MET A 175 9.64 -4.55 1.32
C MET A 175 11.01 -5.09 0.92
N GLU A 176 12.04 -4.41 1.34
CA GLU A 176 13.43 -4.83 0.99
C GLU A 176 13.71 -6.23 1.54
N THR A 177 13.23 -6.55 2.71
CA THR A 177 13.49 -7.92 3.28
C THR A 177 12.93 -8.99 2.36
N THR A 178 11.84 -8.70 1.68
CA THR A 178 11.27 -9.69 0.72
C THR A 178 12.29 -10.01 -0.35
N MET A 179 12.92 -8.99 -0.87
CA MET A 179 13.96 -9.20 -1.92
C MET A 179 15.10 -10.05 -1.34
N ARG A 180 15.49 -9.80 -0.11
CA ARG A 180 16.57 -10.62 0.51
C ARG A 180 16.04 -12.03 0.78
N ALA A 181 14.82 -12.13 1.22
CA ALA A 181 14.16 -13.45 1.51
C ALA A 181 14.91 -14.27 2.59
N SER A 182 15.91 -13.70 3.24
CA SER A 182 16.68 -14.43 4.31
C SER A 182 16.87 -15.93 4.01
N LYS A 183 16.95 -16.31 2.75
CA LYS A 183 17.13 -17.75 2.41
C LYS A 183 18.61 -18.14 2.45
N LYS A 184 19.46 -17.33 1.84
CA LYS A 184 20.93 -17.63 1.83
C LYS A 184 21.21 -19.07 1.40
N LYS A 185 20.51 -19.56 0.40
CA LYS A 185 20.75 -20.95 -0.08
C LYS A 185 21.99 -21.00 -0.97
N LYS A 186 22.89 -21.91 -0.71
CA LYS A 186 24.14 -22.00 -1.54
C LYS A 186 23.86 -22.85 -2.79
N THR A 22 -10.55 -4.87 -9.29
CA THR A 22 -11.91 -4.81 -9.90
C THR A 22 -11.80 -4.51 -11.40
N GLY A 23 -11.19 -3.40 -11.75
CA GLY A 23 -11.05 -3.05 -13.19
C GLY A 23 -10.00 -3.94 -13.85
N ARG A 24 -10.14 -4.22 -15.11
CA ARG A 24 -9.16 -5.07 -15.83
C ARG A 24 -8.72 -4.38 -17.12
N ASP A 25 -7.52 -4.64 -17.55
CA ASP A 25 -7.00 -4.02 -18.82
C ASP A 25 -7.01 -2.50 -18.69
N LYS A 26 -6.11 -1.98 -17.91
CA LYS A 26 -6.05 -0.51 -17.74
C LYS A 26 -4.94 0.10 -18.60
N ASN A 27 -4.46 -0.62 -19.60
CA ASN A 27 -3.37 -0.10 -20.50
C ASN A 27 -2.05 0.02 -19.74
N GLN A 28 -2.00 0.84 -18.72
CA GLN A 28 -0.74 1.00 -17.94
C GLN A 28 -0.32 -0.34 -17.34
N VAL A 29 0.96 -0.54 -17.14
CA VAL A 29 1.43 -1.83 -16.57
C VAL A 29 1.15 -1.88 -15.06
N GLU A 30 1.36 -0.78 -14.38
CA GLU A 30 1.10 -0.75 -12.90
C GLU A 30 1.14 0.69 -12.36
N GLY A 31 1.98 1.53 -12.92
CA GLY A 31 2.06 2.93 -12.43
C GLY A 31 2.63 2.93 -11.02
N GLU A 32 2.38 3.96 -10.26
CA GLU A 32 2.91 4.02 -8.86
C GLU A 32 1.90 3.39 -7.89
N VAL A 33 0.67 3.87 -7.91
CA VAL A 33 -0.38 3.32 -6.99
C VAL A 33 -1.63 2.99 -7.80
N GLN A 34 -2.20 1.83 -7.59
CA GLN A 34 -3.43 1.46 -8.35
C GLN A 34 -4.43 0.75 -7.45
N VAL A 35 -5.69 0.86 -7.77
CA VAL A 35 -6.75 0.18 -6.97
C VAL A 35 -6.87 -1.26 -7.42
N VAL A 36 -7.01 -2.17 -6.50
CA VAL A 36 -7.14 -3.60 -6.87
C VAL A 36 -8.10 -4.28 -5.90
N SER A 37 -8.48 -5.48 -6.21
CA SER A 37 -9.44 -6.21 -5.34
C SER A 37 -9.18 -7.70 -5.43
N THR A 38 -9.44 -8.37 -4.38
CA THR A 38 -9.26 -9.84 -4.34
C THR A 38 -10.60 -10.48 -4.06
N ALA A 39 -10.65 -11.77 -3.99
CA ALA A 39 -11.95 -12.46 -3.74
C ALA A 39 -12.65 -11.95 -2.48
N THR A 40 -11.96 -11.26 -1.60
CA THR A 40 -12.62 -10.78 -0.35
C THR A 40 -13.07 -9.31 -0.44
N GLN A 41 -12.32 -8.45 -1.08
CA GLN A 41 -12.75 -7.01 -1.15
C GLN A 41 -11.88 -6.18 -2.11
N SER A 42 -12.11 -4.89 -2.14
CA SER A 42 -11.31 -3.98 -3.01
C SER A 42 -10.54 -2.99 -2.14
N PHE A 43 -9.35 -2.64 -2.54
CA PHE A 43 -8.52 -1.71 -1.70
C PHE A 43 -7.38 -1.12 -2.56
N LEU A 44 -6.17 -0.98 -2.05
CA LEU A 44 -5.09 -0.36 -2.88
C LEU A 44 -3.76 -1.12 -2.82
N ALA A 45 -2.89 -0.81 -3.75
CA ALA A 45 -1.56 -1.46 -3.84
C ALA A 45 -0.57 -0.50 -4.52
N THR A 46 0.53 -0.21 -3.88
CA THR A 46 1.53 0.72 -4.48
C THR A 46 2.45 -0.02 -5.47
N CYS A 47 3.66 0.46 -5.62
CA CYS A 47 4.64 -0.18 -6.53
C CYS A 47 6.03 0.28 -6.11
N VAL A 48 6.85 -0.62 -5.61
CA VAL A 48 8.21 -0.19 -5.15
C VAL A 48 9.28 -1.21 -5.55
N ASN A 49 10.39 -0.73 -6.06
CA ASN A 49 11.51 -1.63 -6.48
C ASN A 49 11.00 -2.75 -7.39
N GLY A 50 10.09 -2.43 -8.28
CA GLY A 50 9.54 -3.47 -9.18
C GLY A 50 8.70 -4.47 -8.38
N VAL A 51 8.18 -4.05 -7.26
CA VAL A 51 7.34 -4.96 -6.43
C VAL A 51 6.07 -4.24 -5.98
N CYS A 52 4.94 -4.69 -6.46
CA CYS A 52 3.66 -4.06 -6.07
C CYS A 52 3.32 -4.49 -4.65
N TRP A 53 3.00 -3.56 -3.78
CA TRP A 53 2.67 -3.94 -2.39
C TRP A 53 1.25 -3.55 -2.04
N THR A 54 0.52 -4.45 -1.43
CA THR A 54 -0.88 -4.16 -1.05
C THR A 54 -1.14 -4.74 0.34
N VAL A 55 -2.34 -4.62 0.85
CA VAL A 55 -2.58 -5.16 2.24
C VAL A 55 -2.86 -6.66 2.25
N TYR A 56 -2.21 -7.36 3.16
CA TYR A 56 -2.44 -8.83 3.30
C TYR A 56 -3.89 -9.06 3.72
N HIS A 57 -4.41 -8.24 4.61
CA HIS A 57 -5.83 -8.44 5.02
C HIS A 57 -6.76 -8.23 3.82
N GLY A 58 -6.26 -7.63 2.75
CA GLY A 58 -7.08 -7.45 1.53
C GLY A 58 -6.86 -8.67 0.62
N ALA A 59 -5.79 -8.66 -0.15
CA ALA A 59 -5.50 -9.82 -1.07
C ALA A 59 -4.58 -10.83 -0.39
N GLY A 60 -4.81 -11.11 0.87
CA GLY A 60 -3.94 -12.10 1.58
C GLY A 60 -4.20 -13.51 1.03
N SER A 61 -3.90 -13.74 -0.23
CA SER A 61 -4.12 -15.08 -0.86
C SER A 61 -3.55 -15.10 -2.28
N LYS A 62 -4.31 -14.65 -3.27
CA LYS A 62 -3.83 -14.63 -4.68
C LYS A 62 -4.88 -13.96 -5.56
N THR A 63 -4.68 -13.94 -6.85
CA THR A 63 -5.67 -13.35 -7.79
C THR A 63 -6.10 -11.95 -7.33
N LEU A 64 -5.24 -11.00 -7.54
CA LEU A 64 -5.52 -9.61 -7.14
C LEU A 64 -6.22 -8.84 -8.28
N ALA A 65 -5.50 -8.06 -9.05
CA ALA A 65 -6.14 -7.29 -10.16
C ALA A 65 -5.07 -6.64 -11.05
N GLY A 66 -4.97 -7.00 -12.30
CA GLY A 66 -3.96 -6.37 -13.18
C GLY A 66 -4.57 -6.06 -14.55
N PRO A 67 -3.79 -5.44 -15.39
CA PRO A 67 -4.32 -5.11 -16.75
C PRO A 67 -4.62 -6.41 -17.52
N LYS A 68 -4.10 -7.53 -17.08
CA LYS A 68 -4.36 -8.81 -17.81
C LYS A 68 -5.45 -9.64 -17.11
N GLY A 69 -5.69 -9.38 -15.86
CA GLY A 69 -6.73 -10.15 -15.11
C GLY A 69 -6.59 -9.87 -13.61
N PRO A 70 -6.39 -10.92 -12.83
CA PRO A 70 -6.25 -10.71 -11.36
C PRO A 70 -4.77 -10.68 -10.94
N ILE A 71 -3.88 -10.64 -11.86
CA ILE A 71 -2.42 -10.60 -11.56
C ILE A 71 -2.05 -11.77 -10.61
N THR A 72 -0.79 -11.87 -10.23
CA THR A 72 -0.36 -12.97 -9.31
C THR A 72 0.65 -12.45 -8.27
N GLN A 73 0.45 -12.79 -7.02
CA GLN A 73 1.39 -12.31 -5.94
C GLN A 73 2.70 -13.12 -5.97
N MET A 74 3.77 -12.53 -5.51
CA MET A 74 5.07 -13.24 -5.51
C MET A 74 5.47 -13.62 -4.08
N TYR A 75 5.06 -12.84 -3.09
CA TYR A 75 5.45 -13.14 -1.69
C TYR A 75 4.34 -12.67 -0.73
N THR A 76 4.40 -13.09 0.51
CA THR A 76 3.38 -12.66 1.50
C THR A 76 3.96 -12.69 2.91
N ASN A 77 4.07 -11.54 3.54
CA ASN A 77 4.59 -11.52 4.93
C ASN A 77 3.41 -11.55 5.89
N VAL A 78 2.81 -12.70 6.08
CA VAL A 78 1.63 -12.79 6.99
C VAL A 78 2.03 -12.35 8.39
N ASP A 79 3.20 -12.73 8.84
CA ASP A 79 3.66 -12.28 10.19
C ASP A 79 3.63 -10.75 10.25
N GLN A 80 3.76 -10.11 9.10
CA GLN A 80 3.73 -8.62 9.05
C GLN A 80 2.43 -8.13 8.36
N ASP A 81 1.59 -9.04 7.91
CA ASP A 81 0.33 -8.64 7.21
C ASP A 81 0.67 -7.82 5.97
N LEU A 82 1.45 -8.39 5.08
CA LEU A 82 1.84 -7.65 3.85
C LEU A 82 2.01 -8.63 2.69
N VAL A 83 1.82 -8.19 1.48
CA VAL A 83 1.98 -9.09 0.31
C VAL A 83 2.61 -8.31 -0.83
N GLY A 84 3.64 -8.85 -1.47
CA GLY A 84 4.30 -8.08 -2.57
C GLY A 84 4.28 -8.86 -3.89
N TRP A 85 3.76 -8.25 -4.91
CA TRP A 85 3.71 -8.88 -6.26
C TRP A 85 5.02 -8.64 -7.00
N GLN A 86 5.22 -9.29 -8.12
CA GLN A 86 6.48 -9.07 -8.90
C GLN A 86 6.20 -8.10 -10.04
N ALA A 87 6.36 -6.83 -9.80
CA ALA A 87 6.12 -5.81 -10.86
C ALA A 87 7.20 -5.89 -11.95
N PRO A 88 6.81 -5.67 -13.19
CA PRO A 88 7.83 -5.71 -14.28
C PRO A 88 8.42 -4.32 -14.49
N PRO A 89 9.34 -4.22 -15.42
CA PRO A 89 9.95 -2.88 -15.68
C PRO A 89 9.15 -2.07 -16.70
N GLY A 90 7.94 -2.49 -16.99
CA GLY A 90 7.10 -1.74 -17.97
C GLY A 90 6.30 -0.67 -17.24
N ALA A 91 6.05 -0.87 -15.97
CA ALA A 91 5.28 0.12 -15.18
C ALA A 91 6.23 1.17 -14.58
N ARG A 92 5.97 1.62 -13.38
CA ARG A 92 6.86 2.64 -12.74
C ARG A 92 6.77 2.52 -11.21
N SER A 93 7.81 2.05 -10.59
CA SER A 93 7.82 1.89 -9.11
C SER A 93 8.29 3.19 -8.44
N LEU A 94 7.93 3.38 -7.20
CA LEU A 94 8.36 4.62 -6.47
C LEU A 94 9.68 4.38 -5.75
N THR A 95 10.29 5.42 -5.22
CA THR A 95 11.59 5.24 -4.51
C THR A 95 11.41 5.50 -3.01
N PRO A 96 12.38 5.08 -2.21
CA PRO A 96 12.24 5.34 -0.74
C PRO A 96 13.40 6.20 -0.24
N CYS A 97 13.13 7.11 0.67
CA CYS A 97 14.21 7.99 1.22
C CYS A 97 13.80 8.60 2.57
N THR A 98 14.75 9.04 3.34
CA THR A 98 14.44 9.64 4.68
C THR A 98 13.85 11.06 4.54
N CYS A 99 14.36 11.85 3.62
CA CYS A 99 13.87 13.26 3.43
C CYS A 99 14.06 14.09 4.72
N GLY A 100 13.18 13.93 5.67
CA GLY A 100 13.29 14.70 6.94
C GLY A 100 11.90 15.19 7.34
N SER A 101 11.03 15.39 6.39
CA SER A 101 9.65 15.86 6.72
C SER A 101 8.67 14.68 6.65
N SER A 102 7.87 14.50 7.66
CA SER A 102 6.90 13.38 7.68
C SER A 102 5.56 13.77 7.06
N ASP A 103 5.49 14.91 6.40
CA ASP A 103 4.20 15.31 5.76
C ASP A 103 3.92 14.39 4.59
N LEU A 104 3.42 13.22 4.87
CA LEU A 104 3.12 12.23 3.79
C LEU A 104 1.74 12.46 3.21
N TYR A 105 1.40 11.70 2.21
CA TYR A 105 0.06 11.84 1.57
C TYR A 105 -0.39 10.45 1.11
N LEU A 106 -1.26 9.83 1.87
CA LEU A 106 -1.73 8.47 1.50
C LEU A 106 -2.74 8.56 0.36
N VAL A 107 -2.65 7.66 -0.56
CA VAL A 107 -3.60 7.65 -1.71
C VAL A 107 -4.88 6.90 -1.33
N THR A 108 -5.97 7.61 -1.21
CA THR A 108 -7.25 6.94 -0.85
C THR A 108 -7.85 6.35 -2.12
N ARG A 109 -8.91 5.58 -1.99
CA ARG A 109 -9.56 4.92 -3.18
C ARG A 109 -9.64 5.87 -4.39
N HIS A 110 -9.73 7.15 -4.15
CA HIS A 110 -9.80 8.12 -5.28
C HIS A 110 -8.42 8.74 -5.54
N ALA A 111 -7.96 9.55 -4.62
CA ALA A 111 -6.62 10.19 -4.77
C ALA A 111 -6.00 10.35 -3.39
N ASP A 112 -5.02 11.19 -3.26
CA ASP A 112 -4.36 11.39 -1.94
C ASP A 112 -5.39 11.89 -0.91
N VAL A 113 -6.21 12.83 -1.28
CA VAL A 113 -7.27 13.36 -0.36
C VAL A 113 -6.72 13.66 1.06
N ILE A 114 -6.73 12.70 1.96
CA ILE A 114 -6.26 12.96 3.36
C ILE A 114 -4.72 13.05 3.45
N PRO A 115 -4.26 13.94 4.31
CA PRO A 115 -2.80 14.07 4.51
C PRO A 115 -2.43 13.46 5.86
N VAL A 116 -1.32 12.78 5.97
CA VAL A 116 -0.96 12.16 7.28
C VAL A 116 0.50 12.42 7.64
N ARG A 117 0.75 12.83 8.86
CA ARG A 117 2.16 13.05 9.31
C ARG A 117 2.63 11.76 9.95
N ARG A 118 3.66 11.15 9.42
CA ARG A 118 4.13 9.85 10.00
C ARG A 118 4.57 10.03 11.45
N ARG A 119 4.02 9.24 12.32
CA ARG A 119 4.41 9.31 13.76
C ARG A 119 5.42 8.20 14.08
N GLY A 120 5.78 7.41 13.09
CA GLY A 120 6.75 6.31 13.30
C GLY A 120 6.80 5.47 12.04
N ASP A 121 7.59 4.42 12.02
CA ASP A 121 7.65 3.57 10.80
C ASP A 121 6.32 2.85 10.59
N SER A 122 5.54 2.70 11.63
CA SER A 122 4.22 2.00 11.49
C SER A 122 3.07 2.90 11.96
N ARG A 123 3.28 4.19 12.09
CA ARG A 123 2.17 5.07 12.56
C ARG A 123 2.15 6.39 11.81
N GLY A 124 0.97 6.90 11.54
CA GLY A 124 0.85 8.19 10.83
C GLY A 124 -0.34 8.94 11.41
N SER A 125 -0.19 10.22 11.60
CA SER A 125 -1.29 11.03 12.17
C SER A 125 -2.22 11.54 11.06
N LEU A 126 -3.42 11.03 10.99
CA LEU A 126 -4.35 11.50 9.93
C LEU A 126 -4.81 12.93 10.22
N LEU A 127 -4.43 13.85 9.37
CA LEU A 127 -4.82 15.28 9.56
C LEU A 127 -6.33 15.45 9.34
N SER A 128 -6.92 14.58 8.58
CA SER A 128 -8.38 14.68 8.30
C SER A 128 -9.10 13.41 8.76
N PRO A 129 -9.45 13.39 10.04
CA PRO A 129 -10.18 12.19 10.55
C PRO A 129 -11.52 12.03 9.83
N ARG A 130 -11.91 10.82 9.57
CA ARG A 130 -13.20 10.58 8.87
C ARG A 130 -13.74 9.22 9.27
N PRO A 131 -14.98 8.96 8.92
CA PRO A 131 -15.56 7.63 9.30
C PRO A 131 -14.71 6.49 8.71
N VAL A 132 -14.27 5.60 9.56
CA VAL A 132 -13.42 4.46 9.09
C VAL A 132 -14.07 3.74 7.90
N SER A 133 -15.37 3.82 7.80
CA SER A 133 -16.09 3.17 6.65
C SER A 133 -15.55 3.71 5.32
N TYR A 134 -15.20 4.97 5.30
CA TYR A 134 -14.65 5.58 4.06
C TYR A 134 -13.25 5.03 3.78
N LEU A 135 -12.54 4.65 4.81
CA LEU A 135 -11.17 4.10 4.61
C LEU A 135 -11.21 2.61 4.24
N LYS A 136 -12.40 2.03 4.12
CA LYS A 136 -12.48 0.58 3.76
C LYS A 136 -12.12 0.42 2.28
N GLY A 137 -10.88 0.63 1.99
CA GLY A 137 -10.37 0.53 0.59
C GLY A 137 -9.09 1.36 0.48
N SER A 138 -8.90 2.31 1.37
CA SER A 138 -7.68 3.17 1.32
C SER A 138 -6.45 2.37 1.81
N SER A 139 -6.67 1.23 2.40
CA SER A 139 -5.51 0.40 2.89
C SER A 139 -4.74 -0.13 1.70
N GLY A 140 -3.46 -0.36 1.87
CA GLY A 140 -2.63 -0.84 0.73
C GLY A 140 -2.13 0.36 -0.08
N GLY A 141 -2.64 1.54 0.17
CA GLY A 141 -2.16 2.74 -0.57
C GLY A 141 -0.75 3.04 -0.08
N PRO A 142 -0.22 4.20 -0.42
CA PRO A 142 1.14 4.49 0.08
C PRO A 142 1.29 5.94 0.52
N LEU A 143 2.00 6.16 1.60
CA LEU A 143 2.25 7.52 2.11
C LEU A 143 3.56 8.01 1.51
N LEU A 144 3.46 8.79 0.47
CA LEU A 144 4.70 9.26 -0.23
C LEU A 144 5.29 10.52 0.41
N CYS A 145 6.60 10.59 0.44
CA CYS A 145 7.29 11.79 1.00
C CYS A 145 6.88 13.03 0.19
N PRO A 146 7.56 14.13 0.42
CA PRO A 146 7.20 15.35 -0.36
C PRO A 146 7.98 15.42 -1.68
N SER A 147 8.64 14.34 -2.06
CA SER A 147 9.42 14.34 -3.34
C SER A 147 8.89 13.29 -4.33
N GLY A 148 8.17 12.31 -3.85
CA GLY A 148 7.64 11.24 -4.76
C GLY A 148 8.23 9.88 -4.36
N HIS A 149 8.35 9.66 -3.07
CA HIS A 149 8.93 8.37 -2.60
C HIS A 149 7.94 7.65 -1.68
N ALA A 150 7.51 6.47 -2.06
CA ALA A 150 6.56 5.70 -1.20
C ALA A 150 7.33 5.00 -0.08
N VAL A 151 7.02 5.30 1.16
CA VAL A 151 7.76 4.67 2.28
C VAL A 151 6.81 4.03 3.31
N GLY A 152 5.52 4.18 3.14
CA GLY A 152 4.56 3.59 4.13
C GLY A 152 3.25 3.18 3.44
N ILE A 153 2.85 1.94 3.56
CA ILE A 153 1.55 1.51 2.93
C ILE A 153 0.49 1.33 4.03
N PHE A 154 -0.61 2.06 3.93
CA PHE A 154 -1.67 1.98 4.97
C PHE A 154 -2.10 0.53 5.25
N ARG A 155 -2.02 0.14 6.50
CA ARG A 155 -2.40 -1.25 6.90
C ARG A 155 -3.63 -1.24 7.81
N ALA A 156 -3.76 -0.23 8.64
CA ALA A 156 -4.93 -0.18 9.56
C ALA A 156 -5.12 1.23 10.09
N ALA A 157 -6.27 1.50 10.66
CA ALA A 157 -6.55 2.87 11.17
C ALA A 157 -7.00 2.84 12.63
N VAL A 158 -6.85 3.94 13.32
CA VAL A 158 -7.29 4.03 14.74
C VAL A 158 -8.62 4.72 14.75
N CYS A 159 -9.68 3.98 14.83
CA CYS A 159 -11.03 4.59 14.79
C CYS A 159 -11.61 4.80 16.19
N THR A 160 -11.85 6.04 16.52
CA THR A 160 -12.44 6.36 17.85
C THR A 160 -13.96 6.44 17.69
N ARG A 161 -14.69 5.60 18.40
CA ARG A 161 -16.19 5.58 18.30
C ARG A 161 -16.62 5.12 16.89
N GLY A 162 -16.31 5.88 15.87
CA GLY A 162 -16.69 5.47 14.48
C GLY A 162 -15.92 6.30 13.43
N VAL A 163 -14.77 6.81 13.78
CA VAL A 163 -13.98 7.61 12.81
C VAL A 163 -12.48 7.42 13.09
N ALA A 164 -11.68 7.31 12.06
CA ALA A 164 -10.21 7.11 12.25
C ALA A 164 -9.49 8.45 12.50
N LYS A 165 -8.81 8.54 13.61
CA LYS A 165 -8.03 9.78 13.93
C LYS A 165 -6.53 9.47 13.93
N ALA A 166 -6.15 8.36 13.33
CA ALA A 166 -4.72 7.99 13.27
C ALA A 166 -4.57 6.78 12.36
N VAL A 167 -3.47 6.65 11.69
CA VAL A 167 -3.30 5.50 10.76
C VAL A 167 -2.01 4.71 11.02
N ASP A 168 -2.11 3.41 10.93
CA ASP A 168 -0.91 2.55 11.10
C ASP A 168 -0.57 2.01 9.72
N PHE A 169 0.68 1.75 9.42
CA PHE A 169 1.00 1.26 8.05
C PHE A 169 2.26 0.38 8.01
N VAL A 170 2.44 -0.30 6.92
CA VAL A 170 3.63 -1.21 6.78
C VAL A 170 4.88 -0.39 6.38
N PRO A 171 5.99 -0.71 7.00
CA PRO A 171 7.24 0.04 6.66
C PRO A 171 7.83 -0.46 5.34
N VAL A 172 8.34 0.43 4.54
CA VAL A 172 8.95 0.03 3.23
C VAL A 172 10.26 -0.72 3.48
N GLU A 173 10.93 -0.41 4.55
CA GLU A 173 12.22 -1.12 4.86
C GLU A 173 11.94 -2.61 5.00
N SER A 174 10.78 -2.96 5.48
CA SER A 174 10.41 -4.40 5.62
C SER A 174 10.15 -4.98 4.22
N MET A 175 9.63 -4.16 3.35
CA MET A 175 9.35 -4.63 1.96
C MET A 175 10.69 -4.82 1.22
N GLU A 176 11.64 -3.97 1.51
CA GLU A 176 12.98 -4.10 0.86
C GLU A 176 13.60 -5.46 1.20
N THR A 177 13.45 -5.91 2.42
CA THR A 177 14.04 -7.23 2.79
C THR A 177 13.34 -8.38 2.05
N THR A 178 12.15 -8.15 1.55
CA THR A 178 11.44 -9.25 0.81
C THR A 178 12.25 -9.67 -0.40
N MET A 179 12.63 -8.74 -1.24
CA MET A 179 13.45 -9.10 -2.43
C MET A 179 14.76 -9.71 -1.94
N ARG A 180 15.27 -9.23 -0.83
CA ARG A 180 16.51 -9.82 -0.25
C ARG A 180 16.21 -11.23 0.28
N ALA A 181 14.97 -11.47 0.64
CA ALA A 181 14.57 -12.81 1.19
C ALA A 181 15.46 -13.22 2.35
N SER A 182 15.91 -12.27 3.11
CA SER A 182 16.79 -12.54 4.29
C SER A 182 18.05 -13.33 3.87
N LYS A 183 17.94 -14.64 3.74
CA LYS A 183 19.13 -15.44 3.33
C LYS A 183 18.68 -16.71 2.59
N LYS A 184 17.55 -16.66 1.92
CA LYS A 184 17.04 -17.84 1.18
C LYS A 184 17.02 -19.10 2.07
N LYS A 185 16.56 -18.96 3.29
CA LYS A 185 16.51 -20.14 4.21
C LYS A 185 15.38 -19.96 5.23
N LYS A 186 14.65 -21.01 5.49
CA LYS A 186 13.52 -20.92 6.47
C LYS A 186 14.03 -21.15 7.89
#